data_6F7K
#
_entry.id   6F7K
#
_cell.length_a   153.422
_cell.length_b   160.827
_cell.length_c   161.717
_cell.angle_alpha   90.00
_cell.angle_beta   90.00
_cell.angle_gamma   90.00
#
_symmetry.space_group_name_H-M   'P 21 21 21'
#
loop_
_entity.id
_entity.type
_entity.pdbx_description
1 polymer Tailspike
2 branched alpha-D-galactopyranose-(1-6)-beta-D-mannopyranose-(1-4)-alpha-L-rhamnopyranose-(1-3)-alpha-D-galactopyranose-(1-6)-beta-D-mannopyranose-(1-4)-alpha-L-rhamnopyranose
3 branched alpha-D-galactopyranose-(1-6)-beta-D-mannopyranose-(1-4)-alpha-L-rhamnopyranose-(1-3)-alpha-D-galactopyranose
4 branched beta-D-mannopyranose-(1-4)-alpha-L-rhamnopyranose
5 non-polymer 1,2-ETHANEDIOL
6 water water
#
_entity_poly.entity_id   1
_entity_poly.type   'polypeptide(L)'
_entity_poly.pdbx_seq_one_letter_code
;MLRGELNNEGVINFSHADTYGNDSVGAHLQNVVYPTDAPFNAATDGTTDTTVAIKSAIAHCISKGKKLVLNHLFMITDTL
VISDGLHVECLTSDSGVKSDVPAGKFAVKITGANSGWFGGKILGKNLPESTTVRQDGVLFDENAEYCFITGTEVTGFFAK
GLHTSDADGVGYGIYDKGYGTLISKCYANSKFCVALGGTEGRVLKNRITNNYLTSGEAKPWSWASNYWDGIVSENAHRYV
IAFNDVSACGQSGIYFGGNGGYSTDNIIVNNTVYACWNRGIDMGLFSEKSATNDVLRNIIKGNNTYNNRENNIWLAGVSN
CSVVGNTSWFDTNYDVIFAGYPGGHICISLASGANGEACVGNTIDSNTCIDPRGNAGITVPTGATGNVFGSGNNLSQAGA
IYIASPDLITSNRFELAVTGSFTPVLLPESGSITLSSSSTGVFRATGNRIDFSVTVNVSSISSPSGNLNIAYLPGMSGKT
SSTSMFIIDYWNDLTLSSGVIPLASLNLENQDQITVYRTDGGRVLYDFSSLMKSTSSFILKGFVDFN
;
_entity_poly.pdbx_strand_id   A,B,C,D,F,G
#
loop_
_chem_comp.id
_chem_comp.type
_chem_comp.name
_chem_comp.formula
BMA D-saccharide, beta linking beta-D-mannopyranose 'C6 H12 O6'
EDO non-polymer 1,2-ETHANEDIOL 'C2 H6 O2'
GLA D-saccharide, alpha linking alpha-D-galactopyranose 'C6 H12 O6'
RAM L-saccharide, alpha linking alpha-L-rhamnopyranose 'C6 H12 O5'
#
# COMPACT_ATOMS: atom_id res chain seq x y z
N LEU A 2 60.74 -28.60 -51.94
CA LEU A 2 59.77 -27.66 -51.30
C LEU A 2 58.54 -27.37 -52.19
N ARG A 3 58.74 -27.12 -53.48
CA ARG A 3 57.62 -26.84 -54.40
C ARG A 3 56.66 -28.04 -54.50
N GLY A 4 57.22 -29.24 -54.47
CA GLY A 4 56.43 -30.47 -54.46
C GLY A 4 55.59 -30.62 -53.20
N GLU A 5 56.12 -30.15 -52.07
CA GLU A 5 55.37 -30.17 -50.79
C GLU A 5 54.35 -29.01 -50.69
N LEU A 6 54.73 -27.84 -51.22
CA LEU A 6 53.82 -26.70 -51.32
C LEU A 6 52.72 -26.94 -52.34
N ASN A 7 52.99 -27.81 -53.31
CA ASN A 7 51.94 -28.35 -54.17
C ASN A 7 51.05 -29.36 -53.44
N ASN A 8 51.67 -30.29 -52.70
CA ASN A 8 50.93 -31.35 -51.99
C ASN A 8 50.10 -30.83 -50.80
N GLU A 9 50.36 -29.59 -50.40
CA GLU A 9 49.70 -29.00 -49.22
C GLU A 9 48.75 -27.83 -49.58
N GLY A 10 48.40 -27.71 -50.86
CA GLY A 10 47.50 -26.65 -51.33
C GLY A 10 48.01 -25.23 -51.17
N VAL A 11 49.32 -25.08 -50.91
CA VAL A 11 49.90 -23.75 -50.77
C VAL A 11 50.19 -23.18 -52.15
N ILE A 12 50.23 -24.07 -53.14
CA ILE A 12 50.43 -23.70 -54.54
C ILE A 12 49.41 -24.45 -55.36
N ASN A 13 48.99 -23.87 -56.50
CA ASN A 13 47.98 -24.48 -57.35
C ASN A 13 46.80 -24.90 -56.52
N PHE A 14 46.37 -24.02 -55.61
CA PHE A 14 45.27 -24.34 -54.70
C PHE A 14 44.01 -24.59 -55.50
N SER A 15 43.38 -25.73 -55.23
CA SER A 15 42.11 -26.06 -55.83
C SER A 15 41.28 -26.87 -54.85
N HIS A 16 39.96 -26.74 -55.00
CA HIS A 16 39.02 -27.53 -54.18
C HIS A 16 38.92 -28.94 -54.71
N ALA A 17 39.37 -29.15 -55.95
CA ALA A 17 39.42 -30.49 -56.53
C ALA A 17 40.49 -31.37 -55.86
N ASP A 18 41.69 -30.82 -55.64
CA ASP A 18 42.82 -31.61 -55.11
C ASP A 18 42.53 -32.06 -53.66
N THR A 19 43.21 -33.13 -53.24
CA THR A 19 43.13 -33.59 -51.86
C THR A 19 44.35 -33.19 -51.06
N TYR A 20 44.11 -32.60 -49.88
CA TYR A 20 45.19 -32.32 -48.94
C TYR A 20 44.90 -33.01 -47.63
N GLY A 21 45.93 -33.19 -46.81
CA GLY A 21 45.81 -33.81 -45.50
C GLY A 21 45.49 -32.73 -44.48
N ASN A 22 45.00 -33.14 -43.32
CA ASN A 22 44.23 -32.23 -42.47
C ASN A 22 45.11 -31.13 -41.88
N ASP A 23 46.42 -31.39 -41.75
CA ASP A 23 47.31 -30.46 -41.11
C ASP A 23 47.80 -29.43 -42.12
N SER A 24 47.48 -29.69 -43.39
CA SER A 24 47.85 -28.78 -44.47
C SER A 24 47.05 -27.47 -44.41
N VAL A 25 47.68 -26.38 -44.84
CA VAL A 25 47.00 -25.13 -45.13
C VAL A 25 45.90 -25.37 -46.14
N GLY A 26 46.19 -26.14 -47.18
CA GLY A 26 45.21 -26.42 -48.22
C GLY A 26 43.92 -26.96 -47.66
N ALA A 27 44.03 -27.89 -46.70
CA ALA A 27 42.86 -28.49 -46.09
C ALA A 27 42.05 -27.42 -45.38
N HIS A 28 42.73 -26.54 -44.67
CA HIS A 28 42.09 -25.55 -43.86
C HIS A 28 41.23 -24.66 -44.77
N LEU A 29 41.77 -24.30 -45.93
CA LEU A 29 41.05 -23.47 -46.90
C LEU A 29 39.87 -24.17 -47.56
N GLN A 30 39.88 -25.50 -47.64
CA GLN A 30 38.82 -26.23 -48.33
C GLN A 30 37.45 -26.25 -47.53
N ASN A 31 37.44 -25.69 -46.33
CA ASN A 31 36.23 -25.59 -45.55
C ASN A 31 35.27 -24.52 -46.06
N VAL A 32 35.79 -23.53 -46.78
CA VAL A 32 35.01 -22.45 -47.27
C VAL A 32 35.28 -22.30 -48.76
N VAL A 33 34.23 -22.38 -49.57
CA VAL A 33 34.35 -22.41 -51.02
C VAL A 33 33.86 -21.11 -51.63
N TYR A 34 34.73 -20.39 -52.35
CA TYR A 34 34.24 -19.32 -53.24
C TYR A 34 34.26 -19.79 -54.68
N PRO A 35 33.24 -19.41 -55.48
CA PRO A 35 33.20 -19.83 -56.89
C PRO A 35 34.29 -19.20 -57.77
N THR A 36 34.98 -18.19 -57.25
CA THR A 36 36.10 -17.58 -57.93
C THR A 36 37.40 -18.43 -57.77
N ASP A 37 37.53 -19.12 -56.63
CA ASP A 37 38.50 -20.24 -56.43
C ASP A 37 38.45 -21.26 -57.56
N ALA A 38 39.61 -21.89 -57.82
CA ALA A 38 39.72 -23.14 -58.59
C ALA A 38 39.03 -24.32 -57.91
N PRO A 39 38.35 -25.18 -58.67
CA PRO A 39 38.43 -25.22 -60.13
C PRO A 39 37.27 -24.54 -60.79
N PHE A 40 36.64 -23.60 -60.09
CA PHE A 40 35.37 -23.08 -60.56
C PHE A 40 35.63 -21.82 -61.36
N ASN A 41 36.51 -20.97 -60.82
CA ASN A 41 37.00 -19.80 -61.53
C ASN A 41 35.87 -19.01 -62.13
N ALA A 42 34.89 -18.62 -61.31
CA ALA A 42 33.85 -17.69 -61.75
C ALA A 42 34.45 -16.32 -62.09
N ALA A 43 33.91 -15.70 -63.14
CA ALA A 43 34.25 -14.31 -63.43
C ALA A 43 33.72 -13.37 -62.35
N THR A 44 34.29 -12.17 -62.33
CA THR A 44 33.97 -11.19 -61.31
C THR A 44 33.38 -9.91 -61.89
N ASP A 45 33.35 -9.80 -63.21
CA ASP A 45 32.89 -8.57 -63.86
C ASP A 45 31.37 -8.28 -63.67
N GLY A 46 30.61 -9.30 -63.30
CA GLY A 46 29.18 -9.16 -63.04
C GLY A 46 28.35 -9.16 -64.31
N THR A 47 29.02 -9.30 -65.46
CA THR A 47 28.37 -9.28 -66.76
C THR A 47 28.56 -10.62 -67.50
N THR A 48 29.64 -11.33 -67.21
CA THR A 48 29.82 -12.67 -67.78
C THR A 48 28.97 -13.69 -67.06
N ASP A 49 28.46 -14.65 -67.82
CA ASP A 49 27.60 -15.68 -67.26
C ASP A 49 28.40 -16.70 -66.46
N THR A 50 27.98 -16.93 -65.23
CA THR A 50 28.74 -17.72 -64.29
C THR A 50 27.93 -18.92 -63.80
N THR A 51 26.85 -19.24 -64.49
CA THR A 51 26.00 -20.35 -64.09
C THR A 51 26.78 -21.62 -63.89
N VAL A 52 27.51 -22.03 -64.95
CA VAL A 52 28.27 -23.30 -64.92
C VAL A 52 29.18 -23.32 -63.71
N ALA A 53 29.93 -22.25 -63.55
CA ALA A 53 30.86 -22.11 -62.44
C ALA A 53 30.16 -22.26 -61.07
N ILE A 54 29.03 -21.56 -60.89
CA ILE A 54 28.36 -21.55 -59.58
C ILE A 54 27.67 -22.90 -59.31
N LYS A 55 27.04 -23.48 -60.32
CA LYS A 55 26.45 -24.81 -60.15
C LYS A 55 27.51 -25.84 -59.72
N SER A 56 28.68 -25.78 -60.35
CA SER A 56 29.78 -26.74 -60.03
C SER A 56 30.18 -26.60 -58.57
N ALA A 57 30.28 -25.35 -58.13
CA ALA A 57 30.59 -25.02 -56.73
C ALA A 57 29.56 -25.60 -55.79
N ILE A 58 28.29 -25.49 -56.20
CA ILE A 58 27.16 -26.00 -55.43
C ILE A 58 27.20 -27.53 -55.28
N ALA A 59 27.37 -28.24 -56.40
CA ALA A 59 27.51 -29.70 -56.37
C ALA A 59 28.74 -30.10 -55.50
N HIS A 60 29.81 -29.32 -55.62
CA HIS A 60 31.00 -29.57 -54.82
C HIS A 60 30.71 -29.45 -53.34
N CYS A 61 30.18 -28.30 -52.92
CA CYS A 61 30.00 -28.08 -51.49
C CYS A 61 29.09 -29.15 -50.91
N ILE A 62 28.09 -29.54 -51.69
CA ILE A 62 27.22 -30.64 -51.27
C ILE A 62 27.99 -31.96 -51.19
N SER A 63 28.75 -32.26 -52.23
CA SER A 63 29.50 -33.53 -52.32
C SER A 63 30.43 -33.69 -51.14
N LYS A 64 31.13 -32.61 -50.81
CA LYS A 64 32.17 -32.66 -49.76
C LYS A 64 31.73 -32.15 -48.38
N GLY A 65 30.49 -31.70 -48.23
CA GLY A 65 30.07 -31.07 -46.96
C GLY A 65 30.74 -29.75 -46.60
N LYS A 66 30.83 -28.82 -47.56
CA LYS A 66 31.55 -27.55 -47.33
C LYS A 66 30.67 -26.30 -47.42
N LYS A 67 31.19 -25.21 -46.90
CA LYS A 67 30.48 -23.93 -46.90
C LYS A 67 30.69 -23.15 -48.20
N LEU A 68 29.59 -22.66 -48.77
CA LEU A 68 29.65 -21.93 -50.02
C LEU A 68 29.38 -20.47 -49.74
N VAL A 69 30.29 -19.61 -50.15
CA VAL A 69 30.18 -18.19 -49.95
C VAL A 69 30.28 -17.51 -51.30
N LEU A 70 29.30 -16.68 -51.64
CA LEU A 70 29.31 -15.95 -52.89
C LEU A 70 29.89 -14.61 -52.58
N ASN A 71 30.97 -14.26 -53.27
CA ASN A 71 31.82 -13.13 -52.87
C ASN A 71 31.74 -11.94 -53.84
N HIS A 72 30.93 -12.10 -54.87
CA HIS A 72 30.62 -11.04 -55.81
C HIS A 72 29.14 -11.18 -56.16
N LEU A 73 28.64 -10.29 -57.02
CA LEU A 73 27.35 -10.45 -57.67
C LEU A 73 27.54 -11.11 -59.02
N PHE A 74 26.90 -12.25 -59.19
CA PHE A 74 27.21 -13.15 -60.28
C PHE A 74 26.00 -13.26 -61.19
N MET A 75 26.21 -13.00 -62.48
CA MET A 75 25.17 -13.16 -63.46
C MET A 75 24.90 -14.63 -63.73
N ILE A 76 23.63 -14.99 -63.75
CA ILE A 76 23.23 -16.34 -64.11
C ILE A 76 22.16 -16.31 -65.21
N THR A 77 21.94 -17.47 -65.82
CA THR A 77 21.01 -17.59 -66.95
C THR A 77 20.18 -18.86 -66.82
N ASP A 78 20.43 -19.65 -65.78
CA ASP A 78 19.58 -20.78 -65.45
C ASP A 78 19.49 -20.93 -63.92
N THR A 79 18.51 -21.72 -63.46
CA THR A 79 18.19 -21.89 -62.06
C THR A 79 19.37 -22.48 -61.30
N LEU A 80 19.81 -21.78 -60.27
CA LEU A 80 20.64 -22.38 -59.22
C LEU A 80 19.80 -23.14 -58.21
N VAL A 81 20.12 -24.42 -58.00
CA VAL A 81 19.30 -25.30 -57.16
C VAL A 81 20.02 -25.56 -55.83
N ILE A 82 19.46 -25.07 -54.72
CA ILE A 82 20.08 -25.27 -53.42
CA ILE A 82 20.08 -25.27 -53.42
C ILE A 82 19.41 -26.46 -52.72
N SER A 83 20.12 -27.59 -52.67
CA SER A 83 19.57 -28.84 -52.08
C SER A 83 20.42 -29.41 -50.97
N ASP A 84 19.93 -30.48 -50.38
CA ASP A 84 20.71 -31.36 -49.50
C ASP A 84 21.32 -30.63 -48.29
N GLY A 85 20.72 -29.52 -47.87
CA GLY A 85 21.11 -28.87 -46.63
C GLY A 85 22.16 -27.82 -46.87
N LEU A 86 22.50 -27.60 -48.13
CA LEU A 86 23.46 -26.53 -48.47
C LEU A 86 22.96 -25.16 -47.98
N HIS A 87 23.80 -24.44 -47.24
CA HIS A 87 23.61 -23.01 -47.05
C HIS A 87 24.48 -22.18 -47.96
N VAL A 88 23.85 -21.36 -48.80
CA VAL A 88 24.54 -20.31 -49.51
C VAL A 88 24.62 -19.11 -48.64
N GLU A 89 25.81 -18.54 -48.59
CA GLU A 89 26.09 -17.42 -47.75
C GLU A 89 26.70 -16.32 -48.58
N CYS A 90 26.09 -15.14 -48.60
CA CYS A 90 26.67 -14.03 -49.35
C CYS A 90 27.71 -13.31 -48.49
N LEU A 91 28.90 -13.09 -49.04
CA LEU A 91 30.00 -12.47 -48.27
C LEU A 91 29.58 -11.08 -47.79
N THR A 92 28.94 -10.32 -48.66
CA THR A 92 28.51 -9.00 -48.28
C THR A 92 27.07 -8.75 -48.81
N SER A 93 26.50 -7.61 -48.45
CA SER A 93 25.13 -7.24 -48.89
C SER A 93 25.05 -6.96 -50.38
N ASP A 94 26.20 -6.74 -51.01
CA ASP A 94 26.27 -6.52 -52.46
C ASP A 94 26.50 -7.78 -53.28
N SER A 95 26.86 -8.89 -52.64
CA SER A 95 27.06 -10.15 -53.34
C SER A 95 25.72 -10.77 -53.62
N GLY A 96 25.69 -11.80 -54.46
CA GLY A 96 24.47 -12.53 -54.69
C GLY A 96 24.39 -13.06 -56.08
N VAL A 97 23.22 -12.94 -56.69
CA VAL A 97 23.05 -13.27 -58.10
C VAL A 97 22.15 -12.28 -58.79
N LYS A 98 22.51 -11.97 -60.03
CA LYS A 98 21.64 -11.25 -60.89
C LYS A 98 21.12 -12.19 -61.97
N SER A 99 19.81 -12.20 -62.16
CA SER A 99 19.13 -13.19 -63.00
C SER A 99 18.75 -12.63 -64.36
N ASP A 100 19.30 -13.25 -65.39
CA ASP A 100 18.66 -13.28 -66.72
C ASP A 100 18.17 -14.69 -67.05
N VAL A 101 17.89 -15.50 -66.04
CA VAL A 101 17.05 -16.69 -66.25
C VAL A 101 15.79 -16.33 -67.04
N PRO A 102 15.38 -17.22 -67.96
CA PRO A 102 14.19 -16.90 -68.76
C PRO A 102 12.90 -17.29 -68.09
N ALA A 103 11.81 -16.95 -68.78
CA ALA A 103 10.49 -17.18 -68.25
C ALA A 103 10.29 -18.64 -68.03
N GLY A 104 9.54 -18.95 -67.00
CA GLY A 104 9.07 -20.29 -66.76
C GLY A 104 9.95 -21.02 -65.79
N LYS A 105 11.02 -20.37 -65.35
CA LYS A 105 11.83 -20.89 -64.24
C LYS A 105 12.29 -19.79 -63.26
N PHE A 106 12.75 -20.22 -62.11
CA PHE A 106 13.19 -19.31 -61.05
C PHE A 106 14.69 -19.06 -61.11
N ALA A 107 15.11 -17.94 -60.54
CA ALA A 107 16.54 -17.67 -60.40
C ALA A 107 17.21 -18.66 -59.46
N VAL A 108 16.62 -18.82 -58.28
CA VAL A 108 17.12 -19.71 -57.26
C VAL A 108 15.98 -20.61 -56.79
N LYS A 109 16.25 -21.91 -56.70
CA LYS A 109 15.30 -22.85 -56.14
C LYS A 109 15.91 -23.55 -54.91
N ILE A 110 15.13 -23.61 -53.84
CA ILE A 110 15.63 -24.12 -52.57
C ILE A 110 14.81 -25.33 -52.19
N THR A 111 15.49 -26.38 -51.73
CA THR A 111 14.80 -27.65 -51.52
C THR A 111 15.57 -28.63 -50.64
N GLY A 112 14.92 -29.74 -50.30
CA GLY A 112 15.48 -30.66 -49.33
C GLY A 112 15.39 -30.07 -47.94
N ALA A 113 16.23 -30.56 -47.03
CA ALA A 113 16.01 -30.34 -45.62
C ALA A 113 17.10 -29.43 -45.07
N ASN A 114 16.70 -28.30 -44.51
CA ASN A 114 17.62 -27.35 -43.89
C ASN A 114 18.56 -26.68 -44.90
N SER A 115 18.09 -26.51 -46.13
CA SER A 115 18.81 -25.69 -47.12
C SER A 115 18.42 -24.21 -46.98
N GLY A 116 19.27 -23.29 -47.40
CA GLY A 116 18.90 -21.89 -47.31
C GLY A 116 19.87 -20.93 -47.94
N TRP A 117 19.59 -19.65 -47.72
CA TRP A 117 20.31 -18.55 -48.35
C TRP A 117 20.37 -17.41 -47.37
N PHE A 118 21.58 -16.98 -47.01
CA PHE A 118 21.80 -15.81 -46.16
C PHE A 118 22.26 -14.66 -47.01
N GLY A 119 21.64 -13.49 -46.83
CA GLY A 119 22.24 -12.24 -47.19
C GLY A 119 22.17 -11.96 -48.66
N GLY A 120 22.84 -10.87 -49.00
CA GLY A 120 23.04 -10.49 -50.40
C GLY A 120 21.78 -10.15 -51.15
N LYS A 121 21.84 -10.32 -52.46
CA LYS A 121 20.76 -9.93 -53.38
C LYS A 121 20.45 -11.10 -54.29
N ILE A 122 19.20 -11.12 -54.74
CA ILE A 122 18.78 -11.93 -55.84
C ILE A 122 17.93 -11.03 -56.74
N LEU A 123 18.52 -10.55 -57.84
CA LEU A 123 17.99 -9.41 -58.60
C LEU A 123 17.56 -9.79 -60.00
N GLY A 124 16.32 -9.43 -60.32
CA GLY A 124 15.73 -9.73 -61.61
C GLY A 124 15.98 -8.56 -62.54
N LYS A 125 15.46 -8.67 -63.76
CA LYS A 125 15.68 -7.64 -64.78
C LYS A 125 15.11 -6.29 -64.41
N ASN A 126 14.17 -6.31 -63.47
CA ASN A 126 13.45 -5.14 -63.05
C ASN A 126 12.97 -4.28 -64.18
N LEU A 127 12.16 -4.84 -65.07
CA LEU A 127 11.58 -4.06 -66.16
C LEU A 127 10.05 -4.19 -66.18
N PRO A 128 9.37 -3.59 -65.19
CA PRO A 128 7.94 -3.80 -65.07
C PRO A 128 7.13 -3.18 -66.19
N GLU A 129 7.73 -2.28 -66.95
CA GLU A 129 7.10 -1.72 -68.18
C GLU A 129 7.22 -2.64 -69.40
N SER A 130 8.08 -3.65 -69.31
CA SER A 130 8.28 -4.56 -70.43
C SER A 130 7.08 -5.48 -70.64
N THR A 131 6.66 -5.59 -71.88
CA THR A 131 5.53 -6.41 -72.28
C THR A 131 6.03 -7.79 -72.75
N THR A 132 7.35 -7.99 -72.74
CA THR A 132 7.91 -9.31 -73.04
C THR A 132 8.48 -10.00 -71.79
N VAL A 133 9.41 -9.35 -71.09
CA VAL A 133 10.11 -9.94 -69.92
C VAL A 133 9.16 -10.49 -68.82
N ARG A 134 9.37 -11.76 -68.46
CA ARG A 134 8.67 -12.45 -67.39
C ARG A 134 9.69 -13.30 -66.60
N GLN A 135 9.76 -13.11 -65.29
CA GLN A 135 10.73 -13.83 -64.45
C GLN A 135 10.12 -14.20 -63.10
N ASP A 136 10.73 -15.17 -62.44
CA ASP A 136 10.38 -15.50 -61.04
C ASP A 136 11.66 -15.58 -60.20
N GLY A 137 11.55 -15.28 -58.90
CA GLY A 137 12.72 -14.97 -58.07
C GLY A 137 13.25 -16.19 -57.33
N VAL A 138 12.57 -16.56 -56.24
CA VAL A 138 13.03 -17.62 -55.36
C VAL A 138 11.89 -18.56 -55.08
N LEU A 139 12.09 -19.85 -55.38
CA LEU A 139 11.09 -20.89 -55.09
C LEU A 139 11.56 -21.81 -53.98
N PHE A 140 10.67 -22.14 -53.04
CA PHE A 140 10.87 -23.27 -52.16
C PHE A 140 9.89 -24.29 -52.62
N ASP A 141 10.33 -25.43 -53.16
CA ASP A 141 9.35 -26.34 -53.74
C ASP A 141 8.70 -27.23 -52.70
N GLU A 142 7.82 -28.12 -53.17
CA GLU A 142 7.11 -29.06 -52.31
C GLU A 142 8.04 -29.97 -51.48
N ASN A 143 9.32 -30.03 -51.80
CA ASN A 143 10.24 -30.84 -51.03
C ASN A 143 11.12 -30.07 -50.07
N ALA A 144 10.90 -28.77 -50.00
CA ALA A 144 11.59 -27.94 -49.02
C ALA A 144 11.07 -28.28 -47.65
N GLU A 145 11.99 -28.42 -46.69
CA GLU A 145 11.69 -28.80 -45.32
C GLU A 145 12.59 -28.05 -44.38
N TYR A 146 12.01 -27.09 -43.68
CA TYR A 146 12.74 -26.26 -42.75
C TYR A 146 13.88 -25.56 -43.43
N CYS A 147 13.62 -25.07 -44.65
CA CYS A 147 14.58 -24.23 -45.40
C CYS A 147 14.36 -22.74 -45.07
N PHE A 148 15.20 -21.87 -45.60
CA PHE A 148 15.12 -20.49 -45.19
C PHE A 148 15.75 -19.58 -46.21
N ILE A 149 15.28 -18.34 -46.22
CA ILE A 149 16.00 -17.21 -46.80
C ILE A 149 15.91 -16.03 -45.85
N THR A 150 17.04 -15.42 -45.60
CA THR A 150 17.16 -14.51 -44.50
C THR A 150 18.21 -13.51 -44.89
N GLY A 151 17.92 -12.24 -44.65
CA GLY A 151 18.93 -11.20 -44.84
C GLY A 151 19.03 -10.70 -46.26
N THR A 152 18.10 -11.11 -47.12
CA THR A 152 18.28 -10.99 -48.56
C THR A 152 17.36 -9.93 -49.19
N GLU A 153 17.88 -9.19 -50.14
CA GLU A 153 17.05 -8.37 -51.01
C GLU A 153 16.70 -9.14 -52.31
N VAL A 154 15.40 -9.43 -52.50
CA VAL A 154 14.85 -10.14 -53.69
C VAL A 154 13.92 -9.21 -54.43
N THR A 155 14.37 -8.72 -55.59
CA THR A 155 13.68 -7.63 -56.29
C THR A 155 13.72 -7.78 -57.78
N GLY A 156 12.79 -7.12 -58.43
CA GLY A 156 12.87 -6.87 -59.87
C GLY A 156 12.31 -7.99 -60.70
N PHE A 157 11.52 -8.86 -60.07
CA PHE A 157 10.87 -9.92 -60.81
C PHE A 157 9.44 -9.55 -61.13
N PHE A 158 9.18 -9.36 -62.42
CA PHE A 158 7.88 -8.93 -62.90
C PHE A 158 7.43 -9.78 -64.10
N ALA A 159 6.23 -9.48 -64.60
CA ALA A 159 5.65 -10.20 -65.72
C ALA A 159 4.33 -9.54 -66.12
N LYS A 160 4.36 -8.65 -67.09
CA LYS A 160 3.15 -7.89 -67.41
C LYS A 160 2.09 -8.77 -68.07
N GLY A 161 0.90 -8.79 -67.50
CA GLY A 161 -0.20 -9.61 -67.99
C GLY A 161 -0.21 -10.94 -67.26
N LEU A 162 -1.39 -11.44 -66.98
CA LEU A 162 -1.51 -12.68 -66.25
C LEU A 162 -1.03 -13.91 -67.03
N HIS A 163 -0.41 -14.80 -66.27
CA HIS A 163 -0.02 -16.13 -66.71
C HIS A 163 -1.23 -17.02 -66.89
N THR A 164 -1.10 -18.03 -67.76
CA THR A 164 -2.09 -19.12 -67.84
C THR A 164 -1.67 -20.27 -66.94
N SER A 165 -0.38 -20.56 -66.94
CA SER A 165 0.21 -21.51 -66.03
C SER A 165 1.55 -20.97 -65.53
N ASP A 166 2.17 -21.71 -64.62
CA ASP A 166 3.44 -21.32 -64.02
C ASP A 166 4.58 -21.34 -65.01
N ALA A 167 4.41 -22.10 -66.09
CA ALA A 167 5.42 -22.14 -67.15
C ALA A 167 5.47 -20.83 -67.95
N ASP A 168 4.45 -19.98 -67.85
CA ASP A 168 4.53 -18.66 -68.51
C ASP A 168 5.53 -17.70 -67.82
N GLY A 169 5.90 -18.01 -66.59
CA GLY A 169 6.47 -16.99 -65.71
C GLY A 169 5.38 -16.12 -65.08
N VAL A 170 5.47 -15.95 -63.78
CA VAL A 170 4.37 -15.43 -62.98
C VAL A 170 4.66 -14.04 -62.41
N GLY A 171 5.93 -13.77 -62.10
CA GLY A 171 6.33 -12.49 -61.50
C GLY A 171 6.45 -12.56 -59.96
N TYR A 172 6.61 -13.77 -59.42
CA TYR A 172 6.92 -13.97 -58.01
C TYR A 172 8.29 -13.46 -57.59
N GLY A 173 8.33 -12.84 -56.42
CA GLY A 173 9.58 -12.57 -55.73
C GLY A 173 10.10 -13.80 -55.00
N ILE A 174 9.44 -14.13 -53.89
CA ILE A 174 9.64 -15.39 -53.19
C ILE A 174 8.33 -16.16 -53.18
N TYR A 175 8.39 -17.45 -53.50
CA TYR A 175 7.21 -18.32 -53.55
C TYR A 175 7.50 -19.52 -52.70
N ASP A 176 6.72 -19.73 -51.64
CA ASP A 176 7.00 -20.82 -50.72
C ASP A 176 5.96 -21.88 -50.85
N LYS A 177 6.36 -23.08 -51.30
CA LYS A 177 5.50 -24.27 -51.31
C LYS A 177 5.97 -25.35 -50.36
N GLY A 178 6.83 -24.97 -49.44
CA GLY A 178 7.54 -25.94 -48.62
C GLY A 178 6.93 -26.00 -47.22
N TYR A 179 7.57 -26.76 -46.38
CA TYR A 179 7.07 -27.06 -45.04
C TYR A 179 8.09 -26.44 -44.10
N GLY A 180 7.61 -25.47 -43.32
CA GLY A 180 8.38 -24.90 -42.25
C GLY A 180 9.38 -23.89 -42.73
N THR A 181 9.10 -23.27 -43.89
CA THR A 181 10.01 -22.26 -44.46
C THR A 181 10.12 -20.98 -43.61
N LEU A 182 11.37 -20.50 -43.44
CA LEU A 182 11.63 -19.24 -42.75
C LEU A 182 11.99 -18.17 -43.77
N ILE A 183 11.17 -17.12 -43.88
CA ILE A 183 11.54 -15.96 -44.67
C ILE A 183 11.66 -14.80 -43.72
N SER A 184 12.88 -14.28 -43.54
CA SER A 184 13.06 -13.26 -42.53
C SER A 184 14.14 -12.24 -42.88
N LYS A 185 13.94 -11.03 -42.37
CA LYS A 185 14.83 -9.92 -42.59
C LYS A 185 15.09 -9.67 -44.08
N CYS A 186 14.12 -9.97 -44.92
CA CYS A 186 14.32 -9.75 -46.38
C CYS A 186 13.63 -8.50 -46.84
N TYR A 187 14.03 -8.04 -48.02
CA TYR A 187 13.28 -7.03 -48.78
C TYR A 187 12.75 -7.69 -50.04
N ALA A 188 11.43 -7.81 -50.17
CA ALA A 188 10.81 -8.41 -51.33
C ALA A 188 9.94 -7.45 -52.09
N ASN A 189 10.24 -7.28 -53.40
CA ASN A 189 9.63 -6.25 -54.24
C ASN A 189 9.60 -6.83 -55.64
N SER A 190 8.44 -7.33 -56.01
CA SER A 190 8.19 -7.92 -57.30
C SER A 190 6.67 -7.88 -57.52
N LYS A 191 6.20 -8.47 -58.62
CA LYS A 191 4.78 -8.40 -58.97
C LYS A 191 3.92 -8.95 -57.86
N PHE A 192 4.21 -10.18 -57.49
CA PHE A 192 3.72 -10.76 -56.27
C PHE A 192 4.89 -10.89 -55.32
N CYS A 193 4.95 -10.01 -54.33
CA CYS A 193 6.22 -9.83 -53.60
C CYS A 193 6.62 -11.13 -52.90
N VAL A 194 5.68 -11.69 -52.12
CA VAL A 194 5.78 -13.00 -51.50
C VAL A 194 4.50 -13.77 -51.83
N ALA A 195 4.64 -15.06 -52.11
CA ALA A 195 3.47 -15.91 -52.32
C ALA A 195 3.54 -17.12 -51.41
N LEU A 196 2.42 -17.52 -50.81
CA LEU A 196 2.46 -18.58 -49.82
C LEU A 196 1.55 -19.72 -50.19
N GLY A 197 2.12 -20.92 -50.30
CA GLY A 197 1.32 -22.10 -50.56
C GLY A 197 1.81 -23.37 -49.89
N GLY A 198 2.61 -23.23 -48.84
CA GLY A 198 2.97 -24.36 -48.04
C GLY A 198 2.27 -24.47 -46.71
N THR A 199 3.01 -25.01 -45.75
CA THR A 199 2.53 -25.29 -44.43
C THR A 199 3.59 -24.87 -43.38
N GLU A 200 3.15 -24.27 -42.28
CA GLU A 200 4.00 -24.00 -41.11
C GLU A 200 5.16 -23.07 -41.41
N GLY A 201 5.01 -22.25 -42.45
CA GLY A 201 6.01 -21.19 -42.75
C GLY A 201 6.03 -20.08 -41.70
N ARG A 202 7.14 -19.36 -41.64
CA ARG A 202 7.31 -18.24 -40.77
C ARG A 202 7.83 -17.07 -41.54
N VAL A 203 7.05 -16.00 -41.59
CA VAL A 203 7.41 -14.81 -42.36
C VAL A 203 7.56 -13.64 -41.44
N LEU A 204 8.81 -13.27 -41.16
CA LEU A 204 9.11 -12.51 -39.95
C LEU A 204 10.01 -11.36 -40.28
N LYS A 205 9.57 -10.15 -39.95
CA LYS A 205 10.39 -8.95 -39.99
C LYS A 205 10.99 -8.74 -41.33
N ASN A 206 10.11 -8.75 -42.33
CA ASN A 206 10.46 -8.40 -43.70
C ASN A 206 9.96 -7.01 -44.07
N ARG A 207 10.54 -6.45 -45.11
CA ARG A 207 10.06 -5.25 -45.70
C ARG A 207 9.45 -5.61 -47.07
N ILE A 208 8.15 -5.33 -47.27
CA ILE A 208 7.43 -5.87 -48.44
C ILE A 208 6.59 -4.82 -49.12
N THR A 209 6.92 -4.59 -50.40
CA THR A 209 6.23 -3.62 -51.19
C THR A 209 6.61 -3.77 -52.67
N ASN A 210 5.69 -3.42 -53.56
CA ASN A 210 6.05 -3.25 -54.97
C ASN A 210 5.88 -1.81 -55.49
N ASN A 211 5.72 -0.89 -54.55
CA ASN A 211 5.70 0.54 -54.81
C ASN A 211 4.86 0.98 -55.97
N TYR A 212 3.59 0.56 -55.98
CA TYR A 212 2.66 0.88 -57.06
C TYR A 212 2.40 2.38 -57.11
N LEU A 213 2.34 3.00 -55.94
CA LEU A 213 1.97 4.41 -55.88
C LEU A 213 2.95 5.29 -56.66
N THR A 214 4.22 4.91 -56.63
CA THR A 214 5.27 5.70 -57.22
C THR A 214 5.75 5.05 -58.52
N SER A 215 4.97 4.14 -59.10
CA SER A 215 5.44 3.29 -60.18
C SER A 215 5.38 3.98 -61.53
N GLY A 216 4.37 4.83 -61.70
CA GLY A 216 4.06 5.46 -62.98
C GLY A 216 3.27 4.58 -63.94
N GLU A 217 2.86 3.41 -63.48
CA GLU A 217 1.98 2.61 -64.30
C GLU A 217 0.60 3.26 -64.29
N ALA A 218 -0.05 3.33 -65.44
CA ALA A 218 -1.23 4.15 -65.62
C ALA A 218 -2.39 3.50 -64.86
N LYS A 219 -3.19 4.31 -64.20
CA LYS A 219 -4.42 3.83 -63.54
C LYS A 219 -5.56 3.98 -64.55
N PRO A 220 -6.65 3.22 -64.41
CA PRO A 220 -6.96 2.47 -63.20
C PRO A 220 -6.23 1.13 -63.13
N TRP A 221 -6.30 0.46 -61.98
CA TRP A 221 -5.65 -0.81 -61.87
C TRP A 221 -6.46 -1.79 -62.67
N SER A 222 -5.82 -2.81 -63.18
CA SER A 222 -6.53 -3.85 -63.89
C SER A 222 -5.70 -5.11 -63.88
N TRP A 223 -6.29 -6.19 -64.33
CA TRP A 223 -5.66 -7.50 -64.39
C TRP A 223 -4.35 -7.55 -65.22
N ALA A 224 -4.06 -6.46 -65.93
CA ALA A 224 -2.89 -6.34 -66.78
C ALA A 224 -1.70 -5.76 -66.02
N SER A 225 -1.94 -5.24 -64.83
CA SER A 225 -0.92 -4.60 -63.99
C SER A 225 0.23 -5.52 -63.68
N ASN A 226 1.39 -4.93 -63.43
CA ASN A 226 2.57 -5.66 -62.96
C ASN A 226 2.77 -5.47 -61.44
N TYR A 227 1.72 -5.00 -60.76
CA TYR A 227 1.79 -4.70 -59.34
C TYR A 227 0.59 -5.31 -58.67
N TRP A 228 0.82 -6.42 -58.00
CA TRP A 228 -0.22 -7.10 -57.26
C TRP A 228 0.11 -7.13 -55.78
N ASP A 229 -0.24 -8.23 -55.10
CA ASP A 229 -0.19 -8.32 -53.64
C ASP A 229 1.20 -8.30 -53.05
N GLY A 230 1.31 -7.76 -51.83
CA GLY A 230 2.47 -7.91 -51.00
C GLY A 230 2.64 -9.36 -50.59
N ILE A 231 1.61 -9.92 -49.94
CA ILE A 231 1.56 -11.35 -49.65
C ILE A 231 0.31 -12.02 -50.21
N VAL A 232 0.49 -12.96 -51.14
CA VAL A 232 -0.60 -13.69 -51.75
C VAL A 232 -0.60 -15.13 -51.25
N SER A 233 -1.68 -15.57 -50.60
CA SER A 233 -1.72 -16.92 -50.00
C SER A 233 -2.89 -17.74 -50.56
N GLU A 234 -2.56 -18.90 -51.11
CA GLU A 234 -3.52 -19.94 -51.44
C GLU A 234 -2.98 -21.31 -50.99
N ASN A 235 -3.82 -22.08 -50.29
CA ASN A 235 -3.38 -23.38 -49.73
C ASN A 235 -2.29 -23.19 -48.69
N ALA A 236 -2.52 -22.19 -47.85
CA ALA A 236 -1.57 -21.76 -46.85
C ALA A 236 -2.05 -22.21 -45.49
N HIS A 237 -1.21 -22.95 -44.76
CA HIS A 237 -1.57 -23.55 -43.47
C HIS A 237 -0.51 -23.29 -42.43
N ARG A 238 -0.92 -22.72 -41.31
CA ARG A 238 -0.08 -22.64 -40.13
C ARG A 238 1.15 -21.78 -40.27
N TYR A 239 1.02 -20.71 -41.06
CA TYR A 239 2.04 -19.68 -41.17
C TYR A 239 1.85 -18.71 -40.03
N VAL A 240 2.98 -18.17 -39.56
CA VAL A 240 2.97 -16.98 -38.79
C VAL A 240 3.54 -15.92 -39.65
N ILE A 241 2.88 -14.78 -39.66
CA ILE A 241 3.29 -13.60 -40.39
C ILE A 241 3.36 -12.44 -39.37
N ALA A 242 4.57 -12.01 -39.04
CA ALA A 242 4.78 -11.15 -37.90
C ALA A 242 5.90 -10.18 -38.18
N PHE A 243 5.73 -8.97 -37.68
CA PHE A 243 6.72 -7.91 -37.68
C PHE A 243 7.10 -7.36 -39.07
N ASN A 244 6.26 -7.56 -40.06
CA ASN A 244 6.47 -7.04 -41.41
C ASN A 244 5.93 -5.60 -41.64
N ASP A 245 6.62 -4.89 -42.49
CA ASP A 245 6.29 -3.55 -42.98
C ASP A 245 5.84 -3.75 -44.42
N VAL A 246 4.52 -3.78 -44.62
CA VAL A 246 3.91 -4.10 -45.92
C VAL A 246 3.14 -2.87 -46.38
N SER A 247 3.52 -2.33 -47.52
CA SER A 247 3.01 -1.03 -47.91
C SER A 247 2.97 -0.85 -49.37
N ALA A 248 2.05 0.01 -49.79
CA ALA A 248 2.07 0.61 -51.12
C ALA A 248 2.09 -0.42 -52.22
N CYS A 249 1.33 -1.49 -52.03
CA CYS A 249 1.20 -2.58 -53.00
C CYS A 249 0.09 -2.28 -54.00
N GLY A 250 0.15 -2.93 -55.16
CA GLY A 250 -0.83 -2.71 -56.22
C GLY A 250 -2.11 -3.48 -56.03
N GLN A 251 -2.08 -4.50 -55.17
CA GLN A 251 -3.34 -5.06 -54.70
C GLN A 251 -3.35 -5.04 -53.17
N SER A 252 -3.43 -6.20 -52.50
CA SER A 252 -3.59 -6.19 -51.01
C SER A 252 -2.25 -6.38 -50.30
N GLY A 253 -2.12 -5.83 -49.10
CA GLY A 253 -0.87 -6.00 -48.31
C GLY A 253 -0.64 -7.46 -47.91
N ILE A 254 -1.65 -8.08 -47.33
CA ILE A 254 -1.54 -9.50 -46.93
C ILE A 254 -2.84 -10.21 -47.28
N TYR A 255 -2.82 -11.17 -48.21
CA TYR A 255 -4.08 -11.77 -48.78
C TYR A 255 -4.12 -13.33 -48.67
N PHE A 256 -5.22 -13.87 -48.14
CA PHE A 256 -5.51 -15.30 -48.13
C PHE A 256 -6.77 -15.59 -48.85
N GLY A 257 -6.72 -16.68 -49.60
CA GLY A 257 -7.87 -17.17 -50.30
C GLY A 257 -7.82 -18.68 -50.34
N GLY A 258 -8.87 -19.33 -50.86
CA GLY A 258 -10.09 -18.66 -51.32
C GLY A 258 -10.28 -18.51 -52.83
N ASN A 259 -9.20 -18.61 -53.59
CA ASN A 259 -9.34 -18.53 -55.06
C ASN A 259 -8.55 -19.67 -55.69
N GLY A 260 -9.11 -20.87 -55.59
CA GLY A 260 -8.34 -22.12 -55.73
C GLY A 260 -7.43 -22.47 -54.57
N GLY A 261 -7.86 -22.24 -53.35
CA GLY A 261 -6.98 -22.36 -52.20
C GLY A 261 -7.75 -22.68 -50.95
N TYR A 262 -7.18 -23.58 -50.15
CA TYR A 262 -7.74 -23.98 -48.86
C TYR A 262 -6.75 -23.51 -47.83
N SER A 263 -7.05 -22.38 -47.20
CA SER A 263 -6.07 -21.71 -46.34
C SER A 263 -6.58 -21.65 -44.90
N THR A 264 -5.82 -22.22 -43.96
CA THR A 264 -6.34 -22.34 -42.61
C THR A 264 -5.25 -22.18 -41.58
N ASP A 265 -5.65 -21.75 -40.40
CA ASP A 265 -4.80 -21.77 -39.19
C ASP A 265 -3.56 -20.96 -39.28
N ASN A 266 -3.66 -19.85 -40.00
CA ASN A 266 -2.62 -18.88 -40.05
C ASN A 266 -2.80 -17.81 -38.97
N ILE A 267 -1.68 -17.25 -38.55
CA ILE A 267 -1.62 -16.24 -37.50
C ILE A 267 -0.94 -15.00 -38.11
N ILE A 268 -1.65 -13.88 -38.16
CA ILE A 268 -1.08 -12.62 -38.73
C ILE A 268 -1.06 -11.54 -37.66
N VAL A 269 0.14 -11.24 -37.16
CA VAL A 269 0.30 -10.47 -35.93
C VAL A 269 1.38 -9.43 -36.05
N ASN A 270 1.07 -8.26 -35.51
CA ASN A 270 2.07 -7.26 -35.23
C ASN A 270 2.82 -6.87 -36.48
N ASN A 271 2.04 -6.66 -37.55
CA ASN A 271 2.52 -6.17 -38.80
C ASN A 271 2.03 -4.72 -38.98
N THR A 272 2.72 -3.94 -39.77
CA THR A 272 2.21 -2.68 -40.17
C THR A 272 1.80 -2.75 -41.64
N VAL A 273 0.59 -2.31 -41.97
CA VAL A 273 0.05 -2.51 -43.33
C VAL A 273 -0.73 -1.30 -43.86
N TYR A 274 -0.24 -0.74 -44.94
CA TYR A 274 -0.73 0.55 -45.35
C TYR A 274 -0.51 0.90 -46.75
N ALA A 275 -1.36 1.81 -47.18
CA ALA A 275 -1.26 2.52 -48.45
C ALA A 275 -1.37 1.54 -49.61
N CYS A 276 -1.99 0.39 -49.36
CA CYS A 276 -2.20 -0.60 -50.45
C CYS A 276 -3.41 -0.24 -51.32
N TRP A 277 -3.44 -0.71 -52.57
CA TRP A 277 -4.37 -0.18 -53.56
C TRP A 277 -5.65 -0.97 -53.54
N ASN A 278 -5.59 -2.15 -52.91
CA ASN A 278 -6.76 -2.94 -52.62
C ASN A 278 -7.07 -2.95 -51.08
N ARG A 279 -7.00 -4.09 -50.41
CA ARG A 279 -7.14 -4.07 -48.97
C ARG A 279 -5.83 -4.23 -48.22
N GLY A 280 -5.83 -3.90 -46.95
CA GLY A 280 -4.67 -4.11 -46.11
C GLY A 280 -4.46 -5.60 -45.85
N ILE A 281 -5.28 -6.17 -44.97
CA ILE A 281 -5.31 -7.57 -44.69
C ILE A 281 -6.65 -8.12 -45.24
N ASP A 282 -6.58 -9.11 -46.10
CA ASP A 282 -7.65 -9.42 -47.05
C ASP A 282 -7.87 -10.91 -47.03
N MET A 283 -9.04 -11.33 -46.53
CA MET A 283 -9.36 -12.74 -46.43
C MET A 283 -10.72 -12.99 -47.02
N GLY A 284 -10.74 -13.79 -48.07
CA GLY A 284 -11.96 -13.96 -48.81
C GLY A 284 -11.98 -15.13 -49.74
N LEU A 285 -13.20 -15.49 -50.12
CA LEU A 285 -13.49 -16.47 -51.15
C LEU A 285 -13.88 -15.76 -52.45
N PHE A 286 -13.08 -15.91 -53.50
CA PHE A 286 -13.42 -15.46 -54.83
C PHE A 286 -14.00 -16.60 -55.65
N SER A 287 -13.37 -17.77 -55.58
CA SER A 287 -14.02 -18.99 -56.10
C SER A 287 -15.03 -19.49 -55.10
N GLU A 288 -15.88 -20.43 -55.51
CA GLU A 288 -16.95 -20.84 -54.62
C GLU A 288 -16.37 -21.74 -53.51
N LYS A 289 -17.06 -21.76 -52.40
CA LYS A 289 -16.67 -22.55 -51.27
C LYS A 289 -16.72 -24.04 -51.60
N SER A 290 -15.70 -24.77 -51.18
CA SER A 290 -15.68 -26.22 -51.31
C SER A 290 -14.81 -26.82 -50.22
N ALA A 291 -14.59 -28.12 -50.29
CA ALA A 291 -13.65 -28.79 -49.37
C ALA A 291 -12.19 -28.48 -49.69
N THR A 292 -11.92 -27.99 -50.90
CA THR A 292 -10.60 -27.54 -51.29
C THR A 292 -10.54 -26.01 -51.59
N ASN A 293 -11.61 -25.27 -51.30
CA ASN A 293 -11.54 -23.80 -51.42
C ASN A 293 -12.26 -23.11 -50.29
N ASP A 294 -11.51 -22.62 -49.33
CA ASP A 294 -12.15 -21.97 -48.18
C ASP A 294 -11.06 -21.21 -47.48
N VAL A 295 -11.43 -20.40 -46.48
CA VAL A 295 -10.47 -19.68 -45.67
C VAL A 295 -11.01 -19.71 -44.23
N LEU A 296 -10.25 -20.34 -43.30
CA LEU A 296 -10.76 -20.84 -42.01
C LEU A 296 -9.74 -20.61 -40.91
N ARG A 297 -10.23 -20.18 -39.74
CA ARG A 297 -9.47 -20.24 -38.47
C ARG A 297 -8.17 -19.51 -38.53
N ASN A 298 -8.21 -18.35 -39.16
CA ASN A 298 -7.07 -17.47 -39.19
C ASN A 298 -7.14 -16.38 -38.11
N ILE A 299 -5.98 -16.06 -37.55
CA ILE A 299 -5.93 -15.12 -36.47
C ILE A 299 -5.31 -13.83 -36.97
N ILE A 300 -6.00 -12.71 -36.80
CA ILE A 300 -5.49 -11.41 -37.16
C ILE A 300 -5.45 -10.53 -35.95
N LYS A 301 -4.26 -10.21 -35.48
CA LYS A 301 -4.15 -9.70 -34.16
C LYS A 301 -3.02 -8.66 -34.01
N GLY A 302 -3.27 -7.56 -33.30
CA GLY A 302 -2.24 -6.63 -33.00
C GLY A 302 -1.57 -5.97 -34.19
N ASN A 303 -2.30 -5.73 -35.26
CA ASN A 303 -1.68 -5.17 -36.43
C ASN A 303 -2.04 -3.69 -36.42
N ASN A 304 -1.33 -2.89 -37.20
CA ASN A 304 -1.66 -1.50 -37.41
C ASN A 304 -1.87 -1.32 -38.89
N THR A 305 -3.12 -1.18 -39.30
CA THR A 305 -3.46 -1.10 -40.70
C THR A 305 -4.15 0.23 -41.00
N TYR A 306 -3.67 0.92 -42.04
CA TYR A 306 -4.19 2.23 -42.36
C TYR A 306 -4.08 2.66 -43.81
N ASN A 307 -5.02 3.52 -44.22
CA ASN A 307 -5.09 4.09 -45.55
C ASN A 307 -4.87 3.05 -46.64
N ASN A 308 -5.63 1.97 -46.55
CA ASN A 308 -5.70 1.00 -47.63
C ASN A 308 -6.99 1.24 -48.38
N ARG A 309 -6.87 1.31 -49.69
CA ARG A 309 -7.90 2.02 -50.48
C ARG A 309 -9.32 1.42 -50.27
N GLU A 310 -9.39 0.12 -50.35
CA GLU A 310 -10.66 -0.59 -50.36
C GLU A 310 -10.91 -1.33 -49.06
N ASN A 311 -10.35 -0.82 -47.98
CA ASN A 311 -10.69 -1.26 -46.58
C ASN A 311 -9.46 -1.79 -45.88
N ASN A 312 -9.30 -1.49 -44.61
CA ASN A 312 -8.11 -1.91 -43.96
C ASN A 312 -8.06 -3.40 -43.67
N ILE A 313 -9.15 -3.93 -43.16
CA ILE A 313 -9.29 -5.32 -42.86
C ILE A 313 -10.59 -5.74 -43.48
N TRP A 314 -10.55 -6.87 -44.19
CA TRP A 314 -11.62 -7.31 -45.08
C TRP A 314 -11.78 -8.85 -44.99
N LEU A 315 -12.95 -9.29 -44.53
CA LEU A 315 -13.32 -10.69 -44.48
C LEU A 315 -14.52 -10.91 -45.39
N ALA A 316 -14.42 -11.87 -46.32
CA ALA A 316 -15.51 -12.14 -47.28
C ALA A 316 -15.84 -13.63 -47.44
N GLY A 317 -16.85 -14.05 -46.71
CA GLY A 317 -17.30 -15.44 -46.74
C GLY A 317 -16.40 -16.36 -45.96
N VAL A 318 -15.71 -15.83 -44.97
CA VAL A 318 -14.76 -16.66 -44.22
C VAL A 318 -15.39 -17.11 -42.92
N SER A 319 -14.79 -18.09 -42.29
CA SER A 319 -15.35 -18.68 -41.11
C SER A 319 -14.27 -18.91 -40.03
N ASN A 320 -14.64 -18.73 -38.77
CA ASN A 320 -13.80 -19.08 -37.64
C ASN A 320 -12.56 -18.26 -37.51
N CYS A 321 -12.59 -17.07 -38.11
CA CYS A 321 -11.46 -16.19 -38.10
C CYS A 321 -11.61 -15.13 -36.97
N SER A 322 -10.50 -14.68 -36.42
CA SER A 322 -10.57 -13.71 -35.34
C SER A 322 -9.82 -12.46 -35.76
N VAL A 323 -10.35 -11.30 -35.35
CA VAL A 323 -9.74 -9.98 -35.58
C VAL A 323 -9.79 -9.26 -34.24
N VAL A 324 -8.64 -9.15 -33.59
CA VAL A 324 -8.56 -8.84 -32.17
C VAL A 324 -7.39 -7.91 -31.95
N GLY A 325 -7.65 -6.79 -31.32
CA GLY A 325 -6.61 -5.89 -30.87
C GLY A 325 -5.80 -5.27 -31.96
N ASN A 326 -6.45 -4.95 -33.06
CA ASN A 326 -5.79 -4.31 -34.14
C ASN A 326 -6.15 -2.82 -34.10
N THR A 327 -5.25 -1.97 -34.59
CA THR A 327 -5.58 -0.58 -34.77
C THR A 327 -5.75 -0.23 -36.23
N SER A 328 -6.98 0.11 -36.63
CA SER A 328 -7.35 0.34 -38.03
C SER A 328 -7.86 1.78 -38.20
N TRP A 329 -7.26 2.51 -39.13
CA TRP A 329 -7.51 3.91 -39.23
C TRP A 329 -7.27 4.48 -40.62
N PHE A 330 -7.72 5.71 -40.78
CA PHE A 330 -7.54 6.53 -41.99
C PHE A 330 -7.17 7.94 -41.57
N ASP A 331 -6.61 8.70 -42.48
CA ASP A 331 -6.45 10.11 -42.31
C ASP A 331 -6.51 10.74 -43.68
N THR A 332 -6.32 12.05 -43.75
CA THR A 332 -6.60 12.80 -44.97
C THR A 332 -5.59 12.50 -46.03
N ASN A 333 -4.49 11.83 -45.68
CA ASN A 333 -3.58 11.39 -46.74
C ASN A 333 -4.28 10.40 -47.67
N TYR A 334 -5.31 9.71 -47.18
CA TYR A 334 -6.09 8.80 -48.06
C TYR A 334 -6.52 9.55 -49.35
N ASP A 335 -6.97 10.78 -49.20
CA ASP A 335 -7.62 11.48 -50.31
C ASP A 335 -6.55 11.96 -51.28
N VAL A 336 -5.32 12.04 -50.79
CA VAL A 336 -4.20 12.40 -51.60
C VAL A 336 -3.74 11.23 -52.43
N ILE A 337 -3.39 10.11 -51.78
CA ILE A 337 -2.75 9.03 -52.52
C ILE A 337 -3.75 8.28 -53.39
N PHE A 338 -5.03 8.36 -53.03
CA PHE A 338 -6.07 7.72 -53.84
C PHE A 338 -6.96 8.70 -54.60
N ALA A 339 -6.52 9.93 -54.79
CA ALA A 339 -7.36 10.91 -55.52
C ALA A 339 -7.68 10.41 -56.94
N GLY A 340 -8.97 10.44 -57.28
CA GLY A 340 -9.51 10.01 -58.58
C GLY A 340 -9.93 8.55 -58.53
N TYR A 341 -9.60 7.87 -57.45
CA TYR A 341 -9.95 6.44 -57.29
C TYR A 341 -10.42 6.06 -55.90
N PRO A 342 -11.55 6.61 -55.48
CA PRO A 342 -12.12 6.34 -54.17
C PRO A 342 -12.51 4.89 -53.96
N GLY A 343 -12.37 4.43 -52.74
CA GLY A 343 -12.81 3.11 -52.39
C GLY A 343 -13.71 3.16 -51.16
N GLY A 344 -13.82 2.00 -50.53
CA GLY A 344 -14.77 1.79 -49.49
C GLY A 344 -14.44 2.57 -48.26
N HIS A 345 -13.15 2.65 -47.92
CA HIS A 345 -12.71 3.44 -46.76
C HIS A 345 -13.45 2.93 -45.51
N ILE A 346 -13.37 1.60 -45.27
CA ILE A 346 -13.90 1.02 -44.00
C ILE A 346 -12.75 0.35 -43.23
N CYS A 347 -12.76 0.55 -41.90
CA CYS A 347 -11.65 0.05 -41.10
C CYS A 347 -11.70 -1.47 -41.06
N ILE A 348 -12.88 -2.03 -40.77
CA ILE A 348 -13.04 -3.47 -40.65
C ILE A 348 -14.36 -3.85 -41.24
N SER A 349 -14.31 -4.69 -42.27
CA SER A 349 -15.53 -5.02 -42.98
C SER A 349 -15.72 -6.52 -43.16
N LEU A 350 -16.94 -6.97 -42.91
CA LEU A 350 -17.37 -8.32 -43.28
C LEU A 350 -18.24 -8.25 -44.52
N ALA A 351 -18.02 -9.16 -45.45
CA ALA A 351 -18.81 -9.26 -46.64
C ALA A 351 -19.09 -10.70 -46.94
N SER A 352 -19.98 -10.93 -47.89
CA SER A 352 -20.24 -12.29 -48.37
C SER A 352 -19.08 -12.67 -49.23
N GLY A 353 -18.92 -13.95 -49.43
CA GLY A 353 -18.06 -14.45 -50.49
C GLY A 353 -18.63 -14.10 -51.84
N ALA A 354 -17.83 -14.23 -52.89
CA ALA A 354 -18.24 -13.76 -54.22
C ALA A 354 -19.41 -14.56 -54.80
N ASN A 355 -19.72 -15.72 -54.23
CA ASN A 355 -20.85 -16.52 -54.64
C ASN A 355 -21.86 -16.63 -53.54
N GLY A 356 -21.88 -15.62 -52.66
CA GLY A 356 -22.93 -15.46 -51.68
C GLY A 356 -22.67 -16.20 -50.36
N GLU A 357 -21.47 -16.69 -50.15
CA GLU A 357 -21.16 -17.46 -48.94
C GLU A 357 -21.13 -16.55 -47.73
N ALA A 358 -21.69 -17.02 -46.62
CA ALA A 358 -21.77 -16.22 -45.41
C ALA A 358 -20.50 -16.25 -44.56
N CYS A 359 -20.18 -15.12 -43.95
CA CYS A 359 -19.22 -15.05 -42.85
C CYS A 359 -19.84 -15.73 -41.63
N VAL A 360 -19.22 -16.82 -41.17
CA VAL A 360 -19.74 -17.66 -40.07
C VAL A 360 -18.67 -17.75 -38.97
N GLY A 361 -19.03 -17.38 -37.73
CA GLY A 361 -18.29 -17.84 -36.57
C GLY A 361 -16.99 -17.08 -36.36
N ASN A 362 -16.97 -15.85 -36.88
CA ASN A 362 -15.86 -14.98 -36.74
C ASN A 362 -15.95 -14.13 -35.47
N THR A 363 -14.78 -13.73 -35.02
CA THR A 363 -14.63 -13.03 -33.75
C THR A 363 -13.96 -11.70 -33.93
N ILE A 364 -14.66 -10.62 -33.62
CA ILE A 364 -14.10 -9.27 -33.72
C ILE A 364 -14.12 -8.61 -32.36
N ASP A 365 -12.96 -8.35 -31.77
CA ASP A 365 -12.94 -7.77 -30.44
C ASP A 365 -11.70 -6.92 -30.22
N SER A 366 -11.84 -5.92 -29.36
CA SER A 366 -10.71 -5.18 -28.85
C SER A 366 -9.93 -4.43 -29.91
N ASN A 367 -10.62 -3.99 -30.95
CA ASN A 367 -10.00 -3.23 -32.02
C ASN A 367 -10.31 -1.74 -31.85
N THR A 368 -9.32 -0.92 -32.18
CA THR A 368 -9.49 0.51 -32.23
C THR A 368 -9.60 0.99 -33.68
N CYS A 369 -10.78 1.50 -34.05
CA CYS A 369 -11.05 2.06 -35.36
C CYS A 369 -11.18 3.58 -35.31
N ILE A 370 -10.50 4.22 -36.26
CA ILE A 370 -10.47 5.63 -36.40
C ILE A 370 -10.83 6.00 -37.82
N ASP A 371 -11.92 6.74 -37.97
CA ASP A 371 -12.36 7.21 -39.26
C ASP A 371 -12.91 8.65 -39.13
N PRO A 372 -12.19 9.65 -39.66
CA PRO A 372 -12.63 11.04 -39.63
C PRO A 372 -13.82 11.32 -40.51
N ARG A 373 -14.14 10.44 -41.46
CA ARG A 373 -15.34 10.67 -42.30
C ARG A 373 -16.56 10.25 -41.53
N GLY A 374 -16.31 9.47 -40.51
CA GLY A 374 -17.40 8.91 -39.67
C GLY A 374 -18.05 7.73 -40.34
N ASN A 375 -17.36 7.11 -41.30
CA ASN A 375 -17.77 5.75 -41.73
C ASN A 375 -17.74 4.78 -40.57
N ALA A 376 -18.71 3.88 -40.60
CA ALA A 376 -18.81 2.73 -39.69
C ALA A 376 -17.50 2.06 -39.49
N GLY A 377 -17.04 1.96 -38.24
CA GLY A 377 -15.81 1.21 -37.95
C GLY A 377 -15.80 -0.25 -38.43
N ILE A 378 -16.96 -0.89 -38.33
CA ILE A 378 -17.20 -2.28 -38.62
C ILE A 378 -18.50 -2.34 -39.39
N THR A 379 -18.50 -3.08 -40.49
CA THR A 379 -19.68 -3.33 -41.30
C THR A 379 -19.97 -4.82 -41.37
N VAL A 380 -21.23 -5.15 -41.09
CA VAL A 380 -21.72 -6.50 -41.10
C VAL A 380 -22.78 -6.70 -42.19
N PRO A 381 -22.65 -7.74 -43.02
CA PRO A 381 -23.61 -7.94 -44.11
C PRO A 381 -24.77 -8.86 -43.74
N THR A 382 -25.84 -8.79 -44.53
CA THR A 382 -26.97 -9.73 -44.47
C THR A 382 -26.42 -11.11 -44.69
N GLY A 383 -26.88 -12.08 -43.92
CA GLY A 383 -26.45 -13.47 -44.10
C GLY A 383 -25.43 -13.93 -43.08
N ALA A 384 -24.73 -12.99 -42.44
CA ALA A 384 -23.66 -13.38 -41.49
C ALA A 384 -24.24 -14.10 -40.27
N THR A 385 -23.64 -15.23 -39.89
CA THR A 385 -24.13 -15.96 -38.71
C THR A 385 -23.02 -16.31 -37.75
N GLY A 386 -23.29 -16.27 -36.44
CA GLY A 386 -22.38 -16.87 -35.50
C GLY A 386 -21.18 -16.01 -35.15
N ASN A 387 -21.19 -14.78 -35.60
CA ASN A 387 -20.12 -13.86 -35.34
C ASN A 387 -20.42 -13.17 -33.98
N VAL A 388 -19.34 -12.85 -33.27
CA VAL A 388 -19.40 -12.14 -32.02
C VAL A 388 -18.64 -10.84 -32.14
N PHE A 389 -19.35 -9.72 -31.99
CA PHE A 389 -18.66 -8.43 -32.01
C PHE A 389 -18.55 -7.91 -30.59
N GLY A 390 -17.35 -7.93 -30.04
CA GLY A 390 -17.17 -7.64 -28.64
C GLY A 390 -17.27 -6.18 -28.26
N SER A 391 -17.57 -5.95 -26.99
CA SER A 391 -17.76 -4.59 -26.46
C SER A 391 -16.46 -3.91 -26.15
N GLY A 392 -15.35 -4.63 -26.26
CA GLY A 392 -14.03 -4.04 -26.19
C GLY A 392 -13.61 -3.31 -27.44
N ASN A 393 -14.29 -3.50 -28.56
CA ASN A 393 -14.02 -2.66 -29.72
C ASN A 393 -14.31 -1.19 -29.45
N ASN A 394 -13.44 -0.33 -29.92
CA ASN A 394 -13.57 1.09 -29.71
C ASN A 394 -13.73 1.76 -31.05
N LEU A 395 -14.94 2.21 -31.31
CA LEU A 395 -15.31 2.93 -32.50
C LEU A 395 -15.68 4.39 -32.23
N SER A 396 -15.28 4.95 -31.08
CA SER A 396 -15.81 6.25 -30.68
C SER A 396 -15.28 7.32 -31.61
N GLN A 397 -14.20 7.02 -32.34
CA GLN A 397 -13.59 7.94 -33.28
C GLN A 397 -13.84 7.49 -34.70
N ALA A 398 -14.92 6.79 -34.89
CA ALA A 398 -15.34 6.45 -36.23
C ALA A 398 -16.81 6.41 -36.18
N GLY A 399 -17.45 5.92 -37.22
CA GLY A 399 -18.90 5.71 -37.09
C GLY A 399 -19.16 4.44 -36.32
N ALA A 400 -20.40 4.26 -35.86
CA ALA A 400 -20.81 3.11 -35.08
C ALA A 400 -21.00 1.91 -36.03
N ILE A 401 -21.02 0.74 -35.45
CA ILE A 401 -21.09 -0.50 -36.21
C ILE A 401 -22.37 -0.56 -37.06
N TYR A 402 -22.25 -1.02 -38.29
CA TYR A 402 -23.34 -0.95 -39.22
C TYR A 402 -23.81 -2.34 -39.52
N ILE A 403 -25.13 -2.58 -39.40
CA ILE A 403 -25.69 -3.85 -39.82
C ILE A 403 -26.61 -3.63 -41.03
N ALA A 404 -26.58 -4.54 -41.99
CA ALA A 404 -27.34 -4.41 -43.21
C ALA A 404 -28.82 -4.76 -43.01
N SER A 405 -29.11 -5.50 -41.97
CA SER A 405 -30.46 -5.98 -41.73
C SER A 405 -30.67 -6.23 -40.22
N PRO A 406 -31.83 -5.84 -39.71
CA PRO A 406 -32.05 -6.03 -38.28
C PRO A 406 -32.11 -7.50 -37.85
N ASP A 407 -32.37 -8.42 -38.79
CA ASP A 407 -32.29 -9.85 -38.53
C ASP A 407 -30.96 -10.25 -37.89
N LEU A 408 -29.88 -9.55 -38.24
CA LEU A 408 -28.55 -9.91 -37.77
C LEU A 408 -28.46 -9.95 -36.24
N ILE A 409 -29.29 -9.20 -35.52
CA ILE A 409 -29.03 -8.99 -34.10
C ILE A 409 -29.30 -10.22 -33.28
N THR A 410 -30.09 -11.13 -33.80
CA THR A 410 -30.34 -12.39 -33.11
C THR A 410 -29.66 -13.59 -33.77
N SER A 411 -28.98 -13.40 -34.89
CA SER A 411 -28.27 -14.51 -35.51
C SER A 411 -26.77 -14.40 -35.32
N ASN A 412 -26.35 -13.26 -34.75
CA ASN A 412 -25.01 -13.01 -34.31
C ASN A 412 -25.13 -12.36 -32.92
N ARG A 413 -24.02 -12.18 -32.20
CA ARG A 413 -24.02 -11.54 -30.83
C ARG A 413 -23.29 -10.20 -30.84
N PHE A 414 -24.05 -9.11 -30.72
CA PHE A 414 -23.47 -7.79 -30.69
C PHE A 414 -23.29 -7.28 -29.28
N GLU A 415 -22.10 -7.41 -28.70
CA GLU A 415 -21.89 -6.95 -27.36
C GLU A 415 -21.55 -5.50 -27.54
N LEU A 416 -20.97 -5.22 -28.70
CA LEU A 416 -20.97 -3.89 -29.25
C LEU A 416 -22.36 -3.54 -29.78
N ALA A 417 -23.02 -2.62 -29.09
CA ALA A 417 -24.45 -2.50 -29.17
C ALA A 417 -24.89 -1.91 -30.51
N VAL A 418 -26.04 -2.34 -30.96
CA VAL A 418 -26.59 -1.81 -32.20
C VAL A 418 -27.97 -1.36 -31.91
N THR A 419 -28.31 -0.22 -32.48
CA THR A 419 -29.53 0.47 -32.19
C THR A 419 -30.19 0.61 -33.51
N GLY A 420 -31.52 0.62 -33.54
CA GLY A 420 -32.26 0.73 -34.80
C GLY A 420 -33.70 1.09 -34.52
N SER A 421 -34.53 1.16 -35.55
CA SER A 421 -35.95 1.47 -35.32
C SER A 421 -36.84 0.65 -36.22
N PHE A 422 -38.12 0.66 -35.90
CA PHE A 422 -39.14 -0.03 -36.66
C PHE A 422 -40.52 0.67 -36.52
N THR A 423 -41.40 0.44 -37.50
CA THR A 423 -42.81 0.86 -37.39
C THR A 423 -43.69 -0.19 -36.70
N PRO A 424 -44.22 0.16 -35.52
CA PRO A 424 -45.10 -0.77 -34.86
C PRO A 424 -46.46 -0.81 -35.54
N VAL A 425 -47.14 -1.96 -35.44
CA VAL A 425 -48.54 -2.12 -35.81
C VAL A 425 -49.23 -2.70 -34.59
N LEU A 426 -50.55 -2.67 -34.57
CA LEU A 426 -51.33 -3.35 -33.53
C LEU A 426 -52.13 -4.45 -34.18
N LEU A 427 -52.31 -5.54 -33.45
CA LEU A 427 -52.93 -6.74 -33.99
C LEU A 427 -54.03 -7.18 -33.05
N PRO A 428 -55.22 -6.57 -33.17
CA PRO A 428 -56.33 -6.87 -32.31
C PRO A 428 -56.94 -8.19 -32.70
N GLU A 429 -57.55 -8.87 -31.73
CA GLU A 429 -58.11 -10.20 -31.98
C GLU A 429 -59.25 -10.22 -33.01
N SER A 430 -60.13 -9.22 -32.98
CA SER A 430 -61.09 -8.95 -34.06
C SER A 430 -60.95 -7.51 -34.52
N GLY A 431 -61.16 -7.29 -35.80
CA GLY A 431 -61.23 -5.94 -36.32
C GLY A 431 -59.87 -5.43 -36.73
N SER A 432 -59.61 -4.16 -36.45
CA SER A 432 -58.42 -3.50 -36.96
C SER A 432 -58.23 -2.16 -36.25
N ILE A 433 -56.99 -1.92 -35.81
CA ILE A 433 -56.60 -0.61 -35.32
C ILE A 433 -55.48 -0.10 -36.19
N THR A 434 -55.57 1.15 -36.63
CA THR A 434 -54.59 1.78 -37.50
C THR A 434 -53.86 2.83 -36.68
N LEU A 435 -52.55 2.93 -36.88
CA LEU A 435 -51.71 3.83 -36.08
C LEU A 435 -51.29 5.04 -36.88
N SER A 436 -51.12 6.16 -36.19
CA SER A 436 -50.54 7.36 -36.80
C SER A 436 -49.08 7.10 -37.22
N SER A 437 -48.55 7.92 -38.12
CA SER A 437 -47.18 7.71 -38.56
C SER A 437 -46.20 8.32 -37.55
N SER A 438 -46.74 9.13 -36.65
CA SER A 438 -46.03 9.58 -35.46
C SER A 438 -45.59 8.43 -34.56
N SER A 439 -46.26 7.28 -34.68
CA SER A 439 -45.89 6.10 -33.89
C SER A 439 -44.46 5.66 -34.21
N THR A 440 -43.72 5.29 -33.18
CA THR A 440 -42.30 4.94 -33.33
C THR A 440 -41.98 3.64 -32.58
N GLY A 441 -40.95 2.93 -33.06
CA GLY A 441 -40.41 1.76 -32.40
C GLY A 441 -38.89 1.80 -32.47
N VAL A 442 -38.26 1.74 -31.30
CA VAL A 442 -36.80 1.78 -31.15
C VAL A 442 -36.28 0.47 -30.53
N PHE A 443 -35.11 0.04 -30.97
CA PHE A 443 -34.49 -1.10 -30.33
C PHE A 443 -33.00 -0.86 -30.13
N ARG A 444 -32.46 -1.42 -29.05
CA ARG A 444 -31.01 -1.59 -28.96
C ARG A 444 -30.67 -3.01 -28.53
N ALA A 445 -29.78 -3.64 -29.27
CA ALA A 445 -29.28 -4.97 -28.96
C ALA A 445 -27.92 -4.89 -28.29
N THR A 446 -27.83 -5.51 -27.13
CA THR A 446 -26.60 -5.61 -26.40
C THR A 446 -26.46 -7.08 -25.97
N GLY A 447 -25.63 -7.83 -26.70
CA GLY A 447 -25.45 -9.23 -26.39
C GLY A 447 -26.69 -9.89 -26.86
N ASN A 448 -27.20 -10.74 -26.00
CA ASN A 448 -28.44 -11.42 -26.26
C ASN A 448 -29.55 -10.77 -25.47
N ARG A 449 -29.47 -9.47 -25.29
CA ARG A 449 -30.61 -8.67 -24.81
C ARG A 449 -31.00 -7.58 -25.83
N ILE A 450 -32.29 -7.45 -26.11
CA ILE A 450 -32.77 -6.32 -26.89
C ILE A 450 -33.69 -5.49 -26.00
N ASP A 451 -33.39 -4.20 -25.93
CA ASP A 451 -34.20 -3.18 -25.25
C ASP A 451 -35.09 -2.45 -26.26
N PHE A 452 -36.35 -2.15 -25.88
CA PHE A 452 -37.35 -1.61 -26.82
C PHE A 452 -38.04 -0.39 -26.20
N SER A 453 -38.29 0.63 -27.03
CA SER A 453 -39.25 1.67 -26.69
C SER A 453 -40.26 1.80 -27.82
N VAL A 454 -41.53 1.68 -27.47
CA VAL A 454 -42.60 1.76 -28.47
C VAL A 454 -43.63 2.82 -28.08
N THR A 455 -43.81 3.79 -28.97
CA THR A 455 -44.88 4.77 -28.86
C THR A 455 -46.00 4.42 -29.82
N VAL A 456 -47.14 4.07 -29.26
CA VAL A 456 -48.33 3.68 -30.02
C VAL A 456 -49.35 4.84 -30.03
N ASN A 457 -49.70 5.31 -31.23
CA ASN A 457 -50.54 6.52 -31.42
C ASN A 457 -51.65 6.22 -32.43
N VAL A 458 -52.84 5.88 -31.93
CA VAL A 458 -53.88 5.39 -32.82
C VAL A 458 -54.35 6.53 -33.70
N SER A 459 -54.70 6.20 -34.95
CA SER A 459 -55.26 7.18 -35.89
C SER A 459 -56.70 6.85 -36.34
N SER A 460 -57.03 5.58 -36.41
CA SER A 460 -58.41 5.18 -36.66
C SER A 460 -58.58 3.71 -36.35
N ILE A 461 -59.79 3.34 -35.97
CA ILE A 461 -60.11 1.96 -35.65
C ILE A 461 -61.26 1.46 -36.52
N SER A 462 -61.38 0.14 -36.59
CA SER A 462 -62.54 -0.48 -37.18
C SER A 462 -63.04 -1.60 -36.27
N SER A 463 -64.03 -1.25 -35.45
CA SER A 463 -64.61 -2.15 -34.44
C SER A 463 -63.66 -3.27 -34.00
N PRO A 464 -62.60 -2.89 -33.27
CA PRO A 464 -61.68 -3.84 -32.70
C PRO A 464 -62.25 -4.48 -31.45
N SER A 465 -61.91 -5.72 -31.18
CA SER A 465 -62.22 -6.31 -29.86
C SER A 465 -61.28 -7.45 -29.48
N GLY A 466 -61.40 -7.86 -28.23
CA GLY A 466 -60.65 -9.00 -27.74
C GLY A 466 -59.22 -8.64 -27.40
N ASN A 467 -58.35 -9.61 -27.55
CA ASN A 467 -56.95 -9.43 -27.20
C ASN A 467 -56.19 -8.52 -28.16
N LEU A 468 -55.06 -8.02 -27.69
CA LEU A 468 -54.23 -7.06 -28.42
C LEU A 468 -52.73 -7.46 -28.36
N ASN A 469 -52.07 -7.39 -29.51
CA ASN A 469 -50.63 -7.63 -29.56
C ASN A 469 -50.00 -6.50 -30.30
N ILE A 470 -48.89 -6.01 -29.77
CA ILE A 470 -47.97 -5.15 -30.53
C ILE A 470 -46.95 -5.99 -31.29
N ALA A 471 -46.61 -5.54 -32.50
CA ALA A 471 -45.74 -6.28 -33.43
C ALA A 471 -45.05 -5.24 -34.32
N TYR A 472 -43.98 -5.57 -35.08
CA TYR A 472 -43.19 -6.77 -34.94
C TYR A 472 -41.78 -6.41 -34.43
N LEU A 473 -41.35 -7.09 -33.38
CA LEU A 473 -40.10 -6.76 -32.70
C LEU A 473 -38.96 -7.22 -33.53
N PRO A 474 -38.08 -6.28 -33.96
CA PRO A 474 -36.99 -6.62 -34.88
C PRO A 474 -36.13 -7.74 -34.35
N GLY A 475 -35.84 -8.70 -35.21
CA GLY A 475 -34.93 -9.78 -34.86
C GLY A 475 -35.60 -10.97 -34.20
N MET A 476 -36.78 -10.80 -33.64
CA MET A 476 -37.35 -11.86 -32.80
C MET A 476 -38.19 -12.91 -33.52
N SER A 477 -38.36 -12.79 -34.82
CA SER A 477 -39.11 -13.80 -35.56
C SER A 477 -38.48 -15.18 -35.43
N GLY A 478 -39.28 -16.14 -34.96
CA GLY A 478 -38.82 -17.50 -34.78
C GLY A 478 -37.85 -17.69 -33.63
N LYS A 479 -37.74 -16.74 -32.70
CA LYS A 479 -36.80 -16.88 -31.60
C LYS A 479 -37.54 -17.16 -30.35
N THR A 480 -36.81 -17.57 -29.32
CA THR A 480 -37.40 -17.75 -28.00
C THR A 480 -36.67 -16.88 -27.02
N SER A 481 -37.17 -16.80 -25.79
CA SER A 481 -36.56 -15.94 -24.80
C SER A 481 -36.52 -16.62 -23.43
N SER A 482 -35.46 -16.36 -22.65
CA SER A 482 -35.38 -16.88 -21.28
CA SER A 482 -35.38 -16.88 -21.28
C SER A 482 -36.18 -15.98 -20.32
N THR A 483 -36.19 -14.68 -20.58
CA THR A 483 -36.76 -13.69 -19.69
C THR A 483 -37.15 -12.46 -20.50
N SER A 484 -38.21 -11.76 -20.09
CA SER A 484 -38.52 -10.45 -20.63
C SER A 484 -39.24 -9.61 -19.60
N MET A 485 -39.19 -8.29 -19.78
CA MET A 485 -39.82 -7.36 -18.86
C MET A 485 -40.31 -6.17 -19.69
N PHE A 486 -41.62 -5.96 -19.67
CA PHE A 486 -42.22 -4.78 -20.23
C PHE A 486 -43.16 -4.07 -19.25
N ILE A 487 -43.18 -2.74 -19.33
CA ILE A 487 -44.19 -1.92 -18.68
C ILE A 487 -44.76 -0.90 -19.66
N ILE A 488 -45.90 -0.32 -19.27
CA ILE A 488 -46.52 0.75 -19.98
C ILE A 488 -46.53 1.93 -19.03
N ASP A 489 -45.77 2.97 -19.33
CA ASP A 489 -45.56 4.00 -18.32
C ASP A 489 -46.39 5.26 -18.64
N TYR A 490 -47.05 5.27 -19.78
CA TYR A 490 -47.85 6.39 -20.20
C TYR A 490 -49.00 5.95 -21.08
N TRP A 491 -50.16 6.56 -20.88
CA TRP A 491 -51.29 6.39 -21.79
C TRP A 491 -52.28 7.55 -21.74
N ASN A 492 -52.97 7.74 -22.86
CA ASN A 492 -54.05 8.71 -23.00
C ASN A 492 -55.25 8.13 -23.75
N ASP A 493 -56.46 8.57 -23.37
CA ASP A 493 -57.68 8.31 -24.17
C ASP A 493 -57.98 6.81 -24.36
N LEU A 494 -57.83 6.04 -23.28
CA LEU A 494 -58.28 4.64 -23.27
C LEU A 494 -59.51 4.49 -22.41
N THR A 495 -60.27 3.44 -22.65
CA THR A 495 -61.50 3.20 -21.91
C THR A 495 -61.18 2.36 -20.69
N LEU A 496 -60.67 3.01 -19.67
CA LEU A 496 -60.26 2.31 -18.45
C LEU A 496 -61.00 2.85 -17.25
N SER A 497 -61.71 1.96 -16.55
CA SER A 497 -62.29 2.29 -15.25
C SER A 497 -61.21 2.74 -14.29
N SER A 498 -61.63 3.33 -13.18
CA SER A 498 -60.75 3.62 -12.05
C SER A 498 -60.07 2.35 -11.50
N GLY A 499 -58.75 2.40 -11.36
CA GLY A 499 -57.99 1.29 -10.78
C GLY A 499 -57.68 0.16 -11.76
N VAL A 500 -57.94 0.39 -13.04
CA VAL A 500 -57.52 -0.53 -14.07
C VAL A 500 -56.34 0.06 -14.84
N ILE A 501 -55.19 -0.63 -14.78
CA ILE A 501 -54.00 -0.21 -15.52
C ILE A 501 -53.60 -1.23 -16.57
N PRO A 502 -52.88 -0.76 -17.60
CA PRO A 502 -52.43 -1.63 -18.67
C PRO A 502 -51.23 -2.46 -18.24
N LEU A 503 -51.25 -3.74 -18.58
CA LEU A 503 -50.07 -4.61 -18.46
C LEU A 503 -49.57 -5.03 -19.80
N ALA A 504 -48.27 -5.42 -19.85
CA ALA A 504 -47.69 -5.95 -21.08
C ALA A 504 -46.68 -7.08 -20.81
N SER A 505 -46.68 -8.04 -21.72
CA SER A 505 -45.90 -9.25 -21.52
C SER A 505 -45.65 -9.84 -22.88
N LEU A 506 -44.49 -10.48 -23.03
CA LEU A 506 -44.13 -11.04 -24.31
C LEU A 506 -45.05 -12.18 -24.65
N ASN A 507 -45.45 -12.20 -25.92
CA ASN A 507 -46.30 -13.24 -26.45
C ASN A 507 -45.46 -14.49 -26.63
N LEU A 508 -45.78 -15.53 -25.86
CA LEU A 508 -44.94 -16.71 -25.79
C LEU A 508 -45.10 -17.66 -26.97
N GLU A 509 -46.26 -17.61 -27.62
CA GLU A 509 -46.44 -18.28 -28.93
C GLU A 509 -45.72 -17.55 -30.07
N ASN A 510 -45.87 -16.23 -30.14
CA ASN A 510 -45.24 -15.47 -31.21
C ASN A 510 -44.28 -14.46 -30.63
N GLN A 511 -43.03 -14.88 -30.44
CA GLN A 511 -42.17 -14.16 -29.52
C GLN A 511 -41.61 -12.85 -30.10
N ASP A 512 -42.04 -12.47 -31.31
CA ASP A 512 -41.89 -11.08 -31.78
C ASP A 512 -43.15 -10.22 -31.58
N GLN A 513 -44.00 -10.63 -30.65
CA GLN A 513 -45.19 -9.85 -30.31
C GLN A 513 -45.28 -9.62 -28.81
N ILE A 514 -45.88 -8.51 -28.41
CA ILE A 514 -46.10 -8.22 -26.98
C ILE A 514 -47.56 -8.07 -26.71
N THR A 515 -48.05 -8.92 -25.82
CA THR A 515 -49.43 -8.94 -25.49
C THR A 515 -49.75 -7.79 -24.52
N VAL A 516 -50.73 -6.98 -24.89
CA VAL A 516 -51.21 -5.90 -24.02
C VAL A 516 -52.61 -6.20 -23.58
N TYR A 517 -52.81 -6.00 -22.29
CA TYR A 517 -53.98 -6.43 -21.58
C TYR A 517 -54.05 -5.60 -20.28
N ARG A 518 -55.01 -5.85 -19.41
CA ARG A 518 -55.16 -4.97 -18.24
C ARG A 518 -55.61 -5.67 -16.98
N THR A 519 -55.56 -4.93 -15.88
CA THR A 519 -55.93 -5.45 -14.57
C THR A 519 -57.41 -5.50 -14.38
N ASP A 520 -57.83 -6.39 -13.52
CA ASP A 520 -59.21 -6.40 -13.06
C ASP A 520 -59.31 -7.04 -11.67
N GLY A 521 -59.01 -6.28 -10.62
CA GLY A 521 -58.87 -6.84 -9.27
C GLY A 521 -57.79 -7.91 -9.22
N GLY A 522 -58.15 -9.10 -8.72
CA GLY A 522 -57.20 -10.22 -8.53
C GLY A 522 -57.13 -11.17 -9.72
N ARG A 523 -57.36 -10.63 -10.90
CA ARG A 523 -57.06 -11.29 -12.15
C ARG A 523 -56.81 -10.21 -13.18
N VAL A 524 -56.44 -10.62 -14.39
CA VAL A 524 -56.21 -9.70 -15.49
C VAL A 524 -57.19 -10.11 -16.57
N LEU A 525 -57.41 -9.24 -17.55
CA LEU A 525 -58.31 -9.60 -18.65
C LEU A 525 -57.70 -9.26 -19.96
N TYR A 526 -57.85 -10.16 -20.94
CA TYR A 526 -57.29 -9.94 -22.27
C TYR A 526 -58.34 -9.35 -23.23
N ASP A 527 -58.77 -8.13 -22.93
CA ASP A 527 -59.86 -7.49 -23.68
C ASP A 527 -59.51 -6.07 -24.15
N PHE A 528 -58.23 -5.84 -24.38
CA PHE A 528 -57.71 -4.47 -24.46
C PHE A 528 -58.11 -3.79 -25.77
N SER A 529 -58.26 -4.57 -26.83
CA SER A 529 -58.57 -4.02 -28.17
C SER A 529 -59.86 -3.20 -28.10
N SER A 530 -60.83 -3.69 -27.32
CA SER A 530 -62.12 -3.03 -27.19
C SER A 530 -62.07 -1.93 -26.12
N LEU A 531 -60.86 -1.49 -25.75
CA LEU A 531 -60.73 -0.39 -24.81
C LEU A 531 -60.05 0.79 -25.49
N MET A 532 -59.90 0.69 -26.80
CA MET A 532 -59.10 1.65 -27.56
C MET A 532 -60.05 2.56 -28.33
N LYS A 533 -59.58 3.76 -28.60
CA LYS A 533 -60.30 4.70 -29.45
C LYS A 533 -59.41 5.17 -30.56
N SER A 534 -59.99 5.96 -31.45
CA SER A 534 -59.29 6.47 -32.60
C SER A 534 -58.29 7.55 -32.20
N THR A 535 -58.33 7.98 -30.95
CA THR A 535 -57.33 8.89 -30.44
C THR A 535 -56.56 8.29 -29.26
N SER A 536 -56.47 6.98 -29.18
CA SER A 536 -55.77 6.36 -28.05
C SER A 536 -54.24 6.49 -28.24
N SER A 537 -53.54 6.62 -27.11
CA SER A 537 -52.08 6.63 -27.09
C SER A 537 -51.58 5.77 -25.91
N PHE A 538 -50.53 4.98 -26.13
CA PHE A 538 -49.68 4.53 -25.01
C PHE A 538 -48.22 4.32 -25.41
N ILE A 539 -47.35 4.23 -24.41
CA ILE A 539 -45.94 4.00 -24.62
C ILE A 539 -45.49 2.78 -23.82
N LEU A 540 -44.85 1.83 -24.54
CA LEU A 540 -44.38 0.56 -23.96
C LEU A 540 -42.85 0.53 -23.91
N LYS A 541 -42.28 0.07 -22.79
CA LYS A 541 -40.82 -0.09 -22.61
C LYS A 541 -40.51 -1.49 -22.07
N GLY A 542 -39.34 -2.03 -22.42
CA GLY A 542 -38.81 -3.20 -21.73
C GLY A 542 -37.66 -3.87 -22.48
N PHE A 543 -37.35 -5.11 -22.10
CA PHE A 543 -36.32 -5.83 -22.74
C PHE A 543 -36.68 -7.29 -22.84
N VAL A 544 -36.08 -7.92 -23.82
CA VAL A 544 -36.16 -9.34 -23.96
C VAL A 544 -34.72 -9.87 -23.88
N ASP A 545 -34.55 -10.92 -23.10
CA ASP A 545 -33.35 -11.78 -23.22
C ASP A 545 -33.72 -12.88 -24.20
N PHE A 546 -32.97 -13.04 -25.28
CA PHE A 546 -33.31 -14.07 -26.28
C PHE A 546 -32.29 -15.25 -26.29
N ASN A 547 -32.79 -16.41 -26.68
CA ASN A 547 -31.98 -17.62 -26.72
C ASN A 547 -31.32 -17.71 -28.08
N MET B 1 -10.99 -47.31 68.40
CA MET B 1 -12.05 -46.86 67.45
C MET B 1 -11.85 -45.38 67.10
N LEU B 2 -11.91 -44.52 68.12
CA LEU B 2 -11.83 -43.07 67.93
C LEU B 2 -10.50 -42.68 67.30
N ARG B 3 -9.40 -43.15 67.89
CA ARG B 3 -8.07 -43.02 67.26
C ARG B 3 -8.09 -43.39 65.77
N GLY B 4 -8.61 -44.58 65.47
CA GLY B 4 -8.87 -44.99 64.08
C GLY B 4 -9.51 -43.90 63.22
N GLU B 5 -10.68 -43.43 63.66
CA GLU B 5 -11.45 -42.40 62.95
C GLU B 5 -10.72 -41.06 62.85
N LEU B 6 -9.95 -40.73 63.89
CA LEU B 6 -9.16 -39.49 63.91
C LEU B 6 -7.99 -39.58 62.96
N ASN B 7 -7.30 -40.71 62.98
CA ASN B 7 -6.28 -41.00 61.99
C ASN B 7 -6.88 -40.87 60.60
N ASN B 8 -8.02 -41.50 60.39
CA ASN B 8 -8.60 -41.56 59.07
C ASN B 8 -9.03 -40.22 58.55
N GLU B 9 -9.29 -39.26 59.45
CA GLU B 9 -9.80 -37.94 59.08
C GLU B 9 -8.72 -36.82 59.08
N GLY B 10 -7.48 -37.20 59.38
CA GLY B 10 -6.33 -36.31 59.25
C GLY B 10 -6.14 -35.44 60.48
N VAL B 11 -6.83 -35.77 61.55
CA VAL B 11 -6.82 -34.94 62.76
C VAL B 11 -5.55 -35.23 63.57
N ILE B 12 -5.12 -36.49 63.50
CA ILE B 12 -3.81 -36.92 63.96
C ILE B 12 -3.05 -37.49 62.77
N ASN B 13 -1.72 -37.52 62.90
CA ASN B 13 -0.83 -37.90 61.78
C ASN B 13 -1.26 -37.17 60.50
N PHE B 14 -1.29 -35.85 60.56
CA PHE B 14 -1.78 -35.07 59.41
C PHE B 14 -0.74 -35.10 58.30
N SER B 15 -1.10 -35.65 57.15
CA SER B 15 -0.23 -35.60 55.99
C SER B 15 -0.92 -35.22 54.70
N HIS B 16 -0.20 -34.50 53.86
CA HIS B 16 -0.69 -34.10 52.55
C HIS B 16 -0.67 -35.31 51.58
N ALA B 17 0.11 -36.32 51.91
CA ALA B 17 0.13 -37.58 51.15
C ALA B 17 -1.15 -38.42 51.29
N ASP B 18 -1.88 -38.25 52.39
CA ASP B 18 -3.01 -39.13 52.72
C ASP B 18 -4.24 -38.73 51.95
N THR B 19 -5.14 -39.69 51.73
CA THR B 19 -6.48 -39.38 51.18
C THR B 19 -7.51 -39.25 52.31
N TYR B 20 -8.16 -38.08 52.38
CA TYR B 20 -9.22 -37.85 53.37
C TYR B 20 -10.52 -37.53 52.65
N GLY B 21 -11.65 -37.78 53.29
CA GLY B 21 -12.95 -37.47 52.69
C GLY B 21 -13.20 -35.99 52.72
N ASN B 22 -14.13 -35.51 51.90
CA ASN B 22 -14.27 -34.07 51.69
C ASN B 22 -14.82 -33.40 52.94
N ASP B 23 -15.55 -34.17 53.77
CA ASP B 23 -16.13 -33.60 55.00
C ASP B 23 -15.20 -33.67 56.22
N SER B 24 -13.94 -34.05 56.00
CA SER B 24 -12.99 -34.17 57.10
C SER B 24 -12.27 -32.86 57.39
N VAL B 25 -11.74 -32.74 58.60
CA VAL B 25 -10.89 -31.64 58.95
C VAL B 25 -9.61 -31.73 58.11
N GLY B 26 -9.08 -32.93 57.99
CA GLY B 26 -7.97 -33.19 57.08
C GLY B 26 -8.12 -32.56 55.69
N ALA B 27 -9.26 -32.82 55.05
CA ALA B 27 -9.58 -32.32 53.69
C ALA B 27 -9.58 -30.79 53.58
N HIS B 28 -10.27 -30.15 54.50
CA HIS B 28 -10.21 -28.71 54.67
C HIS B 28 -8.79 -28.18 54.69
N LEU B 29 -7.94 -28.83 55.45
CA LEU B 29 -6.60 -28.37 55.70
C LEU B 29 -5.71 -28.63 54.51
N GLN B 30 -6.02 -29.68 53.76
CA GLN B 30 -5.18 -30.06 52.62
C GLN B 30 -5.27 -29.03 51.48
N ASN B 31 -6.18 -28.06 51.60
CA ASN B 31 -6.28 -26.99 50.59
C ASN B 31 -5.12 -26.02 50.60
N VAL B 32 -4.38 -26.00 51.71
CA VAL B 32 -3.24 -25.13 51.86
C VAL B 32 -2.05 -25.91 52.36
N VAL B 33 -0.94 -25.78 51.67
CA VAL B 33 0.22 -26.57 51.97
C VAL B 33 1.34 -25.67 52.49
N TYR B 34 1.84 -25.99 53.68
CA TYR B 34 3.11 -25.44 54.12
C TYR B 34 4.16 -26.52 54.04
N PRO B 35 5.37 -26.18 53.57
CA PRO B 35 6.37 -27.24 53.50
C PRO B 35 6.79 -27.77 54.88
N THR B 36 6.51 -27.02 55.96
CA THR B 36 6.69 -27.55 57.31
C THR B 36 5.74 -28.73 57.66
N ASP B 37 4.58 -28.82 57.00
CA ASP B 37 3.73 -30.01 57.06
C ASP B 37 4.38 -31.28 56.52
N ALA B 38 3.79 -32.42 56.90
CA ALA B 38 4.16 -33.73 56.35
C ALA B 38 3.41 -33.96 55.04
N PRO B 39 4.06 -34.63 54.08
CA PRO B 39 5.26 -35.42 54.34
C PRO B 39 6.57 -34.67 54.16
N PHE B 40 6.53 -33.33 54.03
CA PHE B 40 7.69 -32.56 53.58
C PHE B 40 8.61 -32.13 54.73
N ASN B 41 7.99 -31.70 55.84
CA ASN B 41 8.66 -31.48 57.14
C ASN B 41 9.93 -30.64 57.09
N ALA B 42 9.89 -29.54 56.35
CA ALA B 42 11.06 -28.69 56.20
C ALA B 42 11.43 -28.03 57.55
N ALA B 43 12.71 -27.69 57.71
CA ALA B 43 13.21 -26.99 58.91
C ALA B 43 12.72 -25.56 59.08
N THR B 44 12.85 -25.06 60.31
CA THR B 44 12.43 -23.70 60.64
C THR B 44 13.62 -22.77 60.86
N ASP B 45 14.77 -23.35 61.18
CA ASP B 45 15.93 -22.60 61.70
C ASP B 45 16.50 -21.56 60.73
N GLY B 46 16.21 -21.71 59.45
CA GLY B 46 16.75 -20.82 58.42
C GLY B 46 18.15 -21.21 57.99
N THR B 47 18.56 -22.41 58.38
CA THR B 47 19.97 -22.82 58.30
C THR B 47 20.12 -24.10 57.49
N THR B 48 19.35 -25.12 57.86
CA THR B 48 19.40 -26.38 57.15
C THR B 48 18.89 -26.24 55.73
N ASP B 49 19.57 -26.92 54.83
CA ASP B 49 19.03 -27.12 53.49
C ASP B 49 17.57 -27.52 53.64
N THR B 50 16.70 -26.93 52.83
CA THR B 50 15.33 -27.42 52.69
C THR B 50 14.90 -27.68 51.25
N THR B 51 15.85 -27.74 50.33
CA THR B 51 15.51 -27.81 48.89
C THR B 51 14.57 -28.95 48.61
N VAL B 52 14.92 -30.11 49.18
CA VAL B 52 14.15 -31.34 49.10
C VAL B 52 12.69 -31.17 49.46
N ALA B 53 12.43 -30.79 50.71
CA ALA B 53 11.05 -30.61 51.17
C ALA B 53 10.27 -29.66 50.25
N ILE B 54 10.91 -28.58 49.83
CA ILE B 54 10.21 -27.55 49.05
C ILE B 54 9.91 -28.04 47.65
N LYS B 55 10.88 -28.70 47.02
CA LYS B 55 10.66 -29.27 45.70
C LYS B 55 9.52 -30.27 45.69
N SER B 56 9.43 -31.11 46.71
CA SER B 56 8.37 -32.10 46.79
CA SER B 56 8.36 -32.10 46.77
C SER B 56 7.03 -31.41 46.99
N ALA B 57 7.02 -30.41 47.86
CA ALA B 57 5.82 -29.63 48.14
C ALA B 57 5.26 -28.95 46.88
N ILE B 58 6.16 -28.56 45.98
CA ILE B 58 5.82 -27.94 44.68
C ILE B 58 5.18 -28.98 43.74
N ALA B 59 5.86 -30.11 43.57
CA ALA B 59 5.30 -31.25 42.82
C ALA B 59 3.94 -31.67 43.30
N HIS B 60 3.80 -31.81 44.62
CA HIS B 60 2.48 -32.17 45.21
C HIS B 60 1.40 -31.17 44.82
N CYS B 61 1.73 -29.89 44.99
CA CYS B 61 0.74 -28.83 44.75
C CYS B 61 0.32 -28.79 43.31
N ILE B 62 1.24 -28.99 42.39
CA ILE B 62 0.89 -29.14 40.99
C ILE B 62 0.05 -30.39 40.73
N SER B 63 0.40 -31.52 41.35
CA SER B 63 -0.32 -32.75 41.07
C SER B 63 -1.74 -32.66 41.53
N LYS B 64 -1.96 -32.03 42.68
CA LYS B 64 -3.25 -32.09 43.35
C LYS B 64 -3.98 -30.78 43.32
N GLY B 65 -3.36 -29.74 42.76
CA GLY B 65 -4.08 -28.51 42.53
C GLY B 65 -4.34 -27.73 43.79
N LYS B 66 -3.28 -27.53 44.57
CA LYS B 66 -3.41 -26.93 45.89
C LYS B 66 -2.53 -25.72 46.02
N LYS B 67 -2.77 -24.94 47.07
CA LYS B 67 -1.97 -23.73 47.31
C LYS B 67 -0.66 -24.00 48.06
N LEU B 68 0.42 -23.38 47.60
CA LEU B 68 1.70 -23.49 48.29
C LEU B 68 2.07 -22.21 49.03
N VAL B 69 2.22 -22.32 50.35
CA VAL B 69 2.53 -21.14 51.16
C VAL B 69 3.80 -21.26 51.96
N LEU B 70 4.78 -20.41 51.66
CA LEU B 70 6.06 -20.51 52.33
C LEU B 70 5.95 -19.72 53.61
N ASN B 71 6.14 -20.41 54.74
CA ASN B 71 5.81 -19.83 56.02
C ASN B 71 7.07 -19.50 56.83
N HIS B 72 8.23 -19.70 56.23
CA HIS B 72 9.51 -19.23 56.82
C HIS B 72 10.47 -18.80 55.72
N LEU B 73 11.64 -18.30 56.12
CA LEU B 73 12.75 -18.13 55.17
C LEU B 73 13.54 -19.43 55.04
N PHE B 74 13.46 -20.05 53.87
CA PHE B 74 13.95 -21.40 53.67
C PHE B 74 15.20 -21.40 52.83
N MET B 75 16.18 -22.18 53.25
CA MET B 75 17.47 -22.25 52.57
C MET B 75 17.45 -23.30 51.44
N ILE B 76 18.05 -23.00 50.29
CA ILE B 76 18.01 -23.89 49.12
C ILE B 76 19.32 -23.89 48.32
N THR B 77 19.51 -24.92 47.50
CA THR B 77 20.80 -25.19 46.85
C THR B 77 20.65 -25.63 45.39
N ASP B 78 19.42 -25.89 44.95
CA ASP B 78 19.14 -26.01 43.51
C ASP B 78 17.90 -25.23 43.18
N THR B 79 17.73 -25.01 41.87
CA THR B 79 16.64 -24.22 41.31
C THR B 79 15.29 -24.80 41.65
N LEU B 80 14.43 -24.00 42.25
CA LEU B 80 13.02 -24.31 42.36
C LEU B 80 12.36 -23.95 41.07
N VAL B 81 11.54 -24.85 40.57
CA VAL B 81 10.93 -24.69 39.26
C VAL B 81 9.43 -24.55 39.43
N ILE B 82 8.92 -23.32 39.23
CA ILE B 82 7.49 -23.07 39.33
C ILE B 82 6.81 -23.19 37.95
N SER B 83 5.90 -24.16 37.82
CA SER B 83 5.34 -24.56 36.53
C SER B 83 3.84 -24.80 36.61
N ASP B 84 3.21 -25.09 35.48
CA ASP B 84 1.83 -25.60 35.46
C ASP B 84 0.78 -24.77 36.23
N GLY B 85 0.98 -23.45 36.31
CA GLY B 85 -0.05 -22.57 36.85
C GLY B 85 0.02 -22.41 38.34
N LEU B 86 1.06 -22.98 38.94
CA LEU B 86 1.31 -22.88 40.35
C LEU B 86 1.64 -21.47 40.77
N HIS B 87 1.09 -21.04 41.90
CA HIS B 87 1.50 -19.81 42.58
C HIS B 87 2.23 -20.11 43.89
N VAL B 88 3.39 -19.51 44.09
CA VAL B 88 4.06 -19.58 45.36
C VAL B 88 3.66 -18.38 46.13
N GLU B 89 2.97 -18.62 47.23
CA GLU B 89 2.57 -17.56 48.11
C GLU B 89 3.47 -17.55 49.37
N CYS B 90 3.93 -16.36 49.75
CA CYS B 90 4.74 -16.21 50.93
C CYS B 90 3.86 -15.74 52.09
N LEU B 91 3.99 -16.34 53.26
CA LEU B 91 3.06 -16.05 54.37
C LEU B 91 3.25 -14.61 54.90
N THR B 92 4.50 -14.16 55.01
CA THR B 92 4.82 -12.80 55.45
C THR B 92 5.90 -12.22 54.56
N SER B 93 6.28 -10.96 54.85
CA SER B 93 7.32 -10.27 54.13
C SER B 93 8.68 -10.87 54.45
N ASP B 94 8.74 -11.66 55.52
CA ASP B 94 9.98 -12.29 55.92
C ASP B 94 10.12 -13.73 55.46
N SER B 95 9.00 -14.33 55.02
CA SER B 95 9.08 -15.65 54.38
C SER B 95 9.74 -15.60 53.03
N GLY B 96 10.00 -16.78 52.47
CA GLY B 96 10.57 -16.91 51.14
C GLY B 96 11.71 -17.90 51.12
N VAL B 97 12.70 -17.63 50.27
CA VAL B 97 13.89 -18.45 50.23
C VAL B 97 15.14 -17.61 50.40
N LYS B 98 16.18 -18.26 50.90
CA LYS B 98 17.54 -17.77 50.73
C LYS B 98 18.34 -18.76 49.89
N SER B 99 19.08 -18.23 48.92
CA SER B 99 19.72 -19.08 47.92
C SER B 99 21.21 -19.25 48.21
N ASP B 100 21.60 -20.53 48.25
CA ASP B 100 22.98 -20.97 48.00
C ASP B 100 23.14 -21.75 46.70
N VAL B 101 22.21 -21.58 45.77
CA VAL B 101 22.30 -22.27 44.49
C VAL B 101 23.60 -21.90 43.83
N PRO B 102 24.30 -22.88 43.23
CA PRO B 102 25.59 -22.55 42.69
C PRO B 102 25.51 -21.76 41.39
N ALA B 103 26.65 -21.20 40.98
CA ALA B 103 26.89 -20.68 39.63
C ALA B 103 26.23 -21.49 38.49
N GLY B 104 25.50 -20.78 37.62
CA GLY B 104 25.05 -21.31 36.33
C GLY B 104 23.58 -21.73 36.38
N LYS B 105 22.98 -21.67 37.56
CA LYS B 105 21.55 -21.88 37.70
C LYS B 105 20.93 -20.70 38.41
N PHE B 106 19.58 -20.72 38.46
CA PHE B 106 18.82 -19.71 39.20
C PHE B 106 18.28 -20.24 40.52
N ALA B 107 18.05 -19.33 41.47
CA ALA B 107 17.21 -19.61 42.63
C ALA B 107 15.84 -20.11 42.23
N VAL B 108 15.12 -19.30 41.47
CA VAL B 108 13.77 -19.67 41.08
C VAL B 108 13.61 -19.48 39.60
N LYS B 109 13.09 -20.51 38.94
CA LYS B 109 12.73 -20.43 37.55
C LYS B 109 11.21 -20.58 37.41
N ILE B 110 10.58 -19.65 36.71
CA ILE B 110 9.13 -19.64 36.56
C ILE B 110 8.75 -19.87 35.10
N THR B 111 7.80 -20.77 34.87
CA THR B 111 7.47 -21.21 33.52
C THR B 111 6.05 -21.78 33.43
N GLY B 112 5.64 -22.11 32.21
CA GLY B 112 4.26 -22.41 31.93
C GLY B 112 3.31 -21.21 31.92
N ALA B 113 2.04 -21.51 32.01
CA ALA B 113 0.99 -20.53 31.87
C ALA B 113 0.51 -20.16 33.27
N ASN B 114 0.56 -18.87 33.60
CA ASN B 114 -0.03 -18.30 34.85
C ASN B 114 0.65 -18.80 36.12
N SER B 115 1.93 -19.16 36.02
CA SER B 115 2.74 -19.48 37.21
C SER B 115 3.30 -18.17 37.76
N GLY B 116 3.67 -18.16 39.04
CA GLY B 116 4.20 -16.95 39.66
C GLY B 116 4.39 -17.01 41.17
N TRP B 117 4.69 -15.84 41.75
CA TRP B 117 5.30 -15.74 43.07
C TRP B 117 4.86 -14.43 43.73
N PHE B 118 4.13 -14.57 44.83
CA PHE B 118 3.70 -13.43 45.65
C PHE B 118 4.55 -13.32 46.89
N GLY B 119 5.16 -12.16 47.08
CA GLY B 119 5.55 -11.73 48.41
C GLY B 119 6.94 -12.14 48.81
N GLY B 120 7.31 -11.71 50.01
CA GLY B 120 8.46 -12.24 50.70
C GLY B 120 9.77 -11.85 50.06
N LYS B 121 10.72 -12.78 50.11
CA LYS B 121 12.11 -12.51 49.76
C LYS B 121 12.66 -13.60 48.89
N ILE B 122 13.57 -13.22 48.02
CA ILE B 122 14.44 -14.17 47.38
C ILE B 122 15.82 -13.58 47.47
N LEU B 123 16.63 -14.18 48.32
CA LEU B 123 17.90 -13.59 48.74
C LEU B 123 19.07 -14.38 48.22
N GLY B 124 19.99 -13.70 47.56
CA GLY B 124 21.28 -14.30 47.18
C GLY B 124 22.34 -14.10 48.25
N LYS B 125 23.57 -14.46 47.93
CA LYS B 125 24.61 -14.47 48.96
C LYS B 125 24.97 -13.03 49.34
N ASN B 126 24.81 -12.14 48.38
CA ASN B 126 25.05 -10.72 48.61
C ASN B 126 26.50 -10.52 49.01
N LEU B 127 27.40 -10.98 48.16
CA LEU B 127 28.83 -10.75 48.32
C LEU B 127 29.42 -10.14 47.04
N PRO B 128 29.11 -8.86 46.78
CA PRO B 128 29.57 -8.17 45.57
C PRO B 128 31.10 -8.09 45.46
N GLU B 129 31.78 -8.10 46.61
CA GLU B 129 33.25 -8.07 46.65
C GLU B 129 33.90 -9.43 46.41
N SER B 130 33.15 -10.51 46.58
CA SER B 130 33.71 -11.84 46.32
C SER B 130 34.14 -11.96 44.86
N THR B 131 35.37 -12.41 44.67
CA THR B 131 35.91 -12.68 43.33
C THR B 131 35.54 -14.10 42.86
N THR B 132 34.79 -14.84 43.69
CA THR B 132 34.46 -16.23 43.36
C THR B 132 32.96 -16.49 43.21
N VAL B 133 32.17 -16.00 44.18
CA VAL B 133 30.70 -16.23 44.19
C VAL B 133 29.99 -15.60 42.98
N ARG B 134 28.99 -16.33 42.47
CA ARG B 134 28.28 -15.95 41.26
C ARG B 134 26.89 -16.56 41.29
N GLN B 135 25.86 -15.72 41.23
CA GLN B 135 24.49 -16.20 41.38
C GLN B 135 23.48 -15.43 40.49
N ASP B 136 22.34 -16.07 40.26
CA ASP B 136 21.28 -15.56 39.39
C ASP B 136 19.95 -15.88 40.08
N GLY B 137 19.02 -14.94 40.00
CA GLY B 137 17.97 -14.83 41.01
C GLY B 137 16.73 -15.52 40.54
N VAL B 138 15.88 -14.78 39.81
CA VAL B 138 14.67 -15.33 39.23
C VAL B 138 14.71 -15.28 37.71
N LEU B 139 14.15 -16.31 37.10
CA LEU B 139 14.13 -16.44 35.66
C LEU B 139 12.71 -16.73 35.23
N PHE B 140 12.15 -15.91 34.36
CA PHE B 140 10.99 -16.35 33.58
C PHE B 140 11.51 -16.83 32.22
N ASP B 141 11.31 -18.10 31.91
CA ASP B 141 12.00 -18.67 30.76
C ASP B 141 11.14 -18.55 29.51
N GLU B 142 11.60 -19.14 28.42
CA GLU B 142 10.96 -19.04 27.11
C GLU B 142 9.53 -19.48 27.10
N ASN B 143 9.13 -20.29 28.06
CA ASN B 143 7.77 -20.87 28.05
C ASN B 143 6.88 -20.25 29.11
N ALA B 144 7.31 -19.14 29.67
CA ALA B 144 6.52 -18.42 30.64
C ALA B 144 5.46 -17.62 29.91
N GLU B 145 4.19 -17.88 30.24
CA GLU B 145 3.09 -17.17 29.63
C GLU B 145 2.25 -16.56 30.71
N TYR B 146 2.16 -15.23 30.68
CA TYR B 146 1.43 -14.48 31.67
C TYR B 146 1.83 -14.90 33.07
N CYS B 147 3.13 -15.08 33.29
CA CYS B 147 3.64 -15.38 34.63
C CYS B 147 3.93 -14.11 35.37
N PHE B 148 4.25 -14.20 36.64
CA PHE B 148 4.40 -12.98 37.43
C PHE B 148 5.24 -13.16 38.63
N ILE B 149 5.75 -12.03 39.13
CA ILE B 149 6.24 -11.90 40.49
C ILE B 149 5.86 -10.54 41.05
N THR B 150 5.29 -10.55 42.26
CA THR B 150 4.58 -9.43 42.84
C THR B 150 4.81 -9.35 44.34
N GLY B 151 5.50 -8.31 44.75
CA GLY B 151 5.54 -7.91 46.14
C GLY B 151 6.74 -8.52 46.83
N THR B 152 7.83 -8.66 46.10
CA THR B 152 8.88 -9.54 46.47
C THR B 152 10.18 -8.79 46.45
N GLU B 153 10.91 -8.93 47.54
CA GLU B 153 12.24 -8.39 47.63
C GLU B 153 13.21 -9.42 47.04
N VAL B 154 13.75 -9.10 45.87
CA VAL B 154 14.77 -9.90 45.19
C VAL B 154 16.12 -9.19 45.20
N THR B 155 17.00 -9.61 46.10
CA THR B 155 18.25 -8.91 46.35
C THR B 155 19.41 -9.85 46.52
N GLY B 156 20.59 -9.35 46.17
CA GLY B 156 21.85 -9.95 46.58
C GLY B 156 22.44 -10.93 45.59
N PHE B 157 22.12 -10.80 44.31
CA PHE B 157 22.65 -11.74 43.28
C PHE B 157 23.74 -11.08 42.48
N PHE B 158 24.98 -11.49 42.73
CA PHE B 158 26.09 -10.82 42.09
C PHE B 158 27.03 -11.80 41.42
N ALA B 159 27.94 -11.25 40.62
CA ALA B 159 28.88 -12.06 39.88
C ALA B 159 30.00 -11.18 39.33
N LYS B 160 31.06 -11.01 40.11
CA LYS B 160 32.13 -10.08 39.76
C LYS B 160 32.81 -10.49 38.47
N GLY B 161 32.96 -9.53 37.55
CA GLY B 161 33.49 -9.79 36.23
C GLY B 161 32.49 -10.46 35.32
N LEU B 162 32.71 -10.31 34.02
CA LEU B 162 31.71 -10.67 33.05
C LEU B 162 31.71 -12.17 32.82
N HIS B 163 30.52 -12.74 32.73
CA HIS B 163 30.33 -14.04 32.11
C HIS B 163 30.77 -14.09 30.63
N THR B 164 31.18 -15.29 30.17
CA THR B 164 31.26 -15.63 28.74
C THR B 164 29.96 -16.20 28.19
N SER B 165 29.30 -17.03 29.00
CA SER B 165 28.01 -17.63 28.63
C SER B 165 27.04 -17.54 29.80
N ASP B 166 25.78 -17.85 29.55
CA ASP B 166 24.82 -17.94 30.63
C ASP B 166 25.25 -18.99 31.64
N ALA B 167 25.88 -20.05 31.15
CA ALA B 167 26.48 -21.09 32.04
C ALA B 167 27.31 -20.50 33.17
N ASP B 168 28.08 -19.44 32.89
CA ASP B 168 29.09 -18.98 33.85
C ASP B 168 28.47 -18.34 35.07
N GLY B 169 27.17 -18.00 34.99
CA GLY B 169 26.47 -17.27 36.07
C GLY B 169 26.69 -15.76 36.00
N VAL B 170 25.59 -15.01 35.94
CA VAL B 170 25.57 -13.68 35.36
C VAL B 170 25.35 -12.55 36.38
N GLY B 171 24.56 -12.79 37.42
CA GLY B 171 24.22 -11.71 38.36
C GLY B 171 22.94 -10.93 38.01
N TYR B 172 22.08 -11.55 37.21
CA TYR B 172 20.65 -11.19 37.18
C TYR B 172 19.97 -11.24 38.54
N GLY B 173 19.30 -10.13 38.87
CA GLY B 173 18.17 -10.12 39.83
C GLY B 173 16.96 -10.93 39.34
N ILE B 174 16.30 -10.37 38.33
CA ILE B 174 15.14 -10.99 37.65
C ILE B 174 15.39 -10.90 36.15
N TYR B 175 15.36 -12.04 35.45
CA TYR B 175 15.55 -12.08 34.02
C TYR B 175 14.28 -12.58 33.43
N ASP B 176 13.61 -11.73 32.64
CA ASP B 176 12.38 -12.11 31.96
C ASP B 176 12.62 -12.40 30.47
N LYS B 177 12.35 -13.64 30.05
CA LYS B 177 12.27 -14.04 28.64
C LYS B 177 10.89 -14.58 28.21
N GLY B 178 9.86 -14.36 29.04
CA GLY B 178 8.53 -14.89 28.78
C GLY B 178 7.62 -13.97 28.00
N TYR B 179 6.40 -14.42 27.72
CA TYR B 179 5.38 -13.60 27.08
C TYR B 179 4.45 -13.11 28.18
N GLY B 180 4.33 -11.79 28.32
CA GLY B 180 3.32 -11.24 29.21
C GLY B 180 3.67 -11.30 30.67
N THR B 181 4.96 -11.38 30.99
CA THR B 181 5.39 -11.41 32.38
C THR B 181 5.04 -10.12 33.11
N LEU B 182 4.41 -10.24 34.26
CA LEU B 182 4.28 -9.14 35.21
C LEU B 182 5.36 -9.16 36.31
N ILE B 183 6.08 -8.04 36.45
CA ILE B 183 6.94 -7.75 37.59
C ILE B 183 6.43 -6.48 38.24
N SER B 184 5.84 -6.60 39.45
CA SER B 184 5.28 -5.45 40.15
C SER B 184 5.48 -5.45 41.65
N LYS B 185 5.49 -4.25 42.23
CA LYS B 185 5.64 -4.04 43.67
C LYS B 185 6.87 -4.75 44.26
N CYS B 186 7.89 -5.04 43.44
CA CYS B 186 9.07 -5.71 43.92
C CYS B 186 10.12 -4.69 44.26
N TYR B 187 11.13 -5.15 45.01
CA TYR B 187 12.39 -4.47 45.18
C TYR B 187 13.46 -5.35 44.52
N ALA B 188 14.11 -4.85 43.50
CA ALA B 188 15.14 -5.61 42.82
C ALA B 188 16.44 -4.88 42.91
N ASN B 189 17.45 -5.55 43.50
CA ASN B 189 18.73 -4.95 43.77
C ASN B 189 19.81 -6.02 43.59
N SER B 190 20.55 -5.94 42.49
CA SER B 190 21.55 -6.96 42.13
C SER B 190 22.51 -6.40 41.04
N LYS B 191 23.37 -7.24 40.46
CA LYS B 191 24.36 -6.73 39.50
C LYS B 191 23.63 -6.08 38.35
N PHE B 192 22.80 -6.89 37.70
CA PHE B 192 21.81 -6.41 36.78
C PHE B 192 20.46 -6.59 37.44
N CYS B 193 19.84 -5.50 37.89
CA CYS B 193 18.70 -5.64 38.78
C CYS B 193 17.53 -6.35 38.05
N VAL B 194 17.28 -5.95 36.79
CA VAL B 194 16.20 -6.53 36.00
C VAL B 194 16.65 -6.59 34.57
N ALA B 195 16.46 -7.75 33.93
CA ALA B 195 16.81 -7.92 32.53
C ALA B 195 15.62 -8.39 31.73
N LEU B 196 15.44 -7.80 30.55
CA LEU B 196 14.24 -8.05 29.73
C LEU B 196 14.62 -8.53 28.34
N GLY B 197 14.20 -9.75 28.01
CA GLY B 197 14.49 -10.36 26.70
C GLY B 197 13.21 -10.99 26.16
N GLY B 198 12.06 -10.51 26.66
CA GLY B 198 10.79 -11.20 26.45
C GLY B 198 9.86 -10.33 25.62
N THR B 199 8.58 -10.58 25.73
CA THR B 199 7.60 -9.81 25.00
C THR B 199 6.37 -9.55 25.87
N GLU B 200 5.80 -8.35 25.72
CA GLU B 200 4.52 -7.97 26.37
C GLU B 200 4.57 -8.08 27.88
N GLY B 201 5.78 -7.90 28.44
CA GLY B 201 5.90 -7.73 29.88
C GLY B 201 5.40 -6.39 30.40
N ARG B 202 5.11 -6.35 31.70
CA ARG B 202 4.69 -5.16 32.37
C ARG B 202 5.53 -4.99 33.65
N VAL B 203 6.42 -3.99 33.65
CA VAL B 203 7.28 -3.73 34.80
C VAL B 203 6.79 -2.48 35.56
N LEU B 204 5.96 -2.71 36.56
CA LEU B 204 5.17 -1.72 37.17
C LEU B 204 5.51 -1.50 38.65
N LYS B 205 5.69 -0.24 39.02
CA LYS B 205 5.72 0.17 40.43
C LYS B 205 6.76 -0.61 41.27
N ASN B 206 7.99 -0.70 40.77
CA ASN B 206 9.05 -1.44 41.42
C ASN B 206 10.08 -0.42 41.99
N ARG B 207 10.76 -0.78 43.08
CA ARG B 207 12.00 -0.09 43.50
C ARG B 207 13.20 -0.80 42.88
N ILE B 208 13.99 -0.08 42.10
CA ILE B 208 15.11 -0.68 41.39
C ILE B 208 16.42 0.08 41.63
N THR B 209 17.42 -0.60 42.22
CA THR B 209 18.72 -0.01 42.51
C THR B 209 19.76 -1.06 42.94
N ASN B 210 21.01 -0.88 42.53
CA ASN B 210 22.09 -1.65 43.11
C ASN B 210 23.07 -0.78 43.90
N ASN B 211 22.70 0.50 44.11
CA ASN B 211 23.35 1.38 45.06
C ASN B 211 24.85 1.41 44.86
N TYR B 212 25.25 1.74 43.63
CA TYR B 212 26.66 1.89 43.30
C TYR B 212 27.34 2.94 44.16
N LEU B 213 26.61 4.02 44.44
CA LEU B 213 27.19 5.21 45.07
C LEU B 213 27.66 4.98 46.50
N THR B 214 27.02 4.04 47.18
CA THR B 214 27.32 3.77 48.57
C THR B 214 27.88 2.37 48.70
N SER B 215 28.52 1.89 47.63
CA SER B 215 28.89 0.48 47.58
C SER B 215 30.31 0.24 48.11
N GLY B 216 31.14 1.28 48.13
CA GLY B 216 32.55 1.07 48.39
C GLY B 216 33.37 0.55 47.21
N GLU B 217 32.74 0.11 46.11
CA GLU B 217 33.53 -0.40 44.98
C GLU B 217 34.44 0.68 44.38
N ALA B 218 35.73 0.32 44.20
CA ALA B 218 36.74 1.28 43.80
C ALA B 218 36.44 1.86 42.44
N LYS B 219 36.61 3.16 42.30
CA LYS B 219 36.36 3.82 41.01
C LYS B 219 37.68 3.97 40.25
N PRO B 220 37.64 3.99 38.92
CA PRO B 220 36.43 4.26 38.17
C PRO B 220 35.67 3.00 37.88
N TRP B 221 34.57 3.13 37.17
CA TRP B 221 33.76 1.98 36.83
C TRP B 221 34.37 1.30 35.61
N SER B 222 34.36 -0.01 35.60
CA SER B 222 34.86 -0.75 34.45
C SER B 222 33.99 -1.97 34.25
N TRP B 223 34.29 -2.72 33.19
CA TRP B 223 33.61 -4.00 32.90
C TRP B 223 33.74 -5.06 34.00
N ALA B 224 34.62 -4.85 34.97
CA ALA B 224 34.82 -5.83 36.02
C ALA B 224 33.88 -5.53 37.18
N SER B 225 33.10 -4.45 37.04
CA SER B 225 32.26 -4.00 38.12
C SER B 225 31.13 -5.00 38.39
N ASN B 226 30.66 -4.99 39.63
CA ASN B 226 29.56 -5.84 40.01
C ASN B 226 28.23 -5.06 40.05
N TYR B 227 28.24 -3.85 39.49
CA TYR B 227 27.10 -2.96 39.51
C TYR B 227 26.81 -2.43 38.11
N TRP B 228 25.84 -3.03 37.44
CA TRP B 228 25.46 -2.61 36.10
C TRP B 228 24.05 -2.01 36.19
N ASP B 229 23.23 -2.22 35.16
CA ASP B 229 22.02 -1.41 34.93
C ASP B 229 20.89 -1.71 35.90
N GLY B 230 19.98 -0.75 36.07
CA GLY B 230 18.68 -1.06 36.69
C GLY B 230 17.96 -2.09 35.86
N ILE B 231 17.62 -1.71 34.63
CA ILE B 231 16.90 -2.57 33.71
C ILE B 231 17.74 -2.62 32.46
N VAL B 232 18.06 -3.83 32.01
CA VAL B 232 18.89 -4.03 30.85
C VAL B 232 18.08 -4.90 29.89
N SER B 233 17.86 -4.41 28.68
CA SER B 233 17.00 -5.07 27.72
C SER B 233 17.68 -5.34 26.41
N GLU B 234 17.51 -6.57 25.89
CA GLU B 234 17.96 -6.96 24.56
C GLU B 234 16.91 -7.91 24.04
N ASN B 235 16.40 -7.68 22.84
CA ASN B 235 15.28 -8.47 22.30
C ASN B 235 14.02 -8.36 23.15
N ALA B 236 13.80 -7.16 23.68
CA ALA B 236 12.59 -6.83 24.47
C ALA B 236 11.59 -6.09 23.59
N HIS B 237 10.37 -6.63 23.52
CA HIS B 237 9.34 -6.17 22.61
C HIS B 237 8.13 -5.88 23.44
N ARG B 238 7.57 -4.69 23.30
CA ARG B 238 6.20 -4.39 23.78
C ARG B 238 6.03 -4.47 25.27
N TYR B 239 7.05 -4.08 26.00
CA TYR B 239 6.96 -3.92 27.43
C TYR B 239 6.36 -2.55 27.78
N VAL B 240 5.55 -2.48 28.83
CA VAL B 240 5.30 -1.24 29.50
C VAL B 240 6.13 -1.22 30.76
N ILE B 241 6.89 -0.15 30.96
CA ILE B 241 7.70 0.04 32.13
C ILE B 241 7.28 1.36 32.74
N ALA B 242 6.54 1.32 33.85
CA ALA B 242 5.81 2.48 34.40
C ALA B 242 5.88 2.49 35.95
N PHE B 243 5.87 3.68 36.51
CA PHE B 243 5.76 3.90 37.97
C PHE B 243 6.94 3.38 38.82
N ASN B 244 8.11 3.25 38.22
CA ASN B 244 9.26 2.67 38.93
C ASN B 244 10.13 3.80 39.51
N ASP B 245 10.83 3.49 40.59
CA ASP B 245 11.80 4.37 41.21
C ASP B 245 13.16 3.70 40.93
N VAL B 246 13.91 4.27 40.00
CA VAL B 246 15.12 3.63 39.51
C VAL B 246 16.27 4.54 39.74
N SER B 247 17.23 4.10 40.57
CA SER B 247 18.26 5.00 40.96
C SER B 247 19.57 4.35 41.39
N ALA B 248 20.59 5.19 41.37
CA ALA B 248 21.96 4.91 41.83
C ALA B 248 22.52 3.64 41.28
N CYS B 249 22.17 3.28 40.05
CA CYS B 249 22.73 2.10 39.47
C CYS B 249 24.17 2.34 39.00
N GLY B 250 24.88 1.25 38.74
CA GLY B 250 26.27 1.30 38.30
C GLY B 250 26.44 1.57 36.81
N GLN B 251 25.40 1.26 36.02
CA GLN B 251 25.33 1.80 34.67
C GLN B 251 24.06 2.64 34.50
N SER B 252 23.25 2.33 33.51
CA SER B 252 22.11 3.14 33.21
C SER B 252 20.92 2.75 34.08
N GLY B 253 19.95 3.64 34.26
CA GLY B 253 18.71 3.24 34.96
C GLY B 253 17.85 2.28 34.14
N ILE B 254 17.67 2.60 32.87
CA ILE B 254 16.76 1.84 32.03
C ILE B 254 17.39 1.84 30.67
N TYR B 255 17.87 0.69 30.23
CA TYR B 255 18.64 0.57 29.00
C TYR B 255 17.99 -0.44 28.05
N PHE B 256 17.88 -0.05 26.78
CA PHE B 256 17.46 -0.97 25.71
C PHE B 256 18.48 -0.99 24.64
N GLY B 257 18.82 -2.18 24.12
CA GLY B 257 19.78 -2.28 22.99
C GLY B 257 19.29 -3.30 22.00
N GLY B 258 20.02 -3.50 20.90
CA GLY B 258 21.14 -2.67 20.52
C GLY B 258 22.48 -3.38 20.51
N ASN B 259 22.69 -4.27 21.49
CA ASN B 259 23.98 -4.92 21.67
C ASN B 259 23.80 -6.45 21.64
N GLY B 260 23.43 -6.97 20.48
CA GLY B 260 22.87 -8.30 20.38
C GLY B 260 21.36 -8.36 20.47
N GLY B 261 20.70 -7.27 20.14
CA GLY B 261 19.32 -7.14 20.57
C GLY B 261 18.45 -6.33 19.64
N TYR B 262 17.29 -6.87 19.34
CA TYR B 262 16.26 -6.23 18.52
C TYR B 262 15.10 -5.85 19.47
N SER B 263 15.07 -4.61 19.90
CA SER B 263 14.15 -4.16 20.95
C SER B 263 13.24 -3.09 20.38
N THR B 264 11.96 -3.37 20.32
CA THR B 264 11.00 -2.50 19.61
C THR B 264 9.74 -2.37 20.48
N ASP B 265 9.07 -1.23 20.34
CA ASP B 265 7.64 -1.09 20.68
C ASP B 265 7.43 -1.20 22.17
N ASN B 266 8.40 -0.69 22.89
CA ASN B 266 8.30 -0.54 24.33
C ASN B 266 7.85 0.87 24.73
N ILE B 267 7.21 0.94 25.89
CA ILE B 267 6.62 2.17 26.46
C ILE B 267 7.19 2.36 27.89
N ILE B 268 7.89 3.47 28.10
CA ILE B 268 8.60 3.78 29.29
C ILE B 268 8.03 5.08 29.78
N VAL B 269 7.15 5.00 30.77
CA VAL B 269 6.27 6.08 31.13
C VAL B 269 6.22 6.27 32.61
N ASN B 270 6.26 7.51 33.02
CA ASN B 270 5.91 7.87 34.41
C ASN B 270 6.81 7.16 35.45
N ASN B 271 8.12 7.13 35.16
CA ASN B 271 9.13 6.69 36.08
C ASN B 271 10.00 7.82 36.58
N THR B 272 10.77 7.53 37.62
CA THR B 272 11.73 8.49 38.15
C THR B 272 13.07 7.81 38.12
N VAL B 273 13.99 8.40 37.38
CA VAL B 273 15.26 7.73 37.07
C VAL B 273 16.41 8.68 37.35
N TYR B 274 17.19 8.40 38.41
CA TYR B 274 18.15 9.37 38.95
C TYR B 274 19.41 8.76 39.61
N ALA B 275 20.49 9.50 39.51
CA ALA B 275 21.71 9.23 40.28
C ALA B 275 22.51 8.09 39.66
N CYS B 276 22.23 7.77 38.41
CA CYS B 276 22.83 6.58 37.81
C CYS B 276 24.16 6.92 37.17
N TRP B 277 25.09 5.97 37.20
CA TRP B 277 26.50 6.25 36.87
C TRP B 277 26.72 6.37 35.34
N ASN B 278 25.81 5.82 34.55
CA ASN B 278 25.89 5.98 33.09
C ASN B 278 24.78 6.90 32.67
N ARG B 279 23.76 6.40 31.97
CA ARG B 279 22.65 7.23 31.51
C ARG B 279 21.37 6.90 32.22
N GLY B 280 20.47 7.85 32.29
CA GLY B 280 19.22 7.60 32.98
C GLY B 280 18.41 6.64 32.18
N ILE B 281 17.86 7.16 31.09
CA ILE B 281 17.17 6.32 30.14
C ILE B 281 18.01 6.28 28.88
N ASP B 282 18.39 5.07 28.47
CA ASP B 282 19.51 4.82 27.58
C ASP B 282 19.02 3.93 26.46
N MET B 283 18.92 4.47 25.26
CA MET B 283 18.56 3.64 24.13
C MET B 283 19.61 3.79 23.08
N GLY B 284 20.20 2.68 22.65
CA GLY B 284 21.38 2.78 21.81
C GLY B 284 21.75 1.53 21.04
N LEU B 285 22.47 1.73 19.93
CA LEU B 285 23.17 0.63 19.24
C LEU B 285 24.63 0.66 19.57
N PHE B 286 25.09 -0.35 20.29
CA PHE B 286 26.50 -0.56 20.51
C PHE B 286 27.08 -1.52 19.46
N SER B 287 26.30 -2.53 19.08
CA SER B 287 26.64 -3.38 17.94
C SER B 287 26.11 -2.76 16.68
N GLU B 288 26.65 -3.23 15.58
CA GLU B 288 26.17 -2.92 14.23
C GLU B 288 24.65 -3.08 14.09
N LYS B 289 24.02 -2.13 13.43
CA LYS B 289 22.65 -2.29 12.98
C LYS B 289 22.52 -3.53 12.13
N SER B 290 21.44 -4.28 12.33
CA SER B 290 21.06 -5.34 11.41
C SER B 290 19.59 -5.66 11.59
N ALA B 291 19.17 -6.78 11.01
CA ALA B 291 17.80 -7.23 11.08
C ALA B 291 17.50 -7.83 12.44
N THR B 292 18.55 -8.10 13.19
CA THR B 292 18.40 -8.68 14.53
C THR B 292 19.12 -7.82 15.59
N ASN B 293 19.51 -6.63 15.23
CA ASN B 293 20.10 -5.71 16.19
C ASN B 293 19.65 -4.32 15.87
N ASP B 294 18.72 -3.82 16.70
CA ASP B 294 18.13 -2.50 16.50
C ASP B 294 17.28 -2.11 17.69
N VAL B 295 16.94 -0.83 17.73
CA VAL B 295 16.12 -0.28 18.78
C VAL B 295 15.12 0.68 18.12
N LEU B 296 13.85 0.29 18.09
CA LEU B 296 12.87 0.91 17.19
C LEU B 296 11.59 1.20 17.96
N ARG B 297 10.98 2.35 17.73
CA ARG B 297 9.56 2.59 18.11
C ARG B 297 9.27 2.47 19.59
N ASN B 298 10.17 2.98 20.40
CA ASN B 298 9.97 3.00 21.81
C ASN B 298 9.44 4.36 22.22
N ILE B 299 8.64 4.37 23.26
CA ILE B 299 8.06 5.59 23.76
C ILE B 299 8.60 5.88 25.14
N ILE B 300 9.15 7.10 25.28
CA ILE B 300 9.65 7.63 26.55
C ILE B 300 8.82 8.86 26.93
N LYS B 301 7.91 8.70 27.87
CA LYS B 301 6.93 9.69 28.10
C LYS B 301 6.74 9.91 29.59
N GLY B 302 6.63 11.17 29.98
CA GLY B 302 6.14 11.53 31.26
C GLY B 302 7.05 11.05 32.38
N ASN B 303 8.35 11.04 32.16
CA ASN B 303 9.26 10.58 33.19
C ASN B 303 9.99 11.77 33.77
N ASN B 304 10.52 11.58 34.98
CA ASN B 304 11.34 12.58 35.63
C ASN B 304 12.71 11.98 35.83
N THR B 305 13.70 12.47 35.08
CA THR B 305 15.02 11.89 35.01
C THR B 305 15.97 13.01 35.40
N TYR B 306 16.80 12.76 36.41
CA TYR B 306 17.76 13.75 36.86
C TYR B 306 19.11 13.24 37.39
N ASN B 307 20.10 14.13 37.35
CA ASN B 307 21.47 13.85 37.81
C ASN B 307 21.96 12.46 37.46
N ASN B 308 21.89 12.11 36.20
CA ASN B 308 22.54 10.95 35.73
C ASN B 308 23.83 11.37 35.04
N ARG B 309 24.91 10.62 35.26
CA ARG B 309 26.26 11.13 35.05
C ARG B 309 26.56 11.41 33.59
N GLU B 310 26.16 10.50 32.71
CA GLU B 310 26.50 10.60 31.30
C GLU B 310 25.25 10.83 30.43
N ASN B 311 24.27 11.55 31.03
CA ASN B 311 23.12 12.12 30.35
C ASN B 311 21.83 11.53 30.90
N ASN B 312 20.78 12.34 31.00
CA ASN B 312 19.54 11.83 31.52
C ASN B 312 18.83 10.92 30.51
N ILE B 313 18.68 11.38 29.29
CA ILE B 313 17.99 10.61 28.26
C ILE B 313 18.93 10.63 27.05
N TRP B 314 19.14 9.47 26.44
CA TRP B 314 20.22 9.26 25.48
C TRP B 314 19.74 8.34 24.39
N LEU B 315 19.69 8.84 23.15
CA LEU B 315 19.29 8.02 22.02
C LEU B 315 20.47 7.96 21.08
N ALA B 316 21.01 6.76 20.84
CA ALA B 316 22.18 6.62 19.98
C ALA B 316 21.89 5.68 18.82
N GLY B 317 21.76 6.25 17.61
CA GLY B 317 21.53 5.43 16.43
C GLY B 317 20.21 4.68 16.41
N VAL B 318 19.23 5.20 17.16
CA VAL B 318 17.95 4.54 17.24
C VAL B 318 16.96 5.19 16.29
N SER B 319 15.82 4.52 16.04
CA SER B 319 14.85 5.03 15.09
C SER B 319 13.43 4.97 15.62
N ASN B 320 12.66 5.99 15.22
CA ASN B 320 11.23 6.01 15.38
C ASN B 320 10.83 5.99 16.83
N CYS B 321 11.68 6.49 17.69
CA CYS B 321 11.38 6.57 19.11
C CYS B 321 10.92 7.98 19.44
N SER B 322 10.22 8.09 20.56
CA SER B 322 9.67 9.34 20.98
C SER B 322 10.07 9.69 22.40
N VAL B 323 10.35 10.99 22.59
CA VAL B 323 10.62 11.54 23.89
C VAL B 323 9.69 12.75 24.09
N VAL B 324 8.58 12.52 24.78
CA VAL B 324 7.49 13.46 24.91
C VAL B 324 7.11 13.63 26.35
N GLY B 325 7.21 14.86 26.84
CA GLY B 325 6.56 15.24 28.13
C GLY B 325 7.35 14.81 29.35
N ASN B 326 8.66 14.75 29.20
CA ASN B 326 9.55 14.37 30.30
C ASN B 326 10.15 15.57 30.85
N THR B 327 10.43 15.52 32.15
CA THR B 327 11.18 16.56 32.79
C THR B 327 12.61 16.08 33.15
N SER B 328 13.57 16.68 32.50
CA SER B 328 14.97 16.28 32.61
C SER B 328 15.82 17.42 33.15
N TRP B 329 16.60 17.12 34.19
CA TRP B 329 17.20 18.16 34.94
C TRP B 329 18.46 17.74 35.73
N PHE B 330 19.15 18.74 36.23
CA PHE B 330 20.40 18.62 36.96
C PHE B 330 20.38 19.69 38.01
N ASP B 331 21.02 19.39 39.11
CA ASP B 331 21.36 20.38 40.08
C ASP B 331 22.76 20.12 40.65
N THR B 332 23.12 20.85 41.72
CA THR B 332 24.51 20.84 42.21
C THR B 332 24.86 19.53 42.89
N ASN B 333 23.87 18.76 43.28
CA ASN B 333 24.18 17.46 43.83
C ASN B 333 24.83 16.60 42.78
N TYR B 334 24.82 17.02 41.52
CA TYR B 334 25.54 16.27 40.47
C TYR B 334 27.02 16.28 40.80
N ASP B 335 27.51 17.49 41.12
CA ASP B 335 28.92 17.77 41.25
C ASP B 335 29.46 17.10 42.52
N VAL B 336 28.54 16.78 43.42
CA VAL B 336 28.87 16.06 44.61
C VAL B 336 28.98 14.55 44.36
N ILE B 337 27.93 13.94 43.85
CA ILE B 337 27.88 12.48 43.80
C ILE B 337 28.81 11.95 42.71
N PHE B 338 29.17 12.80 41.76
CA PHE B 338 30.07 12.37 40.70
C PHE B 338 31.44 13.09 40.74
N ALA B 339 31.79 13.69 41.88
CA ALA B 339 33.16 14.22 42.13
C ALA B 339 34.22 13.32 41.55
N GLY B 340 35.06 13.90 40.72
CA GLY B 340 36.20 13.21 40.17
C GLY B 340 35.90 12.46 38.90
N TYR B 341 34.60 12.31 38.60
CA TYR B 341 34.19 11.54 37.46
C TYR B 341 33.14 12.29 36.64
N PRO B 342 33.53 13.41 36.01
CA PRO B 342 32.56 14.25 35.25
C PRO B 342 32.06 13.57 33.99
N GLY B 343 30.77 13.73 33.69
CA GLY B 343 30.18 13.12 32.48
C GLY B 343 29.60 14.21 31.60
N GLY B 344 28.88 13.82 30.54
CA GLY B 344 28.32 14.80 29.59
C GLY B 344 27.30 15.80 30.15
N HIS B 345 26.54 15.40 31.15
CA HIS B 345 25.66 16.35 31.84
C HIS B 345 24.69 17.03 30.82
N ILE B 346 24.10 16.23 29.93
CA ILE B 346 23.08 16.70 28.99
C ILE B 346 21.70 16.12 29.34
N CYS B 347 20.67 16.95 29.26
CA CYS B 347 19.29 16.52 29.58
C CYS B 347 18.77 15.47 28.61
N ILE B 348 18.80 15.78 27.34
CA ILE B 348 18.28 14.90 26.30
C ILE B 348 19.27 14.91 25.15
N SER B 349 19.82 13.77 24.80
CA SER B 349 20.90 13.82 23.82
C SER B 349 20.71 12.79 22.75
N LEU B 350 20.96 13.17 21.50
CA LEU B 350 20.86 12.24 20.38
C LEU B 350 22.25 12.06 19.81
N ALA B 351 22.59 10.84 19.43
CA ALA B 351 23.95 10.54 18.97
C ALA B 351 23.89 9.48 17.89
N SER B 352 25.00 9.31 17.19
CA SER B 352 25.13 8.19 16.27
C SER B 352 25.28 6.91 17.05
N GLY B 353 24.89 5.78 16.47
CA GLY B 353 25.27 4.51 17.00
C GLY B 353 26.79 4.36 17.02
N ALA B 354 27.26 3.29 17.65
CA ALA B 354 28.69 3.07 17.82
C ALA B 354 29.39 2.86 16.50
N ASN B 355 28.68 2.36 15.50
CA ASN B 355 29.24 2.21 14.17
C ASN B 355 28.77 3.27 13.21
N GLY B 356 28.36 4.41 13.75
CA GLY B 356 28.01 5.56 12.93
C GLY B 356 26.56 5.60 12.42
N GLU B 357 25.71 4.73 12.94
CA GLU B 357 24.32 4.73 12.50
C GLU B 357 23.67 6.06 12.88
N ALA B 358 22.71 6.47 12.06
CA ALA B 358 22.00 7.76 12.26
C ALA B 358 20.78 7.60 13.14
N CYS B 359 20.47 8.62 13.95
CA CYS B 359 19.15 8.72 14.57
C CYS B 359 18.16 9.11 13.48
N VAL B 360 17.21 8.22 13.19
CA VAL B 360 16.20 8.46 12.17
C VAL B 360 14.78 8.50 12.75
N GLY B 361 14.02 9.52 12.39
CA GLY B 361 12.57 9.46 12.52
C GLY B 361 12.12 9.56 13.97
N ASN B 362 12.92 10.16 14.81
CA ASN B 362 12.57 10.27 16.23
C ASN B 362 11.81 11.58 16.46
N THR B 363 11.12 11.63 17.57
CA THR B 363 10.20 12.67 17.86
C THR B 363 10.48 13.15 19.26
N ILE B 364 10.87 14.43 19.39
CA ILE B 364 11.19 15.06 20.67
C ILE B 364 10.29 16.26 20.92
N ASP B 365 9.31 16.13 21.81
CA ASP B 365 8.36 17.22 22.07
C ASP B 365 7.97 17.35 23.54
N SER B 366 7.54 18.55 23.90
CA SER B 366 6.92 18.87 25.21
C SER B 366 7.70 18.44 26.45
N ASN B 367 9.01 18.47 26.32
CA ASN B 367 9.90 18.15 27.41
C ASN B 367 10.38 19.45 28.04
N THR B 368 10.62 19.40 29.34
CA THR B 368 11.13 20.53 30.04
C THR B 368 12.53 20.21 30.57
N CYS B 369 13.52 20.97 30.10
CA CYS B 369 14.94 20.72 30.39
C CYS B 369 15.54 21.83 31.26
N ILE B 370 16.18 21.44 32.36
CA ILE B 370 16.71 22.42 33.30
C ILE B 370 18.15 22.10 33.59
N ASP B 371 19.05 22.98 33.17
CA ASP B 371 20.47 22.80 33.39
C ASP B 371 21.13 24.11 33.85
N PRO B 372 21.58 24.16 35.13
CA PRO B 372 22.26 25.33 35.67
C PRO B 372 23.58 25.62 35.03
N ARG B 373 24.14 24.66 34.28
CA ARG B 373 25.37 24.92 33.57
C ARG B 373 25.11 25.69 32.30
N GLY B 374 23.90 25.62 31.79
CA GLY B 374 23.61 26.28 30.51
C GLY B 374 24.00 25.36 29.37
N ASN B 375 24.27 24.12 29.69
CA ASN B 375 24.49 23.09 28.68
C ASN B 375 23.22 22.98 27.87
N ALA B 376 23.37 22.70 26.58
CA ALA B 376 22.25 22.51 25.69
C ALA B 376 21.31 21.47 26.26
N GLY B 377 20.01 21.74 26.20
CA GLY B 377 19.01 20.87 26.77
C GLY B 377 18.78 19.70 25.86
N ILE B 378 19.04 19.92 24.57
CA ILE B 378 18.98 18.87 23.57
C ILE B 378 20.18 19.08 22.68
N THR B 379 20.81 17.98 22.30
CA THR B 379 21.93 18.01 21.35
C THR B 379 21.57 17.13 20.16
N VAL B 380 22.01 17.55 18.97
CA VAL B 380 21.70 16.76 17.74
C VAL B 380 22.98 16.56 16.96
N PRO B 381 23.28 15.30 16.58
CA PRO B 381 24.52 15.02 15.89
C PRO B 381 24.40 15.08 14.37
N THR B 382 25.54 15.26 13.70
CA THR B 382 25.63 15.21 12.23
C THR B 382 25.18 13.83 11.81
N GLY B 383 24.35 13.74 10.77
CA GLY B 383 23.87 12.42 10.31
C GLY B 383 22.42 12.15 10.64
N ALA B 384 21.89 12.80 11.65
CA ALA B 384 20.48 12.63 12.01
C ALA B 384 19.58 13.13 10.89
N THR B 385 18.57 12.34 10.53
CA THR B 385 17.57 12.73 9.52
C THR B 385 16.17 12.36 9.97
N GLY B 386 15.17 13.13 9.51
CA GLY B 386 13.77 12.77 9.69
C GLY B 386 13.23 12.89 11.12
N ASN B 387 13.98 13.57 11.97
CA ASN B 387 13.63 13.82 13.37
C ASN B 387 12.83 15.15 13.47
N VAL B 388 11.97 15.23 14.47
CA VAL B 388 11.16 16.42 14.71
C VAL B 388 11.34 16.86 16.14
N PHE B 389 11.83 18.07 16.29
CA PHE B 389 12.08 18.68 17.57
C PHE B 389 11.05 19.78 17.75
N GLY B 390 10.03 19.45 18.54
CA GLY B 390 8.84 20.28 18.70
C GLY B 390 9.08 21.59 19.38
N SER B 391 8.16 22.53 19.17
CA SER B 391 8.30 23.84 19.80
C SER B 391 7.74 23.86 21.20
N GLY B 392 7.07 22.78 21.60
CA GLY B 392 6.55 22.63 22.97
C GLY B 392 7.63 22.27 23.98
N ASN B 393 8.83 21.93 23.50
CA ASN B 393 9.99 21.77 24.39
C ASN B 393 10.36 23.07 25.02
N ASN B 394 10.61 23.01 26.33
CA ASN B 394 10.99 24.18 27.08
C ASN B 394 12.43 24.07 27.60
N LEU B 395 13.35 24.79 26.97
CA LEU B 395 14.74 24.81 27.35
C LEU B 395 15.14 26.16 27.93
N SER B 396 14.15 26.97 28.33
CA SER B 396 14.45 28.32 28.82
C SER B 396 15.41 28.29 30.00
N GLN B 397 15.30 27.26 30.83
CA GLN B 397 16.16 27.12 32.02
C GLN B 397 17.32 26.14 31.81
N ALA B 398 17.68 25.94 30.54
CA ALA B 398 18.85 25.17 30.09
C ALA B 398 19.46 25.94 28.96
N GLY B 399 20.52 25.38 28.36
CA GLY B 399 21.01 25.93 27.11
C GLY B 399 20.07 25.58 25.97
N ALA B 400 20.16 26.36 24.91
CA ALA B 400 19.34 26.19 23.73
C ALA B 400 19.81 24.99 22.94
N ILE B 401 18.90 24.44 22.14
CA ILE B 401 19.17 23.22 21.41
C ILE B 401 20.43 23.41 20.59
N TYR B 402 21.32 22.41 20.59
CA TYR B 402 22.57 22.51 19.88
C TYR B 402 22.54 21.56 18.69
N ILE B 403 22.95 22.01 17.51
CA ILE B 403 23.11 21.10 16.37
C ILE B 403 24.57 20.98 15.95
N ALA B 404 25.00 19.80 15.56
CA ALA B 404 26.43 19.62 15.19
C ALA B 404 26.80 20.33 13.88
N SER B 405 25.86 20.47 12.96
CA SER B 405 26.15 21.12 11.66
C SER B 405 24.85 21.67 11.08
N PRO B 406 24.96 22.76 10.31
CA PRO B 406 23.85 23.53 9.75
C PRO B 406 23.02 22.77 8.71
N ASP B 407 23.57 21.69 8.17
CA ASP B 407 22.86 20.89 7.18
C ASP B 407 21.69 20.18 7.83
N LEU B 408 21.80 20.02 9.14
CA LEU B 408 20.75 19.39 9.88
C LEU B 408 19.42 20.14 9.81
N ILE B 409 19.44 21.45 9.59
CA ILE B 409 18.18 22.23 9.63
C ILE B 409 17.17 21.88 8.53
N THR B 410 17.62 21.27 7.44
CA THR B 410 16.73 20.88 6.34
C THR B 410 16.56 19.35 6.21
N SER B 411 17.27 18.57 7.02
CA SER B 411 17.13 17.11 6.96
C SER B 411 16.34 16.61 8.17
N ASN B 412 16.03 17.53 9.07
CA ASN B 412 15.16 17.30 10.18
C ASN B 412 14.22 18.51 10.27
N ARG B 413 13.30 18.51 11.23
CA ARG B 413 12.37 19.63 11.37
C ARG B 413 12.51 20.25 12.76
N PHE B 414 13.18 21.40 12.82
CA PHE B 414 13.30 22.14 14.09
C PHE B 414 12.21 23.15 14.35
N GLU B 415 11.09 22.74 14.94
CA GLU B 415 10.05 23.69 15.31
C GLU B 415 10.51 24.49 16.51
N LEU B 416 11.34 23.84 17.31
CA LEU B 416 12.22 24.50 18.27
C LEU B 416 13.36 25.11 17.50
N ALA B 417 13.43 26.43 17.53
CA ALA B 417 14.14 27.18 16.51
C ALA B 417 15.61 27.06 16.74
N VAL B 418 16.32 26.97 15.62
CA VAL B 418 17.74 26.94 15.58
C VAL B 418 18.29 28.17 14.87
N THR B 419 19.30 28.79 15.48
CA THR B 419 19.87 30.04 14.96
C THR B 419 21.35 29.89 14.71
N GLY B 420 21.84 30.42 13.58
CA GLY B 420 23.26 30.36 13.31
C GLY B 420 23.79 31.52 12.52
N SER B 421 25.00 31.34 11.99
CA SER B 421 25.67 32.38 11.25
C SER B 421 26.49 31.78 10.13
N PHE B 422 26.75 32.59 9.12
CA PHE B 422 27.55 32.15 8.01
C PHE B 422 28.17 33.34 7.26
N THR B 423 29.23 33.05 6.52
CA THR B 423 30.01 34.06 5.84
C THR B 423 29.64 34.07 4.36
N PRO B 424 28.96 35.13 3.93
CA PRO B 424 28.40 35.18 2.62
C PRO B 424 29.46 35.50 1.59
N VAL B 425 29.16 35.20 0.33
CA VAL B 425 29.99 35.65 -0.77
C VAL B 425 29.12 36.07 -1.94
N LEU B 426 29.72 36.85 -2.84
CA LEU B 426 29.06 37.24 -4.09
C LEU B 426 29.64 36.47 -5.24
N LEU B 427 28.75 36.01 -6.11
CA LEU B 427 29.13 35.23 -7.26
C LEU B 427 28.72 36.00 -8.49
N PRO B 428 29.60 36.90 -8.96
CA PRO B 428 29.33 37.60 -10.21
C PRO B 428 29.31 36.64 -11.39
N GLU B 429 28.48 36.91 -12.38
CA GLU B 429 28.58 36.22 -13.67
C GLU B 429 30.01 36.27 -14.22
N SER B 430 30.58 37.47 -14.31
CA SER B 430 31.95 37.66 -14.79
C SER B 430 32.75 38.39 -13.75
N GLY B 431 34.00 38.00 -13.59
CA GLY B 431 34.92 38.69 -12.71
C GLY B 431 34.79 38.20 -11.29
N SER B 432 35.02 39.09 -10.34
CA SER B 432 35.16 38.70 -8.95
C SER B 432 34.86 39.90 -8.03
N ILE B 433 34.03 39.67 -7.02
CA ILE B 433 33.81 40.64 -5.97
C ILE B 433 34.31 40.05 -4.66
N THR B 434 35.00 40.86 -3.87
CA THR B 434 35.51 40.42 -2.56
C THR B 434 34.89 41.20 -1.42
N LEU B 435 34.32 40.45 -0.47
CA LEU B 435 33.65 41.04 0.67
C LEU B 435 34.57 41.26 1.85
N SER B 436 34.35 42.36 2.56
CA SER B 436 35.01 42.63 3.82
C SER B 436 34.59 41.59 4.86
N SER B 437 35.43 41.39 5.87
CA SER B 437 35.11 40.48 6.96
C SER B 437 34.02 41.05 7.88
N SER B 438 33.80 42.37 7.79
CA SER B 438 32.66 43.03 8.43
C SER B 438 31.31 42.50 7.91
N SER B 439 31.31 41.87 6.73
CA SER B 439 30.12 41.22 6.19
C SER B 439 29.72 40.01 7.02
N THR B 440 28.42 39.92 7.33
CA THR B 440 27.88 38.91 8.25
C THR B 440 26.70 38.22 7.58
N GLY B 441 26.44 36.98 7.97
CA GLY B 441 25.23 36.27 7.54
C GLY B 441 24.60 35.52 8.71
N VAL B 442 23.29 35.65 8.85
CA VAL B 442 22.60 35.01 9.96
C VAL B 442 21.36 34.24 9.47
N PHE B 443 21.08 33.12 10.10
CA PHE B 443 19.91 32.35 9.78
C PHE B 443 19.17 31.89 11.05
N ARG B 444 17.84 31.75 10.93
CA ARG B 444 17.03 31.10 11.94
C ARG B 444 16.07 30.16 11.26
N ALA B 445 16.12 28.90 11.66
CA ALA B 445 15.21 27.87 11.20
C ALA B 445 14.09 27.66 12.18
N THR B 446 12.86 27.70 11.67
CA THR B 446 11.68 27.40 12.43
C THR B 446 10.79 26.55 11.55
N GLY B 447 10.62 25.28 11.90
CA GLY B 447 9.96 24.34 11.03
C GLY B 447 10.66 24.29 9.69
N ASN B 448 9.88 24.27 8.62
CA ASN B 448 10.39 24.20 7.26
C ASN B 448 10.53 25.61 6.64
N ARG B 449 10.77 26.60 7.50
CA ARG B 449 11.00 27.97 7.09
C ARG B 449 12.32 28.43 7.70
N ILE B 450 13.14 29.12 6.91
CA ILE B 450 14.41 29.71 7.40
C ILE B 450 14.42 31.18 7.06
N ASP B 451 14.60 31.98 8.10
CA ASP B 451 14.77 33.39 7.97
C ASP B 451 16.27 33.70 7.85
N PHE B 452 16.60 34.61 6.94
CA PHE B 452 17.96 35.10 6.75
C PHE B 452 18.07 36.61 6.89
N SER B 453 19.25 37.07 7.28
CA SER B 453 19.64 38.47 7.16
C SER B 453 21.14 38.55 6.81
N VAL B 454 21.44 39.17 5.66
CA VAL B 454 22.80 39.23 5.14
C VAL B 454 23.24 40.67 4.96
N THR B 455 24.35 41.03 5.60
CA THR B 455 24.99 42.31 5.37
C THR B 455 26.23 42.10 4.49
N VAL B 456 26.19 42.74 3.32
CA VAL B 456 27.24 42.64 2.31
C VAL B 456 28.01 43.93 2.22
N ASN B 457 29.29 43.88 2.59
CA ASN B 457 30.17 45.05 2.52
C ASN B 457 31.33 44.67 1.63
N VAL B 458 31.43 45.34 0.48
CA VAL B 458 32.48 45.04 -0.47
C VAL B 458 33.77 45.66 0.02
N SER B 459 34.89 45.01 -0.30
CA SER B 459 36.22 45.58 -0.02
C SER B 459 37.04 45.77 -1.29
N SER B 460 37.03 44.78 -2.20
CA SER B 460 37.63 44.94 -3.54
C SER B 460 36.78 44.32 -4.64
N ILE B 461 36.99 44.75 -5.87
CA ILE B 461 36.39 44.11 -7.03
C ILE B 461 37.39 43.84 -8.14
N SER B 462 36.96 43.11 -9.15
CA SER B 462 37.83 42.74 -10.25
C SER B 462 37.00 42.53 -11.50
N SER B 463 36.69 43.64 -12.16
CA SER B 463 35.91 43.58 -13.40
C SER B 463 34.66 42.72 -13.24
N PRO B 464 33.87 42.99 -12.19
CA PRO B 464 32.61 42.29 -12.06
C PRO B 464 31.64 42.75 -13.14
N SER B 465 30.86 41.83 -13.69
CA SER B 465 29.82 42.21 -14.63
C SER B 465 28.74 41.14 -14.78
N GLY B 466 27.57 41.58 -15.23
CA GLY B 466 26.45 40.68 -15.46
C GLY B 466 25.64 40.43 -14.20
N ASN B 467 25.04 39.24 -14.15
CA ASN B 467 24.17 38.84 -13.07
C ASN B 467 24.97 38.57 -11.79
N LEU B 468 24.28 38.63 -10.65
CA LEU B 468 24.92 38.47 -9.34
C LEU B 468 24.10 37.50 -8.46
N ASN B 469 24.80 36.62 -7.73
CA ASN B 469 24.15 35.82 -6.69
C ASN B 469 24.87 35.97 -5.33
N ILE B 470 24.08 36.00 -4.26
CA ILE B 470 24.60 35.79 -2.91
C ILE B 470 24.52 34.30 -2.49
N ALA B 471 25.47 33.88 -1.65
CA ALA B 471 25.68 32.48 -1.33
C ALA B 471 26.52 32.41 -0.06
N TYR B 472 26.62 31.23 0.55
CA TYR B 472 25.68 30.10 0.36
C TYR B 472 24.73 29.98 1.55
N LEU B 473 23.44 29.84 1.27
CA LEU B 473 22.40 29.77 2.31
C LEU B 473 22.46 28.44 3.07
N PRO B 474 22.83 28.48 4.37
CA PRO B 474 22.97 27.26 5.18
C PRO B 474 21.76 26.42 5.09
N GLY B 475 22.01 25.14 4.87
CA GLY B 475 20.98 24.14 4.83
C GLY B 475 20.43 23.89 3.46
N MET B 476 20.51 24.85 2.56
CA MET B 476 19.65 24.78 1.37
C MET B 476 20.31 24.05 0.22
N SER B 477 21.55 23.65 0.40
CA SER B 477 22.26 22.97 -0.65
C SER B 477 21.46 21.79 -1.21
N GLY B 478 21.05 21.90 -2.47
CA GLY B 478 20.32 20.81 -3.12
C GLY B 478 18.89 20.62 -2.62
N LYS B 479 18.29 21.66 -2.06
CA LYS B 479 16.88 21.61 -1.65
C LYS B 479 15.97 22.36 -2.62
N THR B 480 14.67 22.26 -2.45
CA THR B 480 13.77 23.16 -3.15
C THR B 480 12.81 23.84 -2.22
N SER B 481 12.07 24.80 -2.76
CA SER B 481 11.18 25.61 -1.95
C SER B 481 9.82 25.80 -2.61
N SER B 482 8.80 25.98 -1.79
CA SER B 482 7.46 26.26 -2.27
CA SER B 482 7.44 26.26 -2.25
C SER B 482 7.16 27.77 -2.32
N THR B 483 7.93 28.56 -1.58
CA THR B 483 7.76 30.03 -1.53
C THR B 483 9.00 30.64 -0.89
N SER B 484 9.35 31.85 -1.28
CA SER B 484 10.38 32.63 -0.61
C SER B 484 10.09 34.11 -0.81
N MET B 485 10.82 34.97 -0.10
CA MET B 485 10.50 36.40 -0.06
C MET B 485 11.68 37.14 0.50
N PHE B 486 12.33 37.92 -0.38
CA PHE B 486 13.50 38.71 0.00
C PHE B 486 13.30 40.15 -0.39
N ILE B 487 13.78 41.06 0.47
CA ILE B 487 13.89 42.47 0.11
C ILE B 487 15.32 42.94 0.32
N ILE B 488 15.68 44.02 -0.35
CA ILE B 488 16.83 44.82 0.08
C ILE B 488 16.34 46.10 0.69
N ASP B 489 16.66 46.33 1.96
CA ASP B 489 16.04 47.42 2.68
C ASP B 489 17.05 48.54 2.88
N TYR B 490 18.25 48.33 2.37
CA TYR B 490 19.36 49.22 2.61
C TYR B 490 20.41 49.00 1.55
N TRP B 491 20.98 50.10 1.05
CA TRP B 491 22.23 50.06 0.28
C TRP B 491 23.07 51.36 0.36
N ASN B 492 24.30 51.27 -0.14
CA ASN B 492 25.20 52.40 -0.22
C ASN B 492 26.22 52.21 -1.32
N ASP B 493 26.58 53.31 -2.00
CA ASP B 493 27.64 53.29 -3.02
C ASP B 493 27.37 52.30 -4.15
N LEU B 494 26.14 52.33 -4.66
CA LEU B 494 25.80 51.53 -5.83
C LEU B 494 25.67 52.45 -7.06
N THR B 495 25.96 51.90 -8.24
CA THR B 495 25.76 52.64 -9.50
C THR B 495 24.32 52.46 -9.99
N LEU B 496 23.38 53.05 -9.25
CA LEU B 496 21.98 53.07 -9.65
C LEU B 496 21.62 54.50 -9.94
N SER B 497 20.87 54.75 -11.00
CA SER B 497 20.33 56.09 -11.24
C SER B 497 19.05 56.27 -10.42
N SER B 498 18.55 57.50 -10.35
CA SER B 498 17.25 57.76 -9.74
C SER B 498 16.22 56.82 -10.34
N GLY B 499 15.42 56.21 -9.46
CA GLY B 499 14.23 55.49 -9.87
C GLY B 499 14.47 54.01 -10.11
N VAL B 500 15.70 53.56 -9.94
CA VAL B 500 16.00 52.13 -10.02
C VAL B 500 16.38 51.57 -8.64
N ILE B 501 15.69 50.52 -8.23
CA ILE B 501 15.89 49.94 -6.90
C ILE B 501 16.30 48.46 -7.00
N PRO B 502 17.03 47.98 -5.98
CA PRO B 502 17.50 46.62 -6.00
C PRO B 502 16.41 45.62 -5.58
N LEU B 503 16.35 44.53 -6.30
CA LEU B 503 15.38 43.52 -6.06
C LEU B 503 16.16 42.25 -5.77
N ALA B 504 15.47 41.22 -5.32
CA ALA B 504 16.15 40.02 -4.81
C ALA B 504 15.19 38.88 -4.81
N SER B 505 15.65 37.74 -5.27
CA SER B 505 14.77 36.61 -5.46
C SER B 505 15.63 35.37 -5.44
N LEU B 506 15.17 34.35 -4.71
CA LEU B 506 15.88 33.06 -4.62
C LEU B 506 16.29 32.54 -5.98
N ASN B 507 17.54 32.07 -6.10
CA ASN B 507 18.02 31.43 -7.35
C ASN B 507 17.34 30.08 -7.55
N LEU B 508 16.65 29.90 -8.68
CA LEU B 508 15.75 28.77 -8.80
C LEU B 508 16.42 27.45 -9.19
N GLU B 509 17.58 27.48 -9.84
CA GLU B 509 18.35 26.25 -10.11
C GLU B 509 19.19 25.90 -8.92
N ASN B 510 19.62 26.93 -8.19
CA ASN B 510 20.52 26.71 -7.06
C ASN B 510 20.01 27.36 -5.80
N GLN B 511 19.18 26.63 -5.08
CA GLN B 511 18.25 27.26 -4.17
C GLN B 511 18.92 27.63 -2.86
N ASP B 512 20.25 27.44 -2.77
CA ASP B 512 21.08 28.07 -1.74
C ASP B 512 21.82 29.34 -2.18
N GLN B 513 21.35 29.96 -3.25
CA GLN B 513 21.81 31.30 -3.61
C GLN B 513 20.63 32.21 -3.82
N ILE B 514 20.83 33.50 -3.59
CA ILE B 514 19.86 34.51 -3.95
C ILE B 514 20.38 35.42 -5.09
N THR B 515 19.57 35.55 -6.13
CA THR B 515 19.89 36.43 -7.26
C THR B 515 19.50 37.86 -6.96
N VAL B 516 20.46 38.77 -7.01
CA VAL B 516 20.21 40.21 -6.84
C VAL B 516 20.23 40.95 -8.19
N TYR B 517 19.19 41.73 -8.44
CA TYR B 517 19.00 42.36 -9.73
C TYR B 517 18.28 43.69 -9.49
N ARG B 518 17.82 44.37 -10.55
CA ARG B 518 17.15 45.68 -10.33
C ARG B 518 16.14 46.10 -11.36
N THR B 519 15.44 47.20 -11.07
CA THR B 519 14.30 47.62 -11.88
C THR B 519 14.74 48.33 -13.15
N ASP B 520 13.78 48.51 -14.06
CA ASP B 520 13.98 49.29 -15.29
C ASP B 520 12.60 49.53 -15.92
N GLY B 521 11.84 50.45 -15.33
CA GLY B 521 10.44 50.61 -15.69
C GLY B 521 9.65 49.33 -15.60
N GLY B 522 9.15 48.86 -16.74
CA GLY B 522 8.24 47.70 -16.79
C GLY B 522 8.99 46.42 -17.13
N ARG B 523 10.24 46.35 -16.72
CA ARG B 523 10.98 45.08 -16.71
C ARG B 523 12.08 45.19 -15.66
N VAL B 524 12.88 44.15 -15.57
CA VAL B 524 13.99 44.17 -14.64
C VAL B 524 15.20 43.68 -15.37
N LEU B 525 16.37 43.97 -14.81
CA LEU B 525 17.61 43.65 -15.46
C LEU B 525 18.54 42.93 -14.51
N TYR B 526 19.17 41.88 -15.04
CA TYR B 526 20.05 41.03 -14.24
C TYR B 526 21.49 41.40 -14.51
N ASP B 527 21.81 42.67 -14.26
CA ASP B 527 23.11 43.24 -14.56
C ASP B 527 23.65 43.98 -13.34
N PHE B 528 23.55 43.36 -12.17
CA PHE B 528 23.85 44.03 -10.91
C PHE B 528 25.35 44.08 -10.67
N SER B 529 26.08 43.07 -11.17
CA SER B 529 27.51 42.96 -10.85
C SER B 529 28.28 44.18 -11.32
N SER B 530 27.84 44.73 -12.45
CA SER B 530 28.48 45.90 -13.04
C SER B 530 28.09 47.22 -12.35
N LEU B 531 27.17 47.17 -11.39
CA LEU B 531 26.81 48.38 -10.63
C LEU B 531 27.51 48.40 -9.27
N MET B 532 28.41 47.44 -9.08
CA MET B 532 29.02 47.26 -7.78
C MET B 532 30.38 47.93 -7.76
N LYS B 533 30.58 48.78 -6.76
CA LYS B 533 31.89 49.39 -6.49
C LYS B 533 32.62 48.64 -5.39
N SER B 534 33.92 48.91 -5.25
CA SER B 534 34.72 48.40 -4.13
C SER B 534 34.28 48.96 -2.76
N THR B 535 33.32 49.87 -2.77
CA THR B 535 32.81 50.49 -1.54
C THR B 535 31.32 50.22 -1.36
N SER B 536 30.70 49.58 -2.35
CA SER B 536 29.28 49.22 -2.27
C SER B 536 28.96 48.41 -1.00
N SER B 537 27.81 48.71 -0.42
CA SER B 537 27.16 47.88 0.61
C SER B 537 25.71 47.65 0.22
N PHE B 538 25.14 46.56 0.74
CA PHE B 538 23.70 46.46 0.90
C PHE B 538 23.31 45.38 1.91
N ILE B 539 22.03 45.40 2.29
CA ILE B 539 21.50 44.48 3.27
C ILE B 539 20.26 43.77 2.74
N LEU B 540 20.30 42.44 2.85
CA LEU B 540 19.22 41.60 2.38
C LEU B 540 18.51 40.89 3.55
N LYS B 541 17.18 40.93 3.54
CA LYS B 541 16.36 40.24 4.56
C LYS B 541 15.36 39.34 3.83
N GLY B 542 15.09 38.17 4.38
CA GLY B 542 13.86 37.46 4.03
C GLY B 542 13.78 36.05 4.53
N PHE B 543 12.98 35.22 3.85
CA PHE B 543 12.84 33.84 4.24
C PHE B 543 12.61 32.89 3.09
N VAL B 544 12.77 31.61 3.41
CA VAL B 544 12.54 30.52 2.49
C VAL B 544 11.66 29.46 3.17
N ASP B 545 10.52 29.14 2.58
CA ASP B 545 9.82 27.90 2.88
C ASP B 545 10.40 26.75 2.04
N PHE B 546 11.09 25.80 2.66
CA PHE B 546 11.70 24.71 1.90
C PHE B 546 10.87 23.44 1.93
N ASN B 547 11.17 22.53 1.03
CA ASN B 547 10.44 21.30 0.94
C ASN B 547 11.17 20.20 1.66
N MET C 1 -17.79 -36.98 77.24
CA MET C 1 -16.67 -37.87 76.82
C MET C 1 -15.81 -37.14 75.81
N LEU C 2 -14.68 -37.75 75.45
CA LEU C 2 -13.73 -37.10 74.56
C LEU C 2 -14.38 -36.81 73.21
N ARG C 3 -15.00 -37.84 72.61
CA ARG C 3 -15.69 -37.69 71.31
C ARG C 3 -16.75 -36.58 71.32
N GLY C 4 -17.56 -36.51 72.38
CA GLY C 4 -18.57 -35.49 72.51
C GLY C 4 -17.98 -34.09 72.45
N GLU C 5 -16.79 -33.93 73.04
CA GLU C 5 -16.06 -32.65 73.00
C GLU C 5 -15.58 -32.30 71.59
N LEU C 6 -14.99 -33.29 70.91
CA LEU C 6 -14.45 -33.10 69.56
C LEU C 6 -15.56 -32.80 68.54
N ASN C 7 -16.74 -33.34 68.81
CA ASN C 7 -17.90 -32.99 68.04
C ASN C 7 -18.29 -31.55 68.31
N ASN C 8 -18.19 -31.15 69.56
CA ASN C 8 -18.62 -29.81 69.96
C ASN C 8 -17.69 -28.70 69.46
N GLU C 9 -16.46 -29.10 69.14
CA GLU C 9 -15.38 -28.15 68.86
C GLU C 9 -15.01 -28.15 67.38
N GLY C 10 -15.69 -28.98 66.60
CA GLY C 10 -15.54 -28.96 65.15
C GLY C 10 -14.36 -29.77 64.64
N VAL C 11 -13.74 -30.56 65.52
CA VAL C 11 -12.64 -31.46 65.13
C VAL C 11 -13.17 -32.66 64.32
N ILE C 12 -14.37 -33.08 64.62
CA ILE C 12 -15.01 -34.15 63.89
C ILE C 12 -16.37 -33.69 63.57
N ASN C 13 -16.96 -34.27 62.54
CA ASN C 13 -18.23 -33.79 62.01
C ASN C 13 -18.13 -32.26 61.81
N PHE C 14 -17.03 -31.79 61.22
CA PHE C 14 -16.86 -30.34 60.94
C PHE C 14 -17.84 -29.89 59.86
N SER C 15 -18.64 -28.88 60.18
CA SER C 15 -19.48 -28.25 59.17
C SER C 15 -19.64 -26.75 59.44
N HIS C 16 -19.76 -25.98 58.35
CA HIS C 16 -19.91 -24.53 58.43
C HIS C 16 -21.27 -24.10 59.01
N ALA C 17 -22.23 -25.03 59.05
CA ALA C 17 -23.54 -24.74 59.63
C ALA C 17 -23.61 -24.94 61.16
N ASP C 18 -22.67 -25.69 61.73
CA ASP C 18 -22.66 -25.87 63.18
C ASP C 18 -22.12 -24.61 63.84
N THR C 19 -22.37 -24.49 65.14
CA THR C 19 -21.87 -23.36 65.92
C THR C 19 -20.79 -23.81 66.88
N TYR C 20 -19.65 -23.15 66.81
CA TYR C 20 -18.52 -23.52 67.66
C TYR C 20 -18.11 -22.31 68.47
N GLY C 21 -17.27 -22.53 69.47
CA GLY C 21 -16.81 -21.44 70.33
C GLY C 21 -15.50 -20.89 69.83
N ASN C 22 -15.17 -19.66 70.19
CA ASN C 22 -14.10 -18.94 69.50
C ASN C 22 -12.70 -19.53 69.76
N ASP C 23 -12.58 -20.38 70.78
CA ASP C 23 -11.30 -21.03 71.05
C ASP C 23 -11.20 -22.40 70.38
N SER C 24 -12.31 -22.87 69.81
CA SER C 24 -12.35 -24.20 69.21
C SER C 24 -11.64 -24.19 67.88
N VAL C 25 -10.98 -25.29 67.58
CA VAL C 25 -10.45 -25.47 66.27
C VAL C 25 -11.50 -25.18 65.21
N GLY C 26 -12.72 -25.68 65.41
CA GLY C 26 -13.78 -25.52 64.43
C GLY C 26 -13.98 -24.06 64.02
N ALA C 27 -14.03 -23.18 65.03
CA ALA C 27 -14.24 -21.75 64.85
C ALA C 27 -13.17 -21.13 63.97
N HIS C 28 -11.90 -21.30 64.34
CA HIS C 28 -10.80 -21.00 63.43
C HIS C 28 -11.08 -21.41 61.98
N LEU C 29 -11.33 -22.70 61.77
CA LEU C 29 -11.60 -23.24 60.42
C LEU C 29 -12.79 -22.61 59.67
N GLN C 30 -13.76 -22.09 60.42
CA GLN C 30 -15.00 -21.61 59.82
C GLN C 30 -14.80 -20.23 59.14
N ASN C 31 -13.61 -19.66 59.30
CA ASN C 31 -13.29 -18.35 58.73
C ASN C 31 -13.13 -18.43 57.20
N VAL C 32 -12.70 -19.59 56.72
CA VAL C 32 -12.52 -19.81 55.29
C VAL C 32 -13.46 -20.92 54.87
N VAL C 33 -14.15 -20.73 53.76
CA VAL C 33 -15.13 -21.70 53.31
C VAL C 33 -14.77 -22.27 51.95
N TYR C 34 -14.62 -23.58 51.90
CA TYR C 34 -14.51 -24.28 50.63
C TYR C 34 -15.81 -25.00 50.40
N PRO C 35 -16.36 -24.90 49.19
CA PRO C 35 -17.64 -25.54 49.00
C PRO C 35 -17.57 -27.08 48.91
N THR C 36 -16.37 -27.66 48.97
CA THR C 36 -16.28 -29.10 49.19
C THR C 36 -16.58 -29.46 50.64
N ASP C 37 -16.48 -28.49 51.57
CA ASP C 37 -16.85 -28.74 52.99
C ASP C 37 -18.36 -29.00 53.14
N ALA C 38 -18.73 -29.56 54.29
CA ALA C 38 -20.11 -29.63 54.70
C ALA C 38 -20.52 -28.25 55.20
N PRO C 39 -21.77 -27.83 54.98
CA PRO C 39 -22.84 -28.71 54.49
C PRO C 39 -23.07 -28.65 52.98
N PHE C 40 -22.09 -28.16 52.24
CA PHE C 40 -22.30 -27.85 50.83
C PHE C 40 -21.99 -29.06 49.96
N ASN C 41 -20.93 -29.76 50.30
CA ASN C 41 -20.61 -31.06 49.69
C ASN C 41 -20.59 -31.01 48.19
N ALA C 42 -19.87 -30.03 47.65
CA ALA C 42 -19.70 -29.90 46.22
C ALA C 42 -18.83 -31.03 45.67
N ALA C 43 -19.25 -31.53 44.52
CA ALA C 43 -18.51 -32.54 43.77
C ALA C 43 -17.22 -31.95 43.22
N THR C 44 -16.28 -32.84 42.92
CA THR C 44 -14.92 -32.44 42.58
C THR C 44 -14.46 -33.08 41.30
N ASP C 45 -15.42 -33.60 40.53
CA ASP C 45 -15.14 -34.42 39.35
C ASP C 45 -15.28 -33.63 38.06
N GLY C 46 -15.59 -32.34 38.16
CA GLY C 46 -15.59 -31.44 37.00
C GLY C 46 -16.77 -31.61 36.06
N THR C 47 -17.62 -32.60 36.31
CA THR C 47 -18.70 -32.92 35.37
C THR C 47 -20.07 -32.80 35.99
N THR C 48 -20.17 -33.15 37.27
CA THR C 48 -21.44 -33.05 37.96
C THR C 48 -21.76 -31.58 38.20
N ASP C 49 -23.02 -31.23 37.98
CA ASP C 49 -23.51 -29.89 38.29
C ASP C 49 -23.30 -29.57 39.76
N THR C 50 -22.64 -28.46 40.06
CA THR C 50 -22.39 -28.07 41.47
C THR C 50 -23.04 -26.74 41.85
N THR C 51 -24.05 -26.32 41.08
CA THR C 51 -24.63 -25.00 41.22
C THR C 51 -25.17 -24.77 42.63
N VAL C 52 -25.89 -25.78 43.14
CA VAL C 52 -26.64 -25.68 44.39
C VAL C 52 -25.70 -25.57 45.57
N ALA C 53 -24.66 -26.39 45.57
CA ALA C 53 -23.62 -26.32 46.59
C ALA C 53 -22.97 -24.93 46.62
N ILE C 54 -22.64 -24.40 45.45
CA ILE C 54 -21.85 -23.18 45.39
C ILE C 54 -22.67 -21.97 45.79
N LYS C 55 -23.92 -21.92 45.34
CA LYS C 55 -24.85 -20.93 45.83
C LYS C 55 -25.03 -21.00 47.32
N SER C 56 -25.16 -22.22 47.85
CA SER C 56 -25.34 -22.40 49.28
C SER C 56 -24.20 -21.77 50.04
N ALA C 57 -22.98 -22.11 49.64
CA ALA C 57 -21.77 -21.52 50.19
C ALA C 57 -21.70 -20.00 50.02
N ILE C 58 -22.15 -19.51 48.86
CA ILE C 58 -22.14 -18.06 48.60
C ILE C 58 -23.03 -17.34 49.62
N ALA C 59 -24.25 -17.84 49.76
CA ALA C 59 -25.23 -17.35 50.69
C ALA C 59 -24.76 -17.43 52.13
N HIS C 60 -24.16 -18.56 52.49
CA HIS C 60 -23.56 -18.70 53.82
C HIS C 60 -22.47 -17.66 54.07
N CYS C 61 -21.55 -17.49 53.12
CA CYS C 61 -20.41 -16.61 53.33
C CYS C 61 -20.87 -15.17 53.52
N ILE C 62 -22.02 -14.84 52.93
CA ILE C 62 -22.58 -13.52 53.03
C ILE C 62 -23.30 -13.36 54.36
N SER C 63 -24.17 -14.30 54.66
CA SER C 63 -24.80 -14.35 55.97
C SER C 63 -23.78 -14.20 57.13
N LYS C 64 -22.72 -14.98 57.09
CA LYS C 64 -21.88 -15.11 58.28
C LYS C 64 -20.62 -14.28 58.22
N GLY C 65 -20.35 -13.60 57.10
CA GLY C 65 -19.14 -12.79 57.02
C GLY C 65 -17.84 -13.57 56.82
N LYS C 66 -17.88 -14.61 55.98
CA LYS C 66 -16.72 -15.47 55.80
C LYS C 66 -16.19 -15.43 54.37
N LYS C 67 -14.93 -15.83 54.19
CA LYS C 67 -14.26 -15.83 52.91
C LYS C 67 -14.55 -17.10 52.12
N LEU C 68 -14.74 -16.98 50.82
CA LEU C 68 -15.20 -18.09 49.96
C LEU C 68 -14.07 -18.46 49.02
N VAL C 69 -13.63 -19.71 49.06
CA VAL C 69 -12.46 -20.10 48.30
C VAL C 69 -12.81 -21.25 47.39
N LEU C 70 -12.82 -21.00 46.08
CA LEU C 70 -13.17 -22.04 45.13
C LEU C 70 -12.00 -22.94 44.89
N ASN C 71 -12.16 -24.22 45.20
CA ASN C 71 -11.01 -25.09 45.35
C ASN C 71 -10.89 -26.11 44.24
N HIS C 72 -11.87 -26.15 43.35
CA HIS C 72 -11.75 -26.84 42.06
C HIS C 72 -12.33 -25.98 40.95
N LEU C 73 -12.29 -26.51 39.71
CA LEU C 73 -13.12 -26.01 38.61
C LEU C 73 -14.51 -26.64 38.64
N PHE C 74 -15.47 -25.93 39.21
CA PHE C 74 -16.84 -26.44 39.34
C PHE C 74 -17.76 -26.12 38.15
N MET C 75 -18.49 -27.12 37.67
CA MET C 75 -19.56 -26.86 36.70
C MET C 75 -20.84 -26.28 37.30
N ILE C 76 -21.38 -25.27 36.63
CA ILE C 76 -22.62 -24.64 37.02
C ILE C 76 -23.56 -24.60 35.84
N THR C 77 -24.84 -24.37 36.12
CA THR C 77 -25.84 -24.30 35.06
C THR C 77 -26.84 -23.17 35.29
N ASP C 78 -26.65 -22.42 36.37
CA ASP C 78 -27.31 -21.14 36.55
C ASP C 78 -26.35 -20.12 37.18
N THR C 79 -26.63 -18.86 36.87
CA THR C 79 -25.86 -17.72 37.33
C THR C 79 -25.47 -17.76 38.82
N LEU C 80 -24.17 -17.73 39.10
CA LEU C 80 -23.68 -17.34 40.43
C LEU C 80 -23.80 -15.86 40.64
N VAL C 81 -24.60 -15.43 41.61
CA VAL C 81 -24.69 -14.01 41.94
C VAL C 81 -23.75 -13.68 43.10
N ILE C 82 -22.76 -12.83 42.84
CA ILE C 82 -21.85 -12.38 43.89
C ILE C 82 -22.25 -10.99 44.35
N SER C 83 -22.74 -10.90 45.57
CA SER C 83 -23.37 -9.67 46.08
C SER C 83 -22.81 -9.27 47.44
N ASP C 84 -23.19 -8.08 47.90
CA ASP C 84 -23.11 -7.76 49.31
C ASP C 84 -21.69 -7.67 49.88
N GLY C 85 -20.68 -7.49 49.02
CA GLY C 85 -19.30 -7.33 49.49
C GLY C 85 -18.45 -8.59 49.44
N LEU C 86 -19.07 -9.69 49.05
CA LEU C 86 -18.40 -11.00 48.99
C LEU C 86 -17.28 -10.98 47.94
N HIS C 87 -16.12 -11.53 48.32
CA HIS C 87 -15.03 -11.80 47.37
C HIS C 87 -14.89 -13.31 47.13
N VAL C 88 -15.07 -13.72 45.89
CA VAL C 88 -14.80 -15.09 45.53
C VAL C 88 -13.33 -15.20 45.16
N GLU C 89 -12.63 -16.07 45.85
CA GLU C 89 -11.20 -16.22 45.66
C GLU C 89 -10.92 -17.63 45.16
N CYS C 90 -10.23 -17.76 44.04
CA CYS C 90 -9.91 -19.06 43.52
C CYS C 90 -8.62 -19.54 44.12
N LEU C 91 -8.63 -20.79 44.60
CA LEU C 91 -7.51 -21.38 45.32
C LEU C 91 -6.27 -21.43 44.44
N THR C 92 -6.44 -21.86 43.18
CA THR C 92 -5.34 -21.82 42.22
C THR C 92 -5.78 -21.25 40.87
N SER C 93 -4.80 -21.01 40.01
CA SER C 93 -5.04 -20.66 38.62
C SER C 93 -6.04 -21.59 37.94
N ASP C 94 -6.19 -22.82 38.47
CA ASP C 94 -7.06 -23.84 37.87
C ASP C 94 -8.47 -23.95 38.42
N SER C 95 -8.71 -23.42 39.60
CA SER C 95 -10.07 -23.37 40.12
C SER C 95 -10.92 -22.28 39.49
N GLY C 96 -12.22 -22.26 39.83
CA GLY C 96 -13.17 -21.33 39.25
C GLY C 96 -14.43 -22.05 38.82
N VAL C 97 -15.03 -21.63 37.71
CA VAL C 97 -16.23 -22.30 37.20
C VAL C 97 -16.22 -22.59 35.71
N LYS C 98 -16.90 -23.66 35.34
CA LYS C 98 -17.16 -23.96 33.97
C LYS C 98 -18.66 -23.82 33.76
N SER C 99 -19.05 -23.01 32.77
CA SER C 99 -20.44 -22.61 32.60
C SER C 99 -21.15 -23.41 31.52
N ASP C 100 -22.24 -24.03 31.95
CA ASP C 100 -23.23 -24.62 31.06
C ASP C 100 -24.53 -23.83 31.17
N VAL C 101 -24.42 -22.57 31.56
CA VAL C 101 -25.57 -21.74 31.74
C VAL C 101 -26.19 -21.37 30.37
N PRO C 102 -27.53 -21.52 30.24
CA PRO C 102 -28.18 -21.32 28.96
C PRO C 102 -28.22 -19.86 28.50
N ALA C 103 -28.38 -19.67 27.20
CA ALA C 103 -28.55 -18.36 26.62
C ALA C 103 -29.48 -17.48 27.45
N GLY C 104 -29.13 -16.20 27.58
CA GLY C 104 -29.98 -15.22 28.24
C GLY C 104 -29.47 -14.91 29.63
N LYS C 105 -28.57 -15.72 30.15
CA LYS C 105 -28.02 -15.44 31.45
C LYS C 105 -26.50 -15.48 31.49
N PHE C 106 -25.94 -14.98 32.57
CA PHE C 106 -24.49 -14.98 32.72
C PHE C 106 -24.08 -16.08 33.67
N ALA C 107 -22.87 -16.59 33.43
CA ALA C 107 -22.19 -17.45 34.37
C ALA C 107 -22.10 -16.80 35.74
N VAL C 108 -21.51 -15.61 35.79
CA VAL C 108 -21.31 -14.92 37.04
C VAL C 108 -21.85 -13.50 36.92
N LYS C 109 -22.68 -13.10 37.89
CA LYS C 109 -23.09 -11.72 38.04
C LYS C 109 -22.56 -11.11 39.33
N ILE C 110 -21.86 -9.97 39.21
CA ILE C 110 -21.29 -9.28 40.39
C ILE C 110 -22.00 -7.94 40.64
N THR C 111 -22.38 -7.70 41.89
CA THR C 111 -23.26 -6.59 42.21
C THR C 111 -23.11 -6.20 43.67
N GLY C 112 -23.68 -5.06 44.01
CA GLY C 112 -23.48 -4.51 45.35
C GLY C 112 -22.17 -3.75 45.50
N ALA C 113 -21.88 -3.31 46.74
CA ALA C 113 -20.62 -2.64 47.10
C ALA C 113 -19.46 -3.62 47.36
N ASN C 114 -18.36 -3.41 46.65
CA ASN C 114 -17.09 -4.07 46.90
C ASN C 114 -17.11 -5.55 46.72
N SER C 115 -17.94 -6.04 45.85
CA SER C 115 -17.96 -7.44 45.55
C SER C 115 -16.89 -7.74 44.48
N GLY C 116 -16.45 -8.97 44.40
CA GLY C 116 -15.61 -9.36 43.27
C GLY C 116 -15.08 -10.78 43.24
N TRP C 117 -14.12 -10.99 42.37
CA TRP C 117 -13.68 -12.30 41.99
C TRP C 117 -12.19 -12.23 41.72
N PHE C 118 -11.41 -12.91 42.56
CA PHE C 118 -9.96 -12.98 42.44
C PHE C 118 -9.57 -14.33 41.86
N GLY C 119 -8.86 -14.32 40.76
CA GLY C 119 -8.18 -15.51 40.31
C GLY C 119 -8.97 -16.51 39.52
N GLY C 120 -8.29 -17.59 39.16
CA GLY C 120 -8.92 -18.73 38.55
C GLY C 120 -9.46 -18.47 37.16
N LYS C 121 -10.55 -19.14 36.83
CA LYS C 121 -11.07 -19.19 35.47
C LYS C 121 -12.55 -19.05 35.54
N ILE C 122 -13.12 -18.57 34.45
CA ILE C 122 -14.55 -18.61 34.20
C ILE C 122 -14.72 -18.99 32.72
N LEU C 123 -15.20 -20.21 32.47
CA LEU C 123 -15.09 -20.87 31.16
C LEU C 123 -16.45 -21.13 30.57
N GLY C 124 -16.62 -20.81 29.32
CA GLY C 124 -17.83 -21.15 28.59
C GLY C 124 -17.57 -22.33 27.70
N LYS C 125 -18.58 -22.69 26.95
CA LYS C 125 -18.53 -23.91 26.16
C LYS C 125 -17.53 -23.81 25.04
N ASN C 126 -17.29 -22.59 24.57
CA ASN C 126 -16.19 -22.33 23.63
C ASN C 126 -16.38 -23.17 22.37
N LEU C 127 -17.58 -23.10 21.82
CA LEU C 127 -17.88 -23.73 20.54
C LEU C 127 -18.32 -22.66 19.56
N PRO C 128 -17.36 -21.88 19.07
CA PRO C 128 -17.68 -20.71 18.26
C PRO C 128 -18.20 -21.04 16.87
N GLU C 129 -18.13 -22.30 16.50
CA GLU C 129 -18.65 -22.75 15.22
C GLU C 129 -20.12 -23.15 15.32
N SER C 130 -20.59 -23.44 16.54
CA SER C 130 -21.98 -23.82 16.78
C SER C 130 -23.00 -22.75 16.36
N THR C 131 -24.08 -23.20 15.73
CA THR C 131 -25.16 -22.32 15.32
C THR C 131 -26.28 -22.25 16.35
N THR C 132 -26.10 -22.96 17.47
CA THR C 132 -27.11 -22.96 18.52
C THR C 132 -26.58 -22.41 19.86
N VAL C 133 -25.32 -22.71 20.22
CA VAL C 133 -24.81 -22.26 21.55
C VAL C 133 -24.63 -20.72 21.64
N ARG C 134 -25.09 -20.15 22.74
CA ARG C 134 -25.13 -18.70 22.95
C ARG C 134 -24.96 -18.44 24.43
N GLN C 135 -23.83 -17.82 24.84
CA GLN C 135 -23.53 -17.63 26.26
C GLN C 135 -22.94 -16.25 26.56
N ASP C 136 -22.90 -15.90 27.84
CA ASP C 136 -22.31 -14.66 28.30
C ASP C 136 -21.57 -14.95 29.63
N GLY C 137 -20.46 -14.27 29.87
CA GLY C 137 -19.52 -14.68 30.91
C GLY C 137 -19.78 -13.95 32.20
N VAL C 138 -19.27 -12.73 32.32
CA VAL C 138 -19.30 -12.01 33.58
C VAL C 138 -20.02 -10.70 33.43
N LEU C 139 -21.04 -10.47 34.27
CA LEU C 139 -21.74 -9.19 34.30
C LEU C 139 -21.45 -8.43 35.61
N PHE C 140 -21.00 -7.18 35.51
CA PHE C 140 -21.24 -6.23 36.60
C PHE C 140 -22.46 -5.42 36.24
N ASP C 141 -23.50 -5.54 37.04
CA ASP C 141 -24.76 -4.91 36.73
C ASP C 141 -24.83 -3.48 37.25
N GLU C 142 -26.00 -2.86 37.09
CA GLU C 142 -26.20 -1.44 37.40
C GLU C 142 -25.87 -1.12 38.81
N ASN C 143 -26.06 -2.08 39.70
CA ASN C 143 -25.87 -1.81 41.13
C ASN C 143 -24.50 -2.21 41.64
N ALA C 144 -23.54 -2.47 40.74
CA ALA C 144 -22.15 -2.72 41.12
C ALA C 144 -21.48 -1.44 41.51
N GLU C 145 -20.89 -1.39 42.71
CA GLU C 145 -20.06 -0.26 43.11
C GLU C 145 -18.71 -0.73 43.57
N TYR C 146 -17.70 -0.27 42.88
CA TYR C 146 -16.35 -0.56 43.23
C TYR C 146 -16.14 -2.05 43.36
N CYS C 147 -16.78 -2.80 42.45
CA CYS C 147 -16.58 -4.22 42.36
C CYS C 147 -15.38 -4.50 41.48
N PHE C 148 -14.97 -5.76 41.37
CA PHE C 148 -13.74 -6.05 40.66
C PHE C 148 -13.68 -7.50 40.23
N ILE C 149 -12.95 -7.75 39.16
CA ILE C 149 -12.46 -9.04 38.82
C ILE C 149 -11.01 -8.90 38.42
N THR C 150 -10.15 -9.69 39.05
CA THR C 150 -8.69 -9.50 38.98
C THR C 150 -8.06 -10.88 38.87
N GLY C 151 -7.32 -11.12 37.81
CA GLY C 151 -6.43 -12.28 37.78
C GLY C 151 -7.06 -13.51 37.19
N THR C 152 -8.02 -13.30 36.30
CA THR C 152 -8.92 -14.34 35.89
C THR C 152 -8.90 -14.54 34.41
N GLU C 153 -9.00 -15.80 34.00
CA GLU C 153 -9.17 -16.13 32.61
C GLU C 153 -10.66 -16.29 32.31
N VAL C 154 -11.22 -15.36 31.53
CA VAL C 154 -12.61 -15.43 31.10
C VAL C 154 -12.71 -15.69 29.58
N THR C 155 -13.09 -16.93 29.24
CA THR C 155 -12.92 -17.42 27.90
C THR C 155 -14.12 -18.21 27.49
N GLY C 156 -14.33 -18.30 26.18
CA GLY C 156 -15.20 -19.32 25.64
C GLY C 156 -16.63 -18.90 25.49
N PHE C 157 -16.96 -17.64 25.80
CA PHE C 157 -18.35 -17.19 25.66
C PHE C 157 -18.57 -16.66 24.27
N PHE C 158 -19.43 -17.35 23.54
CA PHE C 158 -19.70 -17.03 22.14
C PHE C 158 -21.16 -17.12 21.82
N ALA C 159 -21.52 -16.70 20.61
CA ALA C 159 -22.90 -16.62 20.20
C ALA C 159 -22.97 -16.29 18.71
N LYS C 160 -23.12 -17.31 17.86
CA LYS C 160 -23.01 -17.08 16.41
C LYS C 160 -24.24 -16.42 15.83
N GLY C 161 -24.05 -15.36 15.07
CA GLY C 161 -25.13 -14.48 14.68
C GLY C 161 -25.52 -13.46 15.71
N LEU C 162 -26.04 -12.33 15.23
CA LEU C 162 -26.34 -11.20 16.09
C LEU C 162 -27.55 -11.44 16.96
N HIS C 163 -27.48 -10.98 18.19
CA HIS C 163 -28.66 -10.94 19.04
C HIS C 163 -29.61 -9.85 18.57
N THR C 164 -30.89 -10.04 18.87
CA THR C 164 -31.87 -8.97 18.81
C THR C 164 -32.10 -8.26 20.16
N SER C 165 -31.88 -8.97 21.28
CA SER C 165 -31.95 -8.38 22.62
C SER C 165 -30.96 -9.14 23.50
N ASP C 166 -30.70 -8.62 24.71
CA ASP C 166 -29.78 -9.31 25.64
C ASP C 166 -30.35 -10.68 26.07
N ALA C 167 -31.67 -10.84 25.99
CA ALA C 167 -32.31 -12.08 26.39
C ALA C 167 -31.96 -13.24 25.44
N ASP C 168 -31.48 -12.91 24.24
CA ASP C 168 -31.01 -13.94 23.28
C ASP C 168 -29.69 -14.58 23.70
N GLY C 169 -28.88 -13.82 24.43
CA GLY C 169 -27.49 -14.16 24.63
C GLY C 169 -26.62 -13.43 23.63
N VAL C 170 -25.55 -12.81 24.10
CA VAL C 170 -24.76 -11.93 23.26
C VAL C 170 -23.38 -12.50 22.92
N GLY C 171 -22.69 -13.06 23.91
CA GLY C 171 -21.30 -13.52 23.75
C GLY C 171 -20.27 -12.63 24.42
N TYR C 172 -20.75 -11.73 25.25
CA TYR C 172 -19.90 -11.03 26.20
C TYR C 172 -19.01 -11.98 26.95
N GLY C 173 -17.71 -11.70 26.97
CA GLY C 173 -16.85 -12.19 28.00
C GLY C 173 -17.08 -11.49 29.34
N ILE C 174 -16.70 -10.22 29.46
CA ILE C 174 -16.98 -9.42 30.66
C ILE C 174 -17.79 -8.20 30.22
N TYR C 175 -18.90 -7.92 30.90
CA TYR C 175 -19.72 -6.76 30.58
C TYR C 175 -19.91 -5.94 31.84
N ASP C 176 -19.41 -4.70 31.82
CA ASP C 176 -19.41 -3.89 33.03
C ASP C 176 -20.41 -2.80 32.84
N LYS C 177 -21.47 -2.81 33.64
CA LYS C 177 -22.41 -1.69 33.75
C LYS C 177 -22.40 -1.00 35.11
N GLY C 178 -21.31 -1.14 35.86
CA GLY C 178 -21.23 -0.62 37.24
C GLY C 178 -20.54 0.72 37.38
N TYR C 179 -20.42 1.18 38.62
CA TYR C 179 -19.59 2.36 38.97
C TYR C 179 -18.30 1.89 39.58
N GLY C 180 -17.19 2.32 38.98
CA GLY C 180 -15.89 2.06 39.58
C GLY C 180 -15.37 0.65 39.45
N THR C 181 -15.73 -0.04 38.37
CA THR C 181 -15.38 -1.44 38.24
C THR C 181 -13.91 -1.57 37.91
N LEU C 182 -13.20 -2.47 38.59
CA LEU C 182 -11.82 -2.75 38.23
C LEU C 182 -11.72 -4.11 37.53
N ILE C 183 -11.16 -4.13 36.32
CA ILE C 183 -10.87 -5.34 35.63
C ILE C 183 -9.38 -5.30 35.40
N SER C 184 -8.63 -6.18 36.08
CA SER C 184 -7.16 -6.21 35.89
C SER C 184 -6.52 -7.59 35.88
N LYS C 185 -5.39 -7.68 35.22
CA LYS C 185 -4.67 -8.91 35.03
C LYS C 185 -5.53 -10.10 34.61
N CYS C 186 -6.58 -9.84 33.85
CA CYS C 186 -7.42 -10.86 33.28
C CYS C 186 -7.02 -11.15 31.86
N TYR C 187 -7.43 -12.31 31.40
CA TYR C 187 -7.32 -12.74 30.02
C TYR C 187 -8.74 -12.85 29.58
N ALA C 188 -9.16 -12.03 28.62
CA ALA C 188 -10.57 -12.01 28.21
C ALA C 188 -10.67 -12.29 26.72
N ASN C 189 -11.44 -13.31 26.38
CA ASN C 189 -11.36 -13.93 25.07
C ASN C 189 -12.71 -14.54 24.74
N SER C 190 -13.50 -13.78 23.97
CA SER C 190 -14.91 -14.10 23.73
C SER C 190 -15.41 -13.32 22.50
N LYS C 191 -16.66 -13.53 22.07
CA LYS C 191 -17.19 -12.83 20.90
C LYS C 191 -16.95 -11.32 20.99
N PHE C 192 -17.48 -10.75 22.06
CA PHE C 192 -17.10 -9.41 22.45
C PHE C 192 -16.31 -9.58 23.73
N CYS C 193 -14.99 -9.43 23.67
CA CYS C 193 -14.17 -9.82 24.84
C CYS C 193 -14.57 -9.06 26.10
N VAL C 194 -14.61 -7.73 26.00
CA VAL C 194 -14.91 -6.88 27.15
C VAL C 194 -15.84 -5.79 26.68
N ALA C 195 -16.91 -5.54 27.42
CA ALA C 195 -17.84 -4.50 27.07
C ALA C 195 -18.05 -3.53 28.23
N LEU C 196 -18.03 -2.24 27.91
CA LEU C 196 -18.07 -1.19 28.92
C LEU C 196 -19.31 -0.37 28.72
N GLY C 197 -20.06 -0.20 29.79
CA GLY C 197 -21.30 0.51 29.72
C GLY C 197 -21.55 1.14 31.05
N GLY C 198 -20.47 1.42 31.77
CA GLY C 198 -20.58 1.94 33.11
C GLY C 198 -19.92 3.31 33.24
N THR C 199 -19.51 3.58 34.46
CA THR C 199 -18.88 4.84 34.80
C THR C 199 -17.74 4.61 35.75
N GLU C 200 -16.65 5.34 35.56
CA GLU C 200 -15.44 5.26 36.39
C GLU C 200 -14.72 3.94 36.52
N GLY C 201 -14.82 3.08 35.51
CA GLY C 201 -14.09 1.82 35.57
C GLY C 201 -12.60 1.94 35.27
N ARG C 202 -11.87 0.91 35.61
CA ARG C 202 -10.44 0.88 35.42
C ARG C 202 -10.14 -0.49 34.86
N VAL C 203 -9.75 -0.51 33.59
CA VAL C 203 -9.47 -1.70 32.83
C VAL C 203 -7.97 -1.72 32.62
N LEU C 204 -7.24 -2.39 33.52
CA LEU C 204 -5.82 -2.23 33.59
C LEU C 204 -5.06 -3.57 33.39
N LYS C 205 -4.08 -3.59 32.49
CA LYS C 205 -3.10 -4.70 32.44
C LYS C 205 -3.74 -6.05 32.12
N ASN C 206 -4.55 -6.07 31.10
CA ASN C 206 -5.26 -7.28 30.75
C ASN C 206 -4.77 -7.67 29.42
N ARG C 207 -5.01 -8.94 29.09
CA ARG C 207 -4.70 -9.49 27.79
C ARG C 207 -6.03 -9.72 27.15
N ILE C 208 -6.25 -9.12 25.96
CA ILE C 208 -7.57 -9.10 25.33
C ILE C 208 -7.48 -9.54 23.87
N THR C 209 -8.12 -10.65 23.53
CA THR C 209 -8.14 -11.06 22.15
C THR C 209 -9.19 -12.11 21.97
N ASN C 210 -9.69 -12.25 20.76
CA ASN C 210 -10.42 -13.44 20.40
C ASN C 210 -9.84 -14.18 19.17
N ASN C 211 -8.60 -13.85 18.83
CA ASN C 211 -7.81 -14.65 17.86
C ASN C 211 -8.58 -14.98 16.57
N TYR C 212 -9.27 -14.00 16.03
CA TYR C 212 -9.87 -14.14 14.70
C TYR C 212 -8.89 -14.72 13.71
N LEU C 213 -7.65 -14.21 13.74
CA LEU C 213 -6.70 -14.55 12.68
C LEU C 213 -6.50 -16.06 12.61
N THR C 214 -6.42 -16.71 13.74
CA THR C 214 -6.17 -18.16 13.79
C THR C 214 -7.39 -18.96 14.18
N SER C 215 -8.57 -18.44 13.88
CA SER C 215 -9.82 -19.03 14.35
C SER C 215 -10.35 -20.04 13.36
N GLY C 216 -9.98 -19.83 12.09
CA GLY C 216 -10.51 -20.65 11.02
C GLY C 216 -11.84 -20.20 10.46
N GLU C 217 -12.48 -19.21 11.08
CA GLU C 217 -13.77 -18.76 10.56
C GLU C 217 -13.55 -18.28 9.14
N ALA C 218 -14.47 -18.62 8.25
CA ALA C 218 -14.33 -18.25 6.85
C ALA C 218 -14.50 -16.75 6.71
N LYS C 219 -13.66 -16.16 5.86
CA LYS C 219 -13.78 -14.73 5.48
C LYS C 219 -14.58 -14.62 4.19
N PRO C 220 -15.12 -13.44 3.86
CA PRO C 220 -14.89 -12.18 4.56
C PRO C 220 -15.58 -12.09 5.91
N TRP C 221 -15.18 -11.15 6.77
CA TRP C 221 -15.89 -10.96 8.04
C TRP C 221 -17.29 -10.43 7.73
N SER C 222 -18.28 -10.87 8.49
CA SER C 222 -19.62 -10.29 8.35
C SER C 222 -20.33 -10.24 9.67
N TRP C 223 -21.50 -9.65 9.67
CA TRP C 223 -22.29 -9.54 10.88
C TRP C 223 -22.63 -10.88 11.51
N ALA C 224 -22.43 -11.99 10.78
CA ALA C 224 -22.68 -13.33 11.36
C ALA C 224 -21.50 -13.87 12.16
N SER C 225 -20.37 -13.16 12.15
CA SER C 225 -19.14 -13.67 12.74
C SER C 225 -19.34 -13.83 14.20
N ASN C 226 -18.60 -14.80 14.75
CA ASN C 226 -18.48 -14.97 16.17
C ASN C 226 -17.25 -14.26 16.72
N TYR C 227 -16.69 -13.32 15.95
CA TYR C 227 -15.54 -12.57 16.43
C TYR C 227 -15.68 -11.08 16.18
N TRP C 228 -15.95 -10.34 17.26
CA TRP C 228 -16.11 -8.92 17.17
C TRP C 228 -14.96 -8.25 17.96
N ASP C 229 -15.25 -7.23 18.77
CA ASP C 229 -14.22 -6.34 19.29
C ASP C 229 -13.52 -6.89 20.52
N GLY C 230 -12.31 -6.39 20.75
CA GLY C 230 -11.66 -6.43 22.04
C GLY C 230 -12.38 -5.72 23.17
N ILE C 231 -12.52 -4.40 23.08
CA ILE C 231 -13.29 -3.64 24.06
C ILE C 231 -14.37 -2.89 23.26
N VAL C 232 -15.65 -3.16 23.54
CA VAL C 232 -16.74 -2.45 22.88
C VAL C 232 -17.48 -1.63 23.91
N SER C 233 -17.50 -0.30 23.73
CA SER C 233 -18.07 0.63 24.71
C SER C 233 -19.24 1.45 24.14
N GLU C 234 -20.36 1.46 24.84
CA GLU C 234 -21.44 2.41 24.61
C GLU C 234 -21.89 2.85 25.97
N ASN C 235 -22.11 4.17 26.10
CA ASN C 235 -22.50 4.80 27.37
C ASN C 235 -21.46 4.59 28.47
N ALA C 236 -20.21 4.74 28.06
CA ALA C 236 -19.04 4.47 28.87
C ALA C 236 -18.45 5.80 29.27
N HIS C 237 -18.34 6.06 30.57
CA HIS C 237 -17.86 7.35 31.05
C HIS C 237 -16.69 7.20 31.99
N ARG C 238 -15.70 8.07 31.83
CA ARG C 238 -14.63 8.22 32.81
C ARG C 238 -13.95 6.87 33.15
N TYR C 239 -13.83 6.00 32.18
CA TYR C 239 -12.93 4.84 32.28
C TYR C 239 -11.47 5.24 32.07
N VAL C 240 -10.56 4.48 32.69
CA VAL C 240 -9.14 4.50 32.25
C VAL C 240 -8.86 3.14 31.75
N ILE C 241 -8.27 3.08 30.57
CA ILE C 241 -7.92 1.86 29.92
C ILE C 241 -6.43 1.89 29.61
N ALA C 242 -5.67 1.27 30.50
CA ALA C 242 -4.21 1.38 30.51
C ALA C 242 -3.52 0.03 30.60
N PHE C 243 -2.41 -0.10 29.86
CA PHE C 243 -1.44 -1.16 30.01
C PHE C 243 -1.97 -2.48 29.48
N ASN C 244 -2.90 -2.45 28.55
CA ASN C 244 -3.52 -3.68 28.03
C ASN C 244 -2.84 -4.10 26.75
N ASP C 245 -2.90 -5.39 26.46
CA ASP C 245 -2.34 -6.01 25.29
C ASP C 245 -3.52 -6.47 24.46
N VAL C 246 -3.92 -5.65 23.46
CA VAL C 246 -5.12 -5.92 22.66
C VAL C 246 -4.80 -6.33 21.22
N SER C 247 -5.14 -7.54 20.83
CA SER C 247 -4.70 -7.97 19.53
C SER C 247 -5.63 -8.92 18.83
N ALA C 248 -5.51 -8.97 17.50
CA ALA C 248 -6.09 -10.02 16.68
C ALA C 248 -7.57 -10.23 16.94
N CYS C 249 -8.29 -9.14 17.15
CA CYS C 249 -9.71 -9.21 17.29
C CYS C 249 -10.44 -9.16 15.96
N GLY C 250 -11.66 -9.67 15.95
CA GLY C 250 -12.41 -9.82 14.72
C GLY C 250 -12.90 -8.51 14.17
N GLN C 251 -13.15 -7.57 15.08
CA GLN C 251 -13.37 -6.18 14.74
C GLN C 251 -12.31 -5.29 15.36
N SER C 252 -12.70 -4.24 16.09
CA SER C 252 -11.73 -3.27 16.55
C SER C 252 -11.12 -3.70 17.87
N GLY C 253 -9.94 -3.20 18.19
CA GLY C 253 -9.35 -3.50 19.50
C GLY C 253 -10.07 -2.78 20.64
N ILE C 254 -10.16 -1.45 20.52
CA ILE C 254 -10.79 -0.63 21.56
C ILE C 254 -11.76 0.35 20.88
N TYR C 255 -13.07 0.17 21.10
CA TYR C 255 -14.11 0.92 20.35
C TYR C 255 -15.03 1.62 21.32
N PHE C 256 -15.21 2.90 21.06
CA PHE C 256 -16.26 3.69 21.68
C PHE C 256 -17.26 4.21 20.68
N GLY C 257 -18.53 4.07 21.04
CA GLY C 257 -19.60 4.80 20.35
C GLY C 257 -20.62 5.40 21.30
N GLY C 258 -21.67 6.03 20.74
CA GLY C 258 -21.73 6.34 19.30
C GLY C 258 -22.68 5.50 18.48
N ASN C 259 -23.04 4.33 18.95
CA ASN C 259 -24.08 3.55 18.30
C ASN C 259 -25.15 3.15 19.28
N GLY C 260 -25.89 4.13 19.76
CA GLY C 260 -26.80 3.92 20.88
C GLY C 260 -26.03 4.03 22.18
N GLY C 261 -25.20 5.05 22.27
CA GLY C 261 -24.33 5.21 23.37
C GLY C 261 -23.79 6.62 23.40
N TYR C 262 -23.63 7.13 24.62
CA TYR C 262 -23.09 8.45 24.86
C TYR C 262 -21.84 8.24 25.69
N SER C 263 -20.68 8.36 25.08
CA SER C 263 -19.45 7.87 25.72
C SER C 263 -18.45 9.00 25.85
N THR C 264 -18.21 9.45 27.08
CA THR C 264 -17.46 10.66 27.30
C THR C 264 -16.35 10.42 28.34
N ASP C 265 -15.32 11.23 28.26
CA ASP C 265 -14.37 11.39 29.36
C ASP C 265 -13.54 10.17 29.66
N ASN C 266 -13.16 9.43 28.63
CA ASN C 266 -12.42 8.21 28.84
C ASN C 266 -10.97 8.46 28.45
N ILE C 267 -10.06 7.78 29.14
CA ILE C 267 -8.60 7.91 28.98
C ILE C 267 -8.00 6.57 28.59
N ILE C 268 -7.50 6.49 27.39
CA ILE C 268 -6.94 5.28 26.82
C ILE C 268 -5.45 5.53 26.61
N VAL C 269 -4.65 4.99 27.49
CA VAL C 269 -3.22 5.33 27.60
C VAL C 269 -2.38 4.07 27.70
N ASN C 270 -1.32 4.02 26.90
CA ASN C 270 -0.16 3.22 27.20
C ASN C 270 -0.54 1.74 26.97
N ASN C 271 -1.34 1.50 25.92
CA ASN C 271 -1.80 0.19 25.52
C ASN C 271 -1.12 -0.15 24.23
N THR C 272 -0.91 -1.45 24.00
CA THR C 272 -0.55 -1.98 22.69
C THR C 272 -1.78 -2.57 21.98
N VAL C 273 -2.00 -2.20 20.72
CA VAL C 273 -3.21 -2.59 19.99
C VAL C 273 -2.85 -2.87 18.54
N TYR C 274 -2.94 -4.15 18.11
CA TYR C 274 -2.40 -4.57 16.82
C TYR C 274 -3.17 -5.72 16.19
N ALA C 275 -3.10 -5.78 14.87
CA ALA C 275 -3.50 -6.97 14.13
C ALA C 275 -4.98 -7.21 14.28
N CYS C 276 -5.75 -6.14 14.48
CA CYS C 276 -7.17 -6.21 14.44
C CYS C 276 -7.71 -6.04 13.05
N TRP C 277 -8.85 -6.67 12.83
CA TRP C 277 -9.44 -6.81 11.51
C TRP C 277 -10.19 -5.55 11.12
N ASN C 278 -10.62 -4.80 12.13
CA ASN C 278 -11.24 -3.51 11.84
C ASN C 278 -10.26 -2.40 12.17
N ARG C 279 -10.59 -1.54 13.14
CA ARG C 279 -9.67 -0.49 13.54
C ARG C 279 -8.92 -0.85 14.84
N GLY C 280 -7.85 -0.15 15.12
CA GLY C 280 -7.16 -0.28 16.40
C GLY C 280 -7.94 0.36 17.55
N ILE C 281 -7.86 1.69 17.63
CA ILE C 281 -8.64 2.43 18.58
C ILE C 281 -9.64 3.19 17.72
N ASP C 282 -10.92 2.93 17.98
CA ASP C 282 -12.00 3.24 17.10
C ASP C 282 -13.05 4.05 17.88
N MET C 283 -13.17 5.33 17.57
CA MET C 283 -14.18 6.13 18.17
C MET C 283 -15.03 6.78 17.09
N GLY C 284 -16.33 6.55 17.15
CA GLY C 284 -17.17 7.01 16.08
C GLY C 284 -18.65 6.90 16.30
N LEU C 285 -19.38 7.64 15.49
CA LEU C 285 -20.83 7.73 15.57
C LEU C 285 -21.37 6.96 14.42
N PHE C 286 -22.04 5.86 14.72
CA PHE C 286 -22.68 5.10 13.69
C PHE C 286 -24.15 5.51 13.57
N SER C 287 -24.79 5.75 14.71
CA SER C 287 -26.09 6.43 14.75
C SER C 287 -25.92 7.92 14.88
N GLU C 288 -27.02 8.63 14.70
CA GLU C 288 -27.00 10.08 14.61
C GLU C 288 -26.57 10.66 15.92
N LYS C 289 -25.85 11.76 15.84
CA LYS C 289 -25.55 12.55 17.01
C LYS C 289 -26.87 12.88 17.67
N SER C 290 -26.95 12.70 18.97
CA SER C 290 -27.99 13.33 19.77
C SER C 290 -27.49 13.56 21.17
N ALA C 291 -28.40 13.99 22.04
CA ALA C 291 -28.12 14.12 23.48
C ALA C 291 -27.78 12.79 24.10
N THR C 292 -28.14 11.70 23.42
CA THR C 292 -27.91 10.38 23.99
C THR C 292 -27.00 9.46 23.17
N ASN C 293 -26.40 10.01 22.12
CA ASN C 293 -25.54 9.27 21.22
C ASN C 293 -24.43 10.21 20.76
N ASP C 294 -23.23 10.04 21.32
CA ASP C 294 -22.09 10.93 21.04
C ASP C 294 -20.83 10.34 21.67
N VAL C 295 -19.69 10.75 21.13
CA VAL C 295 -18.40 10.42 21.65
C VAL C 295 -17.60 11.68 21.87
N LEU C 296 -17.29 11.99 23.15
CA LEU C 296 -16.80 13.30 23.55
C LEU C 296 -15.62 13.23 24.54
N ARG C 297 -14.66 14.12 24.36
CA ARG C 297 -13.61 14.41 25.33
C ARG C 297 -12.89 13.17 25.75
N ASN C 298 -12.68 12.24 24.83
CA ASN C 298 -11.84 11.07 25.14
C ASN C 298 -10.36 11.39 24.83
N ILE C 299 -9.48 10.90 25.69
CA ILE C 299 -8.03 11.07 25.59
C ILE C 299 -7.40 9.74 25.13
N ILE C 300 -6.66 9.79 24.04
CA ILE C 300 -5.88 8.68 23.52
C ILE C 300 -4.42 9.07 23.48
N LYS C 301 -3.64 8.53 24.43
CA LYS C 301 -2.32 9.03 24.71
C LYS C 301 -1.31 7.88 24.93
N GLY C 302 -0.20 7.95 24.24
CA GLY C 302 0.94 7.12 24.53
C GLY C 302 0.72 5.65 24.26
N ASN C 303 -0.01 5.36 23.19
CA ASN C 303 -0.33 3.98 22.80
C ASN C 303 0.52 3.63 21.61
N ASN C 304 0.83 2.35 21.50
CA ASN C 304 1.50 1.80 20.30
C ASN C 304 0.51 0.97 19.53
N THR C 305 0.09 1.46 18.38
CA THR C 305 -0.97 0.84 17.58
C THR C 305 -0.45 0.54 16.20
N TYR C 306 -0.58 -0.72 15.74
CA TYR C 306 0.01 -1.13 14.49
C TYR C 306 -0.70 -2.26 13.76
N ASN C 307 -0.51 -2.30 12.42
CA ASN C 307 -1.09 -3.34 11.61
C ASN C 307 -2.53 -3.61 12.06
N ASN C 308 -3.35 -2.59 11.98
CA ASN C 308 -4.77 -2.80 12.12
C ASN C 308 -5.42 -2.55 10.78
N ARG C 309 -6.26 -3.47 10.33
CA ARG C 309 -6.62 -3.55 8.91
C ARG C 309 -7.18 -2.26 8.30
N GLU C 310 -8.07 -1.60 9.02
CA GLU C 310 -8.84 -0.47 8.52
C GLU C 310 -8.53 0.85 9.27
N ASN C 311 -7.36 0.90 9.89
CA ASN C 311 -6.72 2.10 10.43
C ASN C 311 -6.40 1.93 11.89
N ASN C 312 -5.24 2.43 12.29
CA ASN C 312 -4.78 2.22 13.63
C ASN C 312 -5.53 3.07 14.63
N ILE C 313 -5.70 4.35 14.34
CA ILE C 313 -6.52 5.24 15.16
C ILE C 313 -7.54 5.95 14.24
N TRP C 314 -8.84 5.84 14.55
CA TRP C 314 -9.95 6.28 13.76
C TRP C 314 -10.94 7.09 14.60
N LEU C 315 -11.18 8.32 14.19
CA LEU C 315 -12.16 9.17 14.81
C LEU C 315 -13.20 9.57 13.73
N ALA C 316 -14.47 9.34 14.02
CA ALA C 316 -15.53 9.55 13.02
C ALA C 316 -16.69 10.31 13.62
N GLY C 317 -16.69 11.63 13.46
CA GLY C 317 -17.81 12.44 13.88
C GLY C 317 -17.74 12.73 15.37
N VAL C 318 -16.52 12.66 15.92
CA VAL C 318 -16.28 12.81 17.34
C VAL C 318 -15.77 14.19 17.71
N SER C 319 -16.01 14.61 18.94
CA SER C 319 -15.68 15.99 19.27
C SER C 319 -14.88 16.06 20.57
N ASN C 320 -13.93 16.99 20.61
CA ASN C 320 -13.15 17.29 21.79
C ASN C 320 -12.25 16.16 22.29
N CYS C 321 -11.88 15.25 21.39
CA CYS C 321 -11.08 14.14 21.72
C CYS C 321 -9.62 14.48 21.43
N SER C 322 -8.69 13.85 22.12
CA SER C 322 -7.25 14.13 21.91
C SER C 322 -6.50 12.87 21.54
N VAL C 323 -5.60 13.03 20.59
CA VAL C 323 -4.69 11.98 20.20
C VAL C 323 -3.27 12.52 20.27
N VAL C 324 -2.58 12.18 21.35
CA VAL C 324 -1.30 12.79 21.71
C VAL C 324 -0.26 11.72 22.08
N GLY C 325 0.90 11.80 21.45
CA GLY C 325 2.05 10.99 21.86
C GLY C 325 1.93 9.50 21.62
N ASN C 326 1.24 9.15 20.56
CA ASN C 326 1.11 7.76 20.17
C ASN C 326 2.04 7.47 19.08
N THR C 327 2.39 6.19 18.99
CA THR C 327 3.14 5.69 17.90
C THR C 327 2.26 4.72 17.11
N SER C 328 1.96 5.07 15.87
CA SER C 328 1.07 4.31 15.03
C SER C 328 1.80 3.98 13.72
N TRP C 329 1.76 2.72 13.30
CA TRP C 329 2.66 2.30 12.26
C TRP C 329 2.20 1.05 11.57
N PHE C 330 2.88 0.72 10.46
CA PHE C 330 2.57 -0.48 9.73
C PHE C 330 3.84 -1.14 9.31
N ASP C 331 3.75 -2.41 8.92
CA ASP C 331 4.81 -3.02 8.13
C ASP C 331 4.30 -4.07 7.16
N THR C 332 5.21 -4.83 6.56
CA THR C 332 4.80 -5.78 5.52
C THR C 332 4.18 -7.05 6.11
N ASN C 333 4.17 -7.21 7.42
CA ASN C 333 3.25 -8.18 8.00
C ASN C 333 1.76 -7.88 7.80
N TYR C 334 1.43 -6.60 7.60
CA TYR C 334 0.08 -6.20 7.19
C TYR C 334 -0.33 -7.00 5.97
N ASP C 335 0.53 -7.04 4.97
CA ASP C 335 0.23 -7.72 3.70
C ASP C 335 0.03 -9.21 3.88
N VAL C 336 0.73 -9.77 4.85
CA VAL C 336 0.61 -11.19 5.14
C VAL C 336 -0.73 -11.47 5.79
N ILE C 337 -1.00 -10.86 6.94
CA ILE C 337 -2.13 -11.27 7.77
C ILE C 337 -3.45 -10.84 7.19
N PHE C 338 -3.45 -9.84 6.34
CA PHE C 338 -4.70 -9.34 5.77
C PHE C 338 -4.78 -9.64 4.28
N ALA C 339 -3.93 -10.55 3.81
CA ALA C 339 -3.95 -10.95 2.39
C ALA C 339 -5.36 -11.31 1.93
N GLY C 340 -5.73 -10.78 0.76
CA GLY C 340 -7.09 -10.90 0.24
C GLY C 340 -8.06 -9.80 0.64
N TYR C 341 -7.80 -9.11 1.75
CA TYR C 341 -8.81 -8.21 2.34
C TYR C 341 -8.21 -6.87 2.74
N PRO C 342 -7.76 -6.10 1.72
CA PRO C 342 -6.95 -4.91 1.95
C PRO C 342 -7.78 -3.79 2.54
N GLY C 343 -7.26 -3.14 3.57
CA GLY C 343 -7.98 -2.08 4.25
C GLY C 343 -7.40 -0.71 3.99
N GLY C 344 -7.89 0.27 4.74
CA GLY C 344 -7.46 1.67 4.61
C GLY C 344 -5.99 1.94 4.89
N HIS C 345 -5.41 1.24 5.86
CA HIS C 345 -3.98 1.33 6.13
C HIS C 345 -3.52 2.79 6.41
N ILE C 346 -4.24 3.45 7.32
CA ILE C 346 -3.93 4.83 7.74
C ILE C 346 -3.62 4.88 9.24
N CYS C 347 -2.51 5.53 9.56
CA CYS C 347 -2.04 5.62 10.96
C CYS C 347 -3.07 6.33 11.85
N ILE C 348 -3.39 7.59 11.50
CA ILE C 348 -4.40 8.41 12.23
C ILE C 348 -5.42 9.05 11.30
N SER C 349 -6.67 8.61 11.31
CA SER C 349 -7.67 9.10 10.34
C SER C 349 -8.81 9.77 11.04
N LEU C 350 -9.22 10.95 10.56
CA LEU C 350 -10.46 11.57 10.95
C LEU C 350 -11.47 11.36 9.83
N ALA C 351 -12.73 11.17 10.18
CA ALA C 351 -13.77 11.09 9.18
C ALA C 351 -15.02 11.69 9.73
N SER C 352 -16.03 11.75 8.89
CA SER C 352 -17.34 12.14 9.30
C SER C 352 -18.02 11.04 10.06
N GLY C 353 -19.03 11.39 10.82
CA GLY C 353 -19.93 10.37 11.33
C GLY C 353 -20.70 9.77 10.17
N ALA C 354 -21.39 8.68 10.46
CA ALA C 354 -22.02 7.87 9.42
C ALA C 354 -23.20 8.61 8.80
N ASN C 355 -23.70 9.62 9.51
CA ASN C 355 -24.76 10.47 8.99
C ASN C 355 -24.24 11.90 8.79
N GLY C 356 -22.95 12.03 8.48
CA GLY C 356 -22.38 13.33 8.07
C GLY C 356 -21.95 14.24 9.23
N GLU C 357 -21.93 13.73 10.44
CA GLU C 357 -21.44 14.55 11.55
C GLU C 357 -19.98 14.94 11.40
N ALA C 358 -19.69 16.20 11.65
CA ALA C 358 -18.33 16.75 11.61
C ALA C 358 -17.50 16.36 12.87
N CYS C 359 -16.23 15.97 12.68
CA CYS C 359 -15.18 16.06 13.71
C CYS C 359 -14.93 17.50 14.15
N VAL C 360 -15.13 17.75 15.44
CA VAL C 360 -15.09 19.10 15.99
C VAL C 360 -14.18 19.13 17.20
N GLY C 361 -13.22 20.02 17.16
CA GLY C 361 -12.51 20.40 18.36
C GLY C 361 -11.50 19.38 18.84
N ASN C 362 -10.97 18.55 17.92
CA ASN C 362 -10.06 17.49 18.28
C ASN C 362 -8.63 17.97 18.18
N THR C 363 -7.78 17.32 18.97
CA THR C 363 -6.38 17.72 19.20
C THR C 363 -5.46 16.52 18.89
N ILE C 364 -4.68 16.66 17.82
CA ILE C 364 -3.76 15.62 17.32
C ILE C 364 -2.36 16.21 17.42
N ASP C 365 -1.57 15.75 18.38
CA ASP C 365 -0.20 16.27 18.53
C ASP C 365 0.78 15.19 18.98
N SER C 366 2.03 15.46 18.71
CA SER C 366 3.12 14.72 19.23
C SER C 366 3.08 13.19 18.91
N ASN C 367 2.40 12.80 17.84
CA ASN C 367 2.33 11.42 17.45
C ASN C 367 3.40 11.09 16.40
N THR C 368 3.87 9.84 16.41
CA THR C 368 4.83 9.40 15.44
C THR C 368 4.16 8.38 14.53
N CYS C 369 4.05 8.73 13.27
CA CYS C 369 3.39 7.88 12.26
C CYS C 369 4.40 7.27 11.28
N ILE C 370 4.32 5.96 11.07
CA ILE C 370 5.21 5.30 10.15
C ILE C 370 4.42 4.44 9.17
N ASP C 371 4.44 4.83 7.91
CA ASP C 371 3.69 4.14 6.91
C ASP C 371 4.57 4.01 5.67
N PRO C 372 5.11 2.79 5.45
CA PRO C 372 6.10 2.55 4.39
C PRO C 372 5.48 2.48 2.99
N ARG C 373 4.16 2.52 2.90
CA ARG C 373 3.48 2.74 1.63
C ARG C 373 3.38 4.20 1.26
N GLY C 374 3.65 5.09 2.20
CA GLY C 374 3.54 6.49 1.94
C GLY C 374 2.11 6.99 1.91
N ASN C 375 1.17 6.20 2.45
CA ASN C 375 -0.14 6.74 2.82
C ASN C 375 0.02 7.92 3.83
N ALA C 376 -0.77 8.98 3.62
CA ALA C 376 -0.84 10.09 4.58
C ALA C 376 -0.89 9.57 6.00
N GLY C 377 -0.05 10.13 6.89
CA GLY C 377 -0.02 9.64 8.26
C GLY C 377 -1.22 10.15 9.04
N ILE C 378 -1.72 11.34 8.69
CA ILE C 378 -2.99 11.86 9.23
C ILE C 378 -3.86 12.26 8.05
N THR C 379 -5.13 11.87 8.08
CA THR C 379 -6.10 12.34 7.05
C THR C 379 -7.14 13.20 7.70
N VAL C 380 -7.58 14.24 6.99
CA VAL C 380 -8.60 15.16 7.48
C VAL C 380 -9.69 15.28 6.40
N PRO C 381 -10.98 15.02 6.75
CA PRO C 381 -12.13 15.11 5.86
C PRO C 381 -12.76 16.53 5.81
N THR C 382 -13.55 16.77 4.77
CA THR C 382 -14.28 18.02 4.57
C THR C 382 -15.35 18.20 5.66
N GLY C 383 -15.42 19.39 6.21
CA GLY C 383 -16.40 19.72 7.27
C GLY C 383 -15.89 19.61 8.68
N ALA C 384 -14.66 19.13 8.85
CA ALA C 384 -13.99 19.19 10.16
C ALA C 384 -13.75 20.62 10.52
N THR C 385 -14.04 20.97 11.77
CA THR C 385 -13.80 22.34 12.24
C THR C 385 -13.18 22.34 13.67
N GLY C 386 -12.37 23.36 13.96
CA GLY C 386 -11.81 23.52 15.27
C GLY C 386 -10.77 22.51 15.75
N ASN C 387 -10.24 21.74 14.83
CA ASN C 387 -9.26 20.76 15.16
C ASN C 387 -7.92 21.38 15.07
N VAL C 388 -6.97 20.89 15.86
CA VAL C 388 -5.61 21.40 15.90
C VAL C 388 -4.62 20.24 15.64
N PHE C 389 -3.85 20.41 14.56
CA PHE C 389 -2.91 19.37 14.11
C PHE C 389 -1.56 19.92 14.41
N GLY C 390 -1.00 19.51 15.53
CA GLY C 390 0.25 20.06 16.05
C GLY C 390 1.44 19.77 15.19
N SER C 391 2.44 20.60 15.33
CA SER C 391 3.65 20.41 14.61
C SER C 391 4.65 19.43 15.27
N GLY C 392 4.35 18.92 16.47
CA GLY C 392 5.17 17.88 17.10
C GLY C 392 4.91 16.49 16.53
N ASN C 393 3.86 16.37 15.71
CA ASN C 393 3.64 15.17 14.90
C ASN C 393 4.76 14.91 13.97
N ASN C 394 5.19 13.67 13.88
CA ASN C 394 6.26 13.31 12.99
C ASN C 394 5.71 12.38 11.97
N LEU C 395 5.63 12.86 10.74
CA LEU C 395 5.13 12.06 9.66
C LEU C 395 6.24 11.88 8.65
N SER C 396 7.50 11.97 9.10
CA SER C 396 8.61 11.97 8.13
C SER C 396 8.80 10.62 7.50
N GLN C 397 8.32 9.59 8.19
CA GLN C 397 8.37 8.25 7.70
C GLN C 397 7.02 7.74 7.26
N ALA C 398 6.14 8.67 6.88
CA ALA C 398 4.85 8.34 6.29
C ALA C 398 4.57 9.35 5.22
N GLY C 399 3.37 9.33 4.63
CA GLY C 399 2.95 10.45 3.79
C GLY C 399 2.61 11.64 4.66
N ALA C 400 2.64 12.83 4.07
CA ALA C 400 2.30 14.06 4.74
C ALA C 400 0.81 14.16 4.93
N ILE C 401 0.43 14.93 5.92
CA ILE C 401 -0.98 15.11 6.27
C ILE C 401 -1.83 15.40 5.04
N TYR C 402 -2.96 14.69 4.90
CA TYR C 402 -3.84 14.81 3.74
C TYR C 402 -5.11 15.54 4.14
N ILE C 403 -5.44 16.58 3.37
CA ILE C 403 -6.70 17.32 3.57
C ILE C 403 -7.65 17.19 2.37
N ALA C 404 -8.91 16.93 2.64
CA ALA C 404 -9.87 16.67 1.61
C ALA C 404 -10.18 17.92 0.77
N SER C 405 -9.97 19.12 1.32
CA SER C 405 -10.18 20.35 0.56
C SER C 405 -9.50 21.49 1.26
N PRO C 406 -9.05 22.50 0.48
CA PRO C 406 -8.20 23.56 1.00
C PRO C 406 -8.88 24.49 2.00
N ASP C 407 -10.20 24.60 1.94
CA ASP C 407 -10.93 25.37 2.94
C ASP C 407 -10.68 24.89 4.37
N LEU C 408 -10.26 23.64 4.55
CA LEU C 408 -9.97 23.14 5.90
C LEU C 408 -8.91 23.96 6.60
N ILE C 409 -8.04 24.61 5.85
CA ILE C 409 -6.87 25.26 6.44
C ILE C 409 -7.18 26.51 7.23
N THR C 410 -8.37 27.06 7.04
CA THR C 410 -8.82 28.19 7.83
C THR C 410 -9.94 27.88 8.76
N SER C 411 -10.50 26.68 8.66
CA SER C 411 -11.47 26.24 9.68
C SER C 411 -10.84 25.38 10.76
N ASN C 412 -9.56 25.04 10.60
CA ASN C 412 -8.79 24.30 11.60
C ASN C 412 -7.40 24.92 11.65
N ARG C 413 -6.59 24.52 12.62
CA ARG C 413 -5.25 25.05 12.74
C ARG C 413 -4.19 23.96 12.48
N PHE C 414 -3.60 24.01 11.27
CA PHE C 414 -2.56 23.06 10.89
C PHE C 414 -1.20 23.62 11.22
N GLU C 415 -0.67 23.28 12.37
CA GLU C 415 0.69 23.69 12.72
C GLU C 415 1.66 22.82 12.00
N LEU C 416 1.26 21.56 11.91
CA LEU C 416 1.76 20.65 10.92
C LEU C 416 1.32 21.12 9.54
N ALA C 417 2.28 21.58 8.76
CA ALA C 417 2.04 22.47 7.60
C ALA C 417 1.31 21.78 6.46
N VAL C 418 0.49 22.52 5.74
CA VAL C 418 -0.13 21.95 4.55
C VAL C 418 0.26 22.80 3.37
N THR C 419 0.55 22.12 2.27
CA THR C 419 0.95 22.77 1.04
C THR C 419 0.03 22.40 -0.09
N GLY C 420 -0.27 23.36 -0.93
CA GLY C 420 -1.16 23.14 -2.05
C GLY C 420 -0.94 24.15 -3.16
N SER C 421 -1.84 24.11 -4.13
CA SER C 421 -1.67 24.86 -5.37
C SER C 421 -3.06 25.31 -5.79
N PHE C 422 -3.14 26.43 -6.49
CA PHE C 422 -4.40 26.91 -7.03
C PHE C 422 -4.11 27.66 -8.32
N THR C 423 -5.12 27.78 -9.15
CA THR C 423 -4.97 28.51 -10.42
C THR C 423 -5.42 29.95 -10.26
N PRO C 424 -4.48 30.89 -10.39
CA PRO C 424 -4.79 32.28 -10.12
C PRO C 424 -5.56 32.90 -11.29
N VAL C 425 -6.32 33.96 -11.00
CA VAL C 425 -6.96 34.76 -12.03
C VAL C 425 -6.72 36.22 -11.73
N LEU C 426 -7.01 37.07 -12.73
CA LEU C 426 -6.99 38.50 -12.55
C LEU C 426 -8.37 39.15 -12.65
N LEU C 427 -8.62 40.12 -11.78
CA LEU C 427 -9.93 40.74 -11.68
C LEU C 427 -9.79 42.24 -11.88
N PRO C 428 -9.69 42.67 -13.16
CA PRO C 428 -9.61 44.10 -13.50
C PRO C 428 -10.95 44.76 -13.34
N GLU C 429 -10.93 46.03 -12.96
CA GLU C 429 -12.14 46.79 -12.64
C GLU C 429 -13.02 46.99 -13.85
N SER C 430 -12.39 47.22 -15.00
CA SER C 430 -13.08 47.16 -16.29
C SER C 430 -12.36 46.20 -17.24
N GLY C 431 -13.16 45.44 -17.97
CA GLY C 431 -12.65 44.58 -19.01
C GLY C 431 -12.27 43.20 -18.50
N SER C 432 -11.27 42.61 -19.14
CA SER C 432 -10.90 41.26 -18.83
C SER C 432 -9.44 41.03 -19.12
N ILE C 433 -8.82 40.17 -18.32
CA ILE C 433 -7.47 39.68 -18.55
C ILE C 433 -7.48 38.17 -18.38
N THR C 434 -6.78 37.49 -19.27
CA THR C 434 -6.82 36.04 -19.37
C THR C 434 -5.41 35.54 -19.19
N LEU C 435 -5.23 34.59 -18.28
CA LEU C 435 -3.91 34.08 -17.95
C LEU C 435 -3.56 32.81 -18.71
N SER C 436 -2.29 32.74 -19.09
CA SER C 436 -1.65 31.52 -19.49
C SER C 436 -1.73 30.46 -18.39
N SER C 437 -1.83 29.22 -18.80
CA SER C 437 -1.83 28.12 -17.85
C SER C 437 -0.43 27.81 -17.35
N SER C 438 0.57 28.54 -17.85
CA SER C 438 1.87 28.59 -17.18
C SER C 438 1.84 29.40 -15.87
N SER C 439 0.71 30.03 -15.57
CA SER C 439 0.55 30.76 -14.34
C SER C 439 0.29 29.77 -13.23
N THR C 440 0.78 30.09 -12.02
CA THR C 440 0.68 29.18 -10.88
C THR C 440 0.46 29.94 -9.60
N GLY C 441 -0.37 29.37 -8.74
CA GLY C 441 -0.42 29.75 -7.34
C GLY C 441 -0.07 28.59 -6.42
N VAL C 442 0.76 28.88 -5.43
CA VAL C 442 1.16 27.91 -4.40
C VAL C 442 0.86 28.50 -3.02
N PHE C 443 0.30 27.69 -2.11
CA PHE C 443 0.08 28.13 -0.71
C PHE C 443 0.67 27.13 0.28
N ARG C 444 1.16 27.63 1.42
CA ARG C 444 1.44 26.78 2.56
C ARG C 444 0.86 27.39 3.81
N ALA C 445 0.10 26.59 4.55
CA ALA C 445 -0.55 27.01 5.78
C ALA C 445 0.24 26.47 6.94
N THR C 446 0.75 27.37 7.76
CA THR C 446 1.38 27.03 9.01
C THR C 446 0.70 27.75 10.16
N GLY C 447 -0.06 27.01 10.93
CA GLY C 447 -0.95 27.62 11.92
C GLY C 447 -1.90 28.57 11.23
N ASN C 448 -2.00 29.76 11.80
CA ASN C 448 -2.95 30.74 11.31
C ASN C 448 -2.23 31.71 10.36
N ARG C 449 -1.15 31.24 9.74
CA ARG C 449 -0.45 32.01 8.71
C ARG C 449 -0.41 31.24 7.39
N ILE C 450 -0.79 31.89 6.29
CA ILE C 450 -0.59 31.28 4.96
C ILE C 450 0.41 32.07 4.11
N ASP C 451 1.40 31.33 3.57
CA ASP C 451 2.42 31.89 2.72
C ASP C 451 1.97 31.58 1.31
N PHE C 452 2.28 32.48 0.38
CA PHE C 452 1.77 32.38 -1.00
C PHE C 452 2.87 32.74 -1.93
N SER C 453 2.85 32.13 -3.10
CA SER C 453 3.70 32.52 -4.23
C SER C 453 2.89 32.37 -5.50
N VAL C 454 2.75 33.47 -6.24
CA VAL C 454 1.82 33.53 -7.37
C VAL C 454 2.56 34.09 -8.59
N THR C 455 2.63 33.27 -9.63
CA THR C 455 3.24 33.65 -10.90
C THR C 455 2.14 33.96 -11.88
N VAL C 456 2.13 35.19 -12.38
CA VAL C 456 1.11 35.65 -13.30
C VAL C 456 1.71 35.83 -14.70
N ASN C 457 1.19 35.04 -15.66
CA ASN C 457 1.54 35.20 -17.08
C ASN C 457 0.32 35.49 -17.91
N VAL C 458 0.26 36.70 -18.48
CA VAL C 458 -0.92 37.10 -19.23
C VAL C 458 -0.93 36.38 -20.57
N SER C 459 -2.12 35.94 -20.96
CA SER C 459 -2.33 35.27 -22.24
C SER C 459 -2.90 36.28 -23.21
N SER C 460 -4.09 36.78 -22.89
CA SER C 460 -4.74 37.84 -23.68
C SER C 460 -5.46 38.84 -22.81
N ILE C 461 -5.68 40.03 -23.37
CA ILE C 461 -6.45 41.09 -22.72
C ILE C 461 -7.64 41.55 -23.59
N SER C 462 -8.48 42.38 -23.01
CA SER C 462 -9.69 42.84 -23.68
C SER C 462 -10.19 44.08 -22.95
N SER C 463 -9.60 45.21 -23.28
CA SER C 463 -10.04 46.52 -22.77
C SER C 463 -9.90 46.67 -21.24
N PRO C 464 -8.82 46.11 -20.65
CA PRO C 464 -8.65 46.22 -19.21
C PRO C 464 -8.24 47.61 -18.79
N SER C 465 -9.05 48.26 -17.97
CA SER C 465 -8.57 49.42 -17.21
C SER C 465 -9.00 49.38 -15.74
N GLY C 466 -8.43 50.30 -14.97
CA GLY C 466 -8.83 50.52 -13.59
C GLY C 466 -7.96 49.75 -12.62
N ASN C 467 -8.55 49.48 -11.46
CA ASN C 467 -7.87 48.75 -10.40
C ASN C 467 -7.71 47.28 -10.74
N LEU C 468 -6.82 46.61 -10.03
CA LEU C 468 -6.58 45.19 -10.24
C LEU C 468 -6.51 44.42 -8.93
N ASN C 469 -7.16 43.26 -8.91
CA ASN C 469 -6.97 42.31 -7.85
C ASN C 469 -6.60 40.95 -8.40
N ILE C 470 -5.76 40.23 -7.67
CA ILE C 470 -5.46 38.84 -7.94
C ILE C 470 -6.29 37.98 -7.02
N ALA C 471 -6.71 36.83 -7.52
CA ALA C 471 -7.68 35.99 -6.85
C ALA C 471 -7.44 34.54 -7.25
N TYR C 472 -8.10 33.58 -6.57
CA TYR C 472 -8.65 33.71 -5.22
C TYR C 472 -7.76 32.89 -4.23
N LEU C 473 -7.42 33.47 -3.09
CA LEU C 473 -6.49 32.83 -2.13
C LEU C 473 -7.20 31.69 -1.42
N PRO C 474 -6.67 30.46 -1.52
CA PRO C 474 -7.32 29.30 -0.88
C PRO C 474 -7.54 29.50 0.60
N GLY C 475 -8.73 29.10 1.05
CA GLY C 475 -9.08 29.14 2.47
C GLY C 475 -9.55 30.49 2.94
N MET C 476 -9.25 31.56 2.17
CA MET C 476 -9.38 32.91 2.73
C MET C 476 -10.75 33.52 2.53
N SER C 477 -11.62 32.83 1.80
CA SER C 477 -12.93 33.38 1.54
C SER C 477 -13.70 33.66 2.82
N GLY C 478 -14.19 34.89 2.96
CA GLY C 478 -14.99 35.26 4.10
C GLY C 478 -14.23 35.22 5.42
N LYS C 479 -12.94 35.55 5.37
CA LYS C 479 -12.07 35.53 6.55
C LYS C 479 -11.46 36.89 6.69
N THR C 480 -10.97 37.22 7.88
CA THR C 480 -10.21 38.42 8.12
C THR C 480 -8.79 38.08 8.51
N SER C 481 -7.92 39.09 8.48
CA SER C 481 -6.55 38.91 8.90
C SER C 481 -6.15 39.99 9.90
N SER C 482 -5.12 39.71 10.67
CA SER C 482 -4.50 40.69 11.56
CA SER C 482 -4.54 40.72 11.55
C SER C 482 -3.40 41.48 10.85
N THR C 483 -2.67 40.80 9.99
CA THR C 483 -1.62 41.46 9.25
C THR C 483 -1.28 40.63 8.07
N SER C 484 -0.57 41.22 7.11
CA SER C 484 -0.14 40.52 5.93
C SER C 484 0.94 41.34 5.23
N MET C 485 1.58 40.75 4.23
CA MET C 485 2.80 41.32 3.66
C MET C 485 3.05 40.68 2.31
N PHE C 486 3.00 41.53 1.28
CA PHE C 486 3.14 41.11 -0.12
C PHE C 486 4.07 42.08 -0.84
N ILE C 487 4.95 41.50 -1.65
CA ILE C 487 5.83 42.26 -2.49
C ILE C 487 5.71 41.62 -3.88
N ILE C 488 5.98 42.41 -4.91
CA ILE C 488 6.18 41.88 -6.25
C ILE C 488 7.63 42.03 -6.62
N ASP C 489 8.33 40.91 -6.84
CA ASP C 489 9.79 40.95 -6.86
C ASP C 489 10.33 40.76 -8.28
N TYR C 490 9.42 40.49 -9.22
CA TYR C 490 9.72 40.33 -10.62
C TYR C 490 8.50 40.67 -11.47
N TRP C 491 8.74 41.44 -12.53
CA TRP C 491 7.74 41.69 -13.58
C TRP C 491 8.41 41.87 -14.93
N ASN C 492 7.64 41.65 -15.99
CA ASN C 492 8.13 41.84 -17.35
C ASN C 492 7.00 42.40 -18.22
N ASP C 493 7.36 43.27 -19.16
CA ASP C 493 6.41 43.82 -20.15
C ASP C 493 5.22 44.55 -19.53
N LEU C 494 5.49 45.36 -18.53
CA LEU C 494 4.49 46.30 -18.04
C LEU C 494 4.77 47.66 -18.67
N THR C 495 3.71 48.44 -18.89
CA THR C 495 3.87 49.82 -19.31
C THR C 495 4.03 50.70 -18.06
N LEU C 496 5.24 50.74 -17.53
CA LEU C 496 5.57 51.60 -16.43
C LEU C 496 6.62 52.58 -16.89
N SER C 497 6.49 53.84 -16.45
CA SER C 497 7.62 54.77 -16.49
C SER C 497 8.69 54.29 -15.52
N SER C 498 9.93 54.69 -15.79
CA SER C 498 10.99 54.52 -14.80
C SER C 498 10.61 55.29 -13.54
N GLY C 499 11.05 54.76 -12.40
CA GLY C 499 10.69 55.31 -11.10
C GLY C 499 9.39 54.77 -10.53
N VAL C 500 8.63 54.05 -11.36
CA VAL C 500 7.35 53.47 -10.94
C VAL C 500 7.53 51.98 -10.60
N ILE C 501 7.18 51.62 -9.36
CA ILE C 501 7.31 50.25 -8.87
C ILE C 501 5.92 49.67 -8.60
N PRO C 502 5.68 48.39 -8.99
CA PRO C 502 4.45 47.71 -8.56
C PRO C 502 4.38 47.52 -7.04
N LEU C 503 3.14 47.48 -6.54
CA LEU C 503 2.87 47.31 -5.14
C LEU C 503 1.72 46.34 -5.00
N ALA C 504 1.62 45.69 -3.82
CA ALA C 504 0.58 44.69 -3.58
C ALA C 504 0.22 44.65 -2.11
N SER C 505 -1.08 44.62 -1.85
CA SER C 505 -1.58 44.71 -0.52
C SER C 505 -2.90 43.97 -0.49
N LEU C 506 -3.07 43.14 0.54
CA LEU C 506 -4.30 42.39 0.68
C LEU C 506 -5.54 43.27 0.54
N ASN C 507 -6.48 42.83 -0.29
CA ASN C 507 -7.77 43.50 -0.43
C ASN C 507 -8.63 43.27 0.82
N LEU C 508 -8.78 44.30 1.63
CA LEU C 508 -9.36 44.16 2.95
C LEU C 508 -10.87 43.99 2.93
N GLU C 509 -11.50 44.35 1.81
CA GLU C 509 -12.90 44.07 1.63
C GLU C 509 -13.11 42.60 1.28
N ASN C 510 -12.23 42.09 0.43
CA ASN C 510 -12.29 40.69 0.01
C ASN C 510 -10.95 39.99 0.25
N GLN C 511 -10.79 39.36 1.42
CA GLN C 511 -9.46 39.01 1.88
C GLN C 511 -8.92 37.76 1.21
N ASP C 512 -9.65 37.24 0.22
CA ASP C 512 -9.04 36.26 -0.67
C ASP C 512 -8.61 36.84 -2.02
N GLN C 513 -8.39 38.15 -2.04
CA GLN C 513 -7.77 38.80 -3.23
C GLN C 513 -6.64 39.70 -2.80
N ILE C 514 -5.63 39.82 -3.64
CA ILE C 514 -4.55 40.81 -3.44
C ILE C 514 -4.62 41.96 -4.45
N THR C 515 -4.83 43.17 -3.95
CA THR C 515 -4.85 44.34 -4.82
C THR C 515 -3.42 44.64 -5.25
N VAL C 516 -3.25 44.77 -6.56
CA VAL C 516 -1.99 45.19 -7.18
C VAL C 516 -2.12 46.60 -7.77
N TYR C 517 -1.17 47.48 -7.41
CA TYR C 517 -1.16 48.85 -7.82
C TYR C 517 0.28 49.29 -7.96
N ARG C 518 0.53 50.59 -7.96
CA ARG C 518 1.85 51.12 -8.28
C ARG C 518 2.11 52.50 -7.69
N THR C 519 3.37 52.91 -7.73
CA THR C 519 3.79 54.20 -7.16
C THR C 519 3.49 55.40 -8.06
N ASP C 520 3.62 56.59 -7.48
CA ASP C 520 3.49 57.85 -8.21
C ASP C 520 3.98 58.98 -7.33
N GLY C 521 5.28 59.09 -7.16
CA GLY C 521 5.84 60.07 -6.21
C GLY C 521 5.32 59.85 -4.80
N GLY C 522 4.62 60.85 -4.26
CA GLY C 522 4.16 60.82 -2.87
C GLY C 522 2.73 60.31 -2.72
N ARG C 523 2.25 59.66 -3.76
CA ARG C 523 1.04 58.85 -3.69
C ARG C 523 1.23 57.56 -4.49
N VAL C 524 0.16 56.75 -4.54
CA VAL C 524 0.14 55.52 -5.30
C VAL C 524 -1.10 55.57 -6.17
N LEU C 525 -1.18 54.74 -7.22
CA LEU C 525 -2.37 54.77 -8.07
C LEU C 525 -2.93 53.37 -8.35
N TYR C 526 -4.25 53.30 -8.42
CA TYR C 526 -4.96 52.05 -8.53
C TYR C 526 -5.51 51.93 -9.94
N ASP C 527 -4.59 51.95 -10.90
CA ASP C 527 -4.94 52.03 -12.31
C ASP C 527 -4.17 50.97 -13.07
N PHE C 528 -3.79 49.91 -12.35
CA PHE C 528 -2.73 48.99 -12.79
C PHE C 528 -3.22 48.12 -13.96
N SER C 529 -4.55 47.90 -14.03
CA SER C 529 -5.14 47.04 -15.08
C SER C 529 -4.86 47.64 -16.47
N SER C 530 -4.70 48.96 -16.51
CA SER C 530 -4.43 49.67 -17.74
C SER C 530 -2.93 49.77 -18.02
N LEU C 531 -2.11 49.13 -17.21
CA LEU C 531 -0.66 49.16 -17.41
C LEU C 531 -0.14 47.83 -17.90
N MET C 532 -1.07 46.92 -18.24
CA MET C 532 -0.74 45.55 -18.60
C MET C 532 -0.92 45.27 -20.09
N LYS C 533 0.06 44.57 -20.66
CA LYS C 533 -0.03 44.06 -22.03
C LYS C 533 -0.55 42.63 -22.03
N SER C 534 -0.71 42.09 -23.23
CA SER C 534 -1.08 40.68 -23.42
C SER C 534 0.14 39.77 -23.27
N THR C 535 1.33 40.36 -23.18
CA THR C 535 2.52 39.58 -22.91
C THR C 535 3.09 39.82 -21.49
N SER C 536 2.42 40.64 -20.69
CA SER C 536 2.95 41.03 -19.37
C SER C 536 3.04 39.82 -18.42
N SER C 537 3.99 39.88 -17.48
CA SER C 537 4.14 38.87 -16.43
C SER C 537 4.53 39.56 -15.14
N PHE C 538 4.09 39.00 -14.00
CA PHE C 538 4.74 39.31 -12.73
C PHE C 538 4.57 38.22 -11.66
N ILE C 539 5.44 38.28 -10.66
CA ILE C 539 5.44 37.30 -9.58
C ILE C 539 5.23 37.99 -8.25
N LEU C 540 4.28 37.47 -7.49
CA LEU C 540 3.87 38.04 -6.22
C LEU C 540 4.18 37.02 -5.10
N LYS C 541 4.81 37.48 -4.01
CA LYS C 541 5.17 36.63 -2.85
C LYS C 541 4.56 37.28 -1.64
N GLY C 542 4.07 36.50 -0.66
CA GLY C 542 3.92 37.02 0.69
C GLY C 542 3.20 36.10 1.64
N PHE C 543 2.66 36.68 2.73
CA PHE C 543 1.84 35.92 3.67
C PHE C 543 0.73 36.73 4.28
N VAL C 544 -0.26 35.99 4.83
CA VAL C 544 -1.38 36.54 5.56
C VAL C 544 -1.46 35.82 6.88
N ASP C 545 -1.48 36.57 7.98
CA ASP C 545 -1.88 36.05 9.29
C ASP C 545 -3.38 36.23 9.43
N PHE C 546 -4.13 35.13 9.34
CA PHE C 546 -5.57 35.20 9.38
C PHE C 546 -6.13 35.00 10.77
N ASN C 547 -7.38 35.44 10.93
CA ASN C 547 -8.04 35.33 12.20
C ASN C 547 -8.81 34.02 12.25
N MET D 1 -4.01 -42.03 76.79
CA MET D 1 -3.65 -40.58 76.69
C MET D 1 -3.91 -40.04 75.28
N LEU D 2 -5.07 -40.39 74.69
CA LEU D 2 -5.52 -39.76 73.46
C LEU D 2 -5.76 -38.26 73.70
N ARG D 3 -6.44 -37.93 74.79
CA ARG D 3 -6.63 -36.54 75.23
C ARG D 3 -5.30 -35.77 75.43
N GLY D 4 -4.30 -36.46 75.96
CA GLY D 4 -2.98 -35.87 76.17
C GLY D 4 -2.24 -35.58 74.87
N GLU D 5 -2.40 -36.48 73.90
CA GLU D 5 -1.80 -36.35 72.57
C GLU D 5 -2.54 -35.30 71.75
N LEU D 6 -3.87 -35.26 71.88
CA LEU D 6 -4.68 -34.25 71.21
C LEU D 6 -4.40 -32.85 71.74
N ASN D 7 -4.31 -32.72 73.06
CA ASN D 7 -3.85 -31.48 73.68
C ASN D 7 -2.46 -31.09 73.15
N ASN D 8 -1.54 -32.05 73.11
CA ASN D 8 -0.17 -31.77 72.73
C ASN D 8 0.00 -31.48 71.21
N GLU D 9 -1.04 -31.77 70.43
CA GLU D 9 -1.03 -31.53 68.98
C GLU D 9 -1.88 -30.31 68.56
N GLY D 10 -2.44 -29.60 69.54
CA GLY D 10 -3.23 -28.41 69.30
C GLY D 10 -4.62 -28.64 68.74
N VAL D 11 -5.08 -29.89 68.77
CA VAL D 11 -6.43 -30.25 68.29
C VAL D 11 -7.55 -29.90 69.32
N ILE D 12 -7.17 -29.86 70.59
CA ILE D 12 -8.03 -29.33 71.63
C ILE D 12 -7.23 -28.32 72.44
N ASN D 13 -7.92 -27.40 73.11
CA ASN D 13 -7.25 -26.31 73.84
C ASN D 13 -6.27 -25.57 72.94
N PHE D 14 -6.68 -25.38 71.68
CA PHE D 14 -5.84 -24.71 70.69
C PHE D 14 -5.61 -23.26 71.06
N SER D 15 -4.33 -22.87 71.10
CA SER D 15 -3.95 -21.49 71.36
C SER D 15 -2.64 -21.15 70.68
N HIS D 16 -2.58 -19.92 70.18
CA HIS D 16 -1.39 -19.41 69.53
C HIS D 16 -0.25 -19.25 70.53
N ALA D 17 -0.55 -19.37 71.82
CA ALA D 17 0.48 -19.29 72.88
C ALA D 17 1.33 -20.55 72.96
N ASP D 18 0.72 -21.71 72.67
CA ASP D 18 1.37 -23.02 72.91
C ASP D 18 2.42 -23.35 71.85
N THR D 19 3.18 -24.40 72.11
CA THR D 19 4.22 -24.87 71.20
C THR D 19 3.87 -26.25 70.68
N TYR D 20 3.53 -26.34 69.40
CA TYR D 20 3.18 -27.62 68.79
C TYR D 20 4.27 -28.05 67.80
N GLY D 21 4.39 -29.36 67.56
CA GLY D 21 5.28 -29.89 66.55
C GLY D 21 4.78 -29.66 65.13
N ASN D 22 5.74 -29.43 64.22
CA ASN D 22 5.45 -29.04 62.84
C ASN D 22 4.47 -29.95 62.09
N ASP D 23 4.46 -31.25 62.43
CA ASP D 23 3.56 -32.16 61.74
C ASP D 23 2.19 -32.26 62.43
N SER D 24 2.02 -31.52 63.51
CA SER D 24 0.74 -31.41 64.20
C SER D 24 -0.23 -30.50 63.46
N VAL D 25 -1.52 -30.78 63.62
CA VAL D 25 -2.57 -29.88 63.20
C VAL D 25 -2.38 -28.50 63.82
N GLY D 26 -2.14 -28.48 65.13
CA GLY D 26 -1.88 -27.24 65.85
C GLY D 26 -0.96 -26.29 65.07
N ALA D 27 0.12 -26.86 64.53
CA ALA D 27 1.19 -26.10 63.87
C ALA D 27 0.74 -25.44 62.58
N HIS D 28 0.16 -26.25 61.69
CA HIS D 28 -0.57 -25.77 60.51
C HIS D 28 -1.49 -24.58 60.84
N LEU D 29 -2.33 -24.76 61.86
CA LEU D 29 -3.30 -23.72 62.24
C LEU D 29 -2.67 -22.40 62.71
N GLN D 30 -1.50 -22.48 63.35
CA GLN D 30 -0.85 -21.30 63.93
C GLN D 30 -0.22 -20.33 62.91
N ASN D 31 -0.18 -20.74 61.64
CA ASN D 31 0.37 -19.88 60.60
C ASN D 31 -0.52 -18.67 60.36
N VAL D 32 -1.81 -18.87 60.55
CA VAL D 32 -2.79 -17.87 60.33
C VAL D 32 -3.47 -17.54 61.65
N VAL D 33 -3.51 -16.26 61.98
CA VAL D 33 -3.96 -15.84 63.29
C VAL D 33 -5.16 -14.89 63.21
N TYR D 34 -6.30 -15.34 63.73
CA TYR D 34 -7.40 -14.45 64.03
C TYR D 34 -7.38 -14.05 65.50
N PRO D 35 -7.77 -12.79 65.81
CA PRO D 35 -7.82 -12.35 67.21
C PRO D 35 -9.01 -12.91 67.98
N THR D 36 -9.88 -13.63 67.29
CA THR D 36 -10.94 -14.36 67.99
C THR D 36 -10.42 -15.65 68.66
N ASP D 37 -9.30 -16.18 68.15
CA ASP D 37 -8.58 -17.33 68.74
C ASP D 37 -7.99 -17.00 70.13
N ALA D 38 -7.72 -18.03 70.93
CA ALA D 38 -6.88 -17.89 72.14
C ALA D 38 -5.43 -17.66 71.73
N PRO D 39 -4.73 -16.81 72.47
CA PRO D 39 -5.18 -16.30 73.77
C PRO D 39 -5.84 -14.91 73.70
N PHE D 40 -6.11 -14.42 72.50
CA PHE D 40 -6.49 -13.02 72.34
C PHE D 40 -7.97 -12.89 72.66
N ASN D 41 -8.75 -13.83 72.12
CA ASN D 41 -10.21 -13.92 72.35
C ASN D 41 -10.92 -12.58 72.20
N ALA D 42 -10.81 -11.99 71.01
CA ALA D 42 -11.46 -10.70 70.74
C ALA D 42 -12.97 -10.90 70.74
N ALA D 43 -13.68 -9.99 71.38
CA ALA D 43 -15.13 -9.95 71.29
C ALA D 43 -15.54 -9.69 69.84
N THR D 44 -16.76 -10.08 69.48
CA THR D 44 -17.25 -10.03 68.09
C THR D 44 -18.58 -9.26 67.99
N ASP D 45 -18.93 -8.51 69.03
CA ASP D 45 -20.16 -7.72 68.98
C ASP D 45 -19.94 -6.41 68.21
N GLY D 46 -18.68 -6.04 67.97
CA GLY D 46 -18.35 -4.74 67.42
C GLY D 46 -18.65 -3.55 68.33
N THR D 47 -19.14 -3.81 69.52
CA THR D 47 -19.48 -2.75 70.49
C THR D 47 -18.46 -2.69 71.61
N THR D 48 -17.82 -3.82 71.88
CA THR D 48 -16.90 -3.94 72.99
C THR D 48 -15.47 -3.64 72.54
N ASP D 49 -14.74 -2.90 73.37
CA ASP D 49 -13.37 -2.48 73.07
C ASP D 49 -12.52 -3.72 72.99
N THR D 50 -11.69 -3.80 71.96
CA THR D 50 -10.98 -5.01 71.63
C THR D 50 -9.51 -4.69 71.43
N THR D 51 -9.12 -3.49 71.87
CA THR D 51 -7.79 -2.96 71.57
C THR D 51 -6.74 -3.92 72.06
N VAL D 52 -6.96 -4.35 73.30
CA VAL D 52 -6.03 -5.20 74.01
C VAL D 52 -5.80 -6.50 73.24
N ALA D 53 -6.89 -7.13 72.85
CA ALA D 53 -6.78 -8.38 72.11
C ALA D 53 -6.01 -8.21 70.80
N ILE D 54 -6.36 -7.17 70.04
CA ILE D 54 -5.75 -6.97 68.71
C ILE D 54 -4.29 -6.59 68.85
N LYS D 55 -4.00 -5.72 69.82
CA LYS D 55 -2.62 -5.39 70.12
C LYS D 55 -1.75 -6.61 70.49
N SER D 56 -2.26 -7.52 71.33
CA SER D 56 -1.52 -8.78 71.61
C SER D 56 -1.40 -9.65 70.38
N ALA D 57 -2.46 -9.71 69.59
CA ALA D 57 -2.40 -10.51 68.36
C ALA D 57 -1.35 -9.95 67.40
N ILE D 58 -1.27 -8.62 67.33
CA ILE D 58 -0.22 -7.95 66.55
C ILE D 58 1.15 -8.27 67.10
N ALA D 59 1.33 -8.01 68.39
CA ALA D 59 2.55 -8.38 69.09
C ALA D 59 2.97 -9.83 68.82
N HIS D 60 2.01 -10.73 68.90
CA HIS D 60 2.30 -12.15 68.67
C HIS D 60 2.81 -12.42 67.27
N CYS D 61 2.20 -11.77 66.27
CA CYS D 61 2.40 -12.18 64.89
C CYS D 61 3.76 -11.66 64.45
N ILE D 62 4.10 -10.48 64.93
CA ILE D 62 5.48 -9.99 64.80
C ILE D 62 6.47 -10.94 65.48
N SER D 63 6.23 -11.27 66.74
CA SER D 63 7.12 -12.16 67.50
C SER D 63 7.42 -13.47 66.78
N LYS D 64 6.42 -14.11 66.19
CA LYS D 64 6.59 -15.45 65.66
C LYS D 64 6.46 -15.57 64.14
N GLY D 65 6.35 -14.42 63.47
CA GLY D 65 6.46 -14.39 62.01
C GLY D 65 5.24 -14.94 61.31
N LYS D 66 4.06 -14.60 61.81
CA LYS D 66 2.82 -15.20 61.30
C LYS D 66 1.87 -14.13 60.72
N LYS D 67 0.92 -14.61 59.90
CA LYS D 67 -0.08 -13.75 59.24
C LYS D 67 -1.22 -13.39 60.20
N LEU D 68 -1.55 -12.11 60.27
CA LEU D 68 -2.68 -11.66 61.06
C LEU D 68 -3.86 -11.33 60.17
N VAL D 69 -5.02 -11.90 60.51
CA VAL D 69 -6.22 -11.71 59.75
C VAL D 69 -7.33 -11.24 60.65
N LEU D 70 -8.02 -10.17 60.24
CA LEU D 70 -9.10 -9.60 61.02
C LEU D 70 -10.40 -10.09 60.45
N ASN D 71 -11.20 -10.75 61.30
CA ASN D 71 -12.33 -11.50 60.79
C ASN D 71 -13.65 -10.89 61.21
N HIS D 72 -13.56 -9.75 61.87
CA HIS D 72 -14.70 -8.92 62.14
C HIS D 72 -14.31 -7.47 62.03
N LEU D 73 -15.31 -6.62 62.20
CA LEU D 73 -15.11 -5.19 62.45
C LEU D 73 -14.97 -4.98 63.94
N PHE D 74 -13.76 -4.66 64.38
CA PHE D 74 -13.42 -4.62 65.79
C PHE D 74 -13.38 -3.17 66.28
N MET D 75 -14.00 -2.88 67.43
CA MET D 75 -13.99 -1.51 67.94
C MET D 75 -12.68 -1.25 68.70
N ILE D 76 -12.09 -0.08 68.51
CA ILE D 76 -10.83 0.23 69.15
C ILE D 76 -10.81 1.63 69.71
N THR D 77 -9.99 1.82 70.73
CA THR D 77 -10.01 3.02 71.55
C THR D 77 -8.63 3.58 71.67
N ASP D 78 -7.64 2.84 71.19
CA ASP D 78 -6.31 3.38 71.04
C ASP D 78 -5.66 2.87 69.75
N THR D 79 -4.72 3.67 69.25
CA THR D 79 -3.96 3.35 68.03
C THR D 79 -3.44 1.92 67.98
N LEU D 80 -3.75 1.22 66.89
CA LEU D 80 -3.01 0.02 66.50
C LEU D 80 -1.78 0.35 65.73
N VAL D 81 -0.66 -0.27 66.11
CA VAL D 81 0.60 -0.02 65.44
C VAL D 81 1.06 -1.21 64.61
N ILE D 82 1.18 -1.00 63.30
CA ILE D 82 1.60 -2.07 62.40
CA ILE D 82 1.60 -2.07 62.39
C ILE D 82 3.06 -1.86 62.01
N SER D 83 3.94 -2.67 62.59
CA SER D 83 5.37 -2.49 62.47
C SER D 83 6.03 -3.77 61.96
N ASP D 84 7.30 -3.66 61.61
CA ASP D 84 8.19 -4.81 61.49
C ASP D 84 7.83 -5.70 60.34
N GLY D 85 7.28 -5.16 59.27
CA GLY D 85 6.93 -5.98 58.09
C GLY D 85 5.67 -6.80 58.28
N LEU D 86 4.92 -6.55 59.36
CA LEU D 86 3.62 -7.16 59.53
C LEU D 86 2.63 -6.63 58.50
N HIS D 87 1.76 -7.54 58.03
CA HIS D 87 0.64 -7.26 57.13
C HIS D 87 -0.66 -7.61 57.82
N VAL D 88 -1.53 -6.62 57.98
CA VAL D 88 -2.85 -6.87 58.47
C VAL D 88 -3.68 -7.13 57.25
N GLU D 89 -4.38 -8.24 57.28
CA GLU D 89 -5.12 -8.66 56.15
C GLU D 89 -6.55 -8.84 56.61
N CYS D 90 -7.51 -8.35 55.82
CA CYS D 90 -8.92 -8.32 56.25
C CYS D 90 -9.68 -9.43 55.56
N LEU D 91 -10.35 -10.25 56.35
CA LEU D 91 -10.92 -11.49 55.85
C LEU D 91 -11.93 -11.17 54.74
N THR D 92 -12.76 -10.15 55.00
CA THR D 92 -13.77 -9.70 54.07
C THR D 92 -13.79 -8.17 54.05
N SER D 93 -14.58 -7.64 53.12
CA SER D 93 -14.75 -6.21 52.99
C SER D 93 -15.48 -5.58 54.18
N ASP D 94 -16.05 -6.41 55.06
CA ASP D 94 -16.69 -5.90 56.28
C ASP D 94 -15.80 -5.96 57.52
N SER D 95 -14.60 -6.47 57.36
CA SER D 95 -13.68 -6.58 58.48
C SER D 95 -12.89 -5.30 58.66
N GLY D 96 -12.33 -5.15 59.85
CA GLY D 96 -11.33 -4.15 60.08
C GLY D 96 -11.48 -3.56 61.45
N VAL D 97 -11.48 -2.24 61.54
CA VAL D 97 -11.63 -1.57 62.82
C VAL D 97 -12.60 -0.40 62.73
N LYS D 98 -13.23 -0.12 63.86
CA LYS D 98 -13.98 1.09 64.06
C LYS D 98 -13.34 1.89 65.19
N SER D 99 -13.02 3.17 64.93
CA SER D 99 -12.19 3.90 65.85
C SER D 99 -12.97 4.83 66.74
N ASP D 100 -12.83 4.61 68.06
CA ASP D 100 -13.14 5.62 69.07
C ASP D 100 -11.86 6.15 69.67
N VAL D 101 -10.75 6.04 68.94
CA VAL D 101 -9.51 6.67 69.36
C VAL D 101 -9.69 8.18 69.55
N PRO D 102 -9.15 8.73 70.64
CA PRO D 102 -9.31 10.17 70.93
C PRO D 102 -8.45 11.11 70.05
N ALA D 103 -8.70 12.41 70.19
CA ALA D 103 -8.02 13.40 69.40
C ALA D 103 -6.55 13.40 69.72
N GLY D 104 -5.74 13.65 68.70
CA GLY D 104 -4.31 13.69 68.87
C GLY D 104 -3.66 12.39 68.49
N LYS D 105 -4.47 11.37 68.26
CA LYS D 105 -3.93 10.09 67.77
C LYS D 105 -4.71 9.49 66.60
N PHE D 106 -4.02 8.61 65.89
CA PHE D 106 -4.56 7.89 64.73
C PHE D 106 -5.23 6.57 65.12
N ALA D 107 -6.17 6.12 64.30
CA ALA D 107 -6.75 4.80 64.45
C ALA D 107 -5.71 3.73 64.21
N VAL D 108 -5.00 3.84 63.09
CA VAL D 108 -3.95 2.89 62.73
C VAL D 108 -2.70 3.68 62.39
N LYS D 109 -1.56 3.17 62.80
CA LYS D 109 -0.26 3.72 62.39
C LYS D 109 0.60 2.63 61.83
N ILE D 110 1.29 2.92 60.74
CA ILE D 110 2.04 1.91 60.01
C ILE D 110 3.48 2.41 59.86
N THR D 111 4.42 1.52 60.12
CA THR D 111 5.81 1.92 60.28
C THR D 111 6.74 0.76 60.05
N GLY D 112 8.02 1.05 59.85
CA GLY D 112 9.02 0.02 59.58
C GLY D 112 8.94 -0.43 58.12
N ALA D 113 9.71 -1.47 57.78
CA ALA D 113 9.88 -1.88 56.39
C ALA D 113 8.85 -2.92 55.99
N ASN D 114 8.08 -2.60 54.96
CA ASN D 114 7.16 -3.55 54.31
C ASN D 114 6.00 -3.98 55.17
N SER D 115 5.63 -3.14 56.13
CA SER D 115 4.34 -3.25 56.80
C SER D 115 3.18 -2.72 55.95
N GLY D 116 1.98 -3.21 56.20
CA GLY D 116 0.84 -2.73 55.47
C GLY D 116 -0.51 -3.28 55.90
N TRP D 117 -1.51 -2.95 55.10
CA TRP D 117 -2.87 -3.28 55.41
C TRP D 117 -3.61 -3.56 54.11
N PHE D 118 -4.29 -4.70 54.05
CA PHE D 118 -5.10 -5.11 52.88
C PHE D 118 -6.56 -5.15 53.29
N GLY D 119 -7.44 -4.54 52.48
CA GLY D 119 -8.87 -4.86 52.52
C GLY D 119 -9.60 -4.19 53.67
N GLY D 120 -10.90 -4.41 53.74
CA GLY D 120 -11.68 -4.02 54.92
C GLY D 120 -11.97 -2.54 55.07
N LYS D 121 -12.04 -2.08 56.32
CA LYS D 121 -12.51 -0.75 56.65
C LYS D 121 -11.72 -0.22 57.82
N ILE D 122 -11.67 1.10 57.93
CA ILE D 122 -11.10 1.79 59.06
C ILE D 122 -11.97 3.03 59.27
N LEU D 123 -13.01 2.89 60.10
CA LEU D 123 -14.04 3.89 60.20
C LEU D 123 -13.88 4.76 61.42
N GLY D 124 -14.04 6.06 61.19
CA GLY D 124 -14.08 7.04 62.25
C GLY D 124 -15.52 7.21 62.59
N LYS D 125 -15.81 8.15 63.50
CA LYS D 125 -17.15 8.28 64.03
C LYS D 125 -18.10 8.84 63.00
N ASN D 126 -17.55 9.55 62.02
CA ASN D 126 -18.35 10.17 60.96
C ASN D 126 -19.36 11.16 61.53
N LEU D 127 -18.88 12.11 62.31
CA LEU D 127 -19.80 13.11 62.85
C LEU D 127 -19.30 14.51 62.47
N PRO D 128 -19.35 14.84 61.16
CA PRO D 128 -18.76 16.09 60.68
C PRO D 128 -19.47 17.35 61.16
N GLU D 129 -20.70 17.21 61.67
CA GLU D 129 -21.41 18.34 62.32
C GLU D 129 -20.96 18.63 63.75
N SER D 130 -20.28 17.67 64.38
CA SER D 130 -19.91 17.76 65.76
C SER D 130 -18.80 18.77 65.98
N THR D 131 -19.01 19.59 67.01
CA THR D 131 -18.11 20.70 67.37
C THR D 131 -17.05 20.25 68.39
N THR D 132 -17.07 18.98 68.74
CA THR D 132 -16.12 18.45 69.69
C THR D 132 -15.31 17.28 69.18
N VAL D 133 -15.91 16.44 68.34
CA VAL D 133 -15.23 15.23 67.83
C VAL D 133 -14.12 15.57 66.81
N ARG D 134 -12.91 15.10 67.11
CA ARG D 134 -11.74 15.26 66.26
C ARG D 134 -10.96 13.97 66.21
N GLN D 135 -10.73 13.44 65.00
CA GLN D 135 -10.05 12.15 64.84
C GLN D 135 -9.11 12.13 63.64
N ASP D 136 -8.20 11.18 63.61
CA ASP D 136 -7.37 10.97 62.40
C ASP D 136 -7.33 9.49 62.06
N GLY D 137 -7.16 9.16 60.78
CA GLY D 137 -7.38 7.79 60.32
C GLY D 137 -6.15 6.91 60.33
N VAL D 138 -5.40 6.93 59.24
CA VAL D 138 -4.20 6.12 59.07
C VAL D 138 -2.95 7.00 58.89
N LEU D 139 -1.86 6.60 59.55
CA LEU D 139 -0.61 7.34 59.46
C LEU D 139 0.52 6.41 59.10
N PHE D 140 1.22 6.72 58.01
CA PHE D 140 2.53 6.18 57.76
C PHE D 140 3.51 7.17 58.27
N ASP D 141 4.31 6.75 59.24
CA ASP D 141 5.15 7.73 59.86
C ASP D 141 6.47 7.84 59.12
N GLU D 142 7.36 8.66 59.65
CA GLU D 142 8.66 8.89 59.06
C GLU D 142 9.53 7.65 58.91
N ASN D 143 9.25 6.56 59.64
CA ASN D 143 10.07 5.34 59.48
C ASN D 143 9.41 4.26 58.67
N ALA D 144 8.21 4.54 58.18
CA ALA D 144 7.60 3.78 57.09
C ALA D 144 8.48 3.72 55.86
N GLU D 145 8.69 2.50 55.35
CA GLU D 145 9.55 2.23 54.19
C GLU D 145 8.90 1.12 53.41
N TYR D 146 8.46 1.46 52.20
CA TYR D 146 7.83 0.52 51.30
C TYR D 146 6.65 -0.16 51.93
N CYS D 147 5.92 0.63 52.71
CA CYS D 147 4.66 0.21 53.32
C CYS D 147 3.48 0.50 52.38
N PHE D 148 2.27 0.13 52.81
CA PHE D 148 1.11 0.11 51.92
C PHE D 148 -0.22 -0.03 52.65
N ILE D 149 -1.25 0.49 52.01
CA ILE D 149 -2.63 0.17 52.33
C ILE D 149 -3.37 -0.01 51.04
N THR D 150 -3.97 -1.19 50.87
CA THR D 150 -4.57 -1.55 49.60
C THR D 150 -5.93 -2.12 49.84
N GLY D 151 -6.91 -1.66 49.07
CA GLY D 151 -8.21 -2.30 49.02
C GLY D 151 -9.12 -1.88 50.15
N THR D 152 -8.85 -0.73 50.74
CA THR D 152 -9.45 -0.39 52.02
C THR D 152 -10.32 0.85 52.00
N GLU D 153 -11.43 0.77 52.70
CA GLU D 153 -12.30 1.91 52.89
C GLU D 153 -11.91 2.70 54.17
N VAL D 154 -11.40 3.92 54.00
CA VAL D 154 -11.02 4.77 55.13
C VAL D 154 -11.87 5.99 55.15
N THR D 155 -12.80 6.05 56.10
CA THR D 155 -13.83 7.08 56.13
C THR D 155 -14.15 7.53 57.54
N GLY D 156 -14.69 8.73 57.64
CA GLY D 156 -15.35 9.19 58.85
C GLY D 156 -14.48 9.98 59.80
N PHE D 157 -13.30 10.39 59.36
CA PHE D 157 -12.40 11.18 60.19
C PHE D 157 -12.49 12.67 59.90
N PHE D 158 -12.96 13.39 60.90
CA PHE D 158 -13.29 14.79 60.78
C PHE D 158 -12.86 15.55 62.05
N ALA D 159 -12.89 16.86 61.98
CA ALA D 159 -12.39 17.71 63.05
C ALA D 159 -12.78 19.14 62.76
N LYS D 160 -13.95 19.55 63.22
CA LYS D 160 -14.50 20.81 62.79
C LYS D 160 -13.69 21.93 63.39
N GLY D 161 -13.33 22.91 62.57
CA GLY D 161 -12.34 23.91 62.98
C GLY D 161 -10.93 23.42 62.78
N LEU D 162 -10.03 24.35 62.47
CA LEU D 162 -8.65 24.04 62.16
C LEU D 162 -7.88 23.74 63.42
N HIS D 163 -6.83 22.96 63.24
CA HIS D 163 -5.97 22.56 64.32
C HIS D 163 -4.87 23.60 64.47
N THR D 164 -4.28 23.66 65.65
CA THR D 164 -3.06 24.41 65.87
C THR D 164 -1.81 23.51 65.75
N SER D 165 -1.98 22.23 66.06
CA SER D 165 -0.93 21.24 65.83
C SER D 165 -1.52 19.86 65.73
N ASP D 166 -0.72 18.90 65.27
CA ASP D 166 -1.18 17.55 65.08
C ASP D 166 -1.88 17.00 66.33
N ALA D 167 -1.46 17.48 67.50
CA ALA D 167 -1.99 16.96 68.75
C ALA D 167 -3.46 17.28 68.94
N ASP D 168 -3.98 18.26 68.21
CA ASP D 168 -5.39 18.64 68.35
C ASP D 168 -6.34 17.62 67.74
N GLY D 169 -5.81 16.76 66.89
CA GLY D 169 -6.67 16.04 65.94
C GLY D 169 -6.96 16.93 64.75
N VAL D 170 -6.55 16.45 63.57
CA VAL D 170 -6.52 17.23 62.32
C VAL D 170 -7.70 16.88 61.39
N GLY D 171 -8.03 15.60 61.30
CA GLY D 171 -9.10 15.11 60.41
C GLY D 171 -8.59 14.46 59.13
N TYR D 172 -7.33 14.01 59.15
CA TYR D 172 -6.79 13.22 58.06
C TYR D 172 -7.55 11.91 57.87
N GLY D 173 -7.73 11.51 56.61
CA GLY D 173 -8.13 10.15 56.28
C GLY D 173 -6.95 9.20 56.34
N ILE D 174 -6.05 9.36 55.36
CA ILE D 174 -4.73 8.75 55.33
C ILE D 174 -3.66 9.85 55.23
N TYR D 175 -2.65 9.81 56.09
CA TYR D 175 -1.54 10.78 56.06
C TYR D 175 -0.26 10.03 55.83
N ASP D 176 0.36 10.24 54.69
CA ASP D 176 1.62 9.58 54.39
C ASP D 176 2.81 10.49 54.64
N LYS D 177 3.65 10.07 55.59
CA LYS D 177 4.93 10.70 55.83
C LYS D 177 6.09 9.79 55.55
N GLY D 178 5.84 8.71 54.83
CA GLY D 178 6.81 7.62 54.68
C GLY D 178 7.55 7.69 53.37
N TYR D 179 8.37 6.66 53.11
CA TYR D 179 9.16 6.53 51.90
C TYR D 179 8.64 5.32 51.11
N GLY D 180 8.34 5.53 49.83
CA GLY D 180 7.83 4.48 48.95
C GLY D 180 6.45 3.91 49.27
N THR D 181 5.64 4.66 50.01
CA THR D 181 4.31 4.18 50.39
C THR D 181 3.38 3.93 49.19
N LEU D 182 2.66 2.79 49.20
CA LEU D 182 1.60 2.51 48.22
C LEU D 182 0.23 2.68 48.87
N ILE D 183 -0.58 3.56 48.29
CA ILE D 183 -1.99 3.59 48.59
C ILE D 183 -2.70 3.32 47.27
N SER D 184 -3.45 2.24 47.24
CA SER D 184 -4.14 1.82 46.04
C SER D 184 -5.43 1.05 46.35
N LYS D 185 -6.39 1.24 45.45
CA LYS D 185 -7.71 0.60 45.52
C LYS D 185 -8.45 0.94 46.79
N CYS D 186 -8.15 2.10 47.34
CA CYS D 186 -8.82 2.56 48.55
C CYS D 186 -9.90 3.55 48.22
N TYR D 187 -10.82 3.70 49.16
CA TYR D 187 -11.80 4.76 49.20
C TYR D 187 -11.49 5.61 50.41
N ALA D 188 -11.18 6.88 50.19
CA ALA D 188 -10.82 7.78 51.26
C ALA D 188 -11.71 9.00 51.24
N ASN D 189 -12.37 9.24 52.37
CA ASN D 189 -13.41 10.27 52.55
C ASN D 189 -13.26 10.72 54.01
N SER D 190 -12.52 11.80 54.21
CA SER D 190 -12.47 12.49 55.48
C SER D 190 -12.33 13.98 55.21
N LYS D 191 -12.12 14.77 56.26
CA LYS D 191 -11.85 16.17 56.13
C LYS D 191 -10.71 16.51 55.17
N PHE D 192 -9.53 15.96 55.42
CA PHE D 192 -8.46 15.92 54.43
C PHE D 192 -8.30 14.45 54.01
N CYS D 193 -8.81 14.08 52.84
CA CYS D 193 -8.97 12.67 52.50
C CYS D 193 -7.63 11.96 52.52
N VAL D 194 -6.66 12.55 51.85
CA VAL D 194 -5.37 11.95 51.77
C VAL D 194 -4.41 13.09 51.89
N ALA D 195 -3.34 12.87 52.62
CA ALA D 195 -2.39 13.92 52.83
C ALA D 195 -1.03 13.36 52.63
N LEU D 196 -0.20 14.05 51.85
CA LEU D 196 1.07 13.49 51.41
C LEU D 196 2.19 14.38 51.88
N GLY D 197 3.17 13.79 52.59
CA GLY D 197 4.34 14.53 53.08
C GLY D 197 5.59 13.70 53.15
N GLY D 198 5.65 12.59 52.40
CA GLY D 198 6.88 11.84 52.27
C GLY D 198 7.50 11.86 50.89
N THR D 199 7.97 10.70 50.45
CA THR D 199 8.88 10.60 49.31
C THR D 199 8.62 9.31 48.56
N GLU D 200 8.46 9.38 47.24
CA GLU D 200 8.37 8.15 46.39
C GLU D 200 7.14 7.31 46.68
N GLY D 201 6.07 7.97 47.05
CA GLY D 201 4.78 7.29 47.10
C GLY D 201 4.06 7.04 45.77
N ARG D 202 3.07 6.21 45.85
CA ARG D 202 2.31 5.84 44.68
C ARG D 202 0.88 5.76 45.17
N VAL D 203 0.06 6.70 44.70
CA VAL D 203 -1.38 6.81 45.00
C VAL D 203 -2.12 6.49 43.74
N LEU D 204 -2.69 5.29 43.71
CA LEU D 204 -2.95 4.58 42.49
C LEU D 204 -4.36 4.00 42.54
N LYS D 205 -5.21 4.38 41.58
CA LYS D 205 -6.56 3.83 41.43
C LYS D 205 -7.40 3.92 42.70
N ASN D 206 -7.52 5.13 43.26
CA ASN D 206 -8.28 5.30 44.48
C ASN D 206 -9.52 6.09 44.17
N ARG D 207 -10.52 5.96 45.02
CA ARG D 207 -11.67 6.84 45.03
C ARG D 207 -11.53 7.86 46.18
N ILE D 208 -11.53 9.14 45.81
CA ILE D 208 -11.25 10.23 46.75
C ILE D 208 -12.32 11.31 46.72
N THR D 209 -13.02 11.50 47.84
CA THR D 209 -14.03 12.55 47.94
C THR D 209 -14.48 12.72 49.37
N ASN D 210 -14.92 13.92 49.73
CA ASN D 210 -15.62 14.07 51.00
C ASN D 210 -17.01 14.66 50.80
N ASN D 211 -17.48 14.63 49.55
CA ASN D 211 -18.86 14.94 49.23
C ASN D 211 -19.35 16.19 49.90
N TYR D 212 -18.62 17.28 49.73
CA TYR D 212 -19.05 18.56 50.24
C TYR D 212 -20.40 18.97 49.66
N LEU D 213 -20.66 18.63 48.39
CA LEU D 213 -21.84 19.12 47.69
C LEU D 213 -23.11 18.59 48.32
N THR D 214 -23.07 17.40 48.87
CA THR D 214 -24.24 16.79 49.46
C THR D 214 -24.08 16.68 51.00
N SER D 215 -23.26 17.54 51.60
CA SER D 215 -22.89 17.35 52.99
C SER D 215 -23.92 18.00 53.91
N GLY D 216 -24.55 19.06 53.42
CA GLY D 216 -25.47 19.86 54.20
C GLY D 216 -24.80 20.98 54.97
N GLU D 217 -23.48 21.06 54.90
CA GLU D 217 -22.78 22.11 55.61
C GLU D 217 -23.03 23.46 54.95
N ALA D 218 -23.50 24.41 55.74
CA ALA D 218 -23.99 25.65 55.19
C ALA D 218 -22.84 26.39 54.55
N LYS D 219 -23.14 27.11 53.48
CA LYS D 219 -22.12 27.84 52.73
C LYS D 219 -22.25 29.30 53.13
N PRO D 220 -21.27 30.15 52.81
CA PRO D 220 -20.11 29.82 52.01
C PRO D 220 -19.15 28.88 52.71
N TRP D 221 -18.19 28.34 51.99
CA TRP D 221 -17.13 27.62 52.65
C TRP D 221 -16.30 28.62 53.44
N SER D 222 -15.78 28.19 54.60
CA SER D 222 -14.82 28.98 55.36
C SER D 222 -13.76 28.07 55.94
N TRP D 223 -12.80 28.66 56.65
CA TRP D 223 -11.76 27.87 57.34
C TRP D 223 -12.29 26.97 58.42
N ALA D 224 -13.56 27.17 58.82
CA ALA D 224 -14.22 26.33 59.85
C ALA D 224 -14.86 25.07 59.27
N SER D 225 -14.84 24.93 57.95
CA SER D 225 -15.42 23.76 57.30
C SER D 225 -14.79 22.50 57.78
N ASN D 226 -15.57 21.43 57.77
CA ASN D 226 -15.07 20.07 57.99
C ASN D 226 -14.83 19.31 56.65
N TYR D 227 -14.69 20.06 55.56
CA TYR D 227 -14.52 19.47 54.23
C TYR D 227 -13.43 20.22 53.48
N TRP D 228 -12.23 19.66 53.47
CA TRP D 228 -11.11 20.28 52.79
C TRP D 228 -10.71 19.42 51.59
N ASP D 229 -9.41 19.36 51.26
CA ASP D 229 -8.92 18.75 50.00
C ASP D 229 -9.06 17.25 49.86
N GLY D 230 -9.08 16.79 48.61
CA GLY D 230 -8.99 15.38 48.30
C GLY D 230 -7.57 14.89 48.61
N ILE D 231 -6.56 15.50 47.99
CA ILE D 231 -5.20 15.22 48.31
C ILE D 231 -4.57 16.53 48.68
N VAL D 232 -3.94 16.60 49.85
CA VAL D 232 -3.26 17.81 50.27
C VAL D 232 -1.82 17.42 50.51
N SER D 233 -0.89 18.17 49.89
CA SER D 233 0.54 17.78 49.82
C SER D 233 1.40 18.96 50.18
N GLU D 234 2.26 18.74 51.18
CA GLU D 234 3.32 19.62 51.59
C GLU D 234 4.58 18.76 51.83
N ASN D 235 5.71 19.17 51.26
CA ASN D 235 6.96 18.38 51.34
C ASN D 235 6.81 17.01 50.72
N ALA D 236 6.09 16.97 49.61
CA ALA D 236 5.89 15.75 48.84
C ALA D 236 6.95 15.69 47.74
N HIS D 237 7.60 14.53 47.62
CA HIS D 237 8.69 14.33 46.67
C HIS D 237 8.50 13.01 45.98
N ARG D 238 8.50 13.07 44.65
CA ARG D 238 8.57 11.91 43.80
C ARG D 238 7.41 10.92 43.94
N TYR D 239 6.21 11.47 44.14
CA TYR D 239 5.01 10.69 44.10
C TYR D 239 4.54 10.56 42.67
N VAL D 240 3.95 9.42 42.37
CA VAL D 240 3.09 9.30 41.20
C VAL D 240 1.68 9.15 41.69
N ILE D 241 0.78 9.96 41.12
CA ILE D 241 -0.64 9.99 41.48
C ILE D 241 -1.42 9.75 40.22
N ALA D 242 -2.00 8.54 40.11
CA ALA D 242 -2.51 8.01 38.83
C ALA D 242 -3.80 7.27 39.00
N PHE D 243 -4.69 7.46 38.04
CA PHE D 243 -5.86 6.60 37.91
C PHE D 243 -6.87 6.82 39.02
N ASN D 244 -6.80 7.96 39.69
CA ASN D 244 -7.70 8.27 40.80
C ASN D 244 -8.95 9.00 40.29
N ASP D 245 -10.06 8.73 40.97
CA ASP D 245 -11.33 9.37 40.76
C ASP D 245 -11.54 10.34 41.93
N VAL D 246 -11.31 11.62 41.68
CA VAL D 246 -11.28 12.61 42.74
C VAL D 246 -12.37 13.67 42.49
N SER D 247 -13.25 13.88 43.47
CA SER D 247 -14.40 14.66 43.22
C SER D 247 -15.07 15.26 44.40
N ALA D 248 -15.81 16.32 44.12
CA ALA D 248 -16.76 16.91 45.06
C ALA D 248 -16.18 17.21 46.41
N CYS D 249 -14.92 17.58 46.45
CA CYS D 249 -14.26 17.94 47.69
C CYS D 249 -14.56 19.37 48.09
N GLY D 250 -14.28 19.67 49.35
CA GLY D 250 -14.68 20.94 49.92
C GLY D 250 -13.64 21.99 49.65
N GLN D 251 -12.45 21.55 49.21
CA GLN D 251 -11.44 22.46 48.70
C GLN D 251 -10.96 21.94 47.37
N SER D 252 -9.67 21.71 47.17
CA SER D 252 -9.17 21.25 45.87
C SER D 252 -9.12 19.73 45.77
N GLY D 253 -9.13 19.22 44.55
CA GLY D 253 -9.01 17.79 44.32
C GLY D 253 -7.63 17.25 44.67
N ILE D 254 -6.63 17.78 43.97
CA ILE D 254 -5.24 17.43 44.15
C ILE D 254 -4.41 18.67 44.32
N TYR D 255 -3.83 18.83 45.50
CA TYR D 255 -3.14 20.07 45.87
C TYR D 255 -1.73 19.83 46.38
N PHE D 256 -0.80 20.64 45.89
CA PHE D 256 0.59 20.69 46.34
C PHE D 256 0.99 22.12 46.71
N GLY D 257 1.62 22.26 47.86
CA GLY D 257 2.20 23.51 48.36
C GLY D 257 3.62 23.26 48.90
N GLY D 258 4.29 24.31 49.33
CA GLY D 258 3.87 25.67 49.05
C GLY D 258 3.31 26.46 50.22
N ASN D 259 2.85 25.77 51.26
CA ASN D 259 2.38 26.45 52.45
C ASN D 259 3.03 25.79 53.65
N GLY D 260 4.31 26.09 53.84
CA GLY D 260 5.23 25.26 54.63
C GLY D 260 5.58 23.93 53.99
N GLY D 261 5.86 23.93 52.72
CA GLY D 261 6.00 22.68 51.95
C GLY D 261 6.99 22.88 50.83
N TYR D 262 7.89 21.91 50.70
CA TYR D 262 8.81 21.86 49.58
C TYR D 262 8.48 20.62 48.78
N SER D 263 7.72 20.79 47.71
CA SER D 263 7.14 19.69 46.98
C SER D 263 7.72 19.66 45.60
N THR D 264 8.43 18.59 45.29
CA THR D 264 9.14 18.55 44.02
C THR D 264 8.96 17.19 43.39
N ASP D 265 8.98 17.18 42.05
CA ASP D 265 9.22 15.98 41.26
C ASP D 265 8.10 14.98 41.35
N ASN D 266 6.88 15.49 41.46
CA ASN D 266 5.70 14.65 41.51
C ASN D 266 5.05 14.55 40.09
N ILE D 267 4.46 13.41 39.81
CA ILE D 267 3.88 13.08 38.54
C ILE D 267 2.39 12.77 38.78
N ILE D 268 1.52 13.65 38.27
CA ILE D 268 0.07 13.52 38.42
C ILE D 268 -0.54 13.25 37.05
N VAL D 269 -0.98 12.04 36.83
CA VAL D 269 -1.29 11.57 35.49
C VAL D 269 -2.56 10.77 35.48
N ASN D 270 -3.32 10.96 34.41
CA ASN D 270 -4.43 10.06 34.11
C ASN D 270 -5.46 9.91 35.20
N ASN D 271 -5.73 11.00 35.92
CA ASN D 271 -6.79 11.09 36.94
C ASN D 271 -7.99 11.89 36.41
N THR D 272 -9.16 11.64 36.99
CA THR D 272 -10.35 12.44 36.75
C THR D 272 -10.63 13.25 37.98
N VAL D 273 -10.74 14.57 37.80
CA VAL D 273 -10.94 15.48 38.89
C VAL D 273 -12.00 16.49 38.56
N TYR D 274 -13.04 16.51 39.37
CA TYR D 274 -14.21 17.19 39.03
C TYR D 274 -15.01 17.63 40.25
N ALA D 275 -15.75 18.72 40.04
CA ALA D 275 -16.77 19.23 40.99
C ALA D 275 -16.20 19.57 42.32
N CYS D 276 -14.94 20.02 42.36
CA CYS D 276 -14.37 20.48 43.63
C CYS D 276 -14.67 21.96 43.86
N TRP D 277 -14.85 22.32 45.13
CA TRP D 277 -15.24 23.69 45.50
C TRP D 277 -14.10 24.66 45.41
N ASN D 278 -12.86 24.15 45.40
CA ASN D 278 -11.78 25.04 45.09
C ASN D 278 -11.29 24.79 43.67
N ARG D 279 -10.05 24.33 43.52
CA ARG D 279 -9.49 24.07 42.20
C ARG D 279 -9.40 22.57 41.97
N GLY D 280 -9.15 22.16 40.74
CA GLY D 280 -9.10 20.71 40.43
C GLY D 280 -7.75 20.18 40.81
N ILE D 281 -6.75 20.57 40.00
CA ILE D 281 -5.36 20.37 40.34
C ILE D 281 -4.71 21.71 40.60
N ASP D 282 -4.04 21.78 41.75
CA ASP D 282 -3.79 23.03 42.44
C ASP D 282 -2.37 22.99 42.90
N MET D 283 -1.56 23.82 42.28
CA MET D 283 -0.18 23.95 42.69
C MET D 283 0.14 25.40 42.97
N GLY D 284 0.63 25.69 44.16
CA GLY D 284 0.67 27.04 44.62
C GLY D 284 1.58 27.28 45.78
N LEU D 285 2.17 28.47 45.75
CA LEU D 285 2.85 29.07 46.90
C LEU D 285 1.94 30.06 47.63
N PHE D 286 1.59 29.71 48.87
CA PHE D 286 0.82 30.55 49.79
C PHE D 286 1.73 31.21 50.81
N SER D 287 2.59 30.45 51.47
CA SER D 287 3.75 31.05 52.16
C SER D 287 4.74 31.50 51.14
N GLU D 288 5.65 32.40 51.54
CA GLU D 288 6.65 32.92 50.62
C GLU D 288 7.66 31.87 50.24
N LYS D 289 8.21 32.02 49.04
CA LYS D 289 9.17 31.10 48.46
C LYS D 289 10.38 31.08 49.32
N SER D 290 10.90 29.90 49.61
CA SER D 290 12.17 29.79 50.28
C SER D 290 12.85 28.49 49.90
N ALA D 291 13.94 28.20 50.56
CA ALA D 291 14.67 26.97 50.32
C ALA D 291 13.88 25.78 50.89
N THR D 292 12.97 26.05 51.84
CA THR D 292 12.10 25.01 52.40
C THR D 292 10.61 25.26 52.10
N ASN D 293 10.31 26.12 51.12
CA ASN D 293 8.93 26.31 50.66
C ASN D 293 8.87 26.66 49.19
N ASP D 294 8.47 25.68 48.39
CA ASP D 294 8.43 25.89 46.97
C ASP D 294 7.72 24.70 46.34
N VAL D 295 7.38 24.84 45.05
CA VAL D 295 6.73 23.78 44.31
C VAL D 295 7.40 23.76 42.98
N LEU D 296 8.12 22.66 42.66
CA LEU D 296 8.98 22.63 41.50
C LEU D 296 8.82 21.34 40.75
N ARG D 297 9.02 21.41 39.43
CA ARG D 297 9.19 20.24 38.57
C ARG D 297 8.17 19.18 38.79
N ASN D 298 6.91 19.59 38.85
CA ASN D 298 5.82 18.62 38.84
C ASN D 298 5.27 18.48 37.41
N ILE D 299 4.85 17.27 37.10
CA ILE D 299 4.36 16.89 35.82
C ILE D 299 2.85 16.56 35.95
N ILE D 300 2.00 17.30 35.24
CA ILE D 300 0.52 17.11 35.21
C ILE D 300 0.06 16.73 33.81
N LYS D 301 -0.34 15.47 33.60
CA LYS D 301 -0.44 14.95 32.25
C LYS D 301 -1.61 14.06 32.14
N GLY D 302 -2.37 14.21 31.06
CA GLY D 302 -3.39 13.20 30.71
C GLY D 302 -4.58 13.08 31.62
N ASN D 303 -4.85 14.13 32.37
CA ASN D 303 -5.96 14.11 33.28
C ASN D 303 -7.17 14.70 32.59
N ASN D 304 -8.34 14.35 33.11
CA ASN D 304 -9.58 14.96 32.77
C ASN D 304 -10.08 15.74 33.98
N THR D 305 -10.09 17.06 33.87
CA THR D 305 -10.55 17.90 34.96
C THR D 305 -11.70 18.79 34.53
N TYR D 306 -12.80 18.78 35.26
CA TYR D 306 -13.95 19.53 34.87
C TYR D 306 -14.77 20.06 36.03
N ASN D 307 -15.42 21.21 35.80
CA ASN D 307 -16.34 21.82 36.73
C ASN D 307 -15.80 21.94 38.14
N ASN D 308 -14.58 22.47 38.24
CA ASN D 308 -14.01 22.80 39.51
C ASN D 308 -14.11 24.34 39.68
N ARG D 309 -14.73 24.75 40.77
CA ARG D 309 -15.32 26.05 40.89
C ARG D 309 -14.31 27.21 40.65
N GLU D 310 -13.16 27.12 41.28
CA GLU D 310 -12.13 28.18 41.17
C GLU D 310 -10.97 27.85 40.22
N ASN D 311 -11.22 26.98 39.24
CA ASN D 311 -10.36 26.73 38.02
C ASN D 311 -9.95 25.23 37.99
N ASN D 312 -9.92 24.64 36.81
CA ASN D 312 -9.63 23.23 36.74
C ASN D 312 -8.16 22.96 37.03
N ILE D 313 -7.27 23.65 36.35
CA ILE D 313 -5.87 23.51 36.63
C ILE D 313 -5.30 24.87 36.96
N TRP D 314 -4.64 24.94 38.12
CA TRP D 314 -4.15 26.15 38.75
C TRP D 314 -2.65 26.05 39.13
N LEU D 315 -1.89 27.03 38.65
CA LEU D 315 -0.51 27.15 38.96
C LEU D 315 -0.27 28.54 39.52
N ALA D 316 0.18 28.64 40.78
CA ALA D 316 0.47 29.95 41.42
C ALA D 316 1.87 30.07 42.00
N GLY D 317 2.73 30.76 41.28
CA GLY D 317 4.09 30.97 41.72
C GLY D 317 4.99 29.78 41.60
N VAL D 318 4.61 28.81 40.78
CA VAL D 318 5.35 27.56 40.71
C VAL D 318 6.36 27.56 39.57
N SER D 319 7.31 26.64 39.58
CA SER D 319 8.42 26.73 38.61
C SER D 319 8.73 25.35 38.04
N ASN D 320 9.11 25.32 36.76
CA ASN D 320 9.49 24.08 36.06
C ASN D 320 8.45 22.95 36.07
N CYS D 321 7.19 23.32 36.20
CA CYS D 321 6.12 22.40 36.10
C CYS D 321 5.62 22.28 34.66
N SER D 322 5.11 21.11 34.32
CA SER D 322 4.50 20.91 33.00
C SER D 322 3.03 20.57 33.15
N VAL D 323 2.27 21.00 32.15
CA VAL D 323 0.89 20.67 32.03
C VAL D 323 0.68 20.33 30.56
N VAL D 324 0.57 19.05 30.26
CA VAL D 324 0.69 18.52 28.92
C VAL D 324 -0.39 17.48 28.69
N GLY D 325 -1.19 17.63 27.65
CA GLY D 325 -2.08 16.54 27.27
C GLY D 325 -3.30 16.30 28.14
N ASN D 326 -3.71 17.33 28.88
CA ASN D 326 -4.93 17.29 29.69
C ASN D 326 -6.14 17.88 28.95
N THR D 327 -7.30 17.27 29.21
CA THR D 327 -8.56 17.78 28.80
C THR D 327 -9.25 18.46 29.98
N SER D 328 -9.44 19.76 29.84
CA SER D 328 -9.92 20.64 30.91
C SER D 328 -11.18 21.34 30.44
N TRP D 329 -12.30 21.11 31.10
CA TRP D 329 -13.55 21.66 30.59
C TRP D 329 -14.57 22.10 31.65
N PHE D 330 -15.66 22.66 31.14
CA PHE D 330 -16.85 23.05 31.92
C PHE D 330 -18.11 22.73 31.11
N ASP D 331 -19.25 22.64 31.81
CA ASP D 331 -20.56 22.60 31.17
C ASP D 331 -21.59 23.25 32.08
N THR D 332 -22.86 23.19 31.71
CA THR D 332 -23.87 24.03 32.37
C THR D 332 -24.15 23.47 33.77
N ASN D 333 -23.62 22.30 34.09
CA ASN D 333 -23.75 21.79 35.45
C ASN D 333 -22.90 22.59 36.42
N TYR D 334 -21.99 23.40 35.92
CA TYR D 334 -21.22 24.31 36.80
C TYR D 334 -22.13 25.28 37.54
N ASP D 335 -23.11 25.83 36.85
CA ASP D 335 -23.96 26.86 37.44
C ASP D 335 -24.95 26.26 38.39
N VAL D 336 -25.24 24.99 38.19
CA VAL D 336 -26.11 24.25 39.08
C VAL D 336 -25.39 23.94 40.38
N ILE D 337 -24.34 23.10 40.33
CA ILE D 337 -23.65 22.75 41.56
C ILE D 337 -23.03 23.94 42.29
N PHE D 338 -22.72 25.02 41.59
CA PHE D 338 -22.08 26.18 42.22
C PHE D 338 -22.99 27.42 42.26
N ALA D 339 -24.28 27.24 41.95
CA ALA D 339 -25.30 28.31 42.10
C ALA D 339 -25.03 29.22 43.31
N GLY D 340 -24.83 30.49 43.05
CA GLY D 340 -24.68 31.48 44.12
C GLY D 340 -23.25 31.76 44.52
N TYR D 341 -22.31 30.96 44.02
CA TYR D 341 -20.92 31.01 44.47
C TYR D 341 -19.98 30.87 43.28
N PRO D 342 -20.12 31.77 42.31
CA PRO D 342 -19.26 31.68 41.17
C PRO D 342 -17.79 31.74 41.51
N GLY D 343 -17.00 31.05 40.71
CA GLY D 343 -15.56 31.21 40.78
C GLY D 343 -14.95 31.56 39.45
N GLY D 344 -13.65 31.34 39.31
CA GLY D 344 -12.94 31.89 38.16
C GLY D 344 -13.35 31.21 36.86
N HIS D 345 -13.76 29.96 36.94
CA HIS D 345 -14.24 29.22 35.80
C HIS D 345 -13.19 29.28 34.66
N ILE D 346 -11.93 28.96 34.97
CA ILE D 346 -10.88 28.94 33.93
C ILE D 346 -10.31 27.53 33.79
N CYS D 347 -10.02 27.12 32.55
CA CYS D 347 -9.51 25.76 32.34
C CYS D 347 -8.08 25.59 32.90
N ILE D 348 -7.18 26.49 32.51
CA ILE D 348 -5.77 26.41 32.91
C ILE D 348 -5.28 27.80 33.28
N SER D 349 -5.05 28.02 34.56
CA SER D 349 -4.68 29.31 35.03
C SER D 349 -3.30 29.32 35.65
N LEU D 350 -2.50 30.31 35.25
CA LEU D 350 -1.24 30.59 35.92
C LEU D 350 -1.45 31.87 36.73
N ALA D 351 -0.83 31.96 37.90
CA ALA D 351 -0.89 33.18 38.67
C ALA D 351 0.42 33.36 39.41
N SER D 352 0.52 34.48 40.10
CA SER D 352 1.64 34.69 40.95
C SER D 352 1.32 34.00 42.27
N GLY D 353 2.36 33.66 43.03
CA GLY D 353 2.16 33.22 44.41
C GLY D 353 1.58 34.32 45.29
N ALA D 354 1.15 33.94 46.49
CA ALA D 354 0.53 34.90 47.42
C ALA D 354 1.46 36.05 47.79
N ASN D 355 2.78 35.85 47.70
CA ASN D 355 3.71 36.94 47.97
C ASN D 355 4.30 37.48 46.67
N GLY D 356 3.55 37.41 45.58
CA GLY D 356 4.00 37.96 44.31
C GLY D 356 5.12 37.17 43.62
N GLU D 357 5.24 35.89 43.92
CA GLU D 357 6.24 35.06 43.22
C GLU D 357 5.79 34.80 41.79
N ALA D 358 6.74 34.74 40.88
CA ALA D 358 6.43 34.57 39.45
C ALA D 358 6.39 33.10 39.13
N CYS D 359 5.50 32.71 38.24
CA CYS D 359 5.57 31.40 37.54
C CYS D 359 6.75 31.39 36.55
N VAL D 360 7.75 30.56 36.83
CA VAL D 360 8.99 30.50 36.04
C VAL D 360 9.15 29.12 35.43
N GLY D 361 9.28 29.06 34.10
CA GLY D 361 9.83 27.87 33.41
C GLY D 361 8.86 26.70 33.32
N ASN D 362 7.58 27.02 33.31
CA ASN D 362 6.53 26.06 33.17
C ASN D 362 6.21 25.83 31.70
N THR D 363 5.69 24.66 31.41
CA THR D 363 5.48 24.20 30.06
C THR D 363 4.03 23.78 29.94
N ILE D 364 3.30 24.41 29.04
CA ILE D 364 1.89 24.12 28.83
C ILE D 364 1.71 23.73 27.38
N ASP D 365 1.45 22.43 27.10
CA ASP D 365 1.27 21.99 25.71
C ASP D 365 0.24 20.89 25.53
N SER D 366 -0.45 20.91 24.37
CA SER D 366 -1.27 19.80 23.87
C SER D 366 -2.44 19.50 24.80
N ASN D 367 -2.92 20.52 25.48
CA ASN D 367 -4.14 20.45 26.26
C ASN D 367 -5.37 20.91 25.42
N THR D 368 -6.53 20.32 25.73
CA THR D 368 -7.76 20.60 25.05
C THR D 368 -8.62 21.34 26.08
N CYS D 369 -8.91 22.61 25.83
CA CYS D 369 -9.75 23.39 26.75
C CYS D 369 -11.06 23.69 26.11
N ILE D 370 -12.14 23.43 26.85
CA ILE D 370 -13.51 23.64 26.39
C ILE D 370 -14.26 24.51 27.42
N ASP D 371 -14.63 25.70 27.01
CA ASP D 371 -15.32 26.61 27.90
C ASP D 371 -16.42 27.29 27.09
N PRO D 372 -17.64 26.80 27.23
CA PRO D 372 -18.78 27.38 26.50
C PRO D 372 -19.14 28.86 26.79
N ARG D 373 -18.59 29.44 27.86
CA ARG D 373 -18.82 30.83 28.19
C ARG D 373 -17.88 31.75 27.47
N GLY D 374 -16.87 31.16 26.90
CA GLY D 374 -15.90 31.90 26.13
C GLY D 374 -14.78 32.40 27.02
N ASN D 375 -14.75 31.93 28.25
CA ASN D 375 -13.62 32.30 29.16
C ASN D 375 -12.27 31.81 28.56
N ALA D 376 -11.24 32.63 28.69
CA ALA D 376 -9.91 32.25 28.24
C ALA D 376 -9.56 30.87 28.71
N GLY D 377 -9.08 30.04 27.78
CA GLY D 377 -8.76 28.68 28.13
C GLY D 377 -7.53 28.66 28.97
N ILE D 378 -6.58 29.59 28.67
CA ILE D 378 -5.35 29.76 29.44
C ILE D 378 -5.24 31.21 29.82
N THR D 379 -4.82 31.50 31.05
CA THR D 379 -4.47 32.83 31.48
C THR D 379 -3.04 32.92 31.99
N VAL D 380 -2.44 34.07 31.73
CA VAL D 380 -1.05 34.31 32.07
C VAL D 380 -0.94 35.64 32.76
N PRO D 381 -0.38 35.62 33.95
CA PRO D 381 -0.29 36.82 34.76
C PRO D 381 0.94 37.65 34.39
N THR D 382 0.92 38.91 34.80
CA THR D 382 2.07 39.76 34.70
C THR D 382 3.20 39.20 35.53
N GLY D 383 4.41 39.29 34.98
CA GLY D 383 5.61 38.89 35.70
C GLY D 383 6.05 37.47 35.44
N ALA D 384 5.21 36.67 34.78
CA ALA D 384 5.61 35.29 34.45
C ALA D 384 6.77 35.30 33.46
N THR D 385 7.76 34.45 33.67
CA THR D 385 8.91 34.38 32.76
C THR D 385 9.28 32.96 32.44
N GLY D 386 9.76 32.75 31.21
CA GLY D 386 10.37 31.47 30.82
C GLY D 386 9.40 30.34 30.66
N ASN D 387 8.12 30.66 30.54
CA ASN D 387 7.12 29.67 30.29
C ASN D 387 7.00 29.49 28.78
N VAL D 388 6.57 28.31 28.37
CA VAL D 388 6.34 28.01 27.00
C VAL D 388 4.90 27.55 26.88
N PHE D 389 4.17 28.19 26.00
CA PHE D 389 2.81 27.75 25.65
C PHE D 389 2.81 27.22 24.21
N GLY D 390 2.67 25.91 24.10
CA GLY D 390 2.80 25.20 22.84
C GLY D 390 1.63 25.45 21.93
N SER D 391 1.86 25.27 20.64
CA SER D 391 0.79 25.41 19.66
C SER D 391 -0.06 24.14 19.50
N GLY D 392 0.29 23.07 20.18
CA GLY D 392 -0.58 21.88 20.25
C GLY D 392 -1.76 22.04 21.19
N ASN D 393 -1.73 23.04 22.04
CA ASN D 393 -2.92 23.37 22.82
C ASN D 393 -4.07 23.61 21.85
N ASN D 394 -5.25 23.23 22.25
CA ASN D 394 -6.44 23.53 21.53
C ASN D 394 -7.39 24.35 22.40
N LEU D 395 -7.54 25.63 22.08
CA LEU D 395 -8.52 26.51 22.71
C LEU D 395 -9.67 26.97 21.75
N SER D 396 -9.97 26.22 20.71
CA SER D 396 -11.00 26.65 19.76
C SER D 396 -12.37 26.59 20.32
N GLN D 397 -12.54 25.82 21.38
CA GLN D 397 -13.82 25.67 22.00
C GLN D 397 -13.81 26.32 23.35
N ALA D 398 -13.00 27.37 23.42
CA ALA D 398 -12.87 28.17 24.61
C ALA D 398 -12.58 29.58 24.17
N GLY D 399 -12.31 30.46 25.12
CA GLY D 399 -11.72 31.75 24.77
C GLY D 399 -10.24 31.55 24.49
N ALA D 400 -9.64 32.48 23.75
CA ALA D 400 -8.26 32.37 23.36
C ALA D 400 -7.41 32.75 24.54
N ILE D 401 -6.13 32.53 24.43
CA ILE D 401 -5.23 32.75 25.54
C ILE D 401 -5.15 34.23 25.96
N TYR D 402 -5.23 34.46 27.27
CA TYR D 402 -5.26 35.79 27.81
C TYR D 402 -3.88 36.07 28.43
N ILE D 403 -3.30 37.21 28.06
CA ILE D 403 -2.13 37.71 28.73
C ILE D 403 -2.35 39.10 29.40
N ALA D 404 -1.87 39.24 30.62
CA ALA D 404 -2.18 40.42 31.42
C ALA D 404 -1.41 41.64 30.90
N SER D 405 -0.31 41.42 30.22
CA SER D 405 0.48 42.52 29.72
C SER D 405 1.26 42.09 28.47
N PRO D 406 1.46 43.01 27.51
CA PRO D 406 2.14 42.70 26.25
C PRO D 406 3.63 42.39 26.42
N ASP D 407 4.22 42.92 27.48
CA ASP D 407 5.59 42.58 27.87
C ASP D 407 5.86 41.09 27.86
N LEU D 408 4.82 40.30 28.15
CA LEU D 408 5.00 38.87 28.36
C LEU D 408 5.39 38.14 27.09
N ILE D 409 5.24 38.77 25.92
CA ILE D 409 5.42 38.02 24.71
C ILE D 409 6.87 37.77 24.41
N THR D 410 7.75 38.60 24.96
CA THR D 410 9.19 38.43 24.77
C THR D 410 9.86 37.86 25.99
N SER D 411 9.15 37.78 27.12
CA SER D 411 9.74 37.13 28.32
C SER D 411 9.23 35.70 28.47
N ASN D 412 8.32 35.32 27.57
CA ASN D 412 7.91 33.95 27.42
C ASN D 412 7.84 33.62 25.94
N ARG D 413 7.54 32.37 25.63
CA ARG D 413 7.35 31.94 24.29
C ARG D 413 5.93 31.45 24.05
N PHE D 414 5.16 32.19 23.26
CA PHE D 414 3.81 31.79 22.90
C PHE D 414 3.78 31.22 21.51
N GLU D 415 3.86 29.91 21.39
CA GLU D 415 3.73 29.25 20.10
C GLU D 415 2.27 29.19 19.73
N LEU D 416 1.45 29.05 20.75
CA LEU D 416 0.04 29.47 20.74
C LEU D 416 -0.04 30.98 20.65
N ALA D 417 -0.54 31.49 19.52
CA ALA D 417 -0.27 32.84 19.17
C ALA D 417 -1.04 33.86 20.04
N VAL D 418 -0.48 35.01 20.21
CA VAL D 418 -1.23 36.07 20.87
C VAL D 418 -1.21 37.33 20.03
N THR D 419 -2.38 37.95 19.93
CA THR D 419 -2.61 39.07 19.03
C THR D 419 -3.02 40.25 19.89
N GLY D 420 -2.67 41.44 19.48
CA GLY D 420 -3.13 42.62 20.18
C GLY D 420 -2.85 43.86 19.38
N SER D 421 -3.03 44.99 20.02
CA SER D 421 -2.96 46.26 19.34
C SER D 421 -2.19 47.21 20.22
N PHE D 422 -1.76 48.32 19.61
CA PHE D 422 -1.12 49.42 20.33
C PHE D 422 -1.37 50.73 19.55
N THR D 423 -1.15 51.86 20.23
CA THR D 423 -1.25 53.18 19.59
C THR D 423 0.11 53.68 19.15
N PRO D 424 0.35 53.71 17.84
CA PRO D 424 1.65 54.13 17.33
C PRO D 424 1.92 55.63 17.49
N VAL D 425 3.19 56.00 17.69
CA VAL D 425 3.61 57.43 17.61
C VAL D 425 4.75 57.63 16.61
N LEU D 426 4.96 58.87 16.17
CA LEU D 426 6.13 59.19 15.34
C LEU D 426 7.16 60.01 16.10
N LEU D 427 8.43 59.65 15.95
CA LEU D 427 9.52 60.31 16.66
C LEU D 427 10.51 60.86 15.65
N PRO D 428 10.28 62.11 15.19
CA PRO D 428 11.18 62.79 14.26
C PRO D 428 12.42 63.31 14.99
N GLU D 429 13.54 63.33 14.29
CA GLU D 429 14.77 63.87 14.85
C GLU D 429 14.61 65.32 15.38
N SER D 430 13.98 66.20 14.60
CA SER D 430 13.54 67.53 15.13
C SER D 430 12.03 67.69 14.98
N GLY D 431 11.46 68.52 15.84
CA GLY D 431 10.06 68.89 15.74
C GLY D 431 9.15 67.82 16.31
N SER D 432 7.93 67.78 15.81
CA SER D 432 6.94 66.86 16.32
C SER D 432 5.95 66.56 15.22
N ILE D 433 5.43 65.32 15.22
CA ILE D 433 4.35 64.96 14.37
C ILE D 433 3.25 64.31 15.18
N THR D 434 2.04 64.77 14.96
CA THR D 434 0.90 64.22 15.65
C THR D 434 0.01 63.44 14.72
N LEU D 435 -0.36 62.24 15.21
CA LEU D 435 -1.16 61.28 14.48
C LEU D 435 -2.62 61.36 14.86
N SER D 436 -3.44 61.20 13.83
CA SER D 436 -4.84 60.92 14.02
C SER D 436 -5.10 59.68 14.91
N SER D 437 -6.22 59.69 15.61
CA SER D 437 -6.66 58.53 16.38
C SER D 437 -7.12 57.41 15.44
N SER D 438 -7.20 57.73 14.15
CA SER D 438 -7.45 56.76 13.11
C SER D 438 -6.26 55.83 12.92
N SER D 439 -5.10 56.19 13.47
CA SER D 439 -3.90 55.36 13.35
C SER D 439 -3.98 54.11 14.23
N THR D 440 -3.36 53.02 13.78
CA THR D 440 -3.55 51.71 14.38
C THR D 440 -2.23 50.94 14.37
N GLY D 441 -2.00 50.16 15.44
CA GLY D 441 -0.94 49.17 15.46
C GLY D 441 -1.49 47.81 15.90
N VAL D 442 -1.25 46.79 15.09
CA VAL D 442 -1.59 45.42 15.46
C VAL D 442 -0.30 44.58 15.47
N PHE D 443 -0.19 43.71 16.47
CA PHE D 443 0.89 42.75 16.56
C PHE D 443 0.33 41.34 16.78
N ARG D 444 1.07 40.34 16.29
CA ARG D 444 0.82 38.98 16.62
C ARG D 444 2.15 38.34 16.96
N ALA D 445 2.21 37.69 18.12
CA ALA D 445 3.40 36.90 18.48
C ALA D 445 3.16 35.41 18.27
N THR D 446 4.00 34.81 17.44
CA THR D 446 4.08 33.36 17.30
C THR D 446 5.50 32.90 17.59
N GLY D 447 5.73 32.29 18.76
CA GLY D 447 7.10 31.89 19.09
C GLY D 447 7.95 33.09 19.34
N ASN D 448 9.16 33.12 18.79
CA ASN D 448 9.99 34.30 18.90
C ASN D 448 9.97 35.19 17.67
N ARG D 449 8.82 35.24 16.99
CA ARG D 449 8.61 36.12 15.86
C ARG D 449 7.36 36.91 16.19
N ILE D 450 7.44 38.23 16.05
CA ILE D 450 6.25 39.06 16.15
C ILE D 450 5.97 39.69 14.79
N ASP D 451 4.72 39.60 14.32
CA ASP D 451 4.33 40.31 13.09
C ASP D 451 3.65 41.62 13.45
N PHE D 452 3.79 42.61 12.57
CA PHE D 452 3.29 43.97 12.84
C PHE D 452 2.57 44.51 11.64
N SER D 453 1.56 45.33 11.91
CA SER D 453 0.94 46.14 10.91
C SER D 453 0.60 47.50 11.51
N VAL D 454 1.10 48.56 10.88
CA VAL D 454 0.97 49.89 11.45
C VAL D 454 0.43 50.84 10.41
N THR D 455 -0.69 51.48 10.73
CA THR D 455 -1.31 52.44 9.86
C THR D 455 -1.17 53.81 10.51
N VAL D 456 -0.49 54.70 9.78
CA VAL D 456 -0.05 56.01 10.29
C VAL D 456 -0.76 57.09 9.50
N ASN D 457 -1.67 57.81 10.15
CA ASN D 457 -2.35 58.93 9.52
C ASN D 457 -2.03 60.18 10.32
N VAL D 458 -1.43 61.17 9.68
CA VAL D 458 -1.00 62.37 10.41
C VAL D 458 -2.20 63.29 10.60
N SER D 459 -2.28 63.94 11.76
CA SER D 459 -3.30 64.98 11.94
C SER D 459 -2.68 66.37 11.90
N SER D 460 -1.49 66.54 12.45
CA SER D 460 -0.77 67.81 12.34
C SER D 460 0.74 67.65 12.56
N ILE D 461 1.50 68.61 12.03
CA ILE D 461 2.95 68.68 12.28
C ILE D 461 3.39 70.01 12.92
N SER D 462 4.60 70.02 13.43
CA SER D 462 5.15 71.19 14.10
C SER D 462 6.67 71.17 13.91
N SER D 463 7.08 71.69 12.76
CA SER D 463 8.49 71.83 12.38
C SER D 463 9.30 70.51 12.36
N PRO D 464 8.66 69.41 11.91
CA PRO D 464 9.40 68.16 11.86
C PRO D 464 10.50 68.21 10.83
N SER D 465 11.70 67.79 11.22
CA SER D 465 12.77 67.51 10.25
C SER D 465 13.65 66.31 10.67
N GLY D 466 14.39 65.77 9.71
CA GLY D 466 15.46 64.85 10.00
C GLY D 466 15.00 63.41 9.90
N ASN D 467 15.71 62.53 10.58
CA ASN D 467 15.33 61.12 10.62
C ASN D 467 14.03 60.91 11.39
N LEU D 468 13.32 59.83 11.01
CA LEU D 468 12.01 59.47 11.56
C LEU D 468 12.00 58.02 12.10
N ASN D 469 11.39 57.80 13.26
CA ASN D 469 11.03 56.45 13.71
C ASN D 469 9.56 56.35 14.09
N ILE D 470 9.01 55.18 13.78
CA ILE D 470 7.77 54.70 14.39
C ILE D 470 8.06 53.96 15.69
N ALA D 471 7.15 54.10 16.65
CA ALA D 471 7.32 53.53 17.99
C ALA D 471 5.93 53.36 18.63
N TYR D 472 5.82 52.62 19.74
CA TYR D 472 6.81 51.64 20.22
C TYR D 472 6.25 50.22 20.06
N LEU D 473 7.05 49.31 19.51
CA LEU D 473 6.61 47.95 19.25
C LEU D 473 6.46 47.15 20.57
N PRO D 474 5.28 46.54 20.76
CA PRO D 474 5.06 45.78 22.00
C PRO D 474 6.10 44.68 22.20
N GLY D 475 6.55 44.53 23.44
CA GLY D 475 7.47 43.48 23.80
C GLY D 475 8.93 43.81 23.53
N MET D 476 9.21 44.76 22.66
CA MET D 476 10.54 44.78 22.06
C MET D 476 11.50 45.65 22.85
N SER D 477 10.96 46.38 23.83
CA SER D 477 11.77 47.23 24.70
C SER D 477 12.97 46.49 25.26
N GLY D 478 14.14 47.08 25.14
CA GLY D 478 15.35 46.41 25.61
C GLY D 478 15.53 44.98 25.14
N LYS D 479 15.07 44.67 23.92
CA LYS D 479 15.35 43.38 23.31
C LYS D 479 16.20 43.58 22.09
N THR D 480 16.67 42.49 21.51
CA THR D 480 17.43 42.54 20.28
C THR D 480 16.80 41.57 19.28
N SER D 481 17.16 41.68 18.01
CA SER D 481 16.71 40.68 17.04
C SER D 481 17.83 40.07 16.21
N SER D 482 17.54 38.91 15.68
CA SER D 482 18.43 38.23 14.76
CA SER D 482 18.42 38.18 14.74
C SER D 482 18.10 38.58 13.29
N THR D 483 16.81 38.79 13.01
CA THR D 483 16.33 39.13 11.67
C THR D 483 15.03 39.90 11.78
N SER D 484 14.85 40.86 10.87
CA SER D 484 13.59 41.57 10.74
C SER D 484 13.35 41.93 9.28
N MET D 485 12.15 42.35 8.96
CA MET D 485 11.82 42.59 7.59
C MET D 485 10.56 43.40 7.52
N PHE D 486 10.68 44.62 7.03
CA PHE D 486 9.57 45.55 6.94
C PHE D 486 9.54 46.18 5.55
N ILE D 487 8.34 46.35 5.00
CA ILE D 487 8.09 47.18 3.85
C ILE D 487 7.03 48.24 4.17
N ILE D 488 6.96 49.26 3.31
CA ILE D 488 5.83 50.21 3.29
C ILE D 488 5.07 50.02 1.97
N ASP D 489 3.83 49.56 2.04
CA ASP D 489 3.09 49.21 0.81
C ASP D 489 2.04 50.26 0.40
N TYR D 490 1.96 51.34 1.16
CA TYR D 490 0.97 52.37 0.93
C TYR D 490 1.40 53.67 1.56
N TRP D 491 1.05 54.77 0.88
CA TRP D 491 1.31 56.12 1.38
C TRP D 491 0.55 57.17 0.53
N ASN D 492 0.39 58.35 1.10
CA ASN D 492 -0.33 59.43 0.45
C ASN D 492 0.13 60.74 1.04
N ASP D 493 0.17 61.80 0.20
CA ASP D 493 0.51 63.15 0.67
C ASP D 493 1.87 63.20 1.33
N LEU D 494 2.85 62.51 0.75
CA LEU D 494 4.24 62.75 1.09
C LEU D 494 4.91 63.53 -0.01
N THR D 495 5.90 64.33 0.39
CA THR D 495 6.71 65.11 -0.57
C THR D 495 7.96 64.30 -0.95
N LEU D 496 7.76 63.33 -1.82
CA LEU D 496 8.86 62.59 -2.46
C LEU D 496 8.96 63.00 -3.94
N SER D 497 10.18 63.21 -4.46
CA SER D 497 10.37 63.24 -5.94
C SER D 497 9.93 61.90 -6.51
N SER D 498 9.59 61.87 -7.80
CA SER D 498 9.26 60.60 -8.45
C SER D 498 10.54 59.79 -8.73
N GLY D 499 10.37 58.47 -8.83
CA GLY D 499 11.49 57.51 -8.66
C GLY D 499 11.87 57.14 -7.24
N VAL D 500 11.44 57.95 -6.26
CA VAL D 500 11.88 57.81 -4.88
C VAL D 500 10.80 57.08 -4.05
N ILE D 501 11.19 56.00 -3.36
CA ILE D 501 10.25 55.21 -2.55
C ILE D 501 10.67 55.07 -1.08
N PRO D 502 9.69 54.94 -0.17
CA PRO D 502 9.98 54.81 1.25
C PRO D 502 10.53 53.44 1.62
N LEU D 503 11.44 53.42 2.57
CA LEU D 503 12.01 52.20 3.08
C LEU D 503 11.86 52.16 4.59
N ALA D 504 11.87 50.94 5.14
CA ALA D 504 11.77 50.76 6.60
C ALA D 504 12.71 49.68 7.08
N SER D 505 13.26 49.87 8.25
CA SER D 505 14.16 48.90 8.83
C SER D 505 14.20 49.11 10.31
N LEU D 506 14.25 48.01 11.05
CA LEU D 506 14.22 48.06 12.50
C LEU D 506 15.39 48.88 13.06
N ASN D 507 15.10 49.77 14.00
CA ASN D 507 16.12 50.60 14.65
C ASN D 507 17.09 49.75 15.47
N LEU D 508 18.37 49.80 15.13
CA LEU D 508 19.34 48.90 15.75
C LEU D 508 19.68 49.31 17.18
N GLU D 509 19.62 50.60 17.47
CA GLU D 509 19.82 51.08 18.84
C GLU D 509 18.60 50.86 19.73
N ASN D 510 17.40 51.05 19.18
CA ASN D 510 16.16 50.94 19.96
C ASN D 510 15.19 50.00 19.29
N GLN D 511 15.21 48.73 19.65
CA GLN D 511 14.66 47.71 18.77
C GLN D 511 13.15 47.58 18.92
N ASP D 512 12.58 48.53 19.64
CA ASP D 512 11.15 48.77 19.59
C ASP D 512 10.82 50.05 18.80
N GLN D 513 11.68 50.39 17.85
CA GLN D 513 11.41 51.42 16.87
C GLN D 513 11.75 50.95 15.47
N ILE D 514 10.91 51.37 14.53
CA ILE D 514 11.15 51.11 13.14
C ILE D 514 11.55 52.43 12.52
N THR D 515 12.75 52.46 11.94
CA THR D 515 13.27 53.65 11.28
C THR D 515 12.73 53.70 9.84
N VAL D 516 12.12 54.83 9.48
CA VAL D 516 11.58 55.03 8.12
C VAL D 516 12.38 56.07 7.37
N TYR D 517 12.74 55.74 6.13
CA TYR D 517 13.65 56.54 5.34
C TYR D 517 13.31 56.36 3.84
N ARG D 518 14.20 56.75 2.95
CA ARG D 518 13.86 56.80 1.51
C ARG D 518 15.07 56.53 0.63
N THR D 519 14.84 56.06 -0.59
CA THR D 519 15.91 55.91 -1.58
C THR D 519 16.47 57.25 -2.10
N ASP D 520 17.68 57.20 -2.64
CA ASP D 520 18.26 58.33 -3.37
C ASP D 520 19.27 57.79 -4.36
N GLY D 521 18.77 57.09 -5.37
CA GLY D 521 19.62 56.40 -6.34
C GLY D 521 20.39 55.24 -5.75
N GLY D 522 21.71 55.41 -5.64
CA GLY D 522 22.61 54.35 -5.18
C GLY D 522 23.04 54.52 -3.74
N ARG D 523 22.29 55.34 -3.00
CA ARG D 523 22.38 55.39 -1.57
C ARG D 523 20.97 55.66 -1.05
N VAL D 524 20.85 55.94 0.25
CA VAL D 524 19.56 56.22 0.88
C VAL D 524 19.71 57.39 1.80
N LEU D 525 18.60 58.00 2.20
CA LEU D 525 18.69 59.12 3.10
C LEU D 525 17.72 59.04 4.24
N TYR D 526 18.16 59.62 5.36
CA TYR D 526 17.47 59.58 6.65
C TYR D 526 16.93 60.96 7.01
N ASP D 527 16.03 61.44 6.15
CA ASP D 527 15.54 62.81 6.19
C ASP D 527 14.00 62.83 5.99
N PHE D 528 13.36 61.73 6.39
CA PHE D 528 11.98 61.44 6.02
C PHE D 528 11.02 62.32 6.79
N SER D 529 11.38 62.69 8.04
CA SER D 529 10.53 63.58 8.85
C SER D 529 10.28 64.89 8.11
N SER D 530 11.27 65.35 7.33
CA SER D 530 11.14 66.62 6.59
C SER D 530 10.26 66.48 5.35
N LEU D 531 9.84 65.25 5.02
CA LEU D 531 9.01 64.99 3.85
C LEU D 531 7.53 64.73 4.22
N MET D 532 7.18 64.97 5.48
CA MET D 532 5.81 64.72 5.96
C MET D 532 4.96 65.99 5.92
N LYS D 533 3.67 65.82 5.66
CA LYS D 533 2.68 66.89 5.87
C LYS D 533 1.70 66.54 6.96
N SER D 534 0.89 67.53 7.33
CA SER D 534 -0.20 67.32 8.29
C SER D 534 -1.25 66.31 7.78
N THR D 535 -1.20 66.00 6.48
CA THR D 535 -2.13 65.04 5.87
C THR D 535 -1.41 63.82 5.29
N SER D 536 -0.14 63.66 5.63
CA SER D 536 0.58 62.45 5.22
C SER D 536 -0.09 61.21 5.85
N SER D 537 -0.03 60.09 5.14
CA SER D 537 -0.28 58.79 5.74
C SER D 537 0.57 57.73 5.04
N PHE D 538 0.93 56.68 5.79
CA PHE D 538 1.49 55.46 5.19
C PHE D 538 1.19 54.22 6.06
N ILE D 539 1.30 53.05 5.44
CA ILE D 539 1.08 51.78 6.09
C ILE D 539 2.35 50.94 6.03
N LEU D 540 2.79 50.47 7.18
CA LEU D 540 3.96 49.62 7.30
C LEU D 540 3.59 48.19 7.80
N LYS D 541 4.20 47.18 7.17
CA LYS D 541 3.99 45.74 7.52
C LYS D 541 5.34 45.10 7.72
N GLY D 542 5.44 44.10 8.61
CA GLY D 542 6.67 43.27 8.68
C GLY D 542 6.77 42.38 9.90
N PHE D 543 7.94 41.80 10.14
CA PHE D 543 8.08 40.98 11.30
C PHE D 543 9.45 41.15 11.92
N VAL D 544 9.56 40.71 13.17
CA VAL D 544 10.82 40.73 13.89
C VAL D 544 11.03 39.35 14.52
N ASP D 545 12.15 38.71 14.19
CA ASP D 545 12.63 37.58 14.96
C ASP D 545 13.46 38.06 16.13
N PHE D 546 12.95 37.90 17.35
CA PHE D 546 13.65 38.41 18.53
C PHE D 546 14.38 37.32 19.30
N ASN D 547 15.47 37.72 19.97
CA ASN D 547 16.33 36.79 20.68
C ASN D 547 15.81 36.63 22.13
N MET E 1 66.77 -20.55 -46.41
CA MET E 1 66.07 -19.23 -46.34
C MET E 1 64.55 -19.46 -46.35
N LEU E 2 64.04 -19.88 -47.50
CA LEU E 2 62.58 -19.94 -47.73
C LEU E 2 61.87 -20.96 -46.83
N ARG E 3 62.38 -22.19 -46.76
CA ARG E 3 61.79 -23.20 -45.89
C ARG E 3 61.65 -22.67 -44.45
N GLY E 4 62.73 -22.09 -43.92
CA GLY E 4 62.76 -21.58 -42.55
C GLY E 4 61.76 -20.46 -42.32
N GLU E 5 61.49 -19.68 -43.37
CA GLU E 5 60.53 -18.56 -43.33
C GLU E 5 59.06 -19.03 -43.39
N LEU E 6 58.77 -19.99 -44.25
CA LEU E 6 57.41 -20.52 -44.40
C LEU E 6 57.01 -21.26 -43.15
N ASN E 7 57.97 -21.87 -42.47
CA ASN E 7 57.73 -22.47 -41.16
C ASN E 7 57.48 -21.41 -40.07
N ASN E 8 58.20 -20.29 -40.13
CA ASN E 8 58.01 -19.20 -39.19
C ASN E 8 56.65 -18.48 -39.37
N GLU E 9 56.05 -18.66 -40.56
CA GLU E 9 54.87 -17.90 -40.95
C GLU E 9 53.58 -18.74 -40.98
N GLY E 10 53.70 -20.03 -40.67
CA GLY E 10 52.55 -20.93 -40.66
C GLY E 10 52.14 -21.44 -42.03
N VAL E 11 52.95 -21.15 -43.05
CA VAL E 11 52.62 -21.54 -44.42
C VAL E 11 52.85 -23.05 -44.63
N ILE E 12 53.80 -23.61 -43.86
CA ILE E 12 53.91 -25.07 -43.69
C ILE E 12 54.01 -25.41 -42.20
N ASN E 13 53.77 -26.68 -41.86
CA ASN E 13 53.56 -27.09 -40.45
C ASN E 13 52.62 -26.13 -39.72
N PHE E 14 51.49 -25.84 -40.36
CA PHE E 14 50.49 -24.98 -39.75
C PHE E 14 49.90 -25.62 -38.51
N SER E 15 49.94 -24.88 -37.42
CA SER E 15 49.36 -25.33 -36.15
C SER E 15 48.82 -24.12 -35.39
N HIS E 16 47.74 -24.33 -34.63
CA HIS E 16 47.21 -23.28 -33.76
C HIS E 16 48.02 -23.12 -32.47
N ALA E 17 48.93 -24.08 -32.20
CA ALA E 17 49.81 -24.01 -31.02
C ALA E 17 51.00 -23.06 -31.23
N ASP E 18 51.29 -22.72 -32.48
CA ASP E 18 52.47 -21.91 -32.82
C ASP E 18 52.19 -20.43 -32.63
N THR E 19 53.24 -19.66 -32.35
CA THR E 19 53.15 -18.20 -32.49
C THR E 19 53.61 -17.76 -33.88
N TYR E 20 52.76 -16.98 -34.54
CA TYR E 20 53.09 -16.33 -35.81
C TYR E 20 52.94 -14.82 -35.70
N GLY E 21 53.76 -14.10 -36.46
CA GLY E 21 53.63 -12.65 -36.63
C GLY E 21 52.37 -12.28 -37.37
N ASN E 22 51.84 -11.10 -37.10
CA ASN E 22 50.46 -10.77 -37.44
C ASN E 22 50.24 -10.57 -38.94
N ASP E 23 51.32 -10.21 -39.65
CA ASP E 23 51.26 -10.09 -41.12
C ASP E 23 51.49 -11.43 -41.83
N SER E 24 51.56 -12.52 -41.06
CA SER E 24 51.80 -13.82 -41.67
C SER E 24 50.47 -14.44 -42.11
N VAL E 25 50.56 -15.32 -43.11
CA VAL E 25 49.41 -16.09 -43.50
C VAL E 25 48.90 -16.95 -42.35
N GLY E 26 49.82 -17.50 -41.57
CA GLY E 26 49.47 -18.29 -40.40
C GLY E 26 48.62 -17.54 -39.36
N ALA E 27 48.93 -16.27 -39.13
CA ALA E 27 48.19 -15.49 -38.14
C ALA E 27 46.74 -15.33 -38.58
N HIS E 28 46.56 -15.02 -39.86
CA HIS E 28 45.27 -14.95 -40.49
C HIS E 28 44.42 -16.21 -40.31
N LEU E 29 45.00 -17.36 -40.64
CA LEU E 29 44.27 -18.62 -40.52
C LEU E 29 43.92 -18.97 -39.08
N GLN E 30 44.78 -18.58 -38.14
CA GLN E 30 44.57 -18.87 -36.73
C GLN E 30 43.33 -18.20 -36.11
N ASN E 31 42.72 -17.28 -36.84
CA ASN E 31 41.49 -16.64 -36.37
C ASN E 31 40.32 -17.62 -36.35
N VAL E 32 40.38 -18.60 -37.24
CA VAL E 32 39.37 -19.65 -37.29
C VAL E 32 40.00 -21.01 -37.01
N VAL E 33 39.33 -21.79 -36.18
CA VAL E 33 39.87 -23.04 -35.70
C VAL E 33 38.94 -24.19 -36.08
N TYR E 34 39.46 -25.16 -36.84
CA TYR E 34 38.78 -26.43 -37.04
C TYR E 34 39.47 -27.53 -36.25
N PRO E 35 38.70 -28.34 -35.52
CA PRO E 35 39.35 -29.41 -34.75
C PRO E 35 40.13 -30.46 -35.61
N THR E 36 39.96 -30.40 -36.92
CA THR E 36 40.78 -31.19 -37.83
C THR E 36 42.23 -30.65 -38.02
N ASP E 37 42.46 -29.37 -37.68
CA ASP E 37 43.78 -28.76 -37.81
C ASP E 37 44.73 -29.28 -36.70
N ALA E 38 46.04 -29.09 -36.90
CA ALA E 38 47.01 -29.28 -35.81
C ALA E 38 46.82 -28.20 -34.74
N PRO E 39 46.82 -28.58 -33.46
CA PRO E 39 47.36 -29.86 -32.98
C PRO E 39 46.23 -30.78 -32.51
N PHE E 40 45.05 -30.56 -33.04
CA PHE E 40 43.86 -31.21 -32.54
C PHE E 40 43.68 -32.48 -33.35
N ASN E 41 43.75 -32.32 -34.67
CA ASN E 41 43.77 -33.45 -35.60
C ASN E 41 42.63 -34.40 -35.34
N ALA E 42 41.42 -33.86 -35.27
CA ALA E 42 40.24 -34.70 -35.10
C ALA E 42 40.07 -35.63 -36.29
N ALA E 43 39.60 -36.85 -36.01
CA ALA E 43 39.16 -37.77 -37.06
C ALA E 43 37.92 -37.28 -37.81
N THR E 44 37.83 -37.63 -39.09
CA THR E 44 36.77 -37.16 -39.96
C THR E 44 35.87 -38.30 -40.47
N ASP E 45 36.10 -39.51 -39.99
CA ASP E 45 35.37 -40.67 -40.50
C ASP E 45 34.01 -40.84 -39.82
N GLY E 46 33.66 -39.89 -38.94
CA GLY E 46 32.40 -39.93 -38.21
C GLY E 46 32.27 -41.07 -37.22
N THR E 47 33.29 -41.91 -37.12
CA THR E 47 33.16 -43.10 -36.33
C THR E 47 34.20 -43.15 -35.20
N THR E 48 35.31 -42.45 -35.35
CA THR E 48 36.32 -42.46 -34.31
C THR E 48 36.02 -41.39 -33.26
N ASP E 49 36.02 -41.78 -31.98
CA ASP E 49 35.86 -40.82 -30.89
C ASP E 49 36.83 -39.63 -31.02
N THR E 50 36.26 -38.42 -30.98
CA THR E 50 37.02 -37.18 -31.08
C THR E 50 36.94 -36.31 -29.82
N THR E 51 36.34 -36.84 -28.75
CA THR E 51 36.13 -36.05 -27.55
C THR E 51 37.37 -35.20 -27.18
N VAL E 52 38.54 -35.86 -27.11
CA VAL E 52 39.77 -35.20 -26.63
C VAL E 52 40.23 -34.11 -27.58
N ALA E 53 40.20 -34.40 -28.88
CA ALA E 53 40.56 -33.42 -29.87
C ALA E 53 39.63 -32.18 -29.79
N ILE E 54 38.35 -32.41 -29.58
CA ILE E 54 37.40 -31.30 -29.62
C ILE E 54 37.53 -30.46 -28.38
N LYS E 55 37.71 -31.10 -27.23
CA LYS E 55 37.92 -30.36 -25.99
C LYS E 55 39.19 -29.49 -26.02
N SER E 56 40.25 -30.01 -26.67
CA SER E 56 41.48 -29.25 -26.86
CA SER E 56 41.47 -29.25 -26.82
C SER E 56 41.22 -28.01 -27.68
N ALA E 57 40.44 -28.18 -28.74
CA ALA E 57 40.11 -27.06 -29.61
C ALA E 57 39.36 -26.00 -28.83
N ILE E 58 38.37 -26.45 -28.05
CA ILE E 58 37.54 -25.56 -27.26
C ILE E 58 38.36 -24.79 -26.22
N ALA E 59 39.21 -25.50 -25.47
CA ALA E 59 40.10 -24.81 -24.52
C ALA E 59 41.06 -23.86 -25.21
N HIS E 60 41.53 -24.21 -26.39
CA HIS E 60 42.39 -23.29 -27.15
C HIS E 60 41.58 -22.02 -27.55
N CYS E 61 40.40 -22.19 -28.11
CA CYS E 61 39.60 -21.03 -28.54
C CYS E 61 39.25 -20.06 -27.38
N ILE E 62 39.05 -20.63 -26.20
CA ILE E 62 38.85 -19.84 -24.99
C ILE E 62 40.12 -19.12 -24.58
N SER E 63 41.23 -19.87 -24.50
CA SER E 63 42.53 -19.29 -24.14
C SER E 63 42.90 -18.12 -25.03
N LYS E 64 42.72 -18.28 -26.33
CA LYS E 64 43.35 -17.41 -27.28
C LYS E 64 42.38 -16.47 -27.92
N GLY E 65 41.09 -16.63 -27.61
CA GLY E 65 40.06 -15.75 -28.14
C GLY E 65 39.76 -15.91 -29.63
N LYS E 66 39.62 -17.16 -30.09
CA LYS E 66 39.39 -17.44 -31.52
C LYS E 66 38.09 -18.17 -31.74
N LYS E 67 37.64 -18.13 -32.99
CA LYS E 67 36.40 -18.77 -33.41
C LYS E 67 36.63 -20.26 -33.56
N LEU E 68 35.70 -21.06 -33.01
CA LEU E 68 35.66 -22.48 -33.22
C LEU E 68 34.57 -22.85 -34.23
N VAL E 69 34.90 -23.75 -35.14
CA VAL E 69 33.95 -24.19 -36.18
C VAL E 69 34.03 -25.68 -36.37
N LEU E 70 32.97 -26.39 -36.03
CA LEU E 70 32.94 -27.82 -36.28
C LEU E 70 32.64 -28.06 -37.74
N ASN E 71 33.52 -28.80 -38.41
CA ASN E 71 33.46 -28.92 -39.86
C ASN E 71 33.02 -30.30 -40.37
N HIS E 72 32.74 -31.20 -39.43
CA HIS E 72 32.23 -32.53 -39.72
C HIS E 72 31.23 -32.83 -38.63
N LEU E 73 30.52 -33.95 -38.75
CA LEU E 73 29.84 -34.55 -37.59
C LEU E 73 30.79 -35.42 -36.77
N PHE E 74 30.95 -35.06 -35.48
CA PHE E 74 32.06 -35.51 -34.65
C PHE E 74 31.57 -36.41 -33.48
N MET E 75 32.02 -37.68 -33.44
CA MET E 75 31.67 -38.60 -32.33
C MET E 75 32.25 -38.15 -30.99
N ILE E 76 31.44 -38.21 -29.93
CA ILE E 76 31.93 -37.89 -28.60
C ILE E 76 31.36 -38.85 -27.59
N THR E 77 32.00 -38.91 -26.42
CA THR E 77 31.62 -39.85 -25.38
C THR E 77 31.76 -39.24 -23.99
N ASP E 78 32.21 -37.99 -23.93
CA ASP E 78 32.03 -37.21 -22.71
C ASP E 78 31.50 -35.79 -23.03
N THR E 79 30.96 -35.13 -22.02
CA THR E 79 30.35 -33.78 -22.15
C THR E 79 31.32 -32.72 -22.67
N LEU E 80 30.93 -32.05 -23.73
CA LEU E 80 31.64 -30.85 -24.18
C LEU E 80 31.06 -29.64 -23.49
N VAL E 81 31.94 -28.87 -22.84
CA VAL E 81 31.55 -27.75 -22.00
C VAL E 81 31.89 -26.45 -22.76
N ILE E 82 30.86 -25.67 -23.10
CA ILE E 82 31.06 -24.44 -23.84
C ILE E 82 30.89 -23.30 -22.89
N SER E 83 32.01 -22.71 -22.51
CA SER E 83 32.03 -21.70 -21.45
C SER E 83 32.69 -20.40 -21.92
N ASP E 84 32.64 -19.37 -21.07
CA ASP E 84 33.51 -18.21 -21.19
C ASP E 84 33.24 -17.34 -22.41
N GLY E 85 32.04 -17.49 -23.00
CA GLY E 85 31.63 -16.64 -24.11
C GLY E 85 31.96 -17.27 -25.44
N LEU E 86 32.41 -18.51 -25.39
CA LEU E 86 32.70 -19.25 -26.60
C LEU E 86 31.45 -19.51 -27.37
N HIS E 87 31.51 -19.32 -28.69
CA HIS E 87 30.48 -19.83 -29.62
C HIS E 87 31.02 -20.97 -30.41
N VAL E 88 30.19 -22.00 -30.56
CA VAL E 88 30.49 -23.11 -31.45
C VAL E 88 29.71 -22.87 -32.70
N GLU E 89 30.41 -22.71 -33.79
CA GLU E 89 29.76 -22.54 -35.05
C GLU E 89 29.85 -23.84 -35.82
N CYS E 90 28.72 -24.31 -36.33
CA CYS E 90 28.75 -25.48 -37.18
C CYS E 90 28.88 -25.08 -38.61
N LEU E 91 29.77 -25.71 -39.36
CA LEU E 91 30.12 -25.26 -40.71
C LEU E 91 28.93 -25.45 -41.64
N THR E 92 28.17 -26.51 -41.42
CA THR E 92 27.04 -26.80 -42.30
C THR E 92 26.00 -27.47 -41.42
N SER E 93 24.85 -27.81 -42.00
CA SER E 93 23.74 -28.40 -41.26
C SER E 93 24.02 -29.87 -40.92
N ASP E 94 25.04 -30.44 -41.57
CA ASP E 94 25.54 -31.78 -41.21
C ASP E 94 26.66 -31.82 -40.18
N SER E 95 27.25 -30.68 -39.87
CA SER E 95 28.29 -30.66 -38.83
C SER E 95 27.66 -30.78 -37.44
N GLY E 96 28.51 -30.88 -36.42
CA GLY E 96 28.08 -31.07 -35.06
C GLY E 96 28.72 -32.23 -34.37
N VAL E 97 28.00 -32.78 -33.39
CA VAL E 97 28.49 -33.89 -32.63
C VAL E 97 27.40 -34.91 -32.56
N LYS E 98 27.82 -36.16 -32.66
CA LYS E 98 27.02 -37.31 -32.36
C LYS E 98 27.43 -37.85 -31.00
N SER E 99 26.46 -38.11 -30.14
CA SER E 99 26.77 -38.43 -28.74
C SER E 99 26.55 -39.90 -28.41
N ASP E 100 27.60 -40.52 -27.89
CA ASP E 100 27.48 -41.75 -27.10
C ASP E 100 27.79 -41.48 -25.65
N VAL E 101 27.80 -40.22 -25.25
CA VAL E 101 27.89 -39.93 -23.84
C VAL E 101 26.95 -40.83 -23.02
N PRO E 102 27.48 -41.40 -21.93
CA PRO E 102 26.72 -42.28 -21.05
C PRO E 102 25.75 -41.56 -20.13
N ALA E 103 25.00 -42.36 -19.35
CA ALA E 103 23.89 -41.84 -18.59
C ALA E 103 24.38 -41.01 -17.42
N GLY E 104 23.64 -39.94 -17.15
CA GLY E 104 23.97 -39.04 -16.06
C GLY E 104 24.67 -37.78 -16.53
N LYS E 105 25.07 -37.74 -17.79
CA LYS E 105 25.70 -36.56 -18.33
C LYS E 105 25.03 -36.12 -19.64
N PHE E 106 25.33 -34.88 -20.04
CA PHE E 106 24.84 -34.34 -21.30
C PHE E 106 25.90 -34.43 -22.41
N ALA E 107 25.45 -34.34 -23.65
CA ALA E 107 26.38 -34.21 -24.80
C ALA E 107 27.12 -32.88 -24.76
N VAL E 108 26.37 -31.83 -24.45
CA VAL E 108 26.89 -30.47 -24.56
C VAL E 108 26.32 -29.68 -23.42
N LYS E 109 27.19 -29.06 -22.63
CA LYS E 109 26.75 -28.26 -21.51
C LYS E 109 27.20 -26.80 -21.68
N ILE E 110 26.30 -25.82 -21.59
CA ILE E 110 26.68 -24.48 -21.98
C ILE E 110 26.54 -23.58 -20.78
N THR E 111 27.48 -22.67 -20.58
CA THR E 111 27.60 -21.95 -19.31
C THR E 111 28.46 -20.71 -19.43
N GLY E 112 28.39 -19.87 -18.41
CA GLY E 112 29.07 -18.55 -18.46
C GLY E 112 28.21 -17.47 -19.12
N ALA E 113 28.85 -16.40 -19.55
CA ALA E 113 28.18 -15.28 -20.17
C ALA E 113 28.37 -15.31 -21.69
N ASN E 114 27.26 -15.34 -22.45
CA ASN E 114 27.27 -15.12 -23.92
C ASN E 114 27.94 -16.23 -24.69
N SER E 115 27.91 -17.41 -24.11
CA SER E 115 28.34 -18.65 -24.79
C SER E 115 27.22 -19.20 -25.61
N GLY E 116 27.53 -20.00 -26.61
CA GLY E 116 26.46 -20.64 -27.38
C GLY E 116 26.88 -21.54 -28.51
N TRP E 117 25.89 -21.94 -29.31
CA TRP E 117 26.01 -22.97 -30.34
C TRP E 117 25.12 -22.59 -31.53
N PHE E 118 25.74 -22.32 -32.68
CA PHE E 118 25.04 -22.08 -33.94
C PHE E 118 25.06 -23.35 -34.79
N GLY E 119 23.88 -23.82 -35.15
CA GLY E 119 23.68 -24.63 -36.33
C GLY E 119 23.91 -26.10 -36.13
N GLY E 120 23.88 -26.85 -37.23
CA GLY E 120 24.30 -28.24 -37.26
C GLY E 120 23.36 -29.12 -36.46
N LYS E 121 23.95 -30.10 -35.79
CA LYS E 121 23.20 -31.22 -35.17
C LYS E 121 23.86 -31.66 -33.90
N ILE E 122 23.06 -32.18 -33.00
CA ILE E 122 23.52 -32.75 -31.77
C ILE E 122 22.63 -33.97 -31.58
N LEU E 123 23.17 -35.15 -31.93
CA LEU E 123 22.37 -36.37 -32.07
C LEU E 123 22.66 -37.40 -30.99
N GLY E 124 21.62 -37.79 -30.27
CA GLY E 124 21.70 -38.93 -29.37
C GLY E 124 21.68 -40.24 -30.14
N LYS E 125 21.52 -41.33 -29.41
CA LYS E 125 21.60 -42.65 -29.99
C LYS E 125 20.28 -42.99 -30.68
N ASN E 126 19.20 -42.33 -30.24
CA ASN E 126 17.89 -42.53 -30.86
C ASN E 126 17.40 -44.00 -30.80
N LEU E 127 17.39 -44.55 -29.59
CA LEU E 127 16.91 -45.88 -29.37
C LEU E 127 15.79 -45.92 -28.31
N PRO E 128 14.61 -45.36 -28.66
CA PRO E 128 13.49 -45.22 -27.73
C PRO E 128 12.90 -46.54 -27.20
N GLU E 129 13.06 -47.62 -27.98
CA GLU E 129 12.66 -48.95 -27.56
C GLU E 129 13.64 -49.60 -26.56
N SER E 130 14.88 -49.15 -26.55
CA SER E 130 15.89 -49.73 -25.66
C SER E 130 15.50 -49.53 -24.19
N THR E 131 15.60 -50.62 -23.43
CA THR E 131 15.38 -50.60 -22.01
C THR E 131 16.67 -50.32 -21.26
N THR E 132 17.76 -50.12 -21.99
CA THR E 132 19.01 -49.87 -21.32
C THR E 132 19.53 -48.43 -21.49
N VAL E 133 19.45 -47.92 -22.71
CA VAL E 133 20.04 -46.63 -23.06
C VAL E 133 19.29 -45.46 -22.42
N ARG E 134 20.07 -44.47 -21.96
CA ARG E 134 19.59 -43.26 -21.28
C ARG E 134 20.58 -42.11 -21.54
N GLN E 135 20.10 -41.02 -22.15
CA GLN E 135 20.97 -39.90 -22.53
C GLN E 135 20.25 -38.54 -22.35
N ASP E 136 21.05 -37.47 -22.42
CA ASP E 136 20.61 -36.09 -22.27
C ASP E 136 21.45 -35.25 -23.20
N GLY E 137 20.82 -34.24 -23.77
CA GLY E 137 21.29 -33.63 -25.00
C GLY E 137 22.11 -32.42 -24.70
N VAL E 138 21.45 -31.26 -24.62
CA VAL E 138 22.10 -29.95 -24.35
C VAL E 138 21.63 -29.48 -22.99
N LEU E 139 22.54 -29.06 -22.11
CA LEU E 139 22.16 -28.38 -20.88
C LEU E 139 22.72 -26.96 -20.84
N PHE E 140 21.87 -25.97 -20.51
CA PHE E 140 22.35 -24.67 -20.05
C PHE E 140 22.24 -24.64 -18.55
N ASP E 141 23.38 -24.46 -17.87
CA ASP E 141 23.41 -24.65 -16.43
C ASP E 141 23.11 -23.34 -15.67
N GLU E 142 23.13 -23.44 -14.35
CA GLU E 142 22.64 -22.40 -13.46
C GLU E 142 23.47 -21.12 -13.59
N ASN E 143 24.72 -21.26 -14.05
CA ASN E 143 25.58 -20.12 -14.39
C ASN E 143 25.58 -19.68 -15.87
N ALA E 144 24.66 -20.20 -16.68
CA ALA E 144 24.49 -19.71 -18.05
C ALA E 144 23.79 -18.36 -18.05
N GLU E 145 24.32 -17.41 -18.82
CA GLU E 145 23.81 -16.03 -18.84
C GLU E 145 23.83 -15.49 -20.25
N TYR E 146 22.65 -15.25 -20.78
CA TYR E 146 22.48 -14.81 -22.17
C TYR E 146 23.22 -15.72 -23.12
N CYS E 147 23.16 -17.03 -22.84
CA CYS E 147 23.67 -18.06 -23.76
C CYS E 147 22.57 -18.44 -24.74
N PHE E 148 22.92 -19.13 -25.81
CA PHE E 148 21.94 -19.44 -26.85
C PHE E 148 22.25 -20.76 -27.53
N ILE E 149 21.20 -21.35 -28.13
CA ILE E 149 21.34 -22.34 -29.19
C ILE E 149 20.33 -22.08 -30.28
N THR E 150 20.84 -21.93 -31.50
CA THR E 150 20.09 -21.30 -32.60
C THR E 150 20.41 -22.14 -33.81
N GLY E 151 19.38 -22.70 -34.43
CA GLY E 151 19.49 -23.26 -35.77
C GLY E 151 19.93 -24.70 -35.76
N THR E 152 19.72 -25.39 -34.63
CA THR E 152 20.42 -26.65 -34.37
C THR E 152 19.38 -27.76 -34.22
N GLU E 153 19.65 -28.88 -34.85
CA GLU E 153 18.84 -30.08 -34.70
C GLU E 153 19.31 -30.90 -33.50
N VAL E 154 18.52 -30.88 -32.43
CA VAL E 154 18.81 -31.68 -31.25
C VAL E 154 17.83 -32.83 -31.08
N THR E 155 18.27 -34.03 -31.43
CA THR E 155 17.37 -35.19 -31.50
C THR E 155 17.91 -36.46 -30.81
N GLY E 156 16.99 -37.35 -30.49
CA GLY E 156 17.29 -38.75 -30.23
C GLY E 156 17.76 -39.02 -28.82
N PHE E 157 17.52 -38.10 -27.90
CA PHE E 157 17.90 -38.37 -26.53
C PHE E 157 16.75 -39.00 -25.80
N PHE E 158 16.94 -40.23 -25.30
CA PHE E 158 15.84 -40.99 -24.72
C PHE E 158 16.26 -41.74 -23.45
N ALA E 159 15.26 -42.19 -22.70
CA ALA E 159 15.48 -42.89 -21.47
C ALA E 159 14.22 -43.65 -21.08
N LYS E 160 14.13 -44.94 -21.44
CA LYS E 160 12.90 -45.69 -21.16
C LYS E 160 12.71 -45.94 -19.68
N GLY E 161 11.58 -45.48 -19.14
CA GLY E 161 11.31 -45.59 -17.72
C GLY E 161 11.73 -44.33 -17.00
N LEU E 162 11.01 -43.98 -15.92
CA LEU E 162 11.31 -42.72 -15.25
C LEU E 162 12.64 -42.75 -14.53
N HIS E 163 13.29 -41.61 -14.50
CA HIS E 163 14.46 -41.41 -13.69
C HIS E 163 14.05 -41.17 -12.25
N THR E 164 14.95 -41.49 -11.33
CA THR E 164 14.77 -41.23 -9.91
C THR E 164 15.54 -39.96 -9.49
N SER E 165 16.63 -39.68 -10.19
CA SER E 165 17.30 -38.39 -10.11
C SER E 165 17.95 -38.10 -11.45
N ASP E 166 18.55 -36.91 -11.58
CA ASP E 166 19.17 -36.51 -12.84
C ASP E 166 20.38 -37.41 -13.18
N ALA E 167 20.96 -38.03 -12.15
CA ALA E 167 22.11 -38.91 -12.33
C ALA E 167 21.80 -40.10 -13.21
N ASP E 168 20.52 -40.47 -13.28
CA ASP E 168 20.14 -41.69 -13.97
C ASP E 168 20.09 -41.52 -15.46
N GLY E 169 20.12 -40.26 -15.91
CA GLY E 169 19.86 -39.96 -17.30
C GLY E 169 18.35 -39.81 -17.49
N VAL E 170 17.95 -38.66 -18.04
CA VAL E 170 16.55 -38.20 -17.98
C VAL E 170 15.87 -38.27 -19.37
N GLY E 171 16.63 -38.01 -20.43
CA GLY E 171 16.07 -38.02 -21.79
C GLY E 171 15.61 -36.64 -22.28
N TYR E 172 16.20 -35.60 -21.69
CA TYR E 172 16.04 -34.23 -22.17
C TYR E 172 16.67 -34.04 -23.53
N GLY E 173 15.97 -33.36 -24.42
CA GLY E 173 16.60 -32.78 -25.62
C GLY E 173 17.43 -31.58 -25.26
N ILE E 174 16.77 -30.50 -24.83
CA ILE E 174 17.46 -29.28 -24.40
C ILE E 174 16.88 -28.94 -23.05
N TYR E 175 17.73 -28.66 -22.08
CA TYR E 175 17.31 -28.33 -20.72
C TYR E 175 17.98 -27.02 -20.28
N ASP E 176 17.18 -26.01 -19.96
CA ASP E 176 17.66 -24.68 -19.71
C ASP E 176 17.40 -24.36 -18.26
N LYS E 177 18.46 -24.21 -17.49
CA LYS E 177 18.40 -23.62 -16.17
C LYS E 177 19.06 -22.25 -16.12
N GLY E 178 19.33 -21.68 -17.29
CA GLY E 178 20.09 -20.41 -17.38
C GLY E 178 19.23 -19.16 -17.22
N TYR E 179 19.90 -18.01 -17.29
CA TYR E 179 19.26 -16.70 -17.27
C TYR E 179 19.38 -16.08 -18.64
N GLY E 180 18.24 -15.81 -19.27
CA GLY E 180 18.21 -15.13 -20.56
C GLY E 180 18.62 -16.03 -21.72
N THR E 181 18.34 -17.34 -21.63
CA THR E 181 18.72 -18.30 -22.69
C THR E 181 17.83 -18.14 -23.92
N LEU E 182 18.45 -18.22 -25.09
CA LEU E 182 17.74 -18.23 -26.35
C LEU E 182 17.79 -19.61 -26.97
N ILE E 183 16.64 -20.14 -27.35
CA ILE E 183 16.51 -21.32 -28.18
C ILE E 183 15.66 -20.95 -29.36
N SER E 184 16.28 -20.83 -30.54
CA SER E 184 15.57 -20.41 -31.73
C SER E 184 16.00 -21.15 -32.97
N LYS E 185 15.01 -21.40 -33.82
CA LYS E 185 15.21 -22.05 -35.10
C LYS E 185 15.82 -23.44 -34.94
N CYS E 186 15.52 -24.12 -33.84
CA CYS E 186 15.97 -25.50 -33.63
C CYS E 186 14.87 -26.45 -33.94
N TYR E 187 15.25 -27.72 -34.18
CA TYR E 187 14.33 -28.86 -34.15
C TYR E 187 14.69 -29.71 -32.95
N ALA E 188 13.75 -29.86 -32.02
CA ALA E 188 14.00 -30.63 -30.84
C ALA E 188 13.01 -31.76 -30.76
N ASN E 189 13.57 -32.96 -30.67
CA ASN E 189 12.84 -34.20 -30.64
C ASN E 189 13.59 -35.17 -29.70
N SER E 190 12.99 -35.43 -28.54
CA SER E 190 13.56 -36.31 -27.53
C SER E 190 12.42 -36.59 -26.52
N LYS E 191 12.72 -37.31 -25.43
CA LYS E 191 11.69 -37.81 -24.58
C LYS E 191 10.98 -36.64 -23.97
N PHE E 192 11.76 -35.72 -23.40
CA PHE E 192 11.31 -34.35 -23.13
C PHE E 192 12.01 -33.39 -24.08
N CYS E 193 11.32 -32.95 -25.11
CA CYS E 193 12.00 -32.23 -26.18
C CYS E 193 12.72 -31.01 -25.62
N VAL E 194 12.04 -30.21 -24.79
CA VAL E 194 12.63 -28.98 -24.21
C VAL E 194 12.17 -28.82 -22.78
N ALA E 195 13.09 -28.65 -21.86
CA ALA E 195 12.72 -28.49 -20.47
C ALA E 195 13.21 -27.16 -19.99
N LEU E 196 12.36 -26.42 -19.27
CA LEU E 196 12.65 -25.08 -18.83
C LEU E 196 12.62 -25.00 -17.29
N GLY E 197 13.76 -24.59 -16.70
CA GLY E 197 13.89 -24.37 -15.27
C GLY E 197 14.63 -23.11 -14.93
N GLY E 198 14.69 -22.16 -15.88
CA GLY E 198 15.42 -20.95 -15.65
C GLY E 198 14.56 -19.70 -15.62
N THR E 199 15.16 -18.60 -16.04
CA THR E 199 14.56 -17.30 -15.93
C THR E 199 14.85 -16.52 -17.21
N GLU E 200 13.82 -15.83 -17.71
CA GLU E 200 13.97 -14.91 -18.84
C GLU E 200 14.47 -15.58 -20.08
N GLY E 201 14.14 -16.86 -20.29
CA GLY E 201 14.42 -17.49 -21.58
C GLY E 201 13.48 -17.04 -22.70
N ARG E 202 13.88 -17.35 -23.95
CA ARG E 202 13.22 -16.93 -25.18
C ARG E 202 13.26 -18.12 -26.12
N VAL E 203 12.12 -18.76 -26.27
CA VAL E 203 12.01 -20.02 -27.00
C VAL E 203 11.20 -19.72 -28.24
N LEU E 204 11.89 -19.47 -29.32
CA LEU E 204 11.34 -18.79 -30.48
C LEU E 204 11.55 -19.61 -31.73
N LYS E 205 10.46 -19.83 -32.42
CA LYS E 205 10.49 -20.31 -33.77
C LYS E 205 11.20 -21.66 -33.87
N ASN E 206 10.74 -22.61 -33.10
CA ASN E 206 11.33 -23.93 -33.10
C ASN E 206 10.29 -24.92 -33.57
N ARG E 207 10.78 -26.06 -34.00
CA ARG E 207 9.94 -27.18 -34.27
C ARG E 207 10.16 -28.20 -33.16
N ILE E 208 9.06 -28.60 -32.50
CA ILE E 208 9.08 -29.43 -31.31
C ILE E 208 8.06 -30.59 -31.41
N THR E 209 8.61 -31.82 -31.43
CA THR E 209 7.84 -33.06 -31.46
C THR E 209 8.75 -34.24 -31.11
N ASN E 210 8.23 -35.19 -30.35
CA ASN E 210 8.84 -36.53 -30.29
C ASN E 210 7.97 -37.56 -31.00
N ASN E 211 6.97 -37.13 -31.77
CA ASN E 211 6.28 -38.04 -32.67
C ASN E 211 5.80 -39.32 -32.03
N TYR E 212 5.10 -39.19 -30.91
CA TYR E 212 4.38 -40.28 -30.32
C TYR E 212 3.46 -41.05 -31.30
N LEU E 213 2.78 -40.33 -32.18
CA LEU E 213 1.71 -40.95 -32.98
C LEU E 213 2.23 -42.03 -33.94
N THR E 214 3.49 -41.91 -34.32
CA THR E 214 4.05 -42.76 -35.33
C THR E 214 5.21 -43.53 -34.72
N SER E 215 5.27 -43.63 -33.39
CA SER E 215 6.46 -44.16 -32.75
C SER E 215 6.40 -45.71 -32.75
N GLY E 216 5.20 -46.28 -32.82
CA GLY E 216 4.98 -47.71 -32.59
C GLY E 216 4.99 -48.13 -31.14
N GLU E 217 5.14 -47.21 -30.19
CA GLU E 217 5.17 -47.63 -28.79
C GLU E 217 3.75 -48.00 -28.34
N ALA E 218 3.62 -49.12 -27.67
CA ALA E 218 2.33 -49.73 -27.44
C ALA E 218 1.51 -48.88 -26.46
N LYS E 219 0.21 -48.80 -26.71
CA LYS E 219 -0.67 -47.98 -25.91
C LYS E 219 -1.41 -48.93 -25.00
N PRO E 220 -1.99 -48.45 -23.90
CA PRO E 220 -2.10 -47.04 -23.61
C PRO E 220 -0.79 -46.40 -23.13
N TRP E 221 -0.68 -45.08 -23.27
CA TRP E 221 0.46 -44.36 -22.72
C TRP E 221 0.50 -44.65 -21.23
N SER E 222 1.69 -44.71 -20.67
CA SER E 222 1.86 -44.86 -19.23
C SER E 222 3.16 -44.22 -18.83
N TRP E 223 3.47 -44.26 -17.52
CA TRP E 223 4.65 -43.60 -16.97
C TRP E 223 5.97 -44.18 -17.48
N ALA E 224 5.93 -45.37 -18.09
CA ALA E 224 7.12 -46.02 -18.57
C ALA E 224 7.48 -45.56 -19.99
N SER E 225 6.55 -44.83 -20.63
CA SER E 225 6.73 -44.38 -21.99
C SER E 225 8.04 -43.62 -22.17
N ASN E 226 8.58 -43.64 -23.39
CA ASN E 226 9.69 -42.79 -23.76
C ASN E 226 9.25 -41.50 -24.49
N TYR E 227 7.94 -41.19 -24.49
CA TYR E 227 7.45 -39.96 -25.16
C TYR E 227 6.62 -39.11 -24.19
N TRP E 228 7.21 -38.02 -23.73
CA TRP E 228 6.54 -37.11 -22.82
C TRP E 228 6.33 -35.76 -23.53
N ASP E 229 6.46 -34.65 -22.78
CA ASP E 229 6.03 -33.32 -23.30
C ASP E 229 6.96 -32.69 -24.34
N GLY E 230 6.41 -31.79 -25.17
CA GLY E 230 7.27 -30.98 -26.05
C GLY E 230 8.04 -29.98 -25.23
N ILE E 231 7.33 -29.21 -24.42
CA ILE E 231 8.01 -28.30 -23.54
C ILE E 231 7.50 -28.64 -22.17
N VAL E 232 8.43 -28.89 -21.24
CA VAL E 232 8.13 -29.26 -19.84
C VAL E 232 8.84 -28.28 -18.90
N SER E 233 8.06 -27.57 -18.07
CA SER E 233 8.57 -26.41 -17.36
C SER E 233 8.27 -26.52 -15.87
N GLU E 234 9.33 -26.36 -15.07
CA GLU E 234 9.24 -26.36 -13.60
C GLU E 234 10.22 -25.31 -13.11
N ASN E 235 9.74 -24.36 -12.31
CA ASN E 235 10.55 -23.20 -11.86
C ASN E 235 10.97 -22.31 -13.00
N ALA E 236 10.05 -22.10 -13.95
CA ALA E 236 10.31 -21.27 -15.13
C ALA E 236 9.71 -19.90 -14.89
N HIS E 237 10.50 -18.87 -15.08
CA HIS E 237 10.11 -17.47 -14.84
C HIS E 237 10.43 -16.64 -16.05
N ARG E 238 9.46 -15.83 -16.47
CA ARG E 238 9.64 -14.79 -17.47
C ARG E 238 10.14 -15.31 -18.77
N TYR E 239 9.63 -16.45 -19.19
CA TYR E 239 9.94 -16.95 -20.52
C TYR E 239 8.99 -16.32 -21.48
N VAL E 240 9.45 -16.13 -22.69
CA VAL E 240 8.57 -15.99 -23.82
C VAL E 240 8.77 -17.16 -24.77
N ILE E 241 7.66 -17.78 -25.10
CA ILE E 241 7.60 -18.91 -25.94
C ILE E 241 6.67 -18.54 -27.07
N ALA E 242 7.21 -18.43 -28.27
CA ALA E 242 6.49 -17.80 -29.35
C ALA E 242 6.89 -18.44 -30.66
N PHE E 243 5.93 -18.46 -31.56
CA PHE E 243 6.12 -18.89 -32.97
C PHE E 243 6.61 -20.35 -33.12
N ASN E 244 6.31 -21.21 -32.15
CA ASN E 244 6.74 -22.59 -32.22
C ASN E 244 5.70 -23.46 -32.88
N ASP E 245 6.16 -24.52 -33.56
CA ASP E 245 5.29 -25.55 -34.10
C ASP E 245 5.47 -26.79 -33.27
N VAL E 246 4.43 -27.08 -32.50
CA VAL E 246 4.49 -28.06 -31.43
C VAL E 246 3.41 -29.12 -31.57
N SER E 247 3.81 -30.38 -31.64
CA SER E 247 2.87 -31.37 -32.08
C SER E 247 3.25 -32.81 -31.81
N ALA E 248 2.20 -33.63 -31.79
CA ALA E 248 2.31 -35.08 -31.82
C ALA E 248 3.10 -35.61 -30.63
N CYS E 249 3.02 -34.92 -29.50
CA CYS E 249 3.84 -35.29 -28.37
C CYS E 249 3.15 -36.38 -27.55
N GLY E 250 3.98 -37.12 -26.83
CA GLY E 250 3.53 -38.25 -26.02
C GLY E 250 2.75 -37.81 -24.82
N GLN E 251 3.04 -36.60 -24.35
CA GLN E 251 2.24 -35.92 -23.33
C GLN E 251 1.83 -34.54 -23.82
N SER E 252 2.10 -33.49 -23.06
CA SER E 252 1.49 -32.19 -23.39
C SER E 252 2.38 -31.40 -24.34
N GLY E 253 1.81 -30.52 -25.15
CA GLY E 253 2.63 -29.71 -26.08
C GLY E 253 3.52 -28.73 -25.33
N ILE E 254 2.88 -27.94 -24.47
CA ILE E 254 3.59 -26.88 -23.72
C ILE E 254 3.01 -26.94 -22.31
N TYR E 255 3.82 -27.29 -21.31
CA TYR E 255 3.33 -27.58 -19.97
C TYR E 255 4.09 -26.77 -18.92
N PHE E 256 3.37 -26.29 -17.89
CA PHE E 256 3.96 -25.61 -16.72
C PHE E 256 3.39 -26.14 -15.43
N GLY E 257 4.28 -26.43 -14.45
CA GLY E 257 3.84 -26.79 -13.09
C GLY E 257 4.71 -26.11 -12.02
N GLY E 258 4.44 -26.36 -10.74
CA GLY E 258 3.25 -27.09 -10.30
C GLY E 258 3.45 -28.55 -9.93
N ASN E 259 4.57 -29.14 -10.34
CA ASN E 259 4.94 -30.48 -9.84
C ASN E 259 6.39 -30.50 -9.35
N GLY E 260 6.66 -29.79 -8.28
CA GLY E 260 8.03 -29.46 -7.88
C GLY E 260 8.47 -28.13 -8.45
N GLY E 261 7.53 -27.25 -8.78
CA GLY E 261 7.82 -26.07 -9.61
C GLY E 261 7.11 -24.82 -9.16
N TYR E 262 7.82 -23.71 -9.18
CA TYR E 262 7.21 -22.41 -9.01
C TYR E 262 7.39 -21.65 -10.28
N SER E 263 6.38 -21.71 -11.14
CA SER E 263 6.47 -21.19 -12.51
C SER E 263 5.60 -19.92 -12.68
N THR E 264 6.26 -18.77 -12.87
CA THR E 264 5.53 -17.54 -12.96
C THR E 264 5.96 -16.63 -14.14
N ASP E 265 5.02 -15.83 -14.59
CA ASP E 265 5.25 -14.68 -15.45
C ASP E 265 5.75 -15.04 -16.79
N ASN E 266 5.28 -16.18 -17.30
CA ASN E 266 5.64 -16.62 -18.61
C ASN E 266 4.58 -16.22 -19.62
N ILE E 267 5.04 -16.01 -20.86
CA ILE E 267 4.26 -15.54 -21.96
C ILE E 267 4.37 -16.55 -23.12
N ILE E 268 3.20 -17.11 -23.49
CA ILE E 268 3.06 -18.15 -24.49
C ILE E 268 2.14 -17.63 -25.59
N VAL E 269 2.73 -17.26 -26.70
CA VAL E 269 2.03 -16.49 -27.71
CA VAL E 269 2.08 -16.42 -27.69
C VAL E 269 2.36 -16.94 -29.09
N ASN E 270 1.33 -17.02 -29.91
CA ASN E 270 1.46 -17.21 -31.31
C ASN E 270 2.16 -18.51 -31.63
N ASN E 271 1.77 -19.58 -30.93
CA ASN E 271 2.30 -20.91 -31.23
C ASN E 271 1.20 -21.71 -31.87
N THR E 272 1.57 -22.78 -32.56
CA THR E 272 0.61 -23.77 -33.02
C THR E 272 0.83 -25.10 -32.29
N VAL E 273 -0.20 -25.63 -31.67
CA VAL E 273 0.01 -26.72 -30.75
C VAL E 273 -1.06 -27.74 -31.00
N TYR E 274 -0.68 -28.93 -31.47
CA TYR E 274 -1.67 -29.87 -31.99
C TYR E 274 -1.27 -31.33 -31.90
N ALA E 275 -2.28 -32.20 -31.77
CA ALA E 275 -2.10 -33.64 -31.87
C ALA E 275 -1.28 -34.25 -30.72
N CYS E 276 -1.36 -33.65 -29.55
CA CYS E 276 -0.62 -34.13 -28.42
C CYS E 276 -1.52 -35.08 -27.64
N TRP E 277 -0.90 -36.01 -26.89
CA TRP E 277 -1.63 -37.12 -26.32
C TRP E 277 -2.19 -36.80 -24.94
N ASN E 278 -1.59 -35.82 -24.29
CA ASN E 278 -2.18 -35.19 -23.15
C ASN E 278 -2.88 -33.90 -23.59
N ARG E 279 -2.37 -32.76 -23.15
CA ARG E 279 -3.01 -31.49 -23.45
C ARG E 279 -2.14 -30.66 -24.37
N GLY E 280 -2.77 -29.70 -25.06
CA GLY E 280 -2.05 -28.71 -25.85
C GLY E 280 -1.19 -27.85 -24.98
N ILE E 281 -1.84 -26.88 -24.33
CA ILE E 281 -1.20 -25.99 -23.43
C ILE E 281 -1.79 -26.26 -22.06
N ASP E 282 -0.91 -26.51 -21.12
CA ASP E 282 -1.24 -27.28 -19.91
C ASP E 282 -0.61 -26.50 -18.77
N MET E 283 -1.42 -25.95 -17.90
CA MET E 283 -0.92 -25.31 -16.70
C MET E 283 -1.63 -25.82 -15.47
N GLY E 284 -0.88 -26.45 -14.57
CA GLY E 284 -1.53 -27.14 -13.47
C GLY E 284 -0.67 -27.47 -12.27
N LEU E 285 -1.36 -27.68 -11.17
CA LEU E 285 -0.77 -28.12 -9.89
C LEU E 285 -1.03 -29.60 -9.68
N PHE E 286 -0.02 -30.43 -9.91
CA PHE E 286 -0.11 -31.86 -9.61
C PHE E 286 0.28 -32.12 -8.15
N SER E 287 1.36 -31.51 -7.70
CA SER E 287 1.68 -31.48 -6.27
C SER E 287 0.97 -30.30 -5.63
N GLU E 288 0.95 -30.34 -4.31
CA GLU E 288 0.23 -29.37 -3.50
C GLU E 288 0.78 -27.97 -3.72
N LYS E 289 -0.10 -26.97 -3.68
CA LYS E 289 0.30 -25.56 -3.73
C LYS E 289 1.19 -25.22 -2.54
N SER E 290 2.18 -24.37 -2.76
CA SER E 290 3.01 -23.86 -1.66
C SER E 290 3.74 -22.63 -2.15
N ALA E 291 4.64 -22.08 -1.33
CA ALA E 291 5.44 -20.90 -1.77
C ALA E 291 6.49 -21.29 -2.76
N THR E 292 6.66 -22.60 -2.97
CA THR E 292 7.64 -23.18 -3.92
C THR E 292 6.98 -24.16 -4.93
N ASN E 293 5.68 -24.28 -4.86
CA ASN E 293 4.96 -24.97 -5.90
C ASN E 293 3.70 -24.26 -6.29
N ASP E 294 3.72 -23.65 -7.49
CA ASP E 294 2.59 -22.87 -7.96
C ASP E 294 2.76 -22.46 -9.44
N VAL E 295 1.67 -22.05 -10.06
CA VAL E 295 1.70 -21.53 -11.44
C VAL E 295 0.87 -20.24 -11.49
N LEU E 296 1.49 -19.13 -11.84
CA LEU E 296 0.98 -17.79 -11.54
C LEU E 296 1.30 -16.86 -12.69
N ARG E 297 0.34 -16.06 -13.11
CA ARG E 297 0.62 -14.90 -13.98
C ARG E 297 1.25 -15.28 -15.30
N ASN E 298 0.75 -16.36 -15.87
CA ASN E 298 1.14 -16.72 -17.19
C ASN E 298 0.11 -16.18 -18.19
N ILE E 299 0.62 -15.81 -19.37
CA ILE E 299 -0.17 -15.26 -20.44
C ILE E 299 -0.13 -16.25 -21.59
N ILE E 300 -1.33 -16.67 -22.03
CA ILE E 300 -1.54 -17.53 -23.15
C ILE E 300 -2.38 -16.76 -24.15
N LYS E 301 -1.76 -16.40 -25.27
CA LYS E 301 -2.31 -15.42 -26.15
C LYS E 301 -2.01 -15.74 -27.60
N GLY E 302 -3.04 -15.64 -28.44
CA GLY E 302 -2.87 -15.73 -29.88
C GLY E 302 -2.39 -17.06 -30.44
N ASN E 303 -2.75 -18.17 -29.79
CA ASN E 303 -2.18 -19.45 -30.15
C ASN E 303 -3.23 -20.15 -30.94
N ASN E 304 -2.83 -21.05 -31.82
CA ASN E 304 -3.78 -22.00 -32.45
C ASN E 304 -3.55 -23.43 -31.87
N THR E 305 -4.54 -23.92 -31.15
CA THR E 305 -4.45 -25.21 -30.48
C THR E 305 -5.59 -26.08 -30.93
N TYR E 306 -5.27 -27.28 -31.42
CA TYR E 306 -6.30 -28.20 -31.89
C TYR E 306 -5.97 -29.70 -31.72
N ASN E 307 -7.04 -30.49 -31.58
CA ASN E 307 -6.93 -31.97 -31.57
C ASN E 307 -5.85 -32.43 -30.61
N ASN E 308 -5.89 -31.94 -29.39
CA ASN E 308 -5.11 -32.49 -28.31
C ASN E 308 -6.05 -33.29 -27.44
N ARG E 309 -5.67 -34.52 -27.07
CA ARG E 309 -6.61 -35.56 -26.65
C ARG E 309 -7.37 -35.16 -25.40
N GLU E 310 -6.65 -34.65 -24.40
CA GLU E 310 -7.24 -34.38 -23.09
C GLU E 310 -7.40 -32.89 -22.80
N ASN E 311 -7.40 -32.09 -23.88
CA ASN E 311 -7.97 -30.75 -23.93
C ASN E 311 -6.93 -29.80 -24.54
N ASN E 312 -7.41 -28.80 -25.26
CA ASN E 312 -6.50 -27.92 -25.96
C ASN E 312 -5.75 -27.03 -25.03
N ILE E 313 -6.49 -26.39 -24.12
CA ILE E 313 -5.91 -25.46 -23.18
C ILE E 313 -6.48 -25.87 -21.85
N TRP E 314 -5.61 -26.09 -20.86
CA TRP E 314 -6.02 -26.67 -19.60
C TRP E 314 -5.41 -25.92 -18.45
N LEU E 315 -6.23 -25.45 -17.54
CA LEU E 315 -5.75 -24.68 -16.39
C LEU E 315 -6.22 -25.37 -15.16
N ALA E 316 -5.32 -25.77 -14.27
CA ALA E 316 -5.73 -26.54 -13.09
C ALA E 316 -5.13 -26.04 -11.78
N GLY E 317 -5.93 -25.35 -11.00
CA GLY E 317 -5.44 -24.80 -9.72
C GLY E 317 -4.54 -23.60 -9.87
N VAL E 318 -4.51 -23.00 -11.08
CA VAL E 318 -3.55 -21.93 -11.36
C VAL E 318 -4.19 -20.58 -11.09
N SER E 319 -3.38 -19.57 -10.86
CA SER E 319 -3.91 -18.25 -10.44
C SER E 319 -3.37 -17.15 -11.33
N ASN E 320 -4.21 -16.16 -11.62
CA ASN E 320 -3.83 -14.89 -12.28
C ASN E 320 -3.30 -15.11 -13.70
N CYS E 321 -3.70 -16.21 -14.34
CA CYS E 321 -3.25 -16.50 -15.68
C CYS E 321 -4.29 -16.01 -16.65
N SER E 322 -3.87 -15.79 -17.89
CA SER E 322 -4.79 -15.35 -18.89
C SER E 322 -4.74 -16.19 -20.12
N VAL E 323 -5.90 -16.23 -20.78
CA VAL E 323 -6.07 -16.96 -21.95
C VAL E 323 -6.89 -16.05 -22.86
N VAL E 324 -6.20 -15.39 -23.81
CA VAL E 324 -6.77 -14.32 -24.62
C VAL E 324 -6.47 -14.43 -26.10
N GLY E 325 -7.52 -14.39 -26.91
CA GLY E 325 -7.35 -14.37 -28.34
C GLY E 325 -6.80 -15.60 -28.98
N ASN E 326 -7.18 -16.76 -28.45
CA ASN E 326 -6.66 -18.04 -28.94
C ASN E 326 -7.73 -18.65 -29.77
N THR E 327 -7.37 -19.45 -30.78
CA THR E 327 -8.35 -20.22 -31.52
C THR E 327 -8.15 -21.72 -31.17
N SER E 328 -9.15 -22.35 -30.56
CA SER E 328 -9.00 -23.69 -30.02
C SER E 328 -10.09 -24.54 -30.63
N TRP E 329 -9.71 -25.66 -31.25
CA TRP E 329 -10.68 -26.40 -32.06
C TRP E 329 -10.45 -27.90 -32.19
N PHE E 330 -11.44 -28.57 -32.73
CA PHE E 330 -11.40 -30.01 -32.99
C PHE E 330 -12.01 -30.31 -34.36
N ASP E 331 -11.51 -31.36 -35.02
CA ASP E 331 -12.24 -31.93 -36.16
C ASP E 331 -12.28 -33.46 -36.05
N THR E 332 -12.63 -34.14 -37.13
CA THR E 332 -12.83 -35.57 -37.07
C THR E 332 -11.54 -36.36 -37.16
N ASN E 333 -10.43 -35.66 -37.34
CA ASN E 333 -9.16 -36.30 -37.24
C ASN E 333 -8.79 -36.66 -35.81
N TYR E 334 -9.46 -36.02 -34.85
CA TYR E 334 -9.37 -36.38 -33.43
C TYR E 334 -9.54 -37.86 -33.25
N ASP E 335 -10.61 -38.40 -33.79
CA ASP E 335 -10.96 -39.77 -33.49
C ASP E 335 -10.20 -40.80 -34.33
N VAL E 336 -9.43 -40.32 -35.29
CA VAL E 336 -8.53 -41.16 -36.06
C VAL E 336 -7.25 -41.33 -35.30
N ILE E 337 -6.66 -40.22 -34.90
CA ILE E 337 -5.39 -40.27 -34.23
C ILE E 337 -5.50 -40.69 -32.78
N PHE E 338 -6.69 -40.52 -32.21
CA PHE E 338 -6.93 -40.99 -30.83
C PHE E 338 -7.89 -42.19 -30.73
N ALA E 339 -8.12 -42.89 -31.86
CA ALA E 339 -9.01 -44.06 -31.84
C ALA E 339 -8.69 -44.96 -30.65
N GLY E 340 -9.72 -45.33 -29.88
CA GLY E 340 -9.55 -46.23 -28.76
C GLY E 340 -9.26 -45.55 -27.44
N TYR E 341 -8.97 -44.25 -27.49
CA TYR E 341 -8.50 -43.56 -26.32
C TYR E 341 -9.10 -42.14 -26.28
N PRO E 342 -10.43 -42.07 -26.13
CA PRO E 342 -11.09 -40.76 -26.00
C PRO E 342 -10.62 -40.01 -24.75
N GLY E 343 -10.45 -38.71 -24.87
CA GLY E 343 -10.14 -37.89 -23.72
C GLY E 343 -11.15 -36.77 -23.71
N GLY E 344 -10.92 -35.73 -22.89
CA GLY E 344 -11.93 -34.72 -22.58
C GLY E 344 -12.53 -34.01 -23.79
N HIS E 345 -11.71 -33.76 -24.79
CA HIS E 345 -12.13 -33.09 -26.01
C HIS E 345 -12.82 -31.75 -25.62
N ILE E 346 -12.13 -30.98 -24.76
CA ILE E 346 -12.63 -29.60 -24.41
C ILE E 346 -11.68 -28.58 -24.96
N CYS E 347 -12.23 -27.47 -25.46
CA CYS E 347 -11.37 -26.49 -26.05
C CYS E 347 -10.59 -25.72 -24.98
N ILE E 348 -11.30 -25.25 -23.94
CA ILE E 348 -10.66 -24.49 -22.86
C ILE E 348 -11.23 -24.89 -21.47
N SER E 349 -10.40 -25.48 -20.64
CA SER E 349 -10.94 -26.06 -19.44
C SER E 349 -10.21 -25.50 -18.22
N LEU E 350 -11.00 -25.13 -17.24
CA LEU E 350 -10.48 -24.87 -15.93
C LEU E 350 -10.82 -26.06 -15.04
N ALA E 351 -9.94 -26.35 -14.11
CA ALA E 351 -10.18 -27.44 -13.17
C ALA E 351 -9.59 -27.10 -11.82
N SER E 352 -9.89 -27.90 -10.82
CA SER E 352 -9.13 -27.84 -9.59
C SER E 352 -7.78 -28.46 -9.83
N GLY E 353 -6.79 -28.05 -9.06
CA GLY E 353 -5.55 -28.81 -8.95
C GLY E 353 -5.81 -30.18 -8.32
N ALA E 354 -4.76 -30.99 -8.29
CA ALA E 354 -4.86 -32.41 -7.93
C ALA E 354 -5.26 -32.53 -6.47
N ASN E 355 -4.79 -31.60 -5.64
CA ASN E 355 -5.18 -31.53 -4.25
C ASN E 355 -6.31 -30.52 -4.00
N GLY E 356 -7.10 -30.20 -5.03
CA GLY E 356 -8.32 -29.39 -4.83
C GLY E 356 -8.13 -27.88 -4.80
N GLU E 357 -6.95 -27.41 -5.14
CA GLU E 357 -6.72 -26.00 -5.28
C GLU E 357 -7.68 -25.34 -6.30
N ALA E 358 -8.23 -24.18 -5.93
CA ALA E 358 -9.11 -23.40 -6.84
C ALA E 358 -8.34 -22.68 -7.91
N CYS E 359 -8.89 -22.59 -9.13
CA CYS E 359 -8.49 -21.57 -10.12
C CYS E 359 -8.92 -20.21 -9.62
N VAL E 360 -7.97 -19.31 -9.37
CA VAL E 360 -8.25 -17.96 -8.82
C VAL E 360 -7.76 -16.88 -9.77
N GLY E 361 -8.65 -15.94 -10.13
CA GLY E 361 -8.21 -14.70 -10.78
C GLY E 361 -7.66 -14.87 -12.16
N ASN E 362 -8.22 -15.81 -12.92
CA ASN E 362 -7.86 -16.00 -14.31
C ASN E 362 -8.82 -15.26 -15.23
N THR E 363 -8.31 -14.97 -16.39
CA THR E 363 -8.91 -14.11 -17.32
C THR E 363 -9.00 -14.87 -18.63
N ILE E 364 -10.22 -15.08 -19.08
CA ILE E 364 -10.51 -15.82 -20.32
C ILE E 364 -11.33 -14.94 -21.25
N ASP E 365 -10.72 -14.37 -22.29
CA ASP E 365 -11.44 -13.46 -23.16
C ASP E 365 -11.03 -13.63 -24.63
N SER E 366 -11.96 -13.38 -25.55
CA SER E 366 -11.65 -13.14 -26.99
C SER E 366 -11.06 -14.35 -27.70
N ASN E 367 -11.53 -15.51 -27.26
CA ASN E 367 -11.09 -16.81 -27.76
C ASN E 367 -12.18 -17.35 -28.64
N THR E 368 -11.78 -18.03 -29.71
CA THR E 368 -12.71 -18.69 -30.55
C THR E 368 -12.63 -20.19 -30.35
N CYS E 369 -13.74 -20.79 -29.93
CA CYS E 369 -13.83 -22.21 -29.68
C CYS E 369 -14.76 -22.91 -30.67
N ILE E 370 -14.21 -23.91 -31.36
CA ILE E 370 -14.94 -24.70 -32.36
C ILE E 370 -14.97 -26.18 -31.97
N ASP E 371 -16.12 -26.69 -31.60
CA ASP E 371 -16.26 -28.08 -31.21
C ASP E 371 -17.50 -28.56 -31.86
N PRO E 372 -17.36 -29.32 -32.97
CA PRO E 372 -18.48 -29.86 -33.70
C PRO E 372 -19.22 -30.99 -33.01
N ARG E 373 -18.70 -31.51 -31.91
CA ARG E 373 -19.48 -32.40 -31.06
C ARG E 373 -20.41 -31.67 -30.10
N GLY E 374 -20.30 -30.36 -29.97
CA GLY E 374 -21.19 -29.62 -29.05
C GLY E 374 -20.74 -29.71 -27.59
N ASN E 375 -19.47 -30.05 -27.40
CA ASN E 375 -18.88 -30.06 -26.08
C ASN E 375 -18.69 -28.60 -25.69
N ALA E 376 -18.90 -28.30 -24.42
CA ALA E 376 -18.73 -26.96 -23.91
C ALA E 376 -17.41 -26.44 -24.39
N GLY E 377 -17.43 -25.19 -24.90
CA GLY E 377 -16.22 -24.53 -25.28
C GLY E 377 -15.32 -24.20 -24.13
N ILE E 378 -15.93 -23.94 -22.99
CA ILE E 378 -15.19 -23.58 -21.80
C ILE E 378 -15.90 -24.30 -20.66
N THR E 379 -15.14 -24.77 -19.67
CA THR E 379 -15.71 -25.48 -18.53
C THR E 379 -15.18 -24.88 -17.24
N VAL E 380 -16.06 -24.68 -16.27
CA VAL E 380 -15.68 -24.00 -15.04
C VAL E 380 -16.08 -24.91 -13.93
N PRO E 381 -15.14 -25.25 -13.04
CA PRO E 381 -15.47 -26.14 -11.94
C PRO E 381 -15.91 -25.40 -10.67
N THR E 382 -16.54 -26.13 -9.77
CA THR E 382 -16.89 -25.63 -8.43
C THR E 382 -15.61 -25.25 -7.66
N GLY E 383 -15.64 -24.14 -6.93
CA GLY E 383 -14.44 -23.68 -6.22
C GLY E 383 -13.72 -22.52 -6.90
N ALA E 384 -13.85 -22.41 -8.21
CA ALA E 384 -13.23 -21.31 -8.95
C ALA E 384 -13.78 -19.97 -8.48
N THR E 385 -12.92 -18.98 -8.26
CA THR E 385 -13.31 -17.67 -7.75
C THR E 385 -12.46 -16.62 -8.38
N GLY E 386 -13.02 -15.43 -8.59
CA GLY E 386 -12.21 -14.30 -9.09
C GLY E 386 -11.87 -14.37 -10.58
N ASN E 387 -12.54 -15.26 -11.30
CA ASN E 387 -12.23 -15.45 -12.72
C ASN E 387 -13.17 -14.59 -13.55
N VAL E 388 -12.70 -14.18 -14.71
CA VAL E 388 -13.51 -13.38 -15.61
C VAL E 388 -13.59 -14.02 -16.99
N PHE E 389 -14.81 -14.34 -17.39
CA PHE E 389 -15.09 -14.96 -18.70
C PHE E 389 -15.78 -13.94 -19.59
N GLY E 390 -15.01 -13.40 -20.51
CA GLY E 390 -15.40 -12.24 -21.25
C GLY E 390 -16.42 -12.56 -22.29
N SER E 391 -17.11 -11.53 -22.73
CA SER E 391 -18.13 -11.73 -23.75
C SER E 391 -17.51 -11.68 -25.14
N GLY E 392 -16.23 -11.34 -25.23
CA GLY E 392 -15.49 -11.47 -26.48
C GLY E 392 -15.31 -12.91 -26.99
N ASN E 393 -15.48 -13.88 -26.09
CA ASN E 393 -15.36 -15.29 -26.39
C ASN E 393 -16.49 -15.71 -27.27
N ASN E 394 -16.13 -16.48 -28.29
CA ASN E 394 -17.05 -16.90 -29.31
C ASN E 394 -17.15 -18.42 -29.22
N LEU E 395 -18.26 -18.92 -28.67
CA LEU E 395 -18.53 -20.36 -28.51
C LEU E 395 -19.71 -20.81 -29.37
N SER E 396 -20.01 -20.07 -30.39
CA SER E 396 -21.19 -20.32 -31.19
C SER E 396 -21.03 -21.58 -31.99
N GLN E 397 -19.81 -21.98 -32.28
CA GLN E 397 -19.58 -23.18 -33.05
C GLN E 397 -19.14 -24.33 -32.13
N ALA E 398 -19.50 -24.23 -30.84
CA ALA E 398 -19.19 -25.26 -29.80
C ALA E 398 -20.40 -25.34 -28.89
N GLY E 399 -20.29 -26.10 -27.82
CA GLY E 399 -21.29 -26.00 -26.77
C GLY E 399 -21.07 -24.69 -26.03
N ALA E 400 -22.10 -24.23 -25.33
CA ALA E 400 -22.00 -23.09 -24.44
C ALA E 400 -21.23 -23.42 -23.17
N ILE E 401 -20.67 -22.38 -22.58
CA ILE E 401 -19.94 -22.48 -21.35
C ILE E 401 -20.69 -23.26 -20.29
N TYR E 402 -20.00 -24.25 -19.71
CA TYR E 402 -20.55 -25.14 -18.69
C TYR E 402 -19.95 -24.74 -17.36
N ILE E 403 -20.81 -24.54 -16.36
CA ILE E 403 -20.39 -24.28 -14.99
C ILE E 403 -20.86 -25.41 -14.10
N ALA E 404 -20.05 -25.81 -13.13
CA ALA E 404 -20.38 -26.96 -12.32
C ALA E 404 -21.50 -26.68 -11.32
N SER E 405 -21.69 -25.43 -10.92
CA SER E 405 -22.70 -25.09 -9.93
C SER E 405 -23.07 -23.62 -9.98
N PRO E 406 -24.36 -23.32 -9.70
CA PRO E 406 -24.93 -22.00 -9.94
C PRO E 406 -24.24 -20.92 -9.12
N ASP E 407 -23.63 -21.31 -7.99
CA ASP E 407 -23.03 -20.31 -7.10
C ASP E 407 -21.77 -19.69 -7.69
N LEU E 408 -21.26 -20.30 -8.76
CA LEU E 408 -20.18 -19.71 -9.55
C LEU E 408 -20.51 -18.36 -10.19
N ILE E 409 -21.78 -18.09 -10.45
CA ILE E 409 -22.17 -16.88 -11.16
C ILE E 409 -22.00 -15.64 -10.32
N THR E 410 -21.81 -15.77 -9.02
CA THR E 410 -21.54 -14.56 -8.20
C THR E 410 -20.21 -14.60 -7.49
N SER E 411 -19.45 -15.65 -7.71
CA SER E 411 -18.06 -15.68 -7.23
C SER E 411 -17.07 -15.50 -8.37
N ASN E 412 -17.58 -15.44 -9.58
CA ASN E 412 -16.78 -15.09 -10.71
C ASN E 412 -17.69 -14.13 -11.50
N ARG E 413 -17.20 -13.62 -12.61
CA ARG E 413 -17.90 -12.64 -13.43
C ARG E 413 -18.02 -13.25 -14.83
N PHE E 414 -19.23 -13.59 -15.21
CA PHE E 414 -19.49 -14.21 -16.49
C PHE E 414 -20.10 -13.15 -17.39
N GLU E 415 -19.28 -12.45 -18.17
CA GLU E 415 -19.82 -11.56 -19.19
C GLU E 415 -20.32 -12.35 -20.34
N LEU E 416 -19.67 -13.47 -20.59
CA LEU E 416 -20.26 -14.58 -21.38
C LEU E 416 -21.33 -15.21 -20.56
N ALA E 417 -22.55 -15.20 -21.05
CA ALA E 417 -23.72 -15.36 -20.18
C ALA E 417 -23.98 -16.81 -19.82
N VAL E 418 -24.53 -17.01 -18.64
CA VAL E 418 -24.86 -18.31 -18.16
C VAL E 418 -26.34 -18.30 -17.81
N THR E 419 -27.01 -19.40 -18.18
CA THR E 419 -28.48 -19.52 -18.04
C THR E 419 -28.75 -20.81 -17.30
N GLY E 420 -29.67 -20.75 -16.34
CA GLY E 420 -30.11 -21.94 -15.64
C GLY E 420 -31.53 -21.82 -15.11
N SER E 421 -31.90 -22.75 -14.26
CA SER E 421 -33.23 -22.81 -13.76
C SER E 421 -33.20 -23.16 -12.31
N PHE E 422 -34.31 -22.90 -11.62
CA PHE E 422 -34.42 -23.28 -10.25
C PHE E 422 -35.89 -23.42 -9.88
N THR E 423 -36.17 -24.20 -8.83
CA THR E 423 -37.53 -24.39 -8.34
C THR E 423 -37.88 -23.37 -7.27
N PRO E 424 -38.83 -22.48 -7.54
CA PRO E 424 -39.15 -21.48 -6.55
C PRO E 424 -39.94 -22.05 -5.40
N VAL E 425 -39.81 -21.43 -4.24
CA VAL E 425 -40.72 -21.69 -3.14
C VAL E 425 -41.23 -20.37 -2.56
N LEU E 426 -42.35 -20.44 -1.86
CA LEU E 426 -42.91 -19.27 -1.20
C LEU E 426 -42.76 -19.40 0.29
N LEU E 427 -42.26 -18.33 0.92
CA LEU E 427 -42.11 -18.27 2.38
C LEU E 427 -43.05 -17.21 2.91
N PRO E 428 -44.22 -17.65 3.40
CA PRO E 428 -45.17 -16.77 4.07
C PRO E 428 -44.72 -16.50 5.50
N GLU E 429 -44.85 -15.25 5.95
CA GLU E 429 -44.68 -14.87 7.36
C GLU E 429 -45.38 -15.84 8.36
N SER E 430 -46.46 -16.50 7.91
CA SER E 430 -47.21 -17.45 8.76
C SER E 430 -47.92 -18.52 7.92
N GLY E 431 -47.88 -19.75 8.40
CA GLY E 431 -48.54 -20.86 7.71
C GLY E 431 -47.64 -21.37 6.61
N SER E 432 -48.21 -22.03 5.61
CA SER E 432 -47.42 -22.58 4.53
C SER E 432 -48.14 -22.47 3.21
N ILE E 433 -47.37 -22.25 2.15
CA ILE E 433 -47.93 -22.24 0.80
C ILE E 433 -47.12 -23.18 -0.06
N THR E 434 -47.80 -24.00 -0.83
CA THR E 434 -47.16 -25.11 -1.48
C THR E 434 -47.38 -24.95 -2.96
N LEU E 435 -46.30 -25.16 -3.73
CA LEU E 435 -46.34 -24.83 -5.16
C LEU E 435 -46.44 -26.10 -6.00
N SER E 436 -47.19 -25.99 -7.08
CA SER E 436 -47.19 -26.97 -8.12
C SER E 436 -45.82 -27.10 -8.78
N SER E 437 -45.57 -28.28 -9.34
CA SER E 437 -44.31 -28.55 -10.06
C SER E 437 -44.32 -27.88 -11.44
N SER E 438 -45.47 -27.37 -11.85
CA SER E 438 -45.54 -26.49 -13.01
C SER E 438 -44.82 -25.14 -12.78
N SER E 439 -44.60 -24.78 -11.51
CA SER E 439 -43.91 -23.53 -11.18
C SER E 439 -42.46 -23.60 -11.62
N THR E 440 -41.98 -22.54 -12.25
CA THR E 440 -40.62 -22.51 -12.76
C THR E 440 -39.91 -21.25 -12.31
N GLY E 441 -38.59 -21.35 -12.19
CA GLY E 441 -37.70 -20.20 -12.18
C GLY E 441 -36.58 -20.30 -13.20
N VAL E 442 -36.23 -19.17 -13.79
CA VAL E 442 -35.07 -19.09 -14.69
C VAL E 442 -34.20 -17.87 -14.40
N PHE E 443 -32.90 -18.07 -14.49
CA PHE E 443 -31.93 -16.98 -14.32
C PHE E 443 -31.01 -16.98 -15.50
N ARG E 444 -30.62 -15.77 -15.90
CA ARG E 444 -29.49 -15.56 -16.76
C ARG E 444 -28.55 -14.55 -16.13
N ALA E 445 -27.29 -14.94 -15.95
CA ALA E 445 -26.30 -14.06 -15.39
C ALA E 445 -25.51 -13.44 -16.52
N THR E 446 -25.40 -12.11 -16.51
CA THR E 446 -24.54 -11.37 -17.39
C THR E 446 -23.72 -10.37 -16.61
N GLY E 447 -22.41 -10.57 -16.57
CA GLY E 447 -21.58 -9.76 -15.69
C GLY E 447 -22.12 -9.80 -14.28
N ASN E 448 -22.21 -8.63 -13.63
CA ASN E 448 -22.74 -8.62 -12.27
C ASN E 448 -24.25 -8.32 -12.22
N ARG E 449 -24.95 -8.63 -13.30
CA ARG E 449 -26.41 -8.55 -13.33
C ARG E 449 -26.97 -9.94 -13.54
N ILE E 450 -28.00 -10.30 -12.77
CA ILE E 450 -28.81 -11.50 -13.03
C ILE E 450 -30.27 -11.12 -13.30
N ASP E 451 -30.79 -11.55 -14.46
CA ASP E 451 -32.19 -11.39 -14.80
C ASP E 451 -32.94 -12.61 -14.32
N PHE E 452 -34.21 -12.45 -13.90
CA PHE E 452 -35.00 -13.56 -13.40
C PHE E 452 -36.39 -13.52 -14.00
N SER E 453 -36.97 -14.70 -14.15
CA SER E 453 -38.42 -14.81 -14.38
C SER E 453 -38.92 -16.01 -13.59
N VAL E 454 -39.95 -15.80 -12.79
CA VAL E 454 -40.51 -16.85 -11.98
C VAL E 454 -42.00 -16.99 -12.23
N THR E 455 -42.46 -18.22 -12.37
CA THR E 455 -43.90 -18.47 -12.40
C THR E 455 -44.35 -19.25 -11.15
N VAL E 456 -45.22 -18.61 -10.39
CA VAL E 456 -45.70 -19.16 -9.14
C VAL E 456 -47.14 -19.63 -9.34
N ASN E 457 -47.30 -20.96 -9.32
CA ASN E 457 -48.61 -21.59 -9.36
C ASN E 457 -48.81 -22.32 -8.05
N VAL E 458 -49.77 -21.86 -7.26
CA VAL E 458 -50.01 -22.43 -5.95
C VAL E 458 -50.77 -23.73 -6.14
N SER E 459 -50.46 -24.74 -5.32
CA SER E 459 -51.21 -25.99 -5.34
C SER E 459 -52.05 -26.17 -4.06
N SER E 460 -51.52 -25.76 -2.90
CA SER E 460 -52.27 -25.78 -1.65
C SER E 460 -51.79 -24.70 -0.68
N ILE E 461 -52.54 -24.52 0.40
CA ILE E 461 -52.17 -23.56 1.45
C ILE E 461 -52.52 -24.13 2.84
N SER E 462 -51.89 -23.59 3.87
CA SER E 462 -52.25 -23.94 5.23
C SER E 462 -52.15 -22.74 6.14
N SER E 463 -53.23 -21.98 6.19
CA SER E 463 -53.35 -20.83 7.07
C SER E 463 -52.24 -19.80 6.82
N PRO E 464 -51.96 -19.52 5.53
CA PRO E 464 -50.97 -18.48 5.22
C PRO E 464 -51.43 -17.09 5.61
N SER E 465 -50.52 -16.26 6.10
CA SER E 465 -50.83 -14.86 6.35
C SER E 465 -49.56 -14.02 6.55
N GLY E 466 -49.73 -12.70 6.55
CA GLY E 466 -48.62 -11.77 6.72
C GLY E 466 -47.83 -11.48 5.43
N ASN E 467 -46.53 -11.24 5.60
CA ASN E 467 -45.64 -10.96 4.46
C ASN E 467 -45.31 -12.22 3.67
N LEU E 468 -44.79 -12.01 2.47
CA LEU E 468 -44.43 -13.10 1.59
C LEU E 468 -43.10 -12.78 0.93
N ASN E 469 -42.26 -13.82 0.79
CA ASN E 469 -41.06 -13.74 -0.02
C ASN E 469 -40.99 -14.95 -0.96
N ILE E 470 -40.54 -14.70 -2.17
CA ILE E 470 -40.19 -15.76 -3.10
C ILE E 470 -38.72 -16.09 -2.89
N ALA E 471 -38.39 -17.38 -2.91
CA ALA E 471 -37.01 -17.83 -2.77
C ALA E 471 -36.75 -19.10 -3.58
N TYR E 472 -35.49 -19.56 -3.67
CA TYR E 472 -34.30 -18.73 -3.45
C TYR E 472 -33.59 -18.42 -4.76
N LEU E 473 -33.15 -17.17 -4.91
CA LEU E 473 -32.53 -16.69 -6.13
C LEU E 473 -31.14 -17.31 -6.30
N PRO E 474 -30.86 -17.93 -7.45
CA PRO E 474 -29.57 -18.62 -7.56
C PRO E 474 -28.38 -17.69 -7.48
N GLY E 475 -27.36 -18.13 -6.75
CA GLY E 475 -26.11 -17.38 -6.63
C GLY E 475 -26.14 -16.33 -5.55
N MET E 476 -27.32 -15.89 -5.13
CA MET E 476 -27.45 -14.60 -4.45
C MET E 476 -27.31 -14.75 -2.93
N SER E 477 -27.20 -15.98 -2.45
CA SER E 477 -27.05 -16.20 -1.01
C SER E 477 -25.79 -15.56 -0.47
N GLY E 478 -25.94 -14.77 0.59
CA GLY E 478 -24.81 -14.06 1.17
C GLY E 478 -24.23 -12.99 0.27
N LYS E 479 -25.08 -12.40 -0.58
CA LYS E 479 -24.64 -11.35 -1.47
C LYS E 479 -25.46 -10.11 -1.23
N THR E 480 -24.94 -8.99 -1.70
CA THR E 480 -25.66 -7.73 -1.62
C THR E 480 -25.73 -7.13 -3.01
N SER E 481 -26.73 -6.28 -3.23
CA SER E 481 -26.92 -5.62 -4.50
C SER E 481 -26.92 -4.09 -4.36
N SER E 482 -26.56 -3.38 -5.41
CA SER E 482 -26.60 -1.92 -5.42
C SER E 482 -27.87 -1.37 -6.10
N THR E 483 -28.58 -2.21 -6.86
CA THR E 483 -29.83 -1.83 -7.53
C THR E 483 -30.54 -3.09 -8.01
N SER E 484 -31.84 -3.00 -8.16
CA SER E 484 -32.63 -4.04 -8.77
C SER E 484 -33.99 -3.52 -9.13
N MET E 485 -34.74 -4.31 -9.87
CA MET E 485 -36.04 -3.89 -10.37
C MET E 485 -36.87 -5.11 -10.73
N PHE E 486 -38.00 -5.26 -10.03
CA PHE E 486 -38.90 -6.41 -10.22
C PHE E 486 -40.34 -5.93 -10.37
N ILE E 487 -41.08 -6.61 -11.23
CA ILE E 487 -42.49 -6.35 -11.43
C ILE E 487 -43.21 -7.66 -11.57
N ILE E 488 -44.52 -7.55 -11.50
CA ILE E 488 -45.39 -8.71 -11.57
C ILE E 488 -46.42 -8.40 -12.63
N ASP E 489 -46.35 -9.10 -13.75
CA ASP E 489 -47.05 -8.67 -14.97
C ASP E 489 -48.24 -9.57 -15.32
N TYR E 490 -48.49 -10.57 -14.48
CA TYR E 490 -49.61 -11.46 -14.59
C TYR E 490 -49.95 -11.95 -13.20
N TRP E 491 -51.24 -11.97 -12.88
CA TRP E 491 -51.74 -12.74 -11.75
C TRP E 491 -53.14 -13.31 -12.02
N ASN E 492 -53.50 -14.34 -11.25
CA ASN E 492 -54.81 -14.93 -11.32
C ASN E 492 -55.25 -15.42 -9.95
N ASP E 493 -56.55 -15.23 -9.64
CA ASP E 493 -57.19 -15.90 -8.49
C ASP E 493 -56.63 -15.43 -7.17
N LEU E 494 -56.42 -14.11 -7.06
CA LEU E 494 -55.97 -13.47 -5.81
C LEU E 494 -57.06 -12.56 -5.21
N THR E 495 -56.95 -12.25 -3.92
CA THR E 495 -58.01 -11.58 -3.19
C THR E 495 -57.76 -10.07 -3.12
N LEU E 496 -57.88 -9.39 -4.26
CA LEU E 496 -57.40 -8.00 -4.43
C LEU E 496 -58.56 -7.05 -4.67
N SER E 497 -58.60 -5.93 -3.94
CA SER E 497 -59.64 -4.93 -4.18
C SER E 497 -59.41 -4.28 -5.54
N SER E 498 -60.44 -3.65 -6.07
CA SER E 498 -60.30 -2.87 -7.30
C SER E 498 -59.19 -1.85 -7.17
N GLY E 499 -58.34 -1.78 -8.19
CA GLY E 499 -57.22 -0.85 -8.19
C GLY E 499 -56.00 -1.27 -7.38
N VAL E 500 -56.08 -2.37 -6.64
CA VAL E 500 -54.90 -2.83 -5.90
C VAL E 500 -54.01 -3.73 -6.78
N ILE E 501 -52.73 -3.39 -6.93
CA ILE E 501 -51.85 -4.21 -7.79
C ILE E 501 -50.64 -4.76 -7.02
N PRO E 502 -50.17 -5.97 -7.40
CA PRO E 502 -49.02 -6.56 -6.71
C PRO E 502 -47.72 -5.84 -6.99
N LEU E 503 -46.90 -5.68 -5.95
CA LEU E 503 -45.59 -5.11 -6.07
C LEU E 503 -44.52 -6.09 -5.57
N ALA E 504 -43.29 -5.90 -6.02
CA ALA E 504 -42.21 -6.84 -5.73
C ALA E 504 -40.93 -6.05 -5.55
N SER E 505 -40.13 -6.43 -4.56
CA SER E 505 -38.90 -5.70 -4.26
C SER E 505 -37.92 -6.61 -3.54
N LEU E 506 -36.64 -6.49 -3.87
CA LEU E 506 -35.68 -7.43 -3.34
C LEU E 506 -35.60 -7.22 -1.84
N ASN E 507 -35.73 -8.33 -1.12
CA ASN E 507 -35.51 -8.39 0.31
C ASN E 507 -34.09 -7.90 0.64
N LEU E 508 -33.97 -6.75 1.28
CA LEU E 508 -32.65 -6.22 1.56
C LEU E 508 -31.92 -6.97 2.67
N GLU E 509 -32.66 -7.65 3.54
CA GLU E 509 -32.02 -8.49 4.57
C GLU E 509 -31.46 -9.78 3.97
N ASN E 510 -32.33 -10.54 3.32
CA ASN E 510 -31.92 -11.73 2.58
C ASN E 510 -32.07 -11.54 1.09
N GLN E 511 -30.97 -11.20 0.42
CA GLN E 511 -31.04 -10.66 -0.90
C GLN E 511 -31.14 -11.75 -1.96
N ASP E 512 -31.27 -13.01 -1.55
CA ASP E 512 -31.80 -14.04 -2.45
C ASP E 512 -33.31 -14.32 -2.26
N GLN E 513 -34.02 -13.33 -1.72
CA GLN E 513 -35.47 -13.37 -1.61
C GLN E 513 -36.13 -12.10 -2.21
N ILE E 514 -37.24 -12.29 -2.90
CA ILE E 514 -38.00 -11.16 -3.38
C ILE E 514 -39.27 -10.97 -2.56
N THR E 515 -39.37 -9.84 -1.87
CA THR E 515 -40.55 -9.57 -1.07
C THR E 515 -41.69 -9.15 -2.00
N VAL E 516 -42.82 -9.82 -1.86
CA VAL E 516 -44.02 -9.55 -2.63
C VAL E 516 -45.07 -8.86 -1.74
N TYR E 517 -45.66 -7.77 -2.21
CA TYR E 517 -46.65 -7.01 -1.44
C TYR E 517 -47.67 -6.37 -2.38
N ARG E 518 -48.33 -5.30 -1.94
CA ARG E 518 -49.32 -4.63 -2.80
C ARG E 518 -49.74 -3.24 -2.31
N THR E 519 -50.47 -2.54 -3.18
CA THR E 519 -50.83 -1.16 -2.95
C THR E 519 -52.04 -1.06 -2.04
N ASP E 520 -52.15 0.07 -1.33
CA ASP E 520 -53.38 0.48 -0.65
C ASP E 520 -53.46 2.02 -0.70
N GLY E 521 -53.87 2.55 -1.85
CA GLY E 521 -53.91 4.00 -2.08
C GLY E 521 -52.55 4.66 -1.92
N GLY E 522 -52.40 5.42 -0.84
CA GLY E 522 -51.24 6.29 -0.64
C GLY E 522 -50.16 5.67 0.26
N ARG E 523 -50.34 4.41 0.61
CA ARG E 523 -49.28 3.58 1.13
C ARG E 523 -49.30 2.23 0.39
N VAL E 524 -48.47 1.29 0.86
CA VAL E 524 -48.48 -0.09 0.39
C VAL E 524 -48.70 -0.99 1.62
N LEU E 525 -49.01 -2.26 1.41
CA LEU E 525 -49.20 -3.18 2.51
C LEU E 525 -48.53 -4.53 2.29
N TYR E 526 -47.93 -5.04 3.35
CA TYR E 526 -47.16 -6.27 3.35
C TYR E 526 -47.95 -7.43 3.95
N ASP E 527 -49.01 -7.82 3.26
CA ASP E 527 -49.98 -8.77 3.82
C ASP E 527 -50.41 -9.76 2.74
N PHE E 528 -49.51 -9.97 1.78
CA PHE E 528 -49.83 -10.62 0.51
C PHE E 528 -50.14 -12.09 0.73
N SER E 529 -49.54 -12.67 1.77
CA SER E 529 -49.70 -14.08 2.06
C SER E 529 -51.16 -14.44 2.24
N SER E 530 -51.93 -13.52 2.83
CA SER E 530 -53.32 -13.82 3.18
C SER E 530 -54.25 -13.59 1.99
N LEU E 531 -53.70 -13.04 0.89
CA LEU E 531 -54.51 -12.70 -0.26
C LEU E 531 -54.47 -13.83 -1.27
N MET E 532 -54.17 -15.02 -0.79
CA MET E 532 -53.70 -16.09 -1.63
C MET E 532 -54.57 -17.29 -1.45
N LYS E 533 -55.15 -17.76 -2.54
CA LYS E 533 -55.87 -19.01 -2.52
C LYS E 533 -54.97 -20.16 -3.00
N SER E 534 -55.48 -21.38 -2.83
CA SER E 534 -54.82 -22.60 -3.30
C SER E 534 -54.77 -22.73 -4.84
N THR E 535 -55.41 -21.80 -5.53
CA THR E 535 -55.40 -21.79 -7.00
C THR E 535 -54.76 -20.50 -7.53
N SER E 536 -54.10 -19.75 -6.65
CA SER E 536 -53.53 -18.47 -7.02
C SER E 536 -52.29 -18.66 -7.89
N SER E 537 -52.03 -17.68 -8.75
CA SER E 537 -50.90 -17.69 -9.65
C SER E 537 -50.38 -16.27 -9.80
N PHE E 538 -49.07 -16.12 -9.93
CA PHE E 538 -48.54 -14.91 -10.52
C PHE E 538 -47.18 -15.16 -11.19
N ILE E 539 -46.80 -14.24 -12.05
CA ILE E 539 -45.51 -14.29 -12.69
C ILE E 539 -44.74 -13.02 -12.39
N LEU E 540 -43.51 -13.20 -11.91
CA LEU E 540 -42.61 -12.10 -11.56
C LEU E 540 -41.35 -12.04 -12.50
N LYS E 541 -40.91 -10.83 -12.84
CA LYS E 541 -39.79 -10.62 -13.74
C LYS E 541 -38.87 -9.58 -13.12
N GLY E 542 -37.56 -9.68 -13.39
CA GLY E 542 -36.66 -8.65 -12.88
C GLY E 542 -35.19 -8.92 -13.02
N PHE E 543 -34.39 -8.01 -12.48
CA PHE E 543 -32.96 -8.17 -12.42
C PHE E 543 -32.37 -7.61 -11.13
N VAL E 544 -31.19 -8.10 -10.80
CA VAL E 544 -30.40 -7.69 -9.64
C VAL E 544 -29.00 -7.40 -10.11
N ASP E 545 -28.53 -6.19 -9.86
CA ASP E 545 -27.13 -5.85 -9.92
C ASP E 545 -26.44 -6.19 -8.61
N PHE E 546 -25.66 -7.27 -8.58
CA PHE E 546 -25.03 -7.70 -7.31
C PHE E 546 -23.63 -7.13 -7.21
N ASN E 547 -23.18 -6.99 -5.98
CA ASN E 547 -21.89 -6.41 -5.70
C ASN E 547 -20.83 -7.48 -5.72
N MET F 1 61.65 -17.26 -59.33
CA MET F 1 61.53 -18.73 -59.11
C MET F 1 60.39 -19.04 -58.11
N LEU F 2 60.72 -19.66 -56.98
CA LEU F 2 59.69 -20.04 -56.03
C LEU F 2 59.36 -18.85 -55.14
N ARG F 3 60.37 -18.24 -54.53
CA ARG F 3 60.16 -17.06 -53.69
C ARG F 3 59.33 -15.96 -54.40
N GLY F 4 59.61 -15.72 -55.68
CA GLY F 4 58.88 -14.75 -56.48
C GLY F 4 57.43 -15.13 -56.70
N GLU F 5 57.19 -16.42 -56.92
CA GLU F 5 55.84 -16.95 -57.11
C GLU F 5 54.96 -16.85 -55.87
N LEU F 6 55.56 -17.18 -54.72
CA LEU F 6 54.85 -17.14 -53.43
C LEU F 6 54.43 -15.72 -53.11
N ASN F 7 55.29 -14.76 -53.44
CA ASN F 7 54.93 -13.36 -53.29
C ASN F 7 53.81 -12.96 -54.26
N ASN F 8 53.89 -13.44 -55.49
CA ASN F 8 52.84 -13.18 -56.49
C ASN F 8 51.47 -13.73 -56.07
N GLU F 9 51.46 -14.77 -55.24
CA GLU F 9 50.23 -15.41 -54.80
C GLU F 9 49.83 -15.03 -53.36
N GLY F 10 50.48 -14.02 -52.78
CA GLY F 10 50.22 -13.63 -51.39
C GLY F 10 50.42 -14.75 -50.38
N VAL F 11 51.27 -15.72 -50.72
CA VAL F 11 51.58 -16.80 -49.80
C VAL F 11 52.68 -16.34 -48.82
N ILE F 12 53.51 -15.41 -49.29
CA ILE F 12 54.35 -14.59 -48.40
C ILE F 12 54.08 -13.11 -48.67
N ASN F 13 54.47 -12.28 -47.71
CA ASN F 13 54.16 -10.83 -47.74
C ASN F 13 52.69 -10.58 -48.11
N PHE F 14 51.81 -11.32 -47.45
CA PHE F 14 50.36 -11.17 -47.64
C PHE F 14 49.90 -9.81 -47.16
N SER F 15 49.37 -9.02 -48.07
CA SER F 15 48.71 -7.77 -47.74
C SER F 15 47.40 -7.71 -48.51
N HIS F 16 46.44 -6.97 -47.96
CA HIS F 16 45.18 -6.75 -48.64
C HIS F 16 45.32 -5.70 -49.73
N ALA F 17 46.38 -4.90 -49.65
CA ALA F 17 46.68 -3.91 -50.70
C ALA F 17 47.11 -4.55 -52.04
N ASP F 18 47.68 -5.75 -51.98
CA ASP F 18 48.17 -6.42 -53.19
C ASP F 18 47.03 -6.98 -54.05
N THR F 19 47.25 -7.01 -55.36
CA THR F 19 46.44 -7.79 -56.30
C THR F 19 47.00 -9.21 -56.39
N TYR F 20 46.14 -10.21 -56.21
CA TYR F 20 46.49 -11.59 -56.55
C TYR F 20 45.48 -12.14 -57.56
N GLY F 21 45.93 -13.04 -58.40
CA GLY F 21 45.04 -13.79 -59.29
C GLY F 21 44.11 -14.67 -58.48
N ASN F 22 42.94 -14.94 -59.03
CA ASN F 22 41.81 -15.53 -58.27
C ASN F 22 42.07 -16.97 -57.79
N ASP F 23 43.02 -17.66 -58.42
CA ASP F 23 43.33 -19.06 -58.04
C ASP F 23 44.40 -19.12 -56.96
N SER F 24 44.95 -17.96 -56.60
CA SER F 24 45.92 -17.90 -55.52
C SER F 24 45.30 -18.01 -54.15
N VAL F 25 46.12 -18.45 -53.21
CA VAL F 25 45.78 -18.42 -51.80
C VAL F 25 45.58 -16.98 -51.29
N GLY F 26 46.42 -16.06 -51.75
CA GLY F 26 46.32 -14.66 -51.35
C GLY F 26 44.96 -14.08 -51.64
N ALA F 27 44.35 -14.53 -52.73
CA ALA F 27 43.09 -14.02 -53.19
C ALA F 27 41.99 -14.58 -52.33
N HIS F 28 42.04 -15.90 -52.11
CA HIS F 28 41.08 -16.57 -51.25
C HIS F 28 41.05 -15.89 -49.89
N LEU F 29 42.23 -15.61 -49.34
CA LEU F 29 42.33 -14.95 -48.04
C LEU F 29 41.77 -13.52 -48.00
N GLN F 30 41.81 -12.82 -49.14
CA GLN F 30 41.46 -11.40 -49.19
C GLN F 30 39.94 -11.15 -49.11
N ASN F 31 39.17 -12.22 -49.11
CA ASN F 31 37.74 -12.16 -48.87
C ASN F 31 37.38 -11.81 -47.43
N VAL F 32 38.25 -12.15 -46.49
CA VAL F 32 38.00 -11.84 -45.07
C VAL F 32 39.11 -10.94 -44.54
N VAL F 33 38.74 -9.76 -44.07
CA VAL F 33 39.75 -8.80 -43.64
C VAL F 33 39.79 -8.61 -42.13
N TYR F 34 40.94 -8.94 -41.52
CA TYR F 34 41.21 -8.60 -40.13
C TYR F 34 42.06 -7.33 -40.04
N PRO F 35 41.80 -6.49 -39.04
CA PRO F 35 42.54 -5.23 -38.96
C PRO F 35 43.98 -5.43 -38.51
N THR F 36 44.30 -6.65 -38.10
CA THR F 36 45.66 -7.00 -37.75
C THR F 36 46.52 -7.33 -38.97
N ASP F 37 45.90 -7.95 -39.98
CA ASP F 37 46.53 -8.13 -41.30
C ASP F 37 47.13 -6.83 -41.86
N ALA F 38 48.10 -6.98 -42.77
CA ALA F 38 48.66 -5.86 -43.52
C ALA F 38 47.71 -5.43 -44.62
N PRO F 39 47.67 -4.14 -44.97
CA PRO F 39 48.59 -3.14 -44.43
C PRO F 39 48.01 -2.36 -43.24
N PHE F 40 47.03 -2.93 -42.56
CA PHE F 40 46.34 -2.21 -41.51
C PHE F 40 47.14 -2.34 -40.22
N ASN F 41 47.56 -3.57 -39.91
CA ASN F 41 48.51 -3.84 -38.81
C ASN F 41 48.06 -3.26 -37.46
N ALA F 42 46.86 -3.62 -37.05
CA ALA F 42 46.31 -3.17 -35.78
C ALA F 42 47.07 -3.81 -34.62
N ALA F 43 47.27 -3.05 -33.54
CA ALA F 43 47.74 -3.63 -32.28
C ALA F 43 46.73 -4.58 -31.64
N THR F 44 47.20 -5.40 -30.71
CA THR F 44 46.41 -6.48 -30.16
C THR F 44 46.40 -6.43 -28.63
N ASP F 45 47.07 -5.40 -28.09
CA ASP F 45 47.21 -5.24 -26.65
C ASP F 45 45.99 -4.60 -26.00
N GLY F 46 45.13 -3.99 -26.81
CA GLY F 46 43.90 -3.39 -26.28
C GLY F 46 44.10 -2.06 -25.57
N THR F 47 45.34 -1.59 -25.53
CA THR F 47 45.66 -0.32 -24.90
C THR F 47 46.01 0.74 -25.94
N THR F 48 46.78 0.36 -26.96
CA THR F 48 47.23 1.35 -27.91
C THR F 48 46.13 1.62 -28.92
N ASP F 49 45.99 2.88 -29.29
CA ASP F 49 44.96 3.34 -30.19
C ASP F 49 45.03 2.63 -31.56
N THR F 50 43.89 2.13 -32.04
CA THR F 50 43.85 1.42 -33.30
C THR F 50 43.02 2.17 -34.34
N THR F 51 42.62 3.40 -34.02
CA THR F 51 41.57 4.10 -34.78
C THR F 51 41.94 4.12 -36.27
N VAL F 52 43.20 4.47 -36.55
CA VAL F 52 43.68 4.64 -37.92
C VAL F 52 43.61 3.30 -38.69
N ALA F 53 44.16 2.25 -38.09
CA ALA F 53 44.17 0.93 -38.72
C ALA F 53 42.77 0.45 -39.07
N ILE F 54 41.81 0.66 -38.16
CA ILE F 54 40.45 0.14 -38.36
C ILE F 54 39.69 0.96 -39.42
N LYS F 55 39.91 2.26 -39.44
CA LYS F 55 39.31 3.11 -40.46
C LYS F 55 39.74 2.72 -41.87
N SER F 56 40.99 2.29 -42.00
CA SER F 56 41.54 1.89 -43.28
C SER F 56 40.95 0.57 -43.67
N ALA F 57 40.90 -0.35 -42.73
CA ALA F 57 40.27 -1.64 -42.93
C ALA F 57 38.79 -1.46 -43.35
N ILE F 58 38.07 -0.62 -42.64
CA ILE F 58 36.69 -0.27 -43.05
C ILE F 58 36.69 0.19 -44.51
N ALA F 59 37.45 1.24 -44.79
CA ALA F 59 37.42 1.88 -46.11
C ALA F 59 37.83 0.93 -47.24
N HIS F 60 38.83 0.08 -46.97
CA HIS F 60 39.23 -0.97 -47.89
C HIS F 60 38.09 -1.90 -48.15
N CYS F 61 37.52 -2.44 -47.06
CA CYS F 61 36.45 -3.39 -47.18
C CYS F 61 35.30 -2.84 -47.97
N ILE F 62 34.99 -1.56 -47.78
CA ILE F 62 33.93 -0.92 -48.59
C ILE F 62 34.36 -0.84 -50.05
N SER F 63 35.59 -0.38 -50.25
CA SER F 63 36.10 -0.20 -51.61
C SER F 63 36.12 -1.48 -52.44
N LYS F 64 36.51 -2.59 -51.83
CA LYS F 64 36.71 -3.84 -52.57
C LYS F 64 35.57 -4.82 -52.37
N GLY F 65 34.53 -4.38 -51.64
CA GLY F 65 33.44 -5.26 -51.23
C GLY F 65 33.90 -6.55 -50.56
N LYS F 66 34.65 -6.39 -49.47
CA LYS F 66 35.05 -7.53 -48.64
C LYS F 66 34.49 -7.42 -47.25
N LYS F 67 34.63 -8.49 -46.47
CA LYS F 67 33.99 -8.63 -45.16
C LYS F 67 34.97 -8.22 -44.07
N LEU F 68 34.51 -7.46 -43.08
CA LEU F 68 35.39 -7.02 -42.01
C LEU F 68 35.14 -7.79 -40.73
N VAL F 69 36.18 -8.40 -40.19
CA VAL F 69 36.06 -9.19 -38.98
C VAL F 69 37.00 -8.67 -37.91
N LEU F 70 36.43 -8.17 -36.83
CA LEU F 70 37.20 -7.58 -35.77
C LEU F 70 37.53 -8.69 -34.81
N ASN F 71 38.82 -8.98 -34.62
CA ASN F 71 39.26 -10.21 -33.99
C ASN F 71 39.85 -9.97 -32.60
N HIS F 72 39.83 -8.72 -32.18
CA HIS F 72 40.21 -8.35 -30.82
C HIS F 72 39.26 -7.29 -30.30
N LEU F 73 39.38 -6.98 -29.02
CA LEU F 73 38.87 -5.74 -28.47
C LEU F 73 39.85 -4.60 -28.70
N PHE F 74 39.45 -3.67 -29.56
CA PHE F 74 40.33 -2.66 -30.09
C PHE F 74 40.00 -1.28 -29.49
N MET F 75 41.00 -0.59 -28.96
CA MET F 75 40.78 0.76 -28.39
C MET F 75 40.78 1.80 -29.53
N ILE F 76 39.78 2.70 -29.54
CA ILE F 76 39.63 3.77 -30.55
C ILE F 76 39.39 5.13 -29.87
N THR F 77 39.78 6.22 -30.53
CA THR F 77 39.59 7.59 -29.98
C THR F 77 38.77 8.50 -30.90
N ASP F 78 38.30 7.97 -32.02
CA ASP F 78 37.33 8.68 -32.84
C ASP F 78 36.28 7.73 -33.36
N THR F 79 35.12 8.27 -33.67
CA THR F 79 34.02 7.57 -34.29
C THR F 79 34.40 6.74 -35.50
N LEU F 80 33.96 5.48 -35.53
CA LEU F 80 34.07 4.63 -36.71
C LEU F 80 32.79 4.73 -37.51
N VAL F 81 32.92 4.94 -38.81
CA VAL F 81 31.74 5.06 -39.63
C VAL F 81 31.56 3.83 -40.47
N ILE F 82 30.49 3.10 -40.15
CA ILE F 82 30.08 1.92 -40.86
C ILE F 82 29.04 2.30 -41.91
N SER F 83 29.43 2.28 -43.17
CA SER F 83 28.59 2.79 -44.23
C SER F 83 28.55 1.89 -45.44
N ASP F 84 27.76 2.29 -46.43
CA ASP F 84 27.79 1.66 -47.74
C ASP F 84 27.53 0.19 -47.65
N GLY F 85 26.72 -0.24 -46.67
CA GLY F 85 26.28 -1.63 -46.62
C GLY F 85 27.36 -2.56 -46.11
N LEU F 86 28.36 -1.98 -45.47
CA LEU F 86 29.42 -2.71 -44.84
C LEU F 86 28.91 -3.33 -43.53
N HIS F 87 29.23 -4.60 -43.34
CA HIS F 87 28.89 -5.33 -42.13
C HIS F 87 30.13 -5.54 -41.26
N VAL F 88 30.13 -5.03 -40.04
CA VAL F 88 31.22 -5.34 -39.10
C VAL F 88 30.89 -6.59 -38.31
N GLU F 89 31.62 -7.66 -38.58
CA GLU F 89 31.48 -8.92 -37.87
C GLU F 89 32.50 -8.99 -36.73
N CYS F 90 32.08 -9.45 -35.56
CA CYS F 90 32.99 -9.62 -34.44
C CYS F 90 33.34 -11.10 -34.31
N LEU F 91 34.62 -11.41 -34.13
CA LEU F 91 35.08 -12.79 -34.25
C LEU F 91 34.49 -13.59 -33.11
N THR F 92 34.49 -13.00 -31.91
CA THR F 92 33.88 -13.62 -30.77
C THR F 92 33.15 -12.58 -29.91
N SER F 93 32.60 -13.07 -28.82
CA SER F 93 31.85 -12.23 -27.93
C SER F 93 32.75 -11.24 -27.23
N ASP F 94 34.07 -11.45 -27.29
CA ASP F 94 35.03 -10.51 -26.68
C ASP F 94 35.64 -9.49 -27.65
N SER F 95 35.44 -9.66 -28.94
CA SER F 95 35.91 -8.65 -29.87
C SER F 95 35.02 -7.43 -29.85
N GLY F 96 35.50 -6.37 -30.51
CA GLY F 96 34.71 -5.17 -30.77
C GLY F 96 35.56 -3.94 -30.62
N VAL F 97 35.02 -2.93 -29.95
CA VAL F 97 35.77 -1.70 -29.70
C VAL F 97 35.59 -1.21 -28.27
N LYS F 98 36.63 -0.59 -27.76
CA LYS F 98 36.53 0.07 -26.50
C LYS F 98 36.77 1.56 -26.70
N SER F 99 35.91 2.41 -26.17
CA SER F 99 35.82 3.77 -26.66
C SER F 99 36.39 4.78 -25.70
N ASP F 100 37.48 5.43 -26.12
CA ASP F 100 37.88 6.73 -25.57
C ASP F 100 37.46 7.86 -26.46
N VAL F 101 36.38 7.71 -27.22
CA VAL F 101 35.94 8.79 -28.07
C VAL F 101 35.45 9.97 -27.22
N PRO F 102 35.72 11.20 -27.67
CA PRO F 102 35.45 12.35 -26.81
C PRO F 102 33.97 12.73 -26.78
N ALA F 103 33.58 13.47 -25.74
CA ALA F 103 32.20 13.97 -25.65
C ALA F 103 31.84 14.73 -26.90
N GLY F 104 30.65 14.46 -27.42
CA GLY F 104 30.19 15.14 -28.63
C GLY F 104 30.12 14.19 -29.80
N LYS F 105 30.80 13.06 -29.70
CA LYS F 105 30.72 12.10 -30.79
C LYS F 105 30.44 10.70 -30.30
N PHE F 106 30.10 9.82 -31.24
CA PHE F 106 29.73 8.45 -30.93
C PHE F 106 30.94 7.56 -31.08
N ALA F 107 30.92 6.41 -30.44
CA ALA F 107 31.88 5.35 -30.72
C ALA F 107 31.76 4.84 -32.16
N VAL F 108 30.53 4.60 -32.58
CA VAL F 108 30.26 3.99 -33.87
C VAL F 108 29.02 4.63 -34.51
N LYS F 109 29.11 4.93 -35.79
CA LYS F 109 27.98 5.46 -36.52
C LYS F 109 27.69 4.60 -37.73
N ILE F 110 26.42 4.23 -37.90
CA ILE F 110 26.01 3.30 -38.92
C ILE F 110 24.95 3.99 -39.77
N THR F 111 25.16 3.95 -41.08
CA THR F 111 24.51 4.84 -42.00
C THR F 111 24.55 4.12 -43.31
N GLY F 112 23.76 4.60 -44.26
CA GLY F 112 23.71 3.96 -45.59
C GLY F 112 22.71 2.81 -45.64
N ALA F 113 22.68 2.11 -46.77
CA ALA F 113 21.71 1.04 -46.99
C ALA F 113 22.31 -0.30 -46.59
N ASN F 114 21.72 -0.92 -45.58
CA ASN F 114 22.00 -2.29 -45.21
C ASN F 114 23.36 -2.47 -44.54
N SER F 115 23.84 -1.43 -43.88
CA SER F 115 25.03 -1.54 -43.04
C SER F 115 24.65 -2.06 -41.65
N GLY F 116 25.61 -2.61 -40.94
CA GLY F 116 25.38 -3.02 -39.57
C GLY F 116 26.56 -3.68 -38.88
N TRP F 117 26.27 -4.28 -37.73
CA TRP F 117 27.26 -4.73 -36.77
C TRP F 117 26.74 -6.03 -36.14
N PHE F 118 27.51 -7.10 -36.26
CA PHE F 118 27.23 -8.38 -35.57
C PHE F 118 28.18 -8.66 -34.39
N GLY F 119 27.63 -8.85 -33.20
CA GLY F 119 28.33 -9.49 -32.11
C GLY F 119 29.15 -8.54 -31.26
N GLY F 120 29.92 -9.11 -30.34
CA GLY F 120 31.02 -8.39 -29.75
C GLY F 120 30.55 -7.34 -28.74
N LYS F 121 31.40 -6.35 -28.54
CA LYS F 121 31.19 -5.32 -27.54
C LYS F 121 31.52 -3.97 -28.14
N ILE F 122 30.76 -2.97 -27.73
CA ILE F 122 31.09 -1.60 -27.94
C ILE F 122 31.05 -0.91 -26.57
N LEU F 123 32.22 -0.69 -25.96
CA LEU F 123 32.30 -0.41 -24.52
C LEU F 123 32.79 0.98 -24.26
N GLY F 124 32.09 1.71 -23.40
CA GLY F 124 32.55 3.03 -22.97
C GLY F 124 33.24 2.95 -21.63
N LYS F 125 33.67 4.08 -21.13
CA LYS F 125 34.59 4.13 -20.00
C LYS F 125 33.89 3.59 -18.77
N ASN F 126 32.57 3.64 -18.77
CA ASN F 126 31.82 3.14 -17.68
C ASN F 126 32.23 3.81 -16.38
N LEU F 127 32.18 5.13 -16.33
CA LEU F 127 32.38 5.86 -15.09
C LEU F 127 31.17 6.75 -14.73
N PRO F 128 30.05 6.13 -14.33
CA PRO F 128 28.87 6.93 -14.04
C PRO F 128 29.06 7.95 -12.89
N GLU F 129 30.06 7.75 -12.02
CA GLU F 129 30.32 8.71 -10.93
C GLU F 129 31.12 9.92 -11.38
N SER F 130 31.76 9.82 -12.53
CA SER F 130 32.56 10.91 -13.04
C SER F 130 31.73 12.13 -13.46
N THR F 131 32.20 13.31 -13.05
CA THR F 131 31.51 14.55 -13.31
C THR F 131 31.99 15.17 -14.60
N THR F 132 33.06 14.61 -15.18
CA THR F 132 33.58 15.12 -16.44
C THR F 132 33.25 14.23 -17.64
N VAL F 133 33.27 12.91 -17.46
CA VAL F 133 33.18 12.01 -18.62
C VAL F 133 31.76 12.00 -19.20
N ARG F 134 31.69 12.26 -20.50
CA ARG F 134 30.44 12.18 -21.25
C ARG F 134 30.70 11.49 -22.59
N GLN F 135 30.02 10.37 -22.83
CA GLN F 135 30.16 9.65 -24.09
C GLN F 135 28.83 9.19 -24.68
N ASP F 136 28.89 8.68 -25.90
CA ASP F 136 27.75 8.09 -26.59
C ASP F 136 28.24 6.89 -27.40
N GLY F 137 27.41 5.86 -27.48
CA GLY F 137 27.84 4.55 -28.02
C GLY F 137 27.63 4.46 -29.52
N VAL F 138 26.43 4.06 -29.92
CA VAL F 138 26.14 3.72 -31.29
C VAL F 138 25.04 4.63 -31.83
N LEU F 139 25.27 5.22 -33.00
CA LEU F 139 24.27 6.03 -33.67
C LEU F 139 23.86 5.37 -34.98
N PHE F 140 22.58 5.09 -35.21
CA PHE F 140 22.07 5.02 -36.59
C PHE F 140 21.53 6.37 -36.98
N ASP F 141 22.20 7.05 -37.91
CA ASP F 141 21.78 8.39 -38.31
C ASP F 141 20.66 8.42 -39.32
N GLU F 142 20.28 9.63 -39.71
CA GLU F 142 19.09 9.88 -40.51
C GLU F 142 19.15 9.21 -41.88
N ASN F 143 20.35 8.82 -42.30
CA ASN F 143 20.52 8.16 -43.59
C ASN F 143 20.54 6.64 -43.50
N ALA F 144 20.37 6.08 -42.31
CA ALA F 144 20.47 4.64 -42.18
C ALA F 144 19.21 4.01 -42.76
N GLU F 145 19.35 3.01 -43.61
CA GLU F 145 18.20 2.29 -44.14
C GLU F 145 18.43 0.82 -44.05
N TYR F 146 17.52 0.13 -43.35
CA TYR F 146 17.65 -1.28 -43.09
C TYR F 146 19.02 -1.63 -42.58
N CYS F 147 19.50 -0.80 -41.68
CA CYS F 147 20.71 -1.05 -40.98
C CYS F 147 20.40 -1.88 -39.74
N PHE F 148 21.40 -2.36 -39.02
CA PHE F 148 21.12 -3.27 -37.89
C PHE F 148 22.30 -3.38 -36.91
N ILE F 149 21.97 -3.80 -35.70
CA ILE F 149 22.95 -4.29 -34.78
C ILE F 149 22.38 -5.46 -34.00
N THR F 150 23.13 -6.56 -33.99
CA THR F 150 22.62 -7.86 -33.56
C THR F 150 23.73 -8.54 -32.77
N GLY F 151 23.41 -8.89 -31.52
CA GLY F 151 24.22 -9.79 -30.70
C GLY F 151 25.31 -9.12 -29.90
N THR F 152 25.16 -7.82 -29.68
CA THR F 152 26.28 -6.98 -29.27
C THR F 152 26.01 -6.46 -27.88
N GLU F 153 27.08 -6.31 -27.11
CA GLU F 153 27.01 -5.71 -25.78
C GLU F 153 27.47 -4.25 -25.87
N VAL F 154 26.52 -3.34 -25.66
CA VAL F 154 26.79 -1.93 -25.75
C VAL F 154 26.59 -1.31 -24.39
N THR F 155 27.69 -1.07 -23.68
CA THR F 155 27.65 -0.70 -22.29
C THR F 155 28.61 0.40 -21.96
N GLY F 156 28.32 1.09 -20.85
CA GLY F 156 29.28 2.00 -20.22
C GLY F 156 29.30 3.42 -20.75
N PHE F 157 28.24 3.82 -21.47
CA PHE F 157 28.13 5.19 -21.93
C PHE F 157 27.28 6.03 -21.00
N PHE F 158 27.92 6.90 -20.23
CA PHE F 158 27.22 7.80 -19.29
C PHE F 158 27.60 9.26 -19.49
N ALA F 159 26.98 10.15 -18.72
CA ALA F 159 27.13 11.57 -18.88
C ALA F 159 26.37 12.32 -17.80
N LYS F 160 27.05 12.66 -16.72
CA LYS F 160 26.35 13.09 -15.50
C LYS F 160 25.87 14.53 -15.58
N GLY F 161 24.58 14.73 -15.34
CA GLY F 161 23.96 15.99 -15.60
C GLY F 161 23.51 16.06 -17.04
N LEU F 162 22.41 16.76 -17.26
CA LEU F 162 21.76 16.74 -18.54
C LEU F 162 22.57 17.55 -19.53
N HIS F 163 22.64 17.07 -20.75
CA HIS F 163 23.11 17.88 -21.88
C HIS F 163 22.21 19.09 -22.18
N THR F 164 22.80 20.06 -22.87
CA THR F 164 22.05 21.14 -23.50
C THR F 164 21.84 20.92 -25.00
N SER F 165 22.82 20.35 -25.69
CA SER F 165 22.59 19.82 -27.03
C SER F 165 23.34 18.51 -27.22
N ASP F 166 23.13 17.88 -28.37
CA ASP F 166 23.82 16.64 -28.72
C ASP F 166 25.34 16.78 -28.67
N ALA F 167 25.84 18.01 -28.80
CA ALA F 167 27.28 18.24 -28.85
C ALA F 167 27.93 18.08 -27.47
N ASP F 168 27.11 17.98 -26.43
CA ASP F 168 27.64 17.88 -25.06
C ASP F 168 28.03 16.45 -24.69
N GLY F 169 27.58 15.47 -25.47
CA GLY F 169 27.52 14.10 -25.00
C GLY F 169 26.28 13.87 -24.15
N VAL F 170 25.55 12.82 -24.48
CA VAL F 170 24.24 12.57 -23.89
C VAL F 170 24.23 11.40 -22.91
N GLY F 171 25.05 10.39 -23.19
CA GLY F 171 24.96 9.09 -22.53
C GLY F 171 24.02 8.06 -23.17
N TYR F 172 23.87 8.15 -24.49
CA TYR F 172 23.13 7.12 -25.25
C TYR F 172 23.97 5.87 -25.33
N GLY F 173 23.35 4.72 -25.09
CA GLY F 173 23.89 3.47 -25.55
C GLY F 173 23.67 3.25 -27.04
N ILE F 174 22.42 3.08 -27.43
CA ILE F 174 22.07 2.97 -28.83
C ILE F 174 21.01 4.00 -29.14
N TYR F 175 21.31 4.88 -30.09
CA TYR F 175 20.36 5.87 -30.56
C TYR F 175 20.10 5.61 -32.04
N ASP F 176 18.83 5.33 -32.39
CA ASP F 176 18.41 5.03 -33.73
C ASP F 176 17.61 6.18 -34.36
N LYS F 177 18.10 6.78 -35.45
CA LYS F 177 17.30 7.76 -36.21
C LYS F 177 17.05 7.28 -37.61
N GLY F 178 17.29 6.00 -37.84
CA GLY F 178 17.20 5.48 -39.19
C GLY F 178 15.82 5.00 -39.55
N TYR F 179 15.75 4.42 -40.72
CA TYR F 179 14.55 3.77 -41.22
C TYR F 179 14.78 2.28 -41.23
N GLY F 180 13.91 1.54 -40.58
CA GLY F 180 13.99 0.07 -40.58
C GLY F 180 15.19 -0.55 -39.88
N THR F 181 15.62 0.10 -38.82
CA THR F 181 16.75 -0.34 -38.03
C THR F 181 16.37 -1.52 -37.13
N LEU F 182 17.14 -2.60 -37.20
CA LEU F 182 16.92 -3.76 -36.34
C LEU F 182 17.93 -3.71 -35.22
N ILE F 183 17.45 -3.75 -33.97
CA ILE F 183 18.28 -3.98 -32.81
C ILE F 183 17.84 -5.23 -32.11
N SER F 184 18.65 -6.31 -32.19
CA SER F 184 18.24 -7.58 -31.62
C SER F 184 19.37 -8.29 -30.86
N LYS F 185 18.97 -9.00 -29.81
CA LYS F 185 19.82 -9.91 -29.11
C LYS F 185 21.00 -9.12 -28.59
N CYS F 186 20.78 -7.86 -28.26
CA CYS F 186 21.82 -7.02 -27.74
C CYS F 186 21.59 -6.88 -26.25
N TYR F 187 22.64 -6.47 -25.55
CA TYR F 187 22.56 -6.03 -24.17
C TYR F 187 22.91 -4.54 -24.13
N ALA F 188 22.01 -3.68 -23.67
CA ALA F 188 22.29 -2.25 -23.67
C ALA F 188 22.07 -1.68 -22.32
N ASN F 189 23.06 -0.92 -21.85
CA ASN F 189 23.17 -0.51 -20.46
C ASN F 189 23.97 0.77 -20.45
N SER F 190 23.27 1.89 -20.33
CA SER F 190 23.85 3.22 -20.42
C SER F 190 22.87 4.21 -19.80
N LYS F 191 23.23 5.50 -19.79
CA LYS F 191 22.35 6.50 -19.17
C LYS F 191 20.96 6.44 -19.79
N PHE F 192 20.93 6.45 -21.11
CA PHE F 192 19.75 6.15 -21.91
C PHE F 192 20.10 4.95 -22.74
N CYS F 193 19.51 3.79 -22.46
CA CYS F 193 20.07 2.53 -22.97
C CYS F 193 19.85 2.44 -24.46
N VAL F 194 18.61 2.74 -24.85
CA VAL F 194 18.20 2.76 -26.23
C VAL F 194 17.27 3.94 -26.42
N ALA F 195 17.50 4.70 -27.48
CA ALA F 195 16.74 5.91 -27.76
C ALA F 195 16.25 5.76 -29.18
N LEU F 196 14.94 5.93 -29.37
CA LEU F 196 14.32 5.75 -30.68
C LEU F 196 13.80 7.06 -31.20
N GLY F 197 14.22 7.41 -32.42
CA GLY F 197 13.77 8.60 -33.10
C GLY F 197 13.63 8.41 -34.59
N GLY F 198 13.49 7.17 -35.02
CA GLY F 198 13.34 6.93 -36.45
C GLY F 198 11.98 6.36 -36.78
N THR F 199 11.94 5.53 -37.82
CA THR F 199 10.72 4.97 -38.33
C THR F 199 10.93 3.50 -38.73
N GLU F 200 9.95 2.64 -38.41
CA GLU F 200 9.90 1.22 -38.81
C GLU F 200 11.03 0.38 -38.27
N GLY F 201 11.52 0.74 -37.09
CA GLY F 201 12.49 -0.10 -36.44
C GLY F 201 11.91 -1.34 -35.82
N ARG F 202 12.81 -2.28 -35.48
CA ARG F 202 12.43 -3.46 -34.81
C ARG F 202 13.43 -3.68 -33.68
N VAL F 203 12.93 -3.59 -32.45
CA VAL F 203 13.73 -3.74 -31.25
C VAL F 203 13.28 -5.04 -30.57
N LEU F 204 14.03 -6.12 -30.83
CA LEU F 204 13.57 -7.52 -30.57
C LEU F 204 14.59 -8.26 -29.72
N LYS F 205 14.11 -8.94 -28.67
CA LYS F 205 14.93 -9.89 -27.88
C LYS F 205 16.15 -9.30 -27.23
N ASN F 206 16.03 -8.11 -26.66
CA ASN F 206 17.20 -7.41 -26.12
C ASN F 206 17.10 -7.43 -24.60
N ARG F 207 18.25 -7.33 -23.94
CA ARG F 207 18.29 -7.11 -22.49
C ARG F 207 18.63 -5.67 -22.25
N ILE F 208 17.83 -4.96 -21.46
CA ILE F 208 17.96 -3.51 -21.32
C ILE F 208 17.83 -3.09 -19.86
N THR F 209 18.86 -2.45 -19.34
CA THR F 209 18.86 -2.02 -17.96
C THR F 209 20.08 -1.17 -17.77
N ASN F 210 19.98 -0.12 -16.98
CA ASN F 210 21.19 0.48 -16.40
C ASN F 210 21.34 0.23 -14.88
N ASN F 211 20.60 -0.75 -14.36
CA ASN F 211 20.74 -1.18 -12.96
C ASN F 211 20.93 -0.02 -11.99
N TYR F 212 19.96 0.88 -11.97
CA TYR F 212 19.92 1.94 -10.97
C TYR F 212 19.88 1.39 -9.55
N LEU F 213 19.31 0.20 -9.39
CA LEU F 213 18.92 -0.27 -8.08
C LEU F 213 20.17 -0.61 -7.32
N THR F 214 21.15 -1.16 -8.06
CA THR F 214 22.38 -1.67 -7.49
C THR F 214 23.55 -0.72 -7.78
N SER F 215 23.26 0.47 -8.30
CA SER F 215 24.30 1.38 -8.82
C SER F 215 25.11 2.04 -7.71
N GLY F 216 24.43 2.37 -6.62
CA GLY F 216 25.03 3.08 -5.50
C GLY F 216 24.87 4.59 -5.61
N GLU F 217 24.12 5.06 -6.61
CA GLU F 217 23.95 6.48 -6.77
C GLU F 217 22.91 6.97 -5.79
N ALA F 218 23.27 7.98 -5.00
CA ALA F 218 22.46 8.45 -3.89
C ALA F 218 21.05 8.82 -4.33
N LYS F 219 20.08 8.42 -3.52
CA LYS F 219 18.68 8.80 -3.75
C LYS F 219 18.37 10.07 -2.99
N PRO F 220 17.36 10.83 -3.38
CA PRO F 220 16.43 10.49 -4.45
C PRO F 220 16.97 10.74 -5.84
N TRP F 221 16.23 10.22 -6.83
CA TRP F 221 16.51 10.50 -8.22
C TRP F 221 16.33 11.99 -8.46
N SER F 222 17.06 12.52 -9.43
CA SER F 222 16.83 13.88 -9.89
C SER F 222 17.44 14.00 -11.25
N TRP F 223 17.18 15.12 -11.92
CA TRP F 223 17.71 15.34 -13.27
C TRP F 223 19.24 15.18 -13.39
N ALA F 224 19.96 15.18 -12.27
CA ALA F 224 21.43 15.07 -12.31
C ALA F 224 21.95 13.63 -12.42
N SER F 225 21.03 12.68 -12.41
CA SER F 225 21.35 11.27 -12.35
C SER F 225 21.97 10.77 -13.65
N ASN F 226 22.81 9.77 -13.54
CA ASN F 226 23.35 9.07 -14.71
C ASN F 226 22.54 7.83 -15.07
N TYR F 227 21.29 7.77 -14.62
CA TYR F 227 20.49 6.59 -14.84
C TYR F 227 19.09 7.00 -15.20
N TRP F 228 18.79 7.02 -16.50
CA TRP F 228 17.46 7.35 -17.01
C TRP F 228 16.76 6.10 -17.56
N ASP F 229 16.23 6.20 -18.79
CA ASP F 229 15.21 5.28 -19.27
C ASP F 229 15.89 4.13 -19.98
N GLY F 230 15.27 2.96 -19.93
CA GLY F 230 15.67 1.85 -20.77
C GLY F 230 15.54 2.20 -22.23
N ILE F 231 14.32 2.37 -22.68
CA ILE F 231 14.04 2.92 -23.97
C ILE F 231 13.38 4.29 -23.84
N VAL F 232 13.93 5.26 -24.56
CA VAL F 232 13.37 6.62 -24.61
C VAL F 232 13.10 7.02 -26.06
N SER F 233 11.85 7.34 -26.39
CA SER F 233 11.40 7.47 -27.77
C SER F 233 10.75 8.83 -27.98
N GLU F 234 11.19 9.55 -29.01
CA GLU F 234 10.62 10.83 -29.42
C GLU F 234 10.68 10.88 -30.94
N ASN F 235 9.56 11.16 -31.59
CA ASN F 235 9.47 11.06 -33.06
C ASN F 235 9.71 9.63 -33.57
N ALA F 236 9.32 8.66 -32.77
CA ALA F 236 9.41 7.28 -33.16
C ALA F 236 8.12 6.85 -33.81
N HIS F 237 8.22 6.29 -35.04
CA HIS F 237 7.07 5.83 -35.81
C HIS F 237 7.19 4.36 -36.24
N ARG F 238 6.09 3.62 -36.09
CA ARG F 238 5.99 2.25 -36.59
C ARG F 238 7.15 1.32 -36.15
N TYR F 239 7.63 1.51 -34.92
CA TYR F 239 8.53 0.56 -34.30
C TYR F 239 7.72 -0.63 -33.84
N VAL F 240 8.33 -1.80 -33.84
CA VAL F 240 7.88 -2.92 -33.02
C VAL F 240 8.91 -3.17 -31.91
N ILE F 241 8.46 -3.30 -30.66
CA ILE F 241 9.37 -3.55 -29.53
C ILE F 241 8.84 -4.78 -28.86
N ALA F 242 9.45 -5.93 -29.19
CA ALA F 242 8.92 -7.25 -28.79
C ALA F 242 10.01 -8.08 -28.13
N PHE F 243 9.65 -8.78 -27.06
CA PHE F 243 10.43 -9.88 -26.54
C PHE F 243 11.59 -9.43 -25.69
N ASN F 244 11.56 -8.20 -25.23
CA ASN F 244 12.69 -7.62 -24.54
C ASN F 244 12.53 -7.86 -23.06
N ASP F 245 13.63 -7.73 -22.33
CA ASP F 245 13.70 -7.86 -20.90
C ASP F 245 14.24 -6.52 -20.35
N VAL F 246 13.33 -5.70 -19.82
CA VAL F 246 13.64 -4.34 -19.45
C VAL F 246 13.39 -4.15 -17.95
N SER F 247 14.46 -3.94 -17.18
CA SER F 247 14.31 -3.81 -15.76
C SER F 247 15.26 -2.77 -15.14
N ALA F 248 14.99 -2.48 -13.88
CA ALA F 248 15.91 -1.78 -12.95
C ALA F 248 16.46 -0.48 -13.54
N CYS F 249 15.63 0.25 -14.28
CA CYS F 249 16.11 1.44 -14.93
C CYS F 249 15.93 2.63 -14.04
N GLY F 250 16.79 3.61 -14.23
CA GLY F 250 16.74 4.82 -13.44
C GLY F 250 15.46 5.62 -13.62
N GLN F 251 14.87 5.57 -14.82
CA GLN F 251 13.58 6.17 -15.03
C GLN F 251 12.59 5.12 -15.54
N SER F 252 12.01 5.29 -16.71
CA SER F 252 10.97 4.37 -17.16
C SER F 252 11.56 3.34 -18.09
N GLY F 253 10.93 2.18 -18.17
CA GLY F 253 11.49 1.07 -18.94
C GLY F 253 11.35 1.33 -20.43
N ILE F 254 10.13 1.60 -20.85
CA ILE F 254 9.84 1.92 -22.24
C ILE F 254 8.99 3.20 -22.27
N TYR F 255 9.56 4.29 -22.80
CA TYR F 255 8.93 5.58 -22.78
C TYR F 255 8.79 6.13 -24.19
N PHE F 256 7.61 6.68 -24.47
CA PHE F 256 7.37 7.43 -25.69
C PHE F 256 6.80 8.79 -25.32
N GLY F 257 7.31 9.84 -25.96
CA GLY F 257 6.69 11.15 -25.87
C GLY F 257 6.68 11.82 -27.22
N GLY F 258 6.16 13.05 -27.32
CA GLY F 258 5.42 13.74 -26.25
C GLY F 258 6.20 14.85 -25.53
N ASN F 259 7.52 14.80 -25.62
CA ASN F 259 8.39 15.90 -25.22
C ASN F 259 9.27 16.38 -26.36
N GLY F 260 8.70 17.20 -27.24
CA GLY F 260 9.34 17.52 -28.53
C GLY F 260 9.41 16.31 -29.44
N GLY F 261 8.45 15.41 -29.36
CA GLY F 261 8.41 14.29 -30.29
C GLY F 261 7.00 13.99 -30.71
N TYR F 262 6.85 13.52 -31.94
CA TYR F 262 5.58 13.07 -32.50
C TYR F 262 5.68 11.58 -32.73
N SER F 263 5.13 10.77 -31.81
CA SER F 263 5.41 9.35 -31.80
C SER F 263 4.14 8.57 -32.01
N THR F 264 4.07 7.80 -33.11
CA THR F 264 2.80 7.19 -33.52
C THR F 264 3.01 5.80 -34.09
N ASP F 265 2.01 4.93 -33.96
CA ASP F 265 1.93 3.68 -34.68
C ASP F 265 2.97 2.69 -34.27
N ASN F 266 3.39 2.77 -33.01
CA ASN F 266 4.34 1.80 -32.47
C ASN F 266 3.57 0.67 -31.76
N ILE F 267 4.18 -0.50 -31.76
CA ILE F 267 3.61 -1.72 -31.21
C ILE F 267 4.60 -2.36 -30.20
N ILE F 268 4.15 -2.46 -28.95
CA ILE F 268 4.95 -2.83 -27.83
C ILE F 268 4.30 -4.10 -27.28
N VAL F 269 4.89 -5.27 -27.59
CA VAL F 269 4.24 -6.57 -27.38
C VAL F 269 5.19 -7.57 -26.74
N ASN F 270 4.67 -8.31 -25.79
CA ASN F 270 5.38 -9.51 -25.29
C ASN F 270 6.77 -9.16 -24.77
N ASN F 271 6.80 -8.16 -23.90
CA ASN F 271 7.99 -7.73 -23.22
C ASN F 271 7.75 -7.99 -21.74
N THR F 272 8.83 -8.18 -21.00
CA THR F 272 8.79 -8.11 -19.54
C THR F 272 9.36 -6.77 -19.06
N VAL F 273 8.65 -6.07 -18.18
CA VAL F 273 9.11 -4.75 -17.76
C VAL F 273 8.90 -4.51 -16.25
N TYR F 274 10.00 -4.35 -15.51
CA TYR F 274 9.90 -4.41 -14.06
C TYR F 274 10.98 -3.66 -13.32
N ALA F 275 10.64 -3.31 -12.08
CA ALA F 275 11.56 -2.76 -11.09
C ALA F 275 12.14 -1.43 -11.52
N CYS F 276 11.42 -0.70 -12.37
CA CYS F 276 11.91 0.57 -12.82
C CYS F 276 11.57 1.68 -11.85
N TRP F 277 12.42 2.70 -11.82
CA TRP F 277 12.30 3.76 -10.80
C TRP F 277 11.22 4.77 -11.15
N ASN F 278 10.77 4.74 -12.40
CA ASN F 278 9.65 5.60 -12.80
C ASN F 278 8.46 4.75 -13.19
N ARG F 279 8.09 4.73 -14.47
CA ARG F 279 6.99 3.90 -14.92
C ARG F 279 7.53 2.76 -15.78
N GLY F 280 6.78 1.69 -15.82
CA GLY F 280 7.14 0.54 -16.65
C GLY F 280 7.04 0.90 -18.14
N ILE F 281 5.81 0.94 -18.64
CA ILE F 281 5.53 1.46 -20.01
C ILE F 281 4.88 2.84 -19.90
N ASP F 282 5.50 3.84 -20.54
CA ASP F 282 5.28 5.25 -20.19
C ASP F 282 4.94 6.02 -21.46
N MET F 283 3.67 6.30 -21.69
CA MET F 283 3.30 7.11 -22.83
C MET F 283 2.67 8.42 -22.38
N GLY F 284 3.26 9.54 -22.75
CA GLY F 284 3.03 10.79 -22.05
C GLY F 284 3.39 12.03 -22.84
N LEU F 285 2.56 13.06 -22.69
CA LEU F 285 2.87 14.42 -23.19
C LEU F 285 3.41 15.28 -22.08
N PHE F 286 4.66 15.69 -22.19
CA PHE F 286 5.25 16.62 -21.24
C PHE F 286 5.35 18.02 -21.85
N SER F 287 5.76 18.11 -23.10
CA SER F 287 5.48 19.32 -23.84
C SER F 287 4.00 19.37 -24.18
N GLU F 288 3.53 20.55 -24.57
CA GLU F 288 2.12 20.72 -24.88
C GLU F 288 1.89 20.13 -26.26
N LYS F 289 0.69 19.61 -26.42
CA LYS F 289 0.26 18.97 -27.65
C LYS F 289 0.34 19.88 -28.88
N SER F 290 0.77 19.33 -30.00
CA SER F 290 0.78 20.05 -31.25
C SER F 290 0.86 19.09 -32.42
N ALA F 291 0.90 19.63 -33.63
CA ALA F 291 1.18 18.85 -34.86
C ALA F 291 2.56 18.17 -34.86
N THR F 292 3.46 18.64 -34.00
CA THR F 292 4.79 18.05 -33.89
C THR F 292 5.13 17.48 -32.50
N ASN F 293 4.13 17.42 -31.63
CA ASN F 293 4.28 16.82 -30.33
C ASN F 293 3.01 16.09 -29.89
N ASP F 294 3.06 14.77 -29.95
CA ASP F 294 1.91 13.94 -29.64
C ASP F 294 2.32 12.49 -29.54
N VAL F 295 1.51 11.69 -28.85
CA VAL F 295 1.65 10.24 -28.84
C VAL F 295 0.35 9.60 -29.26
N LEU F 296 0.38 8.89 -30.41
CA LEU F 296 -0.85 8.39 -31.03
C LEU F 296 -0.76 6.97 -31.46
N ARG F 297 -1.88 6.28 -31.33
CA ARG F 297 -2.11 5.03 -32.05
C ARG F 297 -1.07 3.98 -31.70
N ASN F 298 -0.66 3.93 -30.44
CA ASN F 298 0.30 2.89 -30.02
C ASN F 298 -0.47 1.72 -29.39
N ILE F 299 0.02 0.53 -29.70
CA ILE F 299 -0.56 -0.73 -29.25
C ILE F 299 0.37 -1.36 -28.16
N ILE F 300 -0.15 -1.51 -26.95
CA ILE F 300 0.57 -2.14 -25.83
C ILE F 300 -0.13 -3.45 -25.42
N LYS F 301 0.50 -4.55 -25.77
CA LYS F 301 -0.16 -5.80 -25.80
C LYS F 301 0.68 -6.96 -25.26
N GLY F 302 0.06 -7.76 -24.42
CA GLY F 302 0.67 -9.03 -24.03
C GLY F 302 1.99 -8.83 -23.32
N ASN F 303 2.07 -7.79 -22.50
CA ASN F 303 3.31 -7.57 -21.76
C ASN F 303 3.05 -7.93 -20.30
N ASN F 304 4.12 -8.22 -19.56
CA ASN F 304 4.04 -8.54 -18.15
C ASN F 304 4.84 -7.49 -17.47
N THR F 305 4.14 -6.53 -16.84
CA THR F 305 4.77 -5.34 -16.23
C THR F 305 4.52 -5.34 -14.73
N TYR F 306 5.56 -5.24 -13.90
CA TYR F 306 5.36 -5.29 -12.46
C TYR F 306 6.41 -4.52 -11.66
N ASN F 307 6.02 -4.16 -10.43
CA ASN F 307 6.86 -3.48 -9.46
C ASN F 307 7.62 -2.34 -10.01
N ASN F 308 6.92 -1.45 -10.73
CA ASN F 308 7.55 -0.23 -11.23
C ASN F 308 7.00 0.87 -10.38
N ARG F 309 7.90 1.76 -9.92
CA ARG F 309 7.63 2.60 -8.75
C ARG F 309 6.41 3.53 -8.87
N GLU F 310 6.19 4.09 -10.05
CA GLU F 310 5.24 5.19 -10.23
C GLU F 310 4.22 4.86 -11.32
N ASN F 311 4.04 3.55 -11.53
CA ASN F 311 2.88 2.90 -12.18
C ASN F 311 3.41 2.00 -13.33
N ASN F 312 2.84 0.82 -13.47
CA ASN F 312 3.35 -0.11 -14.48
C ASN F 312 3.07 0.33 -15.91
N ILE F 313 1.83 0.75 -16.19
CA ILE F 313 1.43 1.29 -17.50
C ILE F 313 0.75 2.64 -17.26
N TRP F 314 1.29 3.67 -17.92
CA TRP F 314 0.99 5.06 -17.63
C TRP F 314 0.75 5.76 -18.97
N LEU F 315 -0.49 6.23 -19.15
CA LEU F 315 -0.91 6.96 -20.35
C LEU F 315 -1.23 8.40 -19.91
N ALA F 316 -0.52 9.39 -20.43
CA ALA F 316 -0.85 10.78 -20.09
C ALA F 316 -1.05 11.70 -21.30
N GLY F 317 -2.31 12.02 -21.60
CA GLY F 317 -2.67 12.94 -22.70
C GLY F 317 -2.56 12.30 -24.05
N VAL F 318 -2.50 10.97 -24.07
CA VAL F 318 -2.32 10.25 -25.31
C VAL F 318 -3.64 9.87 -25.92
N SER F 319 -3.64 9.64 -27.22
CA SER F 319 -4.88 9.39 -27.94
C SER F 319 -4.76 8.15 -28.79
N ASN F 320 -5.87 7.42 -28.88
CA ASN F 320 -6.02 6.27 -29.77
C ASN F 320 -5.01 5.20 -29.49
N CYS F 321 -4.67 5.01 -28.23
CA CYS F 321 -3.71 4.00 -27.89
C CYS F 321 -4.45 2.79 -27.27
N SER F 322 -3.89 1.58 -27.40
CA SER F 322 -4.56 0.38 -26.92
C SER F 322 -3.69 -0.36 -25.93
N VAL F 323 -4.32 -0.72 -24.82
CA VAL F 323 -3.68 -1.51 -23.76
C VAL F 323 -4.50 -2.78 -23.58
N VAL F 324 -4.08 -3.84 -24.26
CA VAL F 324 -4.88 -5.07 -24.42
C VAL F 324 -4.07 -6.30 -24.00
N GLY F 325 -4.61 -7.05 -23.07
CA GLY F 325 -4.04 -8.37 -22.76
C GLY F 325 -2.78 -8.37 -21.94
N ASN F 326 -2.61 -7.39 -21.06
CA ASN F 326 -1.35 -7.27 -20.33
C ASN F 326 -1.57 -7.70 -18.93
N THR F 327 -0.52 -8.20 -18.30
CA THR F 327 -0.65 -8.58 -16.93
C THR F 327 0.20 -7.64 -16.10
N SER F 328 -0.46 -6.86 -15.27
CA SER F 328 0.21 -5.75 -14.56
C SER F 328 0.00 -5.95 -13.10
N TRP F 329 1.10 -6.02 -12.35
CA TRP F 329 0.98 -6.51 -10.98
C TRP F 329 2.07 -5.98 -10.02
N PHE F 330 1.80 -6.11 -8.73
CA PHE F 330 2.80 -5.79 -7.71
C PHE F 330 2.82 -6.89 -6.66
N ASP F 331 3.94 -7.00 -5.96
CA ASP F 331 4.03 -7.79 -4.69
C ASP F 331 4.85 -7.03 -3.63
N THR F 332 5.15 -7.69 -2.51
CA THR F 332 5.81 -6.98 -1.42
C THR F 332 7.29 -6.73 -1.67
N ASN F 333 7.86 -7.28 -2.75
CA ASN F 333 9.17 -6.80 -3.19
C ASN F 333 9.11 -5.29 -3.55
N TYR F 334 7.95 -4.77 -3.94
CA TYR F 334 7.83 -3.30 -4.14
C TYR F 334 8.33 -2.58 -2.91
N ASP F 335 7.86 -2.99 -1.74
CA ASP F 335 8.20 -2.27 -0.49
C ASP F 335 9.73 -2.37 -0.20
N VAL F 336 10.38 -3.41 -0.69
CA VAL F 336 11.83 -3.59 -0.45
C VAL F 336 12.66 -2.70 -1.37
N ILE F 337 12.55 -2.89 -2.69
CA ILE F 337 13.37 -2.15 -3.66
C ILE F 337 13.07 -0.64 -3.73
N PHE F 338 11.91 -0.21 -3.27
CA PHE F 338 11.58 1.21 -3.24
C PHE F 338 11.44 1.79 -1.81
N ALA F 339 11.89 1.04 -0.80
CA ALA F 339 11.92 1.52 0.59
C ALA F 339 12.41 2.97 0.69
N GLY F 340 11.64 3.83 1.35
CA GLY F 340 11.97 5.24 1.50
C GLY F 340 11.36 6.15 0.42
N TYR F 341 10.97 5.57 -0.71
CA TYR F 341 10.55 6.39 -1.88
C TYR F 341 9.23 5.93 -2.52
N PRO F 342 8.12 6.16 -1.83
CA PRO F 342 6.88 5.49 -2.29
C PRO F 342 6.30 6.10 -3.57
N GLY F 343 5.86 5.25 -4.50
CA GLY F 343 5.25 5.72 -5.72
C GLY F 343 3.77 5.55 -5.67
N GLY F 344 3.13 5.86 -6.81
CA GLY F 344 1.69 5.65 -6.99
C GLY F 344 1.24 4.17 -6.98
N HIS F 345 2.06 3.25 -7.47
CA HIS F 345 1.76 1.80 -7.31
C HIS F 345 0.38 1.53 -7.93
N ILE F 346 0.21 1.93 -9.20
CA ILE F 346 -1.00 1.62 -9.95
C ILE F 346 -0.65 0.74 -11.15
N CYS F 347 -1.49 -0.26 -11.42
CA CYS F 347 -1.27 -1.16 -12.53
C CYS F 347 -1.39 -0.45 -13.86
N ILE F 348 -2.56 0.14 -14.10
CA ILE F 348 -2.79 0.88 -15.33
C ILE F 348 -3.36 2.25 -15.03
N SER F 349 -2.68 3.30 -15.49
CA SER F 349 -3.21 4.64 -15.24
C SER F 349 -3.34 5.54 -16.44
N LEU F 350 -4.48 6.22 -16.49
CA LEU F 350 -4.69 7.26 -17.45
C LEU F 350 -4.67 8.55 -16.69
N ALA F 351 -4.13 9.57 -17.33
CA ALA F 351 -3.99 10.87 -16.69
C ALA F 351 -3.98 11.91 -17.80
N SER F 352 -4.15 13.18 -17.44
CA SER F 352 -3.98 14.27 -18.34
C SER F 352 -2.52 14.49 -18.61
N GLY F 353 -2.23 15.13 -19.74
CA GLY F 353 -0.89 15.51 -20.11
C GLY F 353 -0.44 16.63 -19.21
N ALA F 354 0.86 16.90 -19.22
CA ALA F 354 1.44 17.97 -18.36
C ALA F 354 0.69 19.30 -18.50
N ASN F 355 0.22 19.64 -19.70
CA ASN F 355 -0.48 20.89 -19.92
C ASN F 355 -1.98 20.70 -19.97
N GLY F 356 -2.51 19.63 -19.36
CA GLY F 356 -3.97 19.45 -19.26
C GLY F 356 -4.63 18.66 -20.40
N GLU F 357 -3.85 18.14 -21.33
CA GLU F 357 -4.44 17.45 -22.48
C GLU F 357 -5.07 16.10 -22.06
N ALA F 358 -6.27 15.85 -22.55
CA ALA F 358 -7.07 14.68 -22.24
C ALA F 358 -6.52 13.44 -22.96
N CYS F 359 -6.55 12.30 -22.27
CA CYS F 359 -6.66 10.98 -22.93
C CYS F 359 -7.91 10.84 -23.80
N VAL F 360 -7.70 10.68 -25.10
CA VAL F 360 -8.81 10.56 -26.05
C VAL F 360 -8.71 9.26 -26.84
N GLY F 361 -9.79 8.48 -26.84
CA GLY F 361 -9.99 7.40 -27.86
C GLY F 361 -9.12 6.19 -27.61
N ASN F 362 -8.80 5.95 -26.33
CA ASN F 362 -7.96 4.85 -25.94
C ASN F 362 -8.76 3.62 -25.49
N THR F 363 -8.18 2.46 -25.69
CA THR F 363 -8.90 1.19 -25.56
C THR F 363 -8.14 0.34 -24.54
N ILE F 364 -8.78 0.05 -23.41
CA ILE F 364 -8.20 -0.75 -22.33
C ILE F 364 -9.06 -2.01 -22.13
N ASP F 365 -8.58 -3.16 -22.59
CA ASP F 365 -9.37 -4.40 -22.57
C ASP F 365 -8.50 -5.65 -22.27
N SER F 366 -9.08 -6.57 -21.56
CA SER F 366 -8.60 -7.91 -21.41
C SER F 366 -7.29 -7.97 -20.62
N ASN F 367 -7.07 -6.98 -19.71
CA ASN F 367 -5.86 -6.92 -18.89
C ASN F 367 -6.12 -7.61 -17.57
N THR F 368 -5.09 -8.15 -16.98
CA THR F 368 -5.21 -8.73 -15.68
C THR F 368 -4.41 -7.92 -14.70
N CYS F 369 -5.10 -7.22 -13.80
CA CYS F 369 -4.42 -6.39 -12.81
C CYS F 369 -4.42 -7.01 -11.38
N ILE F 370 -3.24 -7.09 -10.77
CA ILE F 370 -3.11 -7.63 -9.45
C ILE F 370 -2.46 -6.63 -8.56
N ASP F 371 -3.23 -6.12 -7.60
CA ASP F 371 -2.69 -5.15 -6.62
C ASP F 371 -3.14 -5.55 -5.22
N PRO F 372 -2.25 -6.19 -4.45
CA PRO F 372 -2.64 -6.67 -3.14
C PRO F 372 -2.81 -5.58 -2.08
N ARG F 373 -2.45 -4.34 -2.42
CA ARG F 373 -2.77 -3.20 -1.57
C ARG F 373 -4.20 -2.76 -1.73
N GLY F 374 -4.83 -3.21 -2.81
CA GLY F 374 -6.16 -2.78 -3.16
C GLY F 374 -6.28 -1.45 -3.90
N ASN F 375 -5.16 -0.89 -4.35
CA ASN F 375 -5.26 0.25 -5.25
C ASN F 375 -6.08 -0.15 -6.46
N ALA F 376 -6.84 0.80 -6.96
CA ALA F 376 -7.53 0.71 -8.24
C ALA F 376 -6.66 0.16 -9.30
N GLY F 377 -7.09 -0.90 -9.97
CA GLY F 377 -6.23 -1.52 -10.99
C GLY F 377 -6.16 -0.64 -12.20
N ILE F 378 -7.18 0.22 -12.39
CA ILE F 378 -7.20 1.22 -13.47
C ILE F 378 -7.76 2.50 -12.91
N THR F 379 -7.18 3.62 -13.30
CA THR F 379 -7.61 4.93 -12.90
C THR F 379 -7.91 5.75 -14.10
N VAL F 380 -8.98 6.55 -14.00
CA VAL F 380 -9.42 7.42 -15.09
C VAL F 380 -9.56 8.82 -14.54
N PRO F 381 -8.96 9.83 -15.21
CA PRO F 381 -9.00 11.21 -14.82
C PRO F 381 -10.15 12.02 -15.42
N THR F 382 -10.44 13.14 -14.78
CA THR F 382 -11.42 14.10 -15.27
C THR F 382 -10.97 14.65 -16.60
N GLY F 383 -11.87 14.76 -17.55
CA GLY F 383 -11.52 15.30 -18.85
C GLY F 383 -11.43 14.24 -19.96
N ALA F 384 -11.33 12.98 -19.57
CA ALA F 384 -11.02 11.90 -20.55
C ALA F 384 -12.27 11.61 -21.38
N THR F 385 -12.12 11.44 -22.68
CA THR F 385 -13.30 11.18 -23.52
C THR F 385 -13.04 10.06 -24.54
N GLY F 386 -14.08 9.32 -24.90
CA GLY F 386 -13.97 8.40 -26.01
C GLY F 386 -13.18 7.14 -25.70
N ASN F 387 -12.88 6.91 -24.44
CA ASN F 387 -12.10 5.76 -24.09
C ASN F 387 -13.07 4.64 -23.84
N VAL F 388 -12.63 3.42 -24.13
CA VAL F 388 -13.43 2.20 -23.87
C VAL F 388 -12.69 1.29 -22.88
N PHE F 389 -13.33 0.99 -21.76
CA PHE F 389 -12.76 0.13 -20.71
C PHE F 389 -13.53 -1.17 -20.68
N GLY F 390 -12.97 -2.21 -21.30
CA GLY F 390 -13.73 -3.39 -21.59
C GLY F 390 -14.03 -4.20 -20.34
N SER F 391 -15.04 -5.03 -20.45
CA SER F 391 -15.40 -5.97 -19.38
C SER F 391 -14.54 -7.22 -19.27
N GLY F 392 -13.52 -7.35 -20.14
CA GLY F 392 -12.66 -8.50 -20.18
C GLY F 392 -11.45 -8.20 -19.29
N ASN F 393 -11.36 -6.97 -18.79
CA ASN F 393 -10.34 -6.64 -17.77
C ASN F 393 -10.69 -7.33 -16.54
N ASN F 394 -9.68 -7.85 -15.85
CA ASN F 394 -9.89 -8.55 -14.57
C ASN F 394 -9.14 -7.76 -13.52
N LEU F 395 -9.90 -7.12 -12.64
CA LEU F 395 -9.39 -6.44 -11.48
C LEU F 395 -9.85 -7.08 -10.17
N SER F 396 -10.22 -8.37 -10.20
CA SER F 396 -10.76 -9.03 -9.01
C SER F 396 -9.73 -9.07 -7.94
N GLN F 397 -8.47 -9.01 -8.36
CA GLN F 397 -7.36 -9.09 -7.42
C GLN F 397 -6.68 -7.73 -7.25
N ALA F 398 -7.41 -6.69 -7.59
CA ALA F 398 -6.96 -5.33 -7.35
C ALA F 398 -8.15 -4.60 -6.86
N GLY F 399 -8.02 -3.30 -6.64
CA GLY F 399 -9.17 -2.45 -6.46
C GLY F 399 -9.89 -2.29 -7.78
N ALA F 400 -11.20 -2.13 -7.71
CA ALA F 400 -12.04 -1.74 -8.87
C ALA F 400 -11.62 -0.43 -9.52
N ILE F 401 -12.05 -0.28 -10.76
CA ILE F 401 -11.68 0.88 -11.60
C ILE F 401 -12.13 2.16 -10.95
N TYR F 402 -11.23 3.13 -10.87
CA TYR F 402 -11.50 4.36 -10.15
C TYR F 402 -11.68 5.46 -11.17
N ILE F 403 -12.78 6.23 -11.08
CA ILE F 403 -12.97 7.36 -12.00
C ILE F 403 -13.06 8.61 -11.18
N ALA F 404 -12.30 9.63 -11.58
CA ALA F 404 -12.20 10.88 -10.82
C ALA F 404 -13.50 11.67 -10.75
N SER F 405 -14.37 11.54 -11.73
CA SER F 405 -15.61 12.27 -11.70
C SER F 405 -16.73 11.44 -12.30
N PRO F 406 -17.99 11.64 -11.85
CA PRO F 406 -19.11 10.82 -12.32
C PRO F 406 -19.49 11.10 -13.78
N ASP F 407 -19.21 12.30 -14.27
CA ASP F 407 -19.52 12.61 -15.68
C ASP F 407 -18.71 11.76 -16.69
N LEU F 408 -17.69 11.06 -16.22
CA LEU F 408 -16.91 10.19 -17.11
C LEU F 408 -17.74 9.03 -17.65
N ILE F 409 -18.87 8.72 -17.01
CA ILE F 409 -19.62 7.52 -17.40
C ILE F 409 -20.37 7.64 -18.69
N THR F 410 -20.68 8.87 -19.11
CA THR F 410 -21.29 9.08 -20.41
C THR F 410 -20.38 9.67 -21.44
N SER F 411 -19.14 9.95 -21.09
CA SER F 411 -18.27 10.59 -22.04
C SER F 411 -17.18 9.60 -22.45
N ASN F 412 -17.21 8.43 -21.81
CA ASN F 412 -16.42 7.28 -22.16
C ASN F 412 -17.35 6.09 -22.02
N ARG F 413 -16.87 4.88 -22.29
CA ARG F 413 -17.72 3.68 -22.21
C ARG F 413 -17.14 2.68 -21.26
N PHE F 414 -17.83 2.48 -20.17
CA PHE F 414 -17.37 1.66 -19.09
C PHE F 414 -18.09 0.32 -19.10
N GLU F 415 -17.55 -0.65 -19.83
CA GLU F 415 -18.16 -1.96 -19.87
C GLU F 415 -17.78 -2.69 -18.65
N LEU F 416 -16.55 -2.45 -18.21
CA LEU F 416 -16.12 -2.67 -16.85
C LEU F 416 -16.83 -1.67 -15.94
N ALA F 417 -17.75 -2.18 -15.14
CA ALA F 417 -18.80 -1.36 -14.54
C ALA F 417 -18.30 -0.36 -13.52
N VAL F 418 -19.06 0.71 -13.37
CA VAL F 418 -18.73 1.78 -12.46
C VAL F 418 -19.96 2.09 -11.62
N THR F 419 -19.76 2.22 -10.32
CA THR F 419 -20.83 2.42 -9.35
C THR F 419 -20.50 3.65 -8.53
N GLY F 420 -21.53 4.38 -8.14
CA GLY F 420 -21.35 5.60 -7.38
C GLY F 420 -22.67 5.99 -6.75
N SER F 421 -22.70 7.16 -6.13
CA SER F 421 -23.88 7.62 -5.47
C SER F 421 -24.06 9.13 -5.70
N PHE F 422 -25.25 9.61 -5.36
CA PHE F 422 -25.62 10.99 -5.55
C PHE F 422 -26.77 11.36 -4.62
N THR F 423 -26.88 12.65 -4.29
CA THR F 423 -27.94 13.11 -3.40
C THR F 423 -29.09 13.66 -4.24
N PRO F 424 -30.24 12.98 -4.18
CA PRO F 424 -31.37 13.39 -4.96
C PRO F 424 -32.05 14.67 -4.42
N VAL F 425 -32.67 15.42 -5.33
CA VAL F 425 -33.48 16.57 -4.99
C VAL F 425 -34.78 16.41 -5.76
N LEU F 426 -35.83 17.07 -5.29
CA LEU F 426 -37.10 17.19 -6.03
C LEU F 426 -37.35 18.60 -6.60
N LEU F 427 -37.94 18.63 -7.79
CA LEU F 427 -38.30 19.88 -8.48
C LEU F 427 -39.80 19.89 -8.78
N PRO F 428 -40.60 20.43 -7.85
CA PRO F 428 -42.01 20.73 -8.13
C PRO F 428 -42.15 21.87 -9.13
N GLU F 429 -43.26 21.90 -9.84
CA GLU F 429 -43.52 22.98 -10.82
C GLU F 429 -43.55 24.35 -10.12
N SER F 430 -43.96 24.35 -8.86
CA SER F 430 -43.92 25.54 -8.02
C SER F 430 -43.91 25.11 -6.55
N GLY F 431 -43.55 26.04 -5.69
CA GLY F 431 -43.25 25.73 -4.31
C GLY F 431 -41.92 25.03 -4.21
N SER F 432 -41.71 24.36 -3.08
CA SER F 432 -40.50 23.59 -2.87
C SER F 432 -40.79 22.31 -2.10
N ILE F 433 -39.96 21.31 -2.33
CA ILE F 433 -39.88 20.17 -1.42
C ILE F 433 -38.44 19.92 -1.01
N THR F 434 -38.26 19.70 0.28
CA THR F 434 -36.96 19.46 0.83
C THR F 434 -36.92 18.03 1.32
N LEU F 435 -35.79 17.37 1.05
CA LEU F 435 -35.64 15.95 1.28
C LEU F 435 -34.78 15.74 2.52
N SER F 436 -35.20 14.80 3.36
CA SER F 436 -34.34 14.23 4.39
C SER F 436 -33.00 13.80 3.81
N SER F 437 -31.96 13.87 4.63
CA SER F 437 -30.63 13.43 4.20
C SER F 437 -30.49 11.92 4.34
N SER F 438 -31.55 11.26 4.81
CA SER F 438 -31.69 9.81 4.64
C SER F 438 -31.88 9.41 3.18
N SER F 439 -32.25 10.37 2.33
CA SER F 439 -32.55 10.05 0.95
C SER F 439 -31.24 9.80 0.22
N THR F 440 -31.25 8.77 -0.64
CA THR F 440 -30.04 8.31 -1.34
C THR F 440 -30.30 8.22 -2.83
N GLY F 441 -29.23 8.34 -3.61
CA GLY F 441 -29.20 7.81 -4.99
C GLY F 441 -28.00 6.93 -5.23
N VAL F 442 -28.22 5.79 -5.90
CA VAL F 442 -27.15 4.88 -6.35
CA VAL F 442 -27.12 4.93 -6.37
C VAL F 442 -27.24 4.74 -7.87
N PHE F 443 -26.09 4.61 -8.54
CA PHE F 443 -26.03 4.39 -9.99
C PHE F 443 -24.94 3.40 -10.31
N ARG F 444 -25.17 2.57 -11.34
CA ARG F 444 -24.13 1.73 -11.92
C ARG F 444 -24.13 1.92 -13.43
N ALA F 445 -22.97 2.29 -13.99
CA ALA F 445 -22.81 2.36 -15.44
C ALA F 445 -22.25 1.05 -15.94
N THR F 446 -22.94 0.44 -16.90
CA THR F 446 -22.42 -0.71 -17.65
C THR F 446 -22.59 -0.48 -19.13
N GLY F 447 -21.49 -0.26 -19.83
CA GLY F 447 -21.57 0.29 -21.16
C GLY F 447 -22.47 1.52 -21.20
N ASN F 448 -23.34 1.57 -22.21
CA ASN F 448 -24.23 2.72 -22.44
C ASN F 448 -25.61 2.59 -21.78
N ARG F 449 -25.69 1.80 -20.71
CA ARG F 449 -26.86 1.68 -19.86
C ARG F 449 -26.45 2.11 -18.44
N ILE F 450 -27.25 2.93 -17.80
CA ILE F 450 -27.09 3.20 -16.39
C ILE F 450 -28.30 2.74 -15.59
N ASP F 451 -28.07 1.90 -14.59
CA ASP F 451 -29.05 1.60 -13.53
C ASP F 451 -29.03 2.55 -12.33
N PHE F 452 -30.23 2.77 -11.78
CA PHE F 452 -30.49 3.81 -10.78
C PHE F 452 -31.45 3.28 -9.71
N SER F 453 -31.11 3.50 -8.46
CA SER F 453 -32.07 3.35 -7.37
C SER F 453 -32.13 4.66 -6.62
N VAL F 454 -33.33 5.20 -6.45
CA VAL F 454 -33.49 6.46 -5.71
C VAL F 454 -34.52 6.33 -4.60
N THR F 455 -34.07 6.52 -3.36
CA THR F 455 -34.95 6.52 -2.18
C THR F 455 -35.22 7.97 -1.77
N VAL F 456 -36.46 8.42 -1.98
CA VAL F 456 -36.84 9.79 -1.65
C VAL F 456 -37.60 9.83 -0.32
N ASN F 457 -37.04 10.55 0.66
CA ASN F 457 -37.74 10.80 1.94
C ASN F 457 -37.81 12.30 2.16
N VAL F 458 -39.04 12.83 2.07
CA VAL F 458 -39.30 14.25 2.30
C VAL F 458 -39.08 14.59 3.77
N SER F 459 -38.37 15.69 4.04
CA SER F 459 -38.34 16.28 5.41
C SER F 459 -39.33 17.45 5.60
N SER F 460 -39.48 18.30 4.59
CA SER F 460 -40.45 19.42 4.65
C SER F 460 -40.86 19.90 3.25
N ILE F 461 -42.04 20.53 3.20
CA ILE F 461 -42.56 21.11 1.96
C ILE F 461 -43.00 22.56 2.19
N SER F 462 -43.09 23.32 1.12
CA SER F 462 -43.72 24.62 1.19
C SER F 462 -44.51 24.93 -0.08
N SER F 463 -45.80 24.60 -0.01
CA SER F 463 -46.75 24.88 -1.09
C SER F 463 -46.31 24.30 -2.43
N PRO F 464 -45.96 23.00 -2.45
CA PRO F 464 -45.64 22.31 -3.69
C PRO F 464 -46.87 22.01 -4.51
N SER F 465 -46.87 22.38 -5.78
CA SER F 465 -47.90 21.90 -6.68
C SER F 465 -47.40 21.76 -8.10
N GLY F 466 -48.16 21.00 -8.88
CA GLY F 466 -47.90 20.83 -10.30
C GLY F 466 -47.03 19.61 -10.56
N ASN F 467 -46.37 19.62 -11.71
CA ASN F 467 -45.47 18.52 -12.06
C ASN F 467 -44.33 18.40 -11.06
N LEU F 468 -43.66 17.24 -11.08
CA LEU F 468 -42.57 16.89 -10.16
C LEU F 468 -41.48 16.10 -10.92
N ASN F 469 -40.25 16.57 -10.89
CA ASN F 469 -39.14 15.75 -11.37
C ASN F 469 -38.17 15.44 -10.25
N ILE F 470 -37.55 14.28 -10.35
CA ILE F 470 -36.40 13.92 -9.51
C ILE F 470 -35.13 14.27 -10.26
N ALA F 471 -34.10 14.64 -9.51
CA ALA F 471 -32.91 15.21 -10.09
C ALA F 471 -31.78 15.03 -9.09
N TYR F 472 -30.51 15.03 -9.53
CA TYR F 472 -30.10 15.04 -10.93
C TYR F 472 -29.31 13.70 -11.28
N LEU F 473 -29.69 13.02 -12.35
CA LEU F 473 -29.08 11.73 -12.68
C LEU F 473 -27.62 11.90 -13.11
N PRO F 474 -26.68 11.27 -12.38
CA PRO F 474 -25.26 11.38 -12.73
C PRO F 474 -24.95 10.97 -14.16
N GLY F 475 -24.07 11.77 -14.78
CA GLY F 475 -23.69 11.60 -16.16
C GLY F 475 -24.62 12.20 -17.19
N MET F 476 -25.89 12.35 -16.85
CA MET F 476 -26.94 12.44 -17.89
C MET F 476 -27.16 13.84 -18.43
N SER F 477 -26.44 14.81 -17.91
CA SER F 477 -26.70 16.19 -18.26
C SER F 477 -26.17 16.50 -19.65
N GLY F 478 -27.06 17.04 -20.46
CA GLY F 478 -26.77 17.25 -21.86
C GLY F 478 -26.75 15.97 -22.67
N LYS F 479 -27.48 14.94 -22.22
CA LYS F 479 -27.50 13.63 -22.91
C LYS F 479 -28.88 13.24 -23.30
N THR F 480 -28.98 12.40 -24.30
CA THR F 480 -30.26 11.83 -24.67
C THR F 480 -30.22 10.33 -24.52
N SER F 481 -31.34 9.68 -24.80
CA SER F 481 -31.47 8.28 -24.50
C SER F 481 -32.43 7.59 -25.44
N SER F 482 -32.03 6.39 -25.89
CA SER F 482 -32.81 5.63 -26.85
CA SER F 482 -32.80 5.62 -26.86
C SER F 482 -34.01 4.96 -26.17
N THR F 483 -33.79 4.47 -24.97
CA THR F 483 -34.84 3.79 -24.18
C THR F 483 -34.52 4.03 -22.73
N SER F 484 -35.55 3.96 -21.90
CA SER F 484 -35.38 4.01 -20.46
C SER F 484 -36.60 3.41 -19.81
N MET F 485 -36.46 3.02 -18.55
CA MET F 485 -37.48 2.22 -17.90
C MET F 485 -37.37 2.41 -16.41
N PHE F 486 -38.46 2.82 -15.80
CA PHE F 486 -38.47 3.25 -14.40
C PHE F 486 -39.77 2.83 -13.80
N ILE F 487 -39.71 2.36 -12.55
CA ILE F 487 -40.95 2.12 -11.83
C ILE F 487 -40.78 2.65 -10.43
N ILE F 488 -41.90 2.98 -9.80
CA ILE F 488 -41.94 3.18 -8.36
C ILE F 488 -42.54 1.93 -7.70
N ASP F 489 -41.81 1.35 -6.77
CA ASP F 489 -42.19 0.06 -6.22
C ASP F 489 -42.41 0.16 -4.72
N TYR F 490 -42.27 1.36 -4.19
CA TYR F 490 -42.59 1.61 -2.81
C TYR F 490 -42.95 3.06 -2.61
N TRP F 491 -44.00 3.30 -1.83
CA TRP F 491 -44.30 4.64 -1.39
C TRP F 491 -45.00 4.63 -0.06
N ASN F 492 -44.88 5.75 0.64
CA ASN F 492 -45.59 5.95 1.88
C ASN F 492 -46.07 7.39 1.98
N ASP F 493 -47.30 7.58 2.46
CA ASP F 493 -47.74 8.87 2.93
C ASP F 493 -47.96 9.84 1.80
N LEU F 494 -48.54 9.34 0.72
CA LEU F 494 -48.93 10.19 -0.40
C LEU F 494 -50.45 10.35 -0.37
N THR F 495 -50.91 11.48 -0.87
CA THR F 495 -52.34 11.76 -0.95
C THR F 495 -52.87 11.22 -2.28
N LEU F 496 -53.28 9.97 -2.26
CA LEU F 496 -53.71 9.26 -3.44
C LEU F 496 -55.05 8.59 -3.15
N SER F 497 -56.02 8.73 -4.05
CA SER F 497 -57.20 7.86 -4.08
C SER F 497 -56.77 6.39 -4.20
N SER F 498 -57.67 5.48 -3.81
CA SER F 498 -57.47 4.06 -4.09
C SER F 498 -57.56 3.81 -5.60
N GLY F 499 -56.84 2.79 -6.05
CA GLY F 499 -56.63 2.56 -7.49
C GLY F 499 -56.09 3.76 -8.25
N VAL F 500 -55.33 4.60 -7.56
CA VAL F 500 -54.42 5.52 -8.18
C VAL F 500 -53.01 5.08 -7.77
N ILE F 501 -52.16 4.81 -8.77
CA ILE F 501 -50.77 4.41 -8.51
C ILE F 501 -49.78 5.39 -9.15
N PRO F 502 -48.55 5.48 -8.62
CA PRO F 502 -47.57 6.37 -9.22
C PRO F 502 -46.90 5.79 -10.48
N LEU F 503 -46.40 6.68 -11.33
CA LEU F 503 -45.72 6.28 -12.56
C LEU F 503 -44.50 7.16 -12.68
N ALA F 504 -43.49 6.66 -13.38
CA ALA F 504 -42.21 7.35 -13.46
C ALA F 504 -41.65 7.17 -14.84
N SER F 505 -41.13 8.26 -15.41
CA SER F 505 -40.64 8.24 -16.79
C SER F 505 -39.64 9.36 -17.04
N LEU F 506 -38.57 9.02 -17.73
CA LEU F 506 -37.48 9.95 -17.91
C LEU F 506 -38.00 11.25 -18.57
N ASN F 507 -37.49 12.38 -18.09
CA ASN F 507 -37.90 13.69 -18.59
C ASN F 507 -37.18 13.96 -19.90
N LEU F 508 -37.95 14.00 -20.98
CA LEU F 508 -37.34 13.94 -22.30
C LEU F 508 -36.86 15.30 -22.75
N GLU F 509 -37.14 16.36 -21.99
CA GLU F 509 -36.52 17.65 -22.23
C GLU F 509 -35.20 17.78 -21.46
N ASN F 510 -35.16 17.27 -20.24
CA ASN F 510 -33.94 17.27 -19.42
C ASN F 510 -33.65 15.86 -18.90
N GLN F 511 -32.87 15.07 -19.63
CA GLN F 511 -32.85 13.63 -19.41
C GLN F 511 -31.98 13.23 -18.23
N ASP F 512 -31.58 14.21 -17.41
CA ASP F 512 -31.07 13.94 -16.07
C ASP F 512 -32.11 14.22 -14.99
N GLN F 513 -33.38 14.25 -15.40
CA GLN F 513 -34.49 14.23 -14.48
C GLN F 513 -35.41 13.10 -14.79
N ILE F 514 -36.06 12.57 -13.77
CA ILE F 514 -37.16 11.65 -13.97
C ILE F 514 -38.49 12.28 -13.48
N THR F 515 -39.46 12.37 -14.39
CA THR F 515 -40.80 12.89 -14.06
C THR F 515 -41.59 11.82 -13.31
N VAL F 516 -42.23 12.22 -12.21
CA VAL F 516 -43.10 11.34 -11.45
C VAL F 516 -44.55 11.82 -11.54
N TYR F 517 -45.46 10.90 -11.80
CA TYR F 517 -46.85 11.25 -12.02
C TYR F 517 -47.72 10.06 -11.60
N ARG F 518 -48.96 10.03 -12.06
CA ARG F 518 -49.97 9.14 -11.47
C ARG F 518 -51.08 8.80 -12.46
N THR F 519 -51.70 7.64 -12.27
CA THR F 519 -52.83 7.25 -13.10
C THR F 519 -54.06 8.05 -12.76
N ASP F 520 -55.01 8.05 -13.70
CA ASP F 520 -56.33 8.59 -13.48
C ASP F 520 -57.25 7.99 -14.54
N GLY F 521 -57.54 6.69 -14.39
CA GLY F 521 -58.33 5.95 -15.36
C GLY F 521 -57.64 5.91 -16.72
N GLY F 522 -58.33 6.40 -17.76
CA GLY F 522 -57.87 6.18 -19.15
C GLY F 522 -56.90 7.24 -19.63
N ARG F 523 -56.36 7.99 -18.66
CA ARG F 523 -55.27 8.94 -18.88
C ARG F 523 -54.39 8.96 -17.61
N VAL F 524 -53.36 9.80 -17.61
CA VAL F 524 -52.57 10.06 -16.41
C VAL F 524 -52.54 11.57 -16.14
N LEU F 525 -52.09 11.95 -14.96
CA LEU F 525 -52.04 13.36 -14.58
C LEU F 525 -50.72 13.76 -13.93
N TYR F 526 -50.20 14.91 -14.35
CA TYR F 526 -48.94 15.42 -13.87
C TYR F 526 -49.18 16.46 -12.80
N ASP F 527 -49.77 16.00 -11.69
CA ASP F 527 -50.07 16.84 -10.55
C ASP F 527 -49.39 16.33 -9.28
N PHE F 528 -48.36 15.50 -9.43
CA PHE F 528 -47.86 14.71 -8.30
C PHE F 528 -47.38 15.58 -7.14
N SER F 529 -46.91 16.81 -7.44
CA SER F 529 -46.31 17.65 -6.39
C SER F 529 -47.35 18.07 -5.32
N SER F 530 -48.63 18.15 -5.73
CA SER F 530 -49.72 18.45 -4.78
C SER F 530 -50.18 17.22 -4.02
N LEU F 531 -49.64 16.04 -4.33
CA LEU F 531 -50.00 14.84 -3.59
C LEU F 531 -48.96 14.51 -2.53
N MET F 532 -48.02 15.41 -2.30
CA MET F 532 -46.84 15.12 -1.45
C MET F 532 -46.98 15.81 -0.08
N LYS F 533 -46.61 15.11 0.99
CA LYS F 533 -46.54 15.70 2.34
C LYS F 533 -45.10 15.79 2.82
N SER F 534 -44.90 16.49 3.93
CA SER F 534 -43.57 16.58 4.55
C SER F 534 -43.12 15.24 5.14
N THR F 535 -43.98 14.23 5.07
CA THR F 535 -43.67 12.88 5.58
C THR F 535 -43.65 11.79 4.51
N SER F 536 -43.79 12.19 3.26
CA SER F 536 -43.95 11.25 2.15
C SER F 536 -42.60 10.61 1.81
N SER F 537 -42.68 9.38 1.34
CA SER F 537 -41.51 8.66 0.79
C SER F 537 -41.90 7.98 -0.49
N PHE F 538 -40.93 7.76 -1.36
CA PHE F 538 -41.04 6.68 -2.33
C PHE F 538 -39.67 6.23 -2.82
N ILE F 539 -39.67 5.09 -3.47
CA ILE F 539 -38.47 4.50 -4.02
C ILE F 539 -38.65 4.21 -5.51
N LEU F 540 -37.68 4.67 -6.28
CA LEU F 540 -37.72 4.58 -7.71
C LEU F 540 -36.54 3.73 -8.23
N LYS F 541 -36.84 2.89 -9.22
CA LYS F 541 -35.85 1.97 -9.77
C LYS F 541 -35.92 2.10 -11.26
N GLY F 542 -34.79 2.00 -11.93
CA GLY F 542 -34.81 1.57 -13.33
C GLY F 542 -33.49 1.82 -14.04
N PHE F 543 -33.57 2.05 -15.35
CA PHE F 543 -32.34 2.26 -16.13
C PHE F 543 -32.60 3.11 -17.32
N VAL F 544 -31.52 3.66 -17.82
CA VAL F 544 -31.53 4.44 -19.03
C VAL F 544 -30.50 3.84 -19.97
N ASP F 545 -30.84 3.75 -21.24
CA ASP F 545 -29.88 3.51 -22.33
C ASP F 545 -29.56 4.83 -23.03
N PHE F 546 -28.40 5.39 -22.74
CA PHE F 546 -28.01 6.67 -23.31
C PHE F 546 -27.27 6.54 -24.63
N ASN F 547 -27.20 7.66 -25.33
CA ASN F 547 -26.71 7.70 -26.70
C ASN F 547 -25.31 8.25 -26.63
C1 RAM G . -21.71 5.24 -41.84
C2 RAM G . -23.11 4.65 -41.91
C3 RAM G . -23.58 4.32 -43.29
C4 RAM G . -22.55 3.62 -44.15
C5 RAM G . -21.19 4.31 -44.10
C6 RAM G . -20.15 3.52 -44.86
O1 RAM G . -21.73 6.56 -42.23
O2 RAM G . -23.14 3.43 -41.11
O3 RAM G . -24.74 3.46 -43.16
O4 RAM G . -23.03 2.92 -45.18
O5 RAM G . -20.73 4.49 -42.71
C1 BMA G . -23.20 1.60 -45.47
C2 BMA G . -24.20 1.45 -46.63
C3 BMA G . -24.25 0.08 -47.21
C4 BMA G . -22.91 -0.55 -47.40
C5 BMA G . -22.05 -0.44 -46.14
C6 BMA G . -20.73 -1.12 -46.32
O2 BMA G . -23.89 2.42 -47.68
O3 BMA G . -24.89 0.12 -48.50
O4 BMA G . -23.10 -1.93 -47.74
O5 BMA G . -21.86 0.98 -45.78
O6 BMA G . -19.91 -0.44 -47.31
C1 GLA G . -18.60 -0.38 -47.53
C2 GLA G . -17.99 -0.21 -48.93
C3 GLA G . -18.28 -1.41 -49.77
C4 GLA G . -17.69 -2.62 -49.13
C5 GLA G . -18.36 -2.82 -47.76
C6 GLA G . -17.88 -4.08 -47.09
O2 GLA G . -18.53 0.96 -49.56
O3 GLA G . -17.77 -1.23 -51.13
O4 GLA G . -16.28 -2.43 -48.97
O5 GLA G . -18.13 -1.66 -46.89
O6 GLA G . -18.63 -4.23 -45.89
C1 RAM G . -18.41 -1.81 -52.15
C2 RAM G . -17.70 -1.29 -53.40
C3 RAM G . -16.42 -2.02 -53.67
C4 RAM G . -16.54 -3.52 -53.65
C5 RAM G . -17.41 -4.07 -52.51
C6 RAM G . -17.79 -5.50 -52.80
O2 RAM G . -18.61 -1.45 -54.52
O3 RAM G . -15.90 -1.62 -54.97
O4 RAM G . -15.30 -4.00 -53.83
O5 RAM G . -18.66 -3.30 -52.30
C1 BMA G . -15.13 -4.93 -54.83
C2 BMA G . -14.14 -4.37 -55.88
C3 BMA G . -13.70 -5.41 -56.86
C4 BMA G . -13.29 -6.69 -56.18
C5 BMA G . -14.43 -7.22 -55.30
C6 BMA G . -14.11 -8.58 -54.73
O2 BMA G . -12.98 -3.78 -55.22
O3 BMA G . -12.60 -4.92 -57.65
O4 BMA G . -12.97 -7.67 -57.18
O5 BMA G . -14.74 -6.26 -54.23
O6 BMA G . -12.77 -8.61 -54.20
C1 GLA G . -12.54 -8.75 -52.89
C2 GLA G . -11.07 -8.81 -52.49
C3 GLA G . -10.46 -10.10 -52.89
C4 GLA G . -11.19 -11.27 -52.29
C5 GLA G . -12.68 -11.21 -52.67
C6 GLA G . -13.43 -12.33 -52.02
O2 GLA G . -10.36 -7.72 -53.11
O3 GLA G . -9.07 -10.11 -52.48
O4 GLA G . -11.06 -11.27 -50.85
O5 GLA G . -13.29 -9.92 -52.28
O6 GLA G . -14.67 -12.48 -52.66
C1 RAM H . 26.09 24.70 25.47
C2 RAM H . 26.42 24.88 24.00
C3 RAM H . 27.68 24.16 23.63
C4 RAM H . 27.61 22.70 23.97
C5 RAM H . 27.13 22.44 25.41
C6 RAM H . 26.77 21.01 25.56
O1 RAM H . 27.10 25.20 26.26
O2 RAM H . 25.36 24.30 23.22
O3 RAM H . 27.90 24.31 22.21
O4 RAM H . 28.70 22.05 23.59
O5 RAM H . 25.93 23.25 25.78
C1 BMA H . 28.74 21.09 22.63
C2 BMA H . 30.15 20.99 22.06
C3 BMA H . 30.27 19.87 21.11
C4 BMA H . 29.86 18.56 21.71
C5 BMA H . 28.51 18.59 22.44
C6 BMA H . 28.55 17.44 23.39
O2 BMA H . 31.10 20.82 23.14
O3 BMA H . 31.64 19.75 20.65
O4 BMA H . 29.78 17.58 20.68
O5 BMA H . 28.24 19.81 23.24
O6 BMA H . 27.25 16.95 23.66
C1 GLA H . 27.50 16.24 24.77
C2 GLA H . 28.44 15.44 25.65
C3 GLA H . 28.97 14.24 24.94
C4 GLA H . 27.82 13.38 24.46
C5 GLA H . 27.00 14.21 23.47
C6 GLA H . 25.86 13.47 22.84
O2 GLA H . 29.54 16.30 26.02
O3 GLA H . 29.87 13.49 25.79
O4 GLA H . 27.00 12.99 25.56
O5 GLA H . 26.44 15.38 24.15
O6 GLA H . 25.02 14.41 22.25
C1 RAM H . 30.93 12.82 25.33
C2 RAM H . 31.84 12.22 26.41
C3 RAM H . 31.31 10.93 26.90
C4 RAM H . 31.07 9.93 25.81
C5 RAM H . 30.19 10.55 24.72
C6 RAM H . 29.97 9.61 23.58
O2 RAM H . 33.15 12.02 25.82
O3 RAM H . 32.24 10.35 27.85
O4 RAM H . 30.56 8.83 26.36
O5 RAM H . 30.77 11.82 24.21
C1 BMA H . 30.90 7.51 26.18
C2 BMA H . 31.28 6.89 27.52
C3 BMA H . 31.58 5.44 27.40
C4 BMA H . 30.52 4.69 26.63
C5 BMA H . 30.21 5.38 25.30
C6 BMA H . 29.17 4.63 24.50
O2 BMA H . 30.19 7.07 28.46
O3 BMA H . 31.69 4.88 28.72
O4 BMA H . 31.01 3.38 26.37
O5 BMA H . 29.77 6.76 25.54
O6 BMA H . 28.02 4.34 25.30
C1 GLA H . 26.75 4.73 25.28
C2 GLA H . 25.81 4.13 26.32
C3 GLA H . 25.47 2.72 26.00
C4 GLA H . 24.90 2.58 24.62
C5 GLA H . 25.92 3.10 23.60
C6 GLA H . 25.38 2.99 22.22
O2 GLA H . 26.47 4.18 27.59
O3 GLA H . 24.53 2.21 27.00
O4 GLA H . 23.67 3.31 24.50
O5 GLA H . 26.31 4.50 23.86
O6 GLA H . 26.44 3.10 21.30
C1 GLA I . -8.11 6.61 4.03
C2 GLA I . -8.74 5.28 3.64
C3 GLA I . -10.22 5.31 3.68
C4 GLA I . -10.75 5.88 4.98
C5 GLA I . -10.22 7.30 5.13
C6 GLA I . -10.68 8.01 6.37
O2 GLA I . -8.31 5.05 2.29
O3 GLA I . -10.68 3.95 3.48
O4 GLA I . -10.30 5.07 6.07
O5 GLA I . -8.75 7.26 5.21
O6 GLA I . -9.87 9.15 6.56
C1 RAM I . -11.80 3.69 2.81
C2 RAM I . -11.98 2.19 2.64
C3 RAM I . -12.55 1.53 3.83
C4 RAM I . -13.77 2.22 4.39
C5 RAM I . -13.52 3.73 4.57
C6 RAM I . -14.75 4.44 5.06
O2 RAM I . -12.89 1.99 1.54
O3 RAM I . -12.94 0.17 3.47
O4 RAM I . -14.15 1.66 5.52
O5 RAM I . -13.08 4.32 3.30
C1 BMA I . -15.41 1.28 5.93
C2 BMA I . -15.47 -0.22 6.16
C3 BMA I . -16.78 -0.63 6.72
C4 BMA I . -17.16 0.20 7.91
C5 BMA I . -17.17 1.69 7.53
C6 BMA I . -17.70 2.58 8.64
O2 BMA I . -14.41 -0.63 7.08
O3 BMA I . -16.71 -2.01 7.09
O4 BMA I . -18.46 -0.21 8.36
O5 BMA I . -15.83 2.08 7.14
O6 BMA I . -17.22 2.16 9.92
C1 GLA I . -16.45 2.62 10.91
C2 GLA I . -15.88 1.96 12.16
C3 GLA I . -16.94 1.77 13.18
C4 GLA I . -17.53 3.10 13.57
C5 GLA I . -18.14 3.76 12.33
C6 GLA I . -18.67 5.12 12.71
O2 GLA I . -15.29 0.70 11.80
O3 GLA I . -16.41 1.09 14.36
O4 GLA I . -16.50 3.94 14.12
O5 GLA I . -17.17 3.91 11.22
O6 GLA I . -19.27 5.73 11.58
C1 RAM J . -1.20 9.49 0.18
C2 RAM J . -1.90 10.76 -0.25
C3 RAM J . -3.18 10.42 -0.91
C4 RAM J . -4.02 9.47 -0.11
C5 RAM J . -3.27 8.30 0.50
C6 RAM J . -4.13 7.58 1.50
O1 RAM J . -1.06 8.70 -0.91
O2 RAM J . -2.18 11.61 0.89
O3 RAM J . -3.94 11.63 -1.13
O4 RAM J . -5.47 9.32 -0.48
O5 RAM J . -2.02 8.72 1.16
C1 BMA J . -6.55 9.92 0.08
C2 BMA J . -7.59 10.06 -1.01
C3 BMA J . -8.88 10.50 -0.46
C4 BMA J . -9.33 9.58 0.62
C5 BMA J . -8.27 9.59 1.71
C6 BMA J . -8.71 8.84 2.92
O2 BMA J . -7.76 8.75 -1.59
O3 BMA J . -9.86 10.55 -1.51
O4 BMA J . -10.56 10.08 1.11
O5 BMA J . -7.00 9.05 1.23
O6 BMA J . -8.52 7.45 2.77
C1 RAM K . -12.16 36.06 28.47
C2 RAM K . -11.16 37.19 28.32
C3 RAM K . -10.98 38.00 29.57
C4 RAM K . -10.76 37.17 30.81
C5 RAM K . -11.84 36.10 30.95
C6 RAM K . -11.58 35.23 32.14
O1 RAM K . -13.40 36.60 28.44
O2 RAM K . -9.91 36.62 27.91
O3 RAM K . -9.84 38.88 29.40
O4 RAM K . -10.72 38.03 31.84
O5 RAM K . -11.96 35.26 29.74
C1 BMA K . -9.58 38.30 32.54
C2 BMA K . -9.68 39.60 33.35
C3 BMA K . -8.43 39.85 34.15
C4 BMA K . -7.86 38.66 34.86
C5 BMA K . -7.96 37.34 34.07
C6 BMA K . -7.68 36.18 34.98
O2 BMA K . -10.83 39.51 34.25
O3 BMA K . -8.70 40.83 35.17
O4 BMA K . -6.48 38.94 35.14
O5 BMA K . -9.29 37.16 33.45
O6 BMA K . -8.90 35.63 35.49
C1 GLA K . -9.17 34.39 35.90
C2 GLA K . -10.10 34.40 37.10
C3 GLA K . -9.40 34.81 38.34
C4 GLA K . -8.15 33.98 38.60
C5 GLA K . -7.25 34.03 37.36
C6 GLA K . -5.99 33.23 37.54
O2 GLA K . -11.18 35.30 36.79
O3 GLA K . -10.29 34.68 39.49
O4 GLA K . -8.54 32.62 38.90
O5 GLA K . -7.96 33.54 36.17
O6 GLA K . -5.24 33.29 36.35
C1 RAM K . -10.16 35.49 40.56
C2 RAM K . -11.21 35.18 41.63
C3 RAM K . -10.73 34.26 42.70
C4 RAM K . -9.32 34.49 43.17
C5 RAM K . -8.32 34.75 42.03
C6 RAM K . -6.97 35.14 42.57
O2 RAM K . -11.63 36.42 42.23
O3 RAM K . -11.61 34.41 43.84
O4 RAM K . -9.00 33.49 43.98
O5 RAM K . -8.80 35.83 41.13
C1 BMA K . -8.54 33.49 45.27
C2 BMA K . -9.62 32.90 46.18
C3 BMA K . -9.14 32.68 47.57
C4 BMA K . -7.82 31.96 47.64
C5 BMA K . -6.78 32.65 46.75
C6 BMA K . -5.44 31.95 46.83
O2 BMA K . -10.06 31.63 45.62
O3 BMA K . -10.13 31.90 48.29
O4 BMA K . -7.37 31.96 49.00
O5 BMA K . -7.24 32.73 45.35
O6 BMA K . -5.58 30.56 46.51
C1 GLA K . -5.04 29.59 45.77
C2 GLA K . -5.18 28.08 45.96
C3 GLA K . -4.39 27.63 47.13
C4 GLA K . -2.94 27.94 46.90
C5 GLA K . -2.75 29.46 46.74
C6 GLA K . -1.31 29.75 46.43
O2 GLA K . -6.56 27.73 46.13
O3 GLA K . -4.58 26.22 47.37
O4 GLA K . -2.48 27.28 45.70
O5 GLA K . -3.60 30.02 45.67
O6 GLA K . -1.07 31.13 46.52
C1 RAM L . -21.82 -30.32 -23.28
C2 RAM L . -22.51 -30.14 -21.94
C3 RAM L . -22.13 -31.20 -20.96
C4 RAM L . -20.65 -31.48 -20.88
C5 RAM L . -19.91 -31.47 -22.24
C6 RAM L . -18.44 -31.36 -22.00
O1 RAM L . -22.21 -31.49 -23.83
O2 RAM L . -22.13 -28.86 -21.39
O3 RAM L . -22.56 -30.77 -19.64
O4 RAM L . -20.42 -32.19 -19.77
O5 RAM L . -20.34 -30.37 -23.12
C1 BMA L . -20.03 -31.91 -18.49
C2 BMA L . -20.18 -33.14 -17.61
C3 BMA L . -19.59 -32.84 -16.29
C4 BMA L . -18.11 -32.65 -16.37
C5 BMA L . -17.64 -31.79 -17.56
C6 BMA L . -16.65 -32.56 -18.37
O2 BMA L . -19.51 -34.28 -18.21
O3 BMA L . -19.90 -33.87 -15.35
O4 BMA L . -17.68 -32.02 -15.17
O5 BMA L . -18.64 -31.33 -18.53
O6 BMA L . -15.37 -32.04 -18.08
C1 GLA L . -14.56 -32.07 -19.14
C2 GLA L . -13.80 -33.37 -19.33
C3 GLA L . -13.03 -33.75 -18.12
C4 GLA L . -12.07 -32.64 -17.75
C5 GLA L . -12.88 -31.39 -17.43
C6 GLA L . -12.01 -30.23 -17.01
O2 GLA L . -14.76 -34.40 -19.62
O3 GLA L . -12.33 -35.00 -18.31
O4 GLA L . -11.18 -32.37 -18.82
O5 GLA L . -13.70 -30.96 -18.58
O6 GLA L . -12.86 -29.16 -16.65
C1 RAM L . -12.16 -35.91 -17.34
C2 RAM L . -11.47 -37.17 -17.86
C3 RAM L . -10.02 -36.97 -18.06
C4 RAM L . -9.35 -36.52 -16.80
C5 RAM L . -10.03 -35.24 -16.25
C6 RAM L . -9.40 -34.80 -14.95
O2 RAM L . -11.66 -38.22 -16.88
O3 RAM L . -9.42 -38.22 -18.52
O4 RAM L . -8.04 -36.39 -17.02
O5 RAM L . -11.49 -35.43 -16.07
C1 BMA L . -7.05 -36.87 -16.19
C2 BMA L . -6.11 -37.83 -16.93
C3 BMA L . -5.01 -38.27 -16.04
C4 BMA L . -4.26 -37.09 -15.52
C5 BMA L . -5.21 -36.18 -14.72
C6 BMA L . -4.51 -35.01 -14.09
O2 BMA L . -5.53 -37.15 -18.10
O3 BMA L . -4.10 -39.11 -16.77
O4 BMA L . -3.21 -37.56 -14.67
O5 BMA L . -6.31 -35.71 -15.59
O6 BMA L . -3.64 -34.36 -15.03
C1 GLA L . -3.50 -33.18 -15.63
C2 GLA L . -2.43 -32.71 -16.59
C3 GLA L . -1.14 -32.52 -15.88
C4 GLA L . -1.28 -31.51 -14.78
C5 GLA L . -2.38 -31.96 -13.79
C6 GLA L . -2.62 -30.93 -12.73
O2 GLA L . -2.27 -33.69 -17.65
O3 GLA L . -0.10 -32.16 -16.83
O4 GLA L . -1.60 -30.22 -15.32
O5 GLA L . -3.66 -32.22 -14.49
O6 GLA L . -3.52 -31.44 -11.77
C1 RAM M . -8.35 2.62 -4.25
C2 RAM M . -9.39 3.67 -4.55
C3 RAM M . -8.90 5.03 -4.19
C4 RAM M . -7.57 5.34 -4.81
C5 RAM M . -6.53 4.25 -4.56
C6 RAM M . -5.30 4.49 -5.40
O1 RAM M . -8.13 2.61 -2.91
O2 RAM M . -9.77 3.67 -5.94
O3 RAM M . -9.89 5.97 -4.69
O4 RAM M . -7.28 6.63 -4.90
O5 RAM M . -7.02 2.92 -4.91
C1 BMA M . -7.41 7.64 -5.80
C2 BMA M . -7.53 9.00 -5.11
C3 BMA M . -7.55 10.07 -6.14
C4 BMA M . -6.34 10.04 -7.02
C5 BMA M . -6.01 8.67 -7.61
C6 BMA M . -4.56 8.71 -7.95
O2 BMA M . -6.41 9.23 -4.21
O3 BMA M . -7.57 11.35 -5.49
O4 BMA M . -6.53 10.91 -8.12
O5 BMA M . -6.23 7.54 -6.69
O6 BMA M . -4.19 7.52 -8.58
C1 GLA M . -2.89 7.24 -8.50
C2 GLA M . -1.52 7.61 -7.99
C3 GLA M . -1.12 8.94 -8.53
C4 GLA M . -1.07 8.91 -10.03
C5 GLA M . -2.45 8.54 -10.56
C6 GLA M . -2.47 8.43 -12.06
O2 GLA M . -1.58 7.63 -6.55
O3 GLA M . 0.17 9.33 -7.97
O4 GLA M . -0.13 7.91 -10.47
O5 GLA M . -2.90 7.25 -10.01
O6 GLA M . -3.78 8.13 -12.49
C1 RAM M . 0.46 10.60 -7.67
C2 RAM M . 1.84 10.58 -7.02
C3 RAM M . 2.95 10.54 -8.00
C4 RAM M . 2.81 11.56 -9.09
C5 RAM M . 1.44 11.49 -9.75
C6 RAM M . 1.29 12.53 -10.82
O2 RAM M . 1.98 11.79 -6.25
O3 RAM M . 4.20 10.75 -7.30
O4 RAM M . 3.86 11.35 -9.88
O5 RAM M . 0.37 11.65 -8.74
C1 BMA M . 4.55 12.33 -10.54
C2 BMA M . 6.06 12.19 -10.27
C3 BMA M . 6.83 13.19 -11.04
C4 BMA M . 6.50 13.11 -12.50
C5 BMA M . 4.99 13.34 -12.71
C6 BMA M . 4.60 13.47 -14.16
O2 BMA M . 6.48 10.86 -10.67
O3 BMA M . 8.24 12.99 -10.83
O4 BMA M . 7.26 14.09 -13.22
O5 BMA M . 4.25 12.27 -12.02
O6 BMA M . 5.34 12.59 -15.02
C1 GLA M . 5.07 11.60 -15.87
C2 GLA M . 5.97 10.55 -16.52
C3 GLA M . 6.70 11.14 -17.67
C4 GLA M . 5.74 11.67 -18.71
C5 GLA M . 4.76 12.68 -18.07
C6 GLA M . 3.69 13.08 -19.04
O2 GLA M . 6.88 10.06 -15.52
O3 GLA M . 7.61 10.18 -18.27
O4 GLA M . 5.01 10.57 -19.28
O5 GLA M . 4.08 12.14 -16.89
O6 GLA M . 3.04 14.23 -18.56
C1 EDO N . -7.10 -10.26 -55.20
O1 EDO N . -6.55 -9.32 -56.13
C2 EDO N . -6.43 -10.15 -53.83
O2 EDO N . -5.85 -8.84 -53.63
#